data_8IAX
#
_entry.id   8IAX
#
_cell.length_a   221.061
_cell.length_b   86.644
_cell.length_c   258.148
_cell.angle_alpha   90.00
_cell.angle_beta   100.86
_cell.angle_gamma   90.00
#
_symmetry.space_group_name_H-M   'C 1 2 1'
#
loop_
_entity.id
_entity.type
_entity.pdbx_description
1 polymer 'Pyruvate kinase'
2 non-polymer 1,6-di-O-phosphono-beta-D-fructofuranose
3 non-polymer PHOSPHOENOLPYRUVATE
4 non-polymer 'MAGNESIUM ION'
5 non-polymer 'POTASSIUM ION'
6 water water
#
_entity_poly.entity_id   1
_entity_poly.type   'polypeptide(L)'
_entity_poly.pdbx_seq_one_letter_code
;MGSSHHHHHHSSGLVPRGSHMNKRVKIVATLGPAVEIRGGKKFGEDGYWGEKLDVEASAKNIAKLIEAGANTFRFNFSHG
DHQEQGERMATVKLAEKIAGKKVGFLLDTKGPEIRTELFEGEAKEYSYKTGEKIRVATKQGIKSTREVIALNVAGALDIY
DDVEVGRQVLVDDGKLGLRVVAKDDATREFEVEVENDGIIAKQKGVNIPNTKIPFPALAERDNDDIRFGLEQGINFIAIS
FVRTAKDVNEVRAICEETGNGHVQLFAKIENQQGIDNLDEIIEAADGIMIARGDMGIEVPFEMVPVYQKMIIKKVNAAGK
VVITATNMLETMTEKPRATRSEVSDVFNAVIDGTDATMLSGESANGKYPLESVTTMATIDKNAQALLNEYGRLDSDSFER
NSKTEVMASAVKDATSSMDIKLVVTLTKTGHTARLISKYRPNADILALTFDELTERGLMLNWGVIPMLTDAPSSTDDMFE
IAERKAVEAGLVESGDDIVIVAGVPVGEAVRTNTMRIRTVR
;
_entity_poly.pdbx_strand_id   A,B,C,D,E,F,G,H
#
# COMPACT_ATOMS: atom_id res chain seq x y z
N MET A 21 -4.27 -3.51 -43.87
CA MET A 21 -4.41 -2.51 -42.76
C MET A 21 -5.41 -3.02 -41.71
N ASN A 22 -4.93 -3.39 -40.54
CA ASN A 22 -5.81 -3.77 -39.41
C ASN A 22 -6.06 -2.53 -38.56
N LYS A 23 -7.27 -2.36 -38.08
CA LYS A 23 -7.64 -1.20 -37.24
C LYS A 23 -7.22 -1.48 -35.79
N ARG A 24 -6.22 -0.76 -35.27
CA ARG A 24 -5.72 -1.03 -33.90
C ARG A 24 -6.64 -0.42 -32.83
N VAL A 25 -7.20 0.75 -33.09
CA VAL A 25 -8.09 1.42 -32.14
C VAL A 25 -9.48 0.73 -32.22
N LYS A 26 -10.02 0.36 -31.08
CA LYS A 26 -11.26 -0.45 -31.02
C LYS A 26 -12.48 0.46 -30.98
N ILE A 27 -13.59 -0.03 -31.52
CA ILE A 27 -14.83 0.77 -31.63
C ILE A 27 -15.89 0.06 -30.77
N VAL A 28 -16.46 0.82 -29.85
CA VAL A 28 -17.70 0.46 -29.11
C VAL A 28 -18.86 1.17 -29.82
N ALA A 29 -19.85 0.41 -30.27
CA ALA A 29 -21.06 0.94 -30.95
C ALA A 29 -22.28 0.59 -30.09
N THR A 30 -23.01 1.61 -29.67
CA THR A 30 -24.26 1.46 -28.89
C THR A 30 -25.33 0.99 -29.87
N LEU A 31 -26.03 -0.08 -29.49
CA LEU A 31 -27.11 -0.60 -30.36
C LEU A 31 -28.43 -0.02 -29.87
N GLY A 32 -29.36 0.08 -30.81
CA GLY A 32 -30.71 0.57 -30.52
C GLY A 32 -31.60 0.21 -31.70
N PRO A 33 -32.72 0.91 -31.81
CA PRO A 33 -33.68 0.66 -32.90
C PRO A 33 -33.20 1.01 -34.33
N ALA A 34 -32.15 1.84 -34.49
CA ALA A 34 -31.72 2.29 -35.83
C ALA A 34 -31.44 1.11 -36.74
N VAL A 35 -30.82 0.05 -36.21
CA VAL A 35 -30.45 -1.17 -36.96
C VAL A 35 -31.62 -2.18 -36.94
N GLU A 36 -32.70 -1.92 -36.21
CA GLU A 36 -33.71 -2.99 -35.94
C GLU A 36 -34.89 -2.78 -36.89
N ILE A 37 -35.25 -3.82 -37.63
CA ILE A 37 -36.47 -3.86 -38.51
C ILE A 37 -37.58 -4.60 -37.76
N ARG A 38 -38.80 -4.04 -37.76
CA ARG A 38 -39.97 -4.57 -37.00
C ARG A 38 -41.13 -4.75 -37.98
N GLY A 39 -41.45 -5.99 -38.37
CA GLY A 39 -42.51 -6.29 -39.34
C GLY A 39 -42.35 -5.45 -40.58
N GLY A 40 -41.17 -5.58 -41.22
CA GLY A 40 -40.79 -4.90 -42.47
C GLY A 40 -40.49 -3.41 -42.33
N LYS A 41 -40.79 -2.77 -41.19
CA LYS A 41 -40.60 -1.31 -41.01
C LYS A 41 -39.20 -1.01 -40.44
N LYS A 42 -38.54 0.02 -40.98
CA LYS A 42 -37.33 0.67 -40.39
C LYS A 42 -37.76 1.67 -39.30
N PHE A 43 -36.86 1.98 -38.37
CA PHE A 43 -37.08 2.97 -37.29
C PHE A 43 -37.38 4.32 -37.93
N GLY A 44 -38.34 5.07 -37.39
CA GLY A 44 -38.85 6.33 -37.97
C GLY A 44 -40.27 6.17 -38.52
N GLU A 45 -40.62 5.01 -39.10
CA GLU A 45 -41.92 4.76 -39.79
C GLU A 45 -43.04 4.49 -38.78
N ASP A 46 -44.22 5.09 -39.00
CA ASP A 46 -45.37 5.10 -38.04
C ASP A 46 -45.92 3.67 -37.82
N GLY A 47 -46.34 3.36 -36.59
CA GLY A 47 -46.66 1.97 -36.15
C GLY A 47 -45.45 1.05 -35.99
N TYR A 48 -44.21 1.53 -36.20
CA TYR A 48 -42.93 0.78 -35.99
C TYR A 48 -43.03 -0.07 -34.72
N TRP A 49 -43.34 0.58 -33.62
CA TRP A 49 -43.32 -0.07 -32.28
C TRP A 49 -44.46 -1.10 -32.15
N GLY A 50 -45.51 -0.97 -32.97
CA GLY A 50 -46.66 -1.88 -32.96
C GLY A 50 -46.36 -3.21 -33.63
N GLU A 51 -45.26 -3.31 -34.39
CA GLU A 51 -44.85 -4.57 -35.06
C GLU A 51 -43.84 -5.29 -34.18
N LYS A 52 -43.64 -6.59 -34.40
CA LYS A 52 -42.70 -7.41 -33.59
C LYS A 52 -41.31 -7.37 -34.25
N LEU A 53 -40.26 -7.61 -33.48
CA LEU A 53 -38.87 -7.55 -34.00
C LEU A 53 -38.68 -8.62 -35.09
N ASP A 54 -38.18 -8.24 -36.26
CA ASP A 54 -37.65 -9.15 -37.30
C ASP A 54 -36.19 -9.49 -36.98
N VAL A 55 -35.95 -10.64 -36.35
CA VAL A 55 -34.62 -10.98 -35.75
C VAL A 55 -33.60 -11.15 -36.89
N GLU A 56 -33.92 -11.89 -37.96
CA GLU A 56 -32.98 -12.23 -39.06
C GLU A 56 -32.58 -10.94 -39.76
N ALA A 57 -33.53 -10.10 -40.13
CA ALA A 57 -33.25 -8.87 -40.89
C ALA A 57 -32.36 -7.97 -40.02
N SER A 58 -32.66 -7.89 -38.72
CA SER A 58 -31.94 -7.02 -37.76
C SER A 58 -30.50 -7.53 -37.60
N ALA A 59 -30.28 -8.84 -37.47
CA ALA A 59 -28.95 -9.49 -37.36
C ALA A 59 -28.12 -9.21 -38.62
N LYS A 60 -28.75 -9.13 -39.79
CA LYS A 60 -28.05 -8.80 -41.06
C LYS A 60 -27.52 -7.36 -40.97
N ASN A 61 -28.30 -6.44 -40.39
CA ASN A 61 -27.88 -5.02 -40.24
C ASN A 61 -26.71 -4.96 -39.26
N ILE A 62 -26.82 -5.68 -38.15
CA ILE A 62 -25.74 -5.66 -37.13
C ILE A 62 -24.46 -6.29 -37.69
N ALA A 63 -24.56 -7.36 -38.48
CA ALA A 63 -23.37 -8.01 -39.06
C ALA A 63 -22.58 -7.00 -39.91
N LYS A 64 -23.27 -6.04 -40.53
CA LYS A 64 -22.62 -4.99 -41.38
C LYS A 64 -21.78 -4.05 -40.47
N LEU A 65 -22.30 -3.73 -39.29
CA LEU A 65 -21.57 -2.92 -38.27
C LEU A 65 -20.34 -3.70 -37.81
N ILE A 66 -20.46 -5.01 -37.56
CA ILE A 66 -19.30 -5.85 -37.16
C ILE A 66 -18.27 -5.83 -38.29
N GLU A 67 -18.70 -6.02 -39.53
CA GLU A 67 -17.79 -6.02 -40.71
C GLU A 67 -17.11 -4.66 -40.82
N ALA A 68 -17.81 -3.57 -40.54
CA ALA A 68 -17.30 -2.20 -40.68
C ALA A 68 -16.29 -1.84 -39.56
N GLY A 69 -16.13 -2.63 -38.49
CA GLY A 69 -15.12 -2.35 -37.47
C GLY A 69 -15.65 -2.25 -36.06
N ALA A 70 -16.95 -2.43 -35.78
CA ALA A 70 -17.44 -2.43 -34.38
C ALA A 70 -16.84 -3.63 -33.67
N ASN A 71 -16.14 -3.42 -32.53
CA ASN A 71 -15.44 -4.52 -31.83
C ASN A 71 -16.26 -4.99 -30.62
N THR A 72 -17.12 -4.13 -30.10
CA THR A 72 -17.96 -4.37 -28.90
C THR A 72 -19.25 -3.60 -29.10
N PHE A 73 -20.37 -4.18 -28.69
CA PHE A 73 -21.66 -3.48 -28.70
C PHE A 73 -22.04 -3.14 -27.29
N ARG A 74 -22.55 -1.92 -27.13
CA ARG A 74 -22.98 -1.35 -25.85
C ARG A 74 -24.50 -1.46 -25.79
N PHE A 75 -24.98 -2.07 -24.73
CA PHE A 75 -26.42 -2.14 -24.39
C PHE A 75 -26.64 -1.18 -23.24
N ASN A 76 -27.26 -0.05 -23.54
CA ASN A 76 -27.50 1.05 -22.61
C ASN A 76 -28.84 0.78 -21.90
N PHE A 77 -28.74 0.34 -20.64
CA PHE A 77 -29.89 0.09 -19.73
C PHE A 77 -30.51 1.39 -19.18
N SER A 78 -30.09 2.59 -19.60
CA SER A 78 -30.84 3.84 -19.34
C SER A 78 -32.09 3.87 -20.24
N HIS A 79 -32.11 3.14 -21.36
CA HIS A 79 -33.21 3.24 -22.36
C HIS A 79 -33.59 1.82 -22.75
N GLY A 80 -34.88 1.47 -22.71
CA GLY A 80 -35.39 0.16 -23.15
C GLY A 80 -35.36 -0.85 -22.00
N ASP A 81 -36.41 -1.66 -21.88
CA ASP A 81 -36.65 -2.60 -20.75
C ASP A 81 -35.90 -3.91 -20.99
N HIS A 82 -35.90 -4.83 -20.02
CA HIS A 82 -35.22 -6.14 -20.12
C HIS A 82 -35.63 -6.92 -21.38
N GLN A 83 -36.83 -6.71 -21.91
CA GLN A 83 -37.28 -7.39 -23.15
C GLN A 83 -36.50 -6.81 -24.34
N GLU A 84 -36.52 -5.49 -24.54
CA GLU A 84 -35.77 -4.76 -25.60
C GLU A 84 -34.28 -5.21 -25.52
N GLN A 85 -33.71 -5.24 -24.30
CA GLN A 85 -32.25 -5.49 -24.09
C GLN A 85 -31.94 -6.94 -24.44
N GLY A 86 -32.71 -7.89 -23.90
CA GLY A 86 -32.45 -9.33 -24.08
C GLY A 86 -32.58 -9.74 -25.53
N GLU A 87 -33.59 -9.22 -26.24
CA GLU A 87 -33.84 -9.59 -27.66
C GLU A 87 -32.70 -9.05 -28.54
N ARG A 88 -32.22 -7.86 -28.18
CA ARG A 88 -31.11 -7.16 -28.89
C ARG A 88 -29.83 -8.00 -28.72
N MET A 89 -29.57 -8.47 -27.52
CA MET A 89 -28.39 -9.29 -27.22
C MET A 89 -28.48 -10.62 -27.98
N ALA A 90 -29.65 -11.24 -28.05
CA ALA A 90 -29.82 -12.46 -28.86
C ALA A 90 -29.55 -12.18 -30.35
N THR A 91 -30.04 -11.05 -30.86
CA THR A 91 -29.90 -10.61 -32.27
C THR A 91 -28.42 -10.41 -32.61
N VAL A 92 -27.64 -9.88 -31.69
CA VAL A 92 -26.17 -9.78 -31.92
C VAL A 92 -25.56 -11.18 -32.04
N LYS A 93 -25.99 -12.13 -31.21
CA LYS A 93 -25.36 -13.47 -31.28
C LYS A 93 -25.60 -14.04 -32.67
N LEU A 94 -26.73 -13.75 -33.30
CA LEU A 94 -26.99 -14.24 -34.67
C LEU A 94 -26.08 -13.44 -35.62
N ALA A 95 -25.94 -12.14 -35.40
CA ALA A 95 -25.12 -11.23 -36.26
C ALA A 95 -23.68 -11.75 -36.32
N GLU A 96 -23.16 -12.23 -35.20
CA GLU A 96 -21.77 -12.74 -35.14
C GLU A 96 -21.65 -13.95 -36.06
N LYS A 97 -22.66 -14.83 -36.02
CA LYS A 97 -22.69 -16.02 -36.91
C LYS A 97 -22.75 -15.56 -38.37
N ILE A 98 -23.57 -14.55 -38.70
CA ILE A 98 -23.64 -14.03 -40.10
C ILE A 98 -22.28 -13.43 -40.50
N ALA A 99 -21.62 -12.65 -39.64
CA ALA A 99 -20.37 -11.95 -40.00
C ALA A 99 -19.19 -12.93 -39.97
N GLY A 100 -19.30 -14.06 -39.27
CA GLY A 100 -18.15 -14.97 -39.04
C GLY A 100 -17.11 -14.32 -38.13
N LYS A 101 -17.51 -13.34 -37.31
CA LYS A 101 -16.61 -12.56 -36.43
C LYS A 101 -17.31 -12.37 -35.08
N LYS A 102 -16.63 -12.64 -33.98
CA LYS A 102 -17.18 -12.40 -32.63
C LYS A 102 -16.96 -10.94 -32.26
N VAL A 103 -17.77 -10.43 -31.34
CA VAL A 103 -17.63 -9.07 -30.76
C VAL A 103 -17.81 -9.16 -29.26
N GLY A 104 -17.42 -8.09 -28.57
CA GLY A 104 -17.65 -7.91 -27.13
C GLY A 104 -19.07 -7.52 -26.86
N PHE A 105 -19.59 -7.88 -25.68
CA PHE A 105 -20.90 -7.43 -25.17
C PHE A 105 -20.69 -6.58 -23.93
N LEU A 106 -21.14 -5.34 -23.97
CA LEU A 106 -20.94 -4.37 -22.88
C LEU A 106 -22.30 -3.89 -22.38
N LEU A 107 -22.57 -4.06 -21.08
CA LEU A 107 -23.77 -3.47 -20.42
C LEU A 107 -23.35 -2.16 -19.76
N ASP A 108 -24.11 -1.11 -20.04
CA ASP A 108 -23.87 0.22 -19.49
C ASP A 108 -25.02 0.48 -18.54
N THR A 109 -24.72 0.73 -17.26
CA THR A 109 -25.75 0.83 -16.21
C THR A 109 -26.53 2.14 -16.34
N LYS A 110 -27.78 2.15 -15.86
CA LYS A 110 -28.54 3.41 -15.70
C LYS A 110 -27.84 4.31 -14.68
N GLY A 111 -27.64 3.80 -13.47
CA GLY A 111 -26.98 4.59 -12.42
C GLY A 111 -27.93 5.65 -11.87
N PRO A 112 -27.39 6.57 -11.05
CA PRO A 112 -28.16 7.56 -10.30
C PRO A 112 -28.67 8.72 -11.16
N GLU A 113 -29.43 8.41 -12.20
CA GLU A 113 -30.01 9.40 -13.13
C GLU A 113 -31.10 10.17 -12.38
N ILE A 114 -31.17 11.46 -12.65
CA ILE A 114 -32.31 12.35 -12.31
C ILE A 114 -32.91 12.84 -13.63
N ARG A 115 -34.23 12.70 -13.81
CA ARG A 115 -34.91 13.19 -15.04
C ARG A 115 -36.09 14.08 -14.62
N THR A 116 -36.53 14.96 -15.50
CA THR A 116 -37.74 15.79 -15.22
C THR A 116 -38.95 14.86 -15.27
N GLU A 117 -39.97 15.12 -14.46
CA GLU A 117 -41.21 14.29 -14.45
C GLU A 117 -42.04 14.59 -15.71
N LEU A 118 -43.12 13.83 -15.88
CA LEU A 118 -44.25 14.18 -16.80
C LEU A 118 -44.94 15.45 -16.24
N PHE A 119 -45.60 16.19 -17.11
CA PHE A 119 -46.29 17.45 -16.73
C PHE A 119 -47.78 17.11 -16.55
N GLU A 120 -48.46 17.81 -15.63
CA GLU A 120 -49.95 17.76 -15.51
C GLU A 120 -50.58 18.19 -16.85
N GLY A 121 -51.85 17.83 -17.06
CA GLY A 121 -52.49 17.96 -18.38
C GLY A 121 -51.75 17.08 -19.37
N GLU A 122 -51.47 17.57 -20.56
CA GLU A 122 -50.70 16.79 -21.57
C GLU A 122 -49.56 17.69 -22.10
N ALA A 123 -49.22 18.74 -21.36
CA ALA A 123 -48.07 19.61 -21.66
C ALA A 123 -46.83 18.73 -21.77
N LYS A 124 -46.02 18.97 -22.80
CA LYS A 124 -44.75 18.24 -23.13
C LYS A 124 -43.55 19.09 -22.66
N GLU A 125 -43.72 20.41 -22.54
CA GLU A 125 -42.65 21.37 -22.19
C GLU A 125 -43.22 22.77 -21.94
N TYR A 126 -42.51 23.57 -21.16
CA TYR A 126 -42.70 25.04 -21.11
C TYR A 126 -41.34 25.70 -21.39
N SER A 127 -41.40 26.90 -21.95
CA SER A 127 -40.27 27.80 -22.25
C SER A 127 -40.18 28.83 -21.13
N TYR A 128 -38.98 29.24 -20.76
CA TYR A 128 -38.68 30.18 -19.64
C TYR A 128 -37.72 31.28 -20.12
N LYS A 129 -37.64 32.38 -19.37
CA LYS A 129 -36.73 33.52 -19.67
C LYS A 129 -35.88 33.85 -18.44
N THR A 130 -34.64 34.29 -18.68
CA THR A 130 -33.63 34.71 -17.68
C THR A 130 -34.31 35.56 -16.59
N GLY A 131 -34.17 35.18 -15.31
CA GLY A 131 -34.69 35.93 -14.15
C GLY A 131 -36.00 35.38 -13.62
N GLU A 132 -36.85 34.72 -14.43
CA GLU A 132 -38.07 34.04 -13.91
C GLU A 132 -37.71 33.26 -12.63
N LYS A 133 -38.59 33.29 -11.64
CA LYS A 133 -38.45 32.54 -10.37
C LYS A 133 -39.49 31.41 -10.38
N ILE A 134 -39.03 30.16 -10.32
CA ILE A 134 -39.91 28.94 -10.20
C ILE A 134 -39.41 28.07 -9.05
N ARG A 135 -39.97 26.88 -8.89
CA ARG A 135 -39.60 25.94 -7.80
C ARG A 135 -39.26 24.59 -8.42
N VAL A 136 -38.40 23.88 -7.72
CA VAL A 136 -38.14 22.45 -8.05
C VAL A 136 -38.63 21.67 -6.82
N ALA A 137 -39.59 20.77 -7.05
CA ALA A 137 -40.14 19.82 -6.04
C ALA A 137 -39.16 18.65 -5.89
N THR A 138 -38.84 18.29 -4.65
CA THR A 138 -38.08 17.08 -4.28
C THR A 138 -39.03 15.91 -3.96
N LYS A 139 -40.34 16.15 -3.80
CA LYS A 139 -41.31 15.06 -3.52
C LYS A 139 -41.37 14.11 -4.72
N GLN A 140 -41.22 12.81 -4.44
CA GLN A 140 -41.23 11.75 -5.49
C GLN A 140 -42.68 11.31 -5.75
N GLY A 141 -42.96 10.82 -6.96
CA GLY A 141 -44.24 10.20 -7.37
C GLY A 141 -45.35 11.21 -7.64
N ILE A 142 -45.00 12.44 -8.06
CA ILE A 142 -45.94 13.53 -8.51
C ILE A 142 -45.58 13.93 -9.94
N LYS A 143 -46.37 14.83 -10.51
CA LYS A 143 -46.19 15.35 -11.89
C LYS A 143 -45.75 16.80 -11.79
N SER A 144 -45.09 17.28 -12.85
CA SER A 144 -44.56 18.66 -12.92
C SER A 144 -45.71 19.60 -13.31
N THR A 145 -45.66 20.84 -12.84
CA THR A 145 -46.41 21.99 -13.44
C THR A 145 -45.37 22.97 -13.97
N ARG A 146 -45.79 23.92 -14.80
CA ARG A 146 -44.88 24.96 -15.35
C ARG A 146 -44.11 25.59 -14.19
N GLU A 147 -44.77 25.88 -13.06
CA GLU A 147 -44.16 26.68 -11.95
C GLU A 147 -43.44 25.77 -10.93
N VAL A 148 -43.77 24.48 -10.85
CA VAL A 148 -43.15 23.55 -9.83
C VAL A 148 -42.64 22.32 -10.59
N ILE A 149 -41.34 22.29 -10.88
CA ILE A 149 -40.74 21.17 -11.64
C ILE A 149 -40.52 20.02 -10.67
N ALA A 150 -41.03 18.85 -11.03
CA ALA A 150 -40.85 17.60 -10.25
C ALA A 150 -39.70 16.80 -10.87
N LEU A 151 -38.86 16.17 -10.02
CA LEU A 151 -37.74 15.29 -10.43
C LEU A 151 -38.08 13.83 -10.16
N ASN A 152 -37.72 12.98 -11.11
CA ASN A 152 -37.77 11.51 -10.97
C ASN A 152 -36.33 11.09 -10.65
N VAL A 153 -36.06 10.90 -9.36
CA VAL A 153 -34.70 10.64 -8.81
C VAL A 153 -34.53 9.13 -8.75
N ALA A 154 -33.41 8.60 -9.22
CA ALA A 154 -33.15 7.15 -9.16
C ALA A 154 -33.39 6.67 -7.71
N GLY A 155 -34.17 5.61 -7.54
CA GLY A 155 -34.45 4.98 -6.22
C GLY A 155 -35.38 5.81 -5.35
N ALA A 156 -35.99 6.87 -5.90
CA ALA A 156 -36.93 7.79 -5.21
C ALA A 156 -36.30 8.42 -3.97
N LEU A 157 -34.99 8.72 -4.01
CA LEU A 157 -34.32 9.46 -2.92
C LEU A 157 -34.93 10.86 -2.83
N ASP A 158 -35.04 11.37 -1.61
CA ASP A 158 -35.36 12.77 -1.27
C ASP A 158 -34.04 13.53 -1.19
N ILE A 159 -33.79 14.44 -2.12
CA ILE A 159 -32.48 15.14 -2.27
C ILE A 159 -32.53 16.52 -1.60
N TYR A 160 -33.65 16.89 -0.99
CA TYR A 160 -33.85 18.25 -0.38
C TYR A 160 -32.70 18.65 0.56
N ASP A 161 -32.27 17.78 1.50
CA ASP A 161 -31.25 18.17 2.51
C ASP A 161 -29.85 18.04 1.92
N ASP A 162 -29.72 17.63 0.65
CA ASP A 162 -28.43 17.31 0.01
C ASP A 162 -28.01 18.40 -0.99
N VAL A 163 -28.85 19.40 -1.28
CA VAL A 163 -28.46 20.49 -2.20
C VAL A 163 -28.58 21.83 -1.47
N GLU A 164 -27.45 22.53 -1.32
CA GLU A 164 -27.39 23.83 -0.60
C GLU A 164 -27.86 24.94 -1.53
N VAL A 165 -28.20 26.10 -0.95
CA VAL A 165 -28.44 27.37 -1.69
C VAL A 165 -27.14 27.70 -2.46
N GLY A 166 -27.25 28.22 -3.68
CA GLY A 166 -26.11 28.54 -4.57
C GLY A 166 -25.69 27.39 -5.48
N ARG A 167 -26.23 26.18 -5.30
CA ARG A 167 -26.05 25.09 -6.29
C ARG A 167 -26.94 25.38 -7.50
N GLN A 168 -26.72 24.64 -8.58
CA GLN A 168 -27.36 24.84 -9.89
C GLN A 168 -28.03 23.52 -10.30
N VAL A 169 -29.25 23.58 -10.78
CA VAL A 169 -30.01 22.44 -11.39
C VAL A 169 -30.03 22.68 -12.90
N LEU A 170 -29.38 21.81 -13.67
CA LEU A 170 -29.22 21.91 -15.13
C LEU A 170 -30.16 20.90 -15.75
N VAL A 171 -30.93 21.33 -16.72
CA VAL A 171 -31.93 20.49 -17.41
C VAL A 171 -31.56 20.43 -18.89
N ASP A 172 -31.56 19.20 -19.41
CA ASP A 172 -31.50 18.72 -20.82
C ASP A 172 -30.08 18.98 -21.35
N ASP A 173 -29.14 18.05 -21.12
CA ASP A 173 -27.74 18.18 -21.62
C ASP A 173 -27.18 19.52 -21.16
N GLY A 174 -27.53 20.01 -19.97
CA GLY A 174 -26.93 21.23 -19.37
C GLY A 174 -27.35 22.50 -20.09
N LYS A 175 -28.38 22.43 -20.92
CA LYS A 175 -28.84 23.57 -21.78
C LYS A 175 -29.52 24.64 -20.94
N LEU A 176 -30.34 24.28 -19.95
CA LEU A 176 -30.99 25.32 -19.08
C LEU A 176 -30.51 25.24 -17.63
N GLY A 177 -30.08 26.36 -17.09
CA GLY A 177 -29.55 26.52 -15.73
C GLY A 177 -30.59 27.12 -14.81
N LEU A 178 -30.80 26.51 -13.64
CA LEU A 178 -31.69 27.00 -12.56
C LEU A 178 -30.84 27.23 -11.32
N ARG A 179 -30.76 28.46 -10.81
CA ARG A 179 -29.93 28.74 -9.62
C ARG A 179 -30.77 28.53 -8.34
N VAL A 180 -30.28 27.73 -7.39
CA VAL A 180 -30.99 27.57 -6.08
C VAL A 180 -30.67 28.83 -5.25
N VAL A 181 -31.68 29.68 -5.04
CA VAL A 181 -31.57 30.97 -4.27
C VAL A 181 -32.16 30.82 -2.85
N ALA A 182 -33.11 29.91 -2.63
CA ALA A 182 -33.75 29.69 -1.32
C ALA A 182 -34.35 28.28 -1.28
N LYS A 183 -34.62 27.75 -0.08
CA LYS A 183 -35.25 26.43 0.17
C LYS A 183 -36.49 26.59 1.06
N ASP A 184 -37.64 26.07 0.62
CA ASP A 184 -38.95 26.11 1.31
C ASP A 184 -39.11 24.82 2.14
N ASP A 185 -38.77 24.90 3.43
CA ASP A 185 -38.74 23.78 4.40
C ASP A 185 -40.14 23.14 4.47
N ALA A 186 -41.21 23.94 4.31
CA ALA A 186 -42.62 23.50 4.41
C ALA A 186 -42.97 22.52 3.29
N THR A 187 -42.45 22.74 2.08
CA THR A 187 -42.87 21.99 0.86
C THR A 187 -41.71 21.14 0.34
N ARG A 188 -40.53 21.30 0.95
CA ARG A 188 -39.24 20.72 0.51
C ARG A 188 -39.08 21.01 -1.00
N GLU A 189 -39.11 22.30 -1.31
CA GLU A 189 -38.97 22.84 -2.69
C GLU A 189 -37.76 23.76 -2.71
N PHE A 190 -36.97 23.68 -3.77
CA PHE A 190 -35.92 24.68 -4.08
C PHE A 190 -36.64 25.82 -4.79
N GLU A 191 -36.45 27.03 -4.30
CA GLU A 191 -36.76 28.28 -5.02
C GLU A 191 -35.57 28.53 -5.95
N VAL A 192 -35.81 28.59 -7.26
CA VAL A 192 -34.69 28.78 -8.22
C VAL A 192 -35.00 29.99 -9.12
N GLU A 193 -33.92 30.58 -9.64
CA GLU A 193 -33.91 31.66 -10.65
C GLU A 193 -33.46 31.03 -11.98
N VAL A 194 -34.26 31.16 -13.03
CA VAL A 194 -33.88 30.78 -14.41
C VAL A 194 -32.65 31.63 -14.85
N GLU A 195 -31.56 30.97 -15.26
CA GLU A 195 -30.24 31.62 -15.44
C GLU A 195 -30.06 32.08 -16.89
N ASN A 196 -30.80 31.47 -17.82
CA ASN A 196 -30.70 31.70 -19.29
C ASN A 196 -32.00 31.19 -19.91
N ASP A 197 -32.33 31.63 -21.12
CA ASP A 197 -33.60 31.29 -21.81
C ASP A 197 -33.54 29.83 -22.21
N GLY A 198 -34.62 29.09 -22.01
CA GLY A 198 -34.70 27.73 -22.57
C GLY A 198 -35.96 27.03 -22.17
N ILE A 199 -35.99 25.72 -22.43
CA ILE A 199 -37.19 24.85 -22.32
C ILE A 199 -36.97 23.85 -21.17
N ILE A 200 -38.01 23.50 -20.43
CA ILE A 200 -38.01 22.27 -19.59
C ILE A 200 -39.02 21.33 -20.21
N ALA A 201 -38.55 20.23 -20.80
CA ALA A 201 -39.40 19.16 -21.37
C ALA A 201 -39.48 18.02 -20.35
N LYS A 202 -40.45 17.13 -20.54
CA LYS A 202 -40.64 15.93 -19.70
C LYS A 202 -39.50 14.93 -19.95
N GLN A 203 -39.12 14.15 -18.94
CA GLN A 203 -38.22 12.97 -19.06
C GLN A 203 -36.87 13.39 -19.70
N LYS A 204 -36.35 14.54 -19.30
CA LYS A 204 -35.03 15.08 -19.73
C LYS A 204 -34.08 14.89 -18.56
N GLY A 205 -32.80 14.67 -18.88
CA GLY A 205 -31.73 14.57 -17.88
C GLY A 205 -31.57 15.82 -17.05
N VAL A 206 -31.33 15.62 -15.76
CA VAL A 206 -31.05 16.69 -14.78
C VAL A 206 -29.70 16.39 -14.15
N ASN A 207 -28.87 17.42 -14.06
CA ASN A 207 -27.59 17.33 -13.33
C ASN A 207 -27.61 18.40 -12.28
N ILE A 208 -27.04 18.11 -11.13
CA ILE A 208 -26.87 19.08 -10.03
C ILE A 208 -25.42 19.02 -9.58
N PRO A 209 -24.52 19.76 -10.24
CA PRO A 209 -23.07 19.58 -10.01
C PRO A 209 -22.55 19.92 -8.60
N ASN A 210 -21.48 19.22 -8.22
CA ASN A 210 -20.68 19.47 -7.00
C ASN A 210 -21.60 19.27 -5.80
N THR A 211 -22.49 18.27 -5.89
CA THR A 211 -23.33 17.80 -4.76
C THR A 211 -22.85 16.39 -4.44
N LYS A 212 -23.15 15.94 -3.22
CA LYS A 212 -22.92 14.56 -2.80
C LYS A 212 -24.25 14.00 -2.32
N ILE A 213 -25.24 13.91 -3.22
CA ILE A 213 -26.51 13.20 -2.93
C ILE A 213 -26.16 11.74 -2.65
N PRO A 214 -26.61 11.17 -1.51
CA PRO A 214 -26.12 9.87 -1.05
C PRO A 214 -26.78 8.72 -1.79
N PHE A 215 -26.63 8.70 -3.12
CA PHE A 215 -27.02 7.53 -3.91
C PHE A 215 -26.23 6.37 -3.32
N PRO A 216 -26.81 5.16 -3.22
CA PRO A 216 -26.07 3.99 -2.72
C PRO A 216 -24.91 3.60 -3.66
N ALA A 217 -23.85 3.01 -3.11
CA ALA A 217 -22.75 2.43 -3.89
C ALA A 217 -23.31 1.54 -5.00
N LEU A 218 -24.38 0.80 -4.75
CA LEU A 218 -25.03 0.02 -5.80
C LEU A 218 -26.54 -0.03 -5.55
N ALA A 219 -27.33 0.71 -6.34
CA ALA A 219 -28.80 0.76 -6.26
C ALA A 219 -29.41 -0.58 -6.66
N GLU A 220 -30.61 -0.92 -6.17
CA GLU A 220 -31.27 -2.23 -6.51
C GLU A 220 -31.51 -2.32 -8.03
N ARG A 221 -31.93 -1.24 -8.68
CA ARG A 221 -32.22 -1.27 -10.14
C ARG A 221 -30.95 -1.71 -10.92
N ASP A 222 -29.77 -1.19 -10.55
CA ASP A 222 -28.48 -1.50 -11.24
C ASP A 222 -28.09 -2.95 -10.92
N ASN A 223 -28.28 -3.36 -9.67
CA ASN A 223 -28.13 -4.77 -9.21
C ASN A 223 -28.96 -5.65 -10.15
N ASP A 224 -30.26 -5.40 -10.24
CA ASP A 224 -31.18 -6.23 -11.06
C ASP A 224 -30.76 -6.20 -12.55
N ASP A 225 -30.44 -5.02 -13.11
CA ASP A 225 -29.96 -4.86 -14.52
C ASP A 225 -28.70 -5.70 -14.77
N ILE A 226 -27.71 -5.58 -13.89
CA ILE A 226 -26.42 -6.28 -14.01
C ILE A 226 -26.63 -7.79 -13.95
N ARG A 227 -27.48 -8.23 -13.02
CA ARG A 227 -27.80 -9.67 -12.85
C ARG A 227 -28.47 -10.17 -14.11
N PHE A 228 -29.40 -9.42 -14.68
CA PHE A 228 -30.03 -9.78 -15.97
C PHE A 228 -28.97 -9.91 -17.09
N GLY A 229 -28.13 -8.90 -17.25
CA GLY A 229 -27.05 -8.93 -18.27
C GLY A 229 -26.14 -10.12 -18.05
N LEU A 230 -25.76 -10.38 -16.80
CA LEU A 230 -24.83 -11.49 -16.47
C LEU A 230 -25.46 -12.82 -16.90
N GLU A 231 -26.76 -12.97 -16.69
CA GLU A 231 -27.52 -14.16 -17.15
C GLU A 231 -27.50 -14.27 -18.68
N GLN A 232 -27.72 -13.18 -19.43
CA GLN A 232 -27.77 -13.19 -20.93
C GLN A 232 -26.39 -13.56 -21.50
N GLY A 233 -25.33 -13.06 -20.87
CA GLY A 233 -23.93 -13.28 -21.30
C GLY A 233 -23.31 -11.95 -21.74
N ILE A 234 -22.53 -11.33 -20.86
CA ILE A 234 -21.81 -10.05 -21.17
C ILE A 234 -20.32 -10.23 -20.82
N ASN A 235 -19.49 -9.36 -21.40
CA ASN A 235 -18.01 -9.44 -21.29
C ASN A 235 -17.53 -8.24 -20.44
N PHE A 236 -18.28 -7.13 -20.48
CA PHE A 236 -17.91 -5.83 -19.88
C PHE A 236 -19.13 -5.19 -19.24
N ILE A 237 -18.92 -4.54 -18.10
CA ILE A 237 -19.91 -3.62 -17.53
C ILE A 237 -19.29 -2.24 -17.48
N ALA A 238 -20.01 -1.25 -18.02
CA ALA A 238 -19.61 0.16 -17.85
C ALA A 238 -20.51 0.70 -16.75
N ILE A 239 -19.89 1.09 -15.64
CA ILE A 239 -20.64 1.55 -14.44
C ILE A 239 -20.79 3.07 -14.49
N SER A 240 -22.04 3.57 -14.57
CA SER A 240 -22.32 5.02 -14.67
C SER A 240 -22.02 5.71 -13.35
N PHE A 241 -21.48 6.93 -13.43
CA PHE A 241 -21.29 7.88 -12.30
C PHE A 241 -20.49 7.22 -11.17
N VAL A 242 -19.36 6.59 -11.49
CA VAL A 242 -18.49 6.03 -10.41
C VAL A 242 -17.84 7.19 -9.64
N ARG A 243 -17.94 7.16 -8.31
CA ARG A 243 -17.49 8.26 -7.39
C ARG A 243 -16.26 7.81 -6.60
N THR A 244 -16.19 6.52 -6.27
CA THR A 244 -15.16 5.91 -5.39
C THR A 244 -14.93 4.47 -5.83
N ALA A 245 -13.89 3.82 -5.27
CA ALA A 245 -13.58 2.39 -5.50
C ALA A 245 -14.77 1.51 -5.09
N LYS A 246 -15.56 1.91 -4.10
CA LYS A 246 -16.64 1.08 -3.53
C LYS A 246 -17.75 0.88 -4.58
N ASP A 247 -18.01 1.91 -5.40
CA ASP A 247 -18.99 1.79 -6.51
C ASP A 247 -18.52 0.69 -7.47
N VAL A 248 -17.23 0.54 -7.67
CA VAL A 248 -16.70 -0.53 -8.57
C VAL A 248 -16.73 -1.86 -7.80
N ASN A 249 -16.20 -1.89 -6.57
CA ASN A 249 -16.10 -3.14 -5.74
C ASN A 249 -17.47 -3.80 -5.51
N GLU A 250 -18.55 -3.04 -5.33
CA GLU A 250 -19.90 -3.63 -5.17
C GLU A 250 -20.29 -4.39 -6.44
N VAL A 251 -19.92 -3.93 -7.64
CA VAL A 251 -20.32 -4.65 -8.88
C VAL A 251 -19.44 -5.89 -9.04
N ARG A 252 -18.17 -5.75 -8.64
CA ARG A 252 -17.19 -6.85 -8.72
C ARG A 252 -17.71 -8.03 -7.88
N ALA A 253 -18.20 -7.76 -6.66
CA ALA A 253 -18.79 -8.77 -5.74
C ALA A 253 -19.92 -9.53 -6.45
N ILE A 254 -20.85 -8.85 -7.13
CA ILE A 254 -21.91 -9.58 -7.91
C ILE A 254 -21.28 -10.47 -8.99
N CYS A 255 -20.33 -9.97 -9.79
CA CYS A 255 -19.76 -10.77 -10.89
C CYS A 255 -19.13 -12.05 -10.33
N GLU A 256 -18.41 -11.90 -9.22
CA GLU A 256 -17.65 -12.98 -8.56
C GLU A 256 -18.66 -14.01 -8.03
N GLU A 257 -19.67 -13.53 -7.33
CA GLU A 257 -20.58 -14.41 -6.57
C GLU A 257 -21.52 -15.13 -7.54
N THR A 258 -21.74 -14.63 -8.77
CA THR A 258 -22.58 -15.30 -9.81
C THR A 258 -21.76 -16.21 -10.74
N GLY A 259 -20.48 -16.38 -10.47
CA GLY A 259 -19.53 -17.15 -11.29
C GLY A 259 -19.16 -16.44 -12.60
N ASN A 260 -19.23 -15.11 -12.61
CA ASN A 260 -18.89 -14.28 -13.79
C ASN A 260 -17.63 -13.46 -13.47
N GLY A 261 -16.61 -14.10 -12.88
CA GLY A 261 -15.32 -13.50 -12.50
C GLY A 261 -14.54 -12.88 -13.67
N HIS A 262 -14.71 -13.42 -14.87
CA HIS A 262 -14.08 -13.00 -16.15
C HIS A 262 -14.57 -11.61 -16.62
N VAL A 263 -15.73 -11.19 -16.14
CA VAL A 263 -16.36 -9.93 -16.61
C VAL A 263 -15.47 -8.77 -16.15
N GLN A 264 -15.19 -7.88 -17.08
CA GLN A 264 -14.36 -6.67 -16.83
C GLN A 264 -15.21 -5.43 -16.57
N LEU A 265 -14.77 -4.61 -15.63
CA LEU A 265 -15.47 -3.41 -15.13
C LEU A 265 -14.76 -2.15 -15.65
N PHE A 266 -15.48 -1.34 -16.40
CA PHE A 266 -15.10 0.05 -16.76
C PHE A 266 -15.85 1.03 -15.86
N ALA A 267 -15.12 1.77 -15.05
CA ALA A 267 -15.71 2.90 -14.31
C ALA A 267 -15.96 4.05 -15.30
N LYS A 268 -17.18 4.55 -15.32
CA LYS A 268 -17.50 5.79 -16.05
C LYS A 268 -17.18 6.96 -15.16
N ILE A 269 -16.27 7.81 -15.62
CA ILE A 269 -15.87 9.06 -14.91
C ILE A 269 -16.65 10.19 -15.57
N GLU A 270 -17.55 10.76 -14.81
CA GLU A 270 -18.46 11.80 -15.37
C GLU A 270 -18.93 12.75 -14.28
N ASN A 271 -18.18 12.87 -13.19
CA ASN A 271 -18.47 13.95 -12.23
C ASN A 271 -17.18 14.26 -11.49
N GLN A 272 -17.21 15.28 -10.64
CA GLN A 272 -16.01 15.79 -9.93
C GLN A 272 -15.46 14.72 -8.97
N GLN A 273 -16.33 13.98 -8.28
CA GLN A 273 -15.84 12.96 -7.30
C GLN A 273 -15.06 11.87 -8.05
N GLY A 274 -15.56 11.45 -9.21
CA GLY A 274 -14.85 10.51 -10.06
C GLY A 274 -13.48 11.05 -10.41
N ILE A 275 -13.42 12.33 -10.76
CA ILE A 275 -12.10 12.92 -11.12
C ILE A 275 -11.24 12.94 -9.87
N ASP A 276 -11.79 13.37 -8.75
CA ASP A 276 -11.00 13.48 -7.50
C ASP A 276 -10.43 12.13 -7.05
N ASN A 277 -11.20 11.07 -7.18
CA ASN A 277 -10.89 9.70 -6.71
C ASN A 277 -10.35 8.84 -7.86
N LEU A 278 -9.86 9.46 -8.93
CA LEU A 278 -9.54 8.71 -10.17
C LEU A 278 -8.52 7.60 -9.88
N ASP A 279 -7.46 7.86 -9.08
CA ASP A 279 -6.40 6.86 -8.85
C ASP A 279 -7.00 5.60 -8.22
N GLU A 280 -7.84 5.72 -7.19
CA GLU A 280 -8.38 4.53 -6.48
C GLU A 280 -9.40 3.84 -7.38
N ILE A 281 -10.11 4.58 -8.21
CA ILE A 281 -11.05 3.96 -9.18
C ILE A 281 -10.28 3.16 -10.23
N ILE A 282 -9.21 3.71 -10.79
CA ILE A 282 -8.39 2.99 -11.80
C ILE A 282 -7.85 1.70 -11.14
N GLU A 283 -7.43 1.77 -9.87
CA GLU A 283 -6.89 0.58 -9.12
C GLU A 283 -7.97 -0.53 -9.06
N ALA A 284 -9.23 -0.20 -8.76
CA ALA A 284 -10.31 -1.20 -8.56
C ALA A 284 -10.88 -1.69 -9.88
N ALA A 285 -10.88 -0.88 -10.94
CA ALA A 285 -11.52 -1.22 -12.22
C ALA A 285 -10.56 -1.90 -13.20
N ASP A 286 -11.10 -2.41 -14.31
CA ASP A 286 -10.30 -3.00 -15.40
C ASP A 286 -10.01 -1.94 -16.47
N GLY A 287 -10.70 -0.83 -16.38
CA GLY A 287 -10.61 0.25 -17.39
C GLY A 287 -11.50 1.40 -17.03
N ILE A 288 -11.43 2.46 -17.85
CA ILE A 288 -12.19 3.71 -17.61
C ILE A 288 -12.93 4.03 -18.89
N MET A 289 -14.16 4.47 -18.77
CA MET A 289 -14.90 5.05 -19.91
C MET A 289 -14.96 6.53 -19.61
N ILE A 290 -14.36 7.36 -20.48
CA ILE A 290 -14.36 8.82 -20.29
C ILE A 290 -15.73 9.30 -20.80
N ALA A 291 -16.65 9.48 -19.88
CA ALA A 291 -18.08 9.70 -20.17
C ALA A 291 -18.27 11.20 -20.32
N ARG A 292 -17.80 11.75 -21.44
CA ARG A 292 -17.65 13.22 -21.59
C ARG A 292 -19.02 13.92 -21.53
N GLY A 293 -20.12 13.23 -21.90
CA GLY A 293 -21.47 13.83 -21.92
C GLY A 293 -21.84 14.44 -20.58
N ASP A 294 -21.95 13.58 -19.56
CA ASP A 294 -22.19 14.09 -18.19
C ASP A 294 -20.98 14.85 -17.73
N MET A 295 -19.74 14.44 -18.09
CA MET A 295 -18.60 15.06 -17.43
C MET A 295 -18.65 16.55 -17.73
N GLY A 296 -18.95 16.90 -18.98
CA GLY A 296 -18.87 18.30 -19.41
C GLY A 296 -20.07 19.12 -18.97
N ILE A 297 -21.04 18.52 -18.29
CA ILE A 297 -22.09 19.24 -17.50
C ILE A 297 -21.66 19.39 -16.03
N GLU A 298 -21.04 18.36 -15.47
CA GLU A 298 -20.74 18.25 -14.02
C GLU A 298 -19.49 19.03 -13.68
N VAL A 299 -18.58 19.20 -14.64
CA VAL A 299 -17.35 20.01 -14.45
C VAL A 299 -17.30 21.06 -15.56
N PRO A 300 -16.49 22.12 -15.43
CA PRO A 300 -16.40 23.16 -16.47
C PRO A 300 -16.12 22.49 -17.82
N PHE A 301 -16.93 22.75 -18.82
CA PHE A 301 -16.84 22.08 -20.14
C PHE A 301 -15.42 22.24 -20.74
N GLU A 302 -14.76 23.37 -20.56
CA GLU A 302 -13.41 23.60 -21.15
C GLU A 302 -12.31 22.77 -20.46
N MET A 303 -12.59 22.10 -19.32
CA MET A 303 -11.62 21.21 -18.61
C MET A 303 -11.70 19.78 -19.16
N VAL A 304 -12.77 19.44 -19.88
CA VAL A 304 -12.92 18.05 -20.37
C VAL A 304 -11.72 17.60 -21.20
N PRO A 305 -11.17 18.40 -22.16
CA PRO A 305 -10.00 17.95 -22.92
C PRO A 305 -8.78 17.72 -22.04
N VAL A 306 -8.64 18.49 -20.99
CA VAL A 306 -7.52 18.37 -20.01
C VAL A 306 -7.64 17.03 -19.27
N TYR A 307 -8.83 16.73 -18.72
CA TYR A 307 -9.12 15.45 -18.04
C TYR A 307 -8.99 14.30 -19.04
N GLN A 308 -9.42 14.48 -20.29
CA GLN A 308 -9.34 13.36 -21.26
C GLN A 308 -7.88 12.93 -21.39
N LYS A 309 -6.98 13.87 -21.66
CA LYS A 309 -5.57 13.52 -21.97
C LYS A 309 -4.93 12.90 -20.70
N MET A 310 -5.26 13.44 -19.53
CA MET A 310 -4.72 12.96 -18.23
C MET A 310 -5.22 11.54 -17.93
N ILE A 311 -6.51 11.26 -18.10
CA ILE A 311 -7.09 9.91 -17.86
C ILE A 311 -6.48 8.92 -18.82
N ILE A 312 -6.35 9.26 -20.09
CA ILE A 312 -5.77 8.30 -21.05
C ILE A 312 -4.35 7.93 -20.59
N LYS A 313 -3.55 8.91 -20.27
CA LYS A 313 -2.16 8.63 -19.83
C LYS A 313 -2.18 7.71 -18.60
N LYS A 314 -2.97 8.07 -17.59
CA LYS A 314 -3.02 7.31 -16.32
C LYS A 314 -3.49 5.87 -16.50
N VAL A 315 -4.54 5.65 -17.28
CA VAL A 315 -5.11 4.31 -17.50
C VAL A 315 -4.11 3.47 -18.29
N ASN A 316 -3.48 4.05 -19.31
CA ASN A 316 -2.43 3.34 -20.08
C ASN A 316 -1.25 2.96 -19.15
N ALA A 317 -0.77 3.86 -18.31
CA ALA A 317 0.31 3.61 -17.32
C ALA A 317 -0.06 2.44 -16.40
N ALA A 318 -1.34 2.27 -16.10
CA ALA A 318 -1.84 1.19 -15.21
C ALA A 318 -2.02 -0.11 -15.97
N GLY A 319 -1.82 -0.12 -17.28
CA GLY A 319 -1.98 -1.32 -18.15
C GLY A 319 -3.44 -1.69 -18.31
N LYS A 320 -4.34 -0.72 -18.21
CA LYS A 320 -5.80 -0.93 -18.33
C LYS A 320 -6.36 -0.30 -19.60
N VAL A 321 -7.67 -0.45 -19.83
CA VAL A 321 -8.35 -0.05 -21.09
C VAL A 321 -9.06 1.29 -20.88
N VAL A 322 -8.88 2.23 -21.82
CA VAL A 322 -9.59 3.53 -21.81
C VAL A 322 -10.42 3.64 -23.08
N ILE A 323 -11.67 4.01 -22.88
CA ILE A 323 -12.67 4.24 -23.95
C ILE A 323 -12.97 5.73 -23.93
N THR A 324 -12.83 6.42 -25.04
CA THR A 324 -13.24 7.84 -25.15
C THR A 324 -14.65 7.86 -25.72
N ALA A 325 -15.57 8.57 -25.08
CA ALA A 325 -17.00 8.49 -25.43
C ALA A 325 -17.66 9.87 -25.57
N THR A 326 -18.70 9.86 -26.41
CA THR A 326 -19.87 10.78 -26.48
C THR A 326 -19.60 11.92 -27.48
N ASN A 327 -20.52 12.06 -28.44
CA ASN A 327 -20.59 13.19 -29.41
C ASN A 327 -19.45 13.07 -30.44
N MET A 328 -18.76 11.95 -30.53
CA MET A 328 -17.57 11.85 -31.39
C MET A 328 -17.97 12.10 -32.85
N LEU A 329 -19.12 11.59 -33.32
CA LEU A 329 -19.59 11.91 -34.70
C LEU A 329 -21.05 12.38 -34.61
N GLU A 330 -21.37 13.26 -33.66
CA GLU A 330 -22.76 13.58 -33.24
C GLU A 330 -23.62 13.93 -34.46
N THR A 331 -23.10 14.74 -35.36
CA THR A 331 -23.86 15.26 -36.53
C THR A 331 -24.37 14.11 -37.40
N MET A 332 -23.71 12.96 -37.39
CA MET A 332 -24.06 11.80 -38.22
C MET A 332 -25.33 11.09 -37.68
N THR A 333 -25.88 11.57 -36.57
CA THR A 333 -27.21 11.17 -36.06
C THR A 333 -28.29 11.59 -37.08
N GLU A 334 -28.10 12.75 -37.69
CA GLU A 334 -29.13 13.45 -38.54
C GLU A 334 -28.61 13.59 -39.96
N LYS A 335 -27.30 13.58 -40.18
CA LYS A 335 -26.69 13.94 -41.50
C LYS A 335 -25.67 12.90 -41.94
N PRO A 336 -25.46 12.69 -43.25
CA PRO A 336 -24.59 11.61 -43.68
C PRO A 336 -23.09 11.90 -43.66
N ARG A 337 -22.73 13.11 -43.27
CA ARG A 337 -21.31 13.50 -43.15
C ARG A 337 -21.07 14.11 -41.77
N ALA A 338 -19.91 13.80 -41.18
CA ALA A 338 -19.50 14.36 -39.88
C ALA A 338 -18.91 15.74 -40.13
N THR A 339 -18.98 16.61 -39.14
CA THR A 339 -18.36 17.96 -39.21
C THR A 339 -16.82 17.84 -39.11
N ARG A 340 -16.12 18.93 -39.43
CA ARG A 340 -14.64 18.97 -39.30
C ARG A 340 -14.22 18.79 -37.84
N SER A 341 -14.97 19.34 -36.90
CA SER A 341 -14.70 19.22 -35.45
C SER A 341 -14.87 17.77 -34.97
N GLU A 342 -15.85 17.04 -35.50
CA GLU A 342 -16.06 15.62 -35.16
C GLU A 342 -14.87 14.78 -35.63
N VAL A 343 -14.43 14.96 -36.86
CA VAL A 343 -13.29 14.18 -37.41
C VAL A 343 -12.06 14.54 -36.57
N SER A 344 -11.88 15.81 -36.25
CA SER A 344 -10.75 16.26 -35.42
C SER A 344 -10.77 15.57 -34.03
N ASP A 345 -11.94 15.54 -33.41
CA ASP A 345 -12.13 14.88 -32.10
C ASP A 345 -11.70 13.41 -32.18
N VAL A 346 -12.17 12.61 -33.15
CA VAL A 346 -11.84 11.17 -33.22
C VAL A 346 -10.30 11.00 -33.40
N PHE A 347 -9.76 11.75 -34.35
CA PHE A 347 -8.32 11.74 -34.72
C PHE A 347 -7.50 12.02 -33.46
N ASN A 348 -7.82 13.10 -32.77
CA ASN A 348 -7.06 13.53 -31.57
C ASN A 348 -7.24 12.53 -30.41
N ALA A 349 -8.39 11.88 -30.24
CA ALA A 349 -8.52 10.83 -29.19
C ALA A 349 -7.51 9.68 -29.41
N VAL A 350 -7.31 9.30 -30.66
CA VAL A 350 -6.36 8.23 -31.05
C VAL A 350 -4.95 8.74 -30.70
N ILE A 351 -4.64 9.97 -31.12
CA ILE A 351 -3.29 10.54 -30.86
C ILE A 351 -3.04 10.61 -29.36
N ASP A 352 -4.05 10.99 -28.58
CA ASP A 352 -3.91 11.08 -27.11
C ASP A 352 -3.56 9.73 -26.50
N GLY A 353 -3.99 8.61 -27.10
CA GLY A 353 -3.60 7.23 -26.74
C GLY A 353 -4.79 6.35 -26.39
N THR A 354 -5.99 6.73 -26.80
CA THR A 354 -7.18 5.95 -26.41
C THR A 354 -7.03 4.50 -26.90
N ASP A 355 -7.52 3.54 -26.14
CA ASP A 355 -7.64 2.14 -26.67
C ASP A 355 -8.81 2.07 -27.66
N ALA A 356 -9.88 2.80 -27.34
CA ALA A 356 -11.17 2.62 -28.01
C ALA A 356 -11.86 3.98 -28.15
N THR A 357 -12.64 4.13 -29.22
CA THR A 357 -13.55 5.25 -29.43
C THR A 357 -14.97 4.72 -29.43
N MET A 358 -15.91 5.57 -29.12
CA MET A 358 -17.31 5.06 -28.92
C MET A 358 -18.31 5.87 -29.73
N LEU A 359 -19.41 5.20 -30.09
CA LEU A 359 -20.62 5.80 -30.69
C LEU A 359 -21.83 5.48 -29.79
N SER A 360 -22.66 6.47 -29.52
CA SER A 360 -23.89 6.40 -28.71
C SER A 360 -25.10 6.52 -29.68
N GLY A 361 -25.77 7.67 -29.75
CA GLY A 361 -26.95 7.86 -30.63
C GLY A 361 -26.62 7.63 -32.10
N GLU A 362 -25.39 7.93 -32.52
CA GLU A 362 -24.98 7.74 -33.94
C GLU A 362 -25.23 6.29 -34.36
N SER A 363 -24.92 5.29 -33.55
CA SER A 363 -25.08 3.87 -33.94
C SER A 363 -26.42 3.35 -33.40
N ALA A 364 -27.00 4.00 -32.39
CA ALA A 364 -28.17 3.40 -31.66
C ALA A 364 -29.49 3.88 -32.28
N ASN A 365 -29.59 5.18 -32.57
CA ASN A 365 -30.84 5.94 -32.78
C ASN A 365 -30.83 6.73 -34.09
N GLY A 366 -29.68 6.87 -34.75
CA GLY A 366 -29.58 7.84 -35.84
C GLY A 366 -29.97 7.26 -37.16
N LYS A 367 -29.92 8.11 -38.18
CA LYS A 367 -30.27 7.73 -39.57
C LYS A 367 -29.17 6.97 -40.28
N TYR A 368 -27.92 7.00 -39.81
CA TYR A 368 -26.76 6.46 -40.55
C TYR A 368 -25.86 5.65 -39.60
N PRO A 369 -26.37 4.58 -38.97
CA PRO A 369 -25.54 3.78 -38.05
C PRO A 369 -24.33 3.13 -38.74
N LEU A 370 -24.53 2.51 -39.91
CA LEU A 370 -23.42 1.85 -40.63
C LEU A 370 -22.38 2.91 -41.04
N GLU A 371 -22.80 4.01 -41.64
CA GLU A 371 -21.84 5.05 -42.12
C GLU A 371 -21.08 5.63 -40.90
N SER A 372 -21.73 5.75 -39.73
CA SER A 372 -21.09 6.24 -38.48
C SER A 372 -19.95 5.29 -38.09
N VAL A 373 -20.15 3.97 -38.12
CA VAL A 373 -19.09 3.01 -37.73
C VAL A 373 -17.98 3.09 -38.81
N THR A 374 -18.35 3.08 -40.08
CA THR A 374 -17.37 3.16 -41.20
C THR A 374 -16.51 4.43 -41.07
N THR A 375 -17.12 5.59 -40.89
CA THR A 375 -16.44 6.90 -40.78
C THR A 375 -15.45 6.82 -39.61
N MET A 376 -15.91 6.36 -38.45
CA MET A 376 -15.04 6.20 -37.26
C MET A 376 -13.86 5.28 -37.58
N ALA A 377 -14.09 4.14 -38.22
CA ALA A 377 -13.04 3.17 -38.53
C ALA A 377 -12.01 3.85 -39.44
N THR A 378 -12.48 4.55 -40.46
CA THR A 378 -11.58 5.22 -41.43
C THR A 378 -10.70 6.25 -40.70
N ILE A 379 -11.28 7.06 -39.83
CA ILE A 379 -10.48 8.06 -39.06
C ILE A 379 -9.49 7.32 -38.14
N ASP A 380 -9.94 6.31 -37.40
CA ASP A 380 -9.09 5.61 -36.41
C ASP A 380 -7.87 5.01 -37.14
N LYS A 381 -8.12 4.42 -38.29
CA LYS A 381 -7.08 3.79 -39.13
C LYS A 381 -6.04 4.83 -39.58
N ASN A 382 -6.48 5.97 -40.06
CA ASN A 382 -5.52 7.02 -40.52
C ASN A 382 -4.73 7.52 -39.32
N ALA A 383 -5.38 7.80 -38.19
CA ALA A 383 -4.70 8.34 -36.98
C ALA A 383 -3.65 7.36 -36.45
N GLN A 384 -3.92 6.06 -36.47
CA GLN A 384 -2.92 5.11 -35.95
C GLN A 384 -1.59 5.26 -36.72
N ALA A 385 -1.61 5.63 -38.00
CA ALA A 385 -0.39 5.79 -38.84
C ALA A 385 0.44 7.00 -38.38
N LEU A 386 -0.14 7.91 -37.60
CA LEU A 386 0.54 9.10 -37.05
C LEU A 386 0.98 8.98 -35.57
N LEU A 387 0.78 7.83 -34.95
CA LEU A 387 1.16 7.64 -33.53
C LEU A 387 2.69 7.75 -33.33
N ASN A 388 3.52 7.28 -34.26
CA ASN A 388 5.01 7.48 -34.16
C ASN A 388 5.34 8.98 -34.20
N GLU A 389 4.74 9.75 -35.11
CA GLU A 389 5.03 11.20 -35.19
C GLU A 389 4.45 11.96 -33.97
N TYR A 390 3.15 11.81 -33.64
CA TYR A 390 2.38 12.77 -32.79
C TYR A 390 1.96 12.09 -31.45
N GLY A 391 2.13 10.77 -31.30
CA GLY A 391 1.51 9.98 -30.21
C GLY A 391 1.88 10.54 -28.86
N ARG A 392 0.91 10.75 -27.97
CA ARG A 392 1.18 11.34 -26.62
C ARG A 392 1.72 10.29 -25.65
N LEU A 393 1.42 9.00 -25.83
CA LEU A 393 1.88 8.06 -24.79
C LEU A 393 3.40 7.87 -24.92
N ASP A 394 4.05 7.52 -23.83
CA ASP A 394 5.52 7.34 -23.83
C ASP A 394 5.83 6.11 -22.96
N SER A 395 6.01 4.95 -23.60
CA SER A 395 6.29 3.67 -22.91
C SER A 395 7.68 3.72 -22.26
N ASP A 396 8.59 4.53 -22.79
CA ASP A 396 9.97 4.68 -22.24
C ASP A 396 9.94 5.12 -20.77
N SER A 397 8.90 5.78 -20.31
CA SER A 397 8.82 6.33 -18.94
C SER A 397 8.35 5.26 -17.93
N PHE A 398 7.78 4.13 -18.36
CA PHE A 398 7.13 3.18 -17.41
C PHE A 398 8.16 2.44 -16.57
N GLU A 399 7.79 2.17 -15.32
CA GLU A 399 8.49 1.15 -14.49
C GLU A 399 8.02 -0.22 -15.01
N ARG A 400 8.94 -1.09 -15.42
CA ARG A 400 8.61 -2.50 -15.77
C ARG A 400 8.46 -3.26 -14.45
N ASN A 401 7.23 -3.58 -14.05
CA ASN A 401 6.96 -4.01 -12.66
C ASN A 401 6.82 -5.53 -12.53
N SER A 402 7.07 -6.28 -13.59
CA SER A 402 7.04 -7.77 -13.53
C SER A 402 7.84 -8.33 -14.71
N LYS A 403 8.18 -9.62 -14.66
CA LYS A 403 8.91 -10.28 -15.75
C LYS A 403 8.06 -10.34 -17.02
N THR A 404 6.75 -10.44 -16.91
CA THR A 404 5.91 -10.43 -18.13
C THR A 404 6.01 -9.03 -18.77
N GLU A 405 5.95 -8.01 -17.92
CA GLU A 405 6.10 -6.61 -18.43
C GLU A 405 7.48 -6.39 -19.06
N VAL A 406 8.55 -6.91 -18.47
CA VAL A 406 9.91 -6.82 -19.10
C VAL A 406 9.89 -7.41 -20.50
N MET A 407 9.24 -8.55 -20.66
CA MET A 407 9.12 -9.18 -21.98
C MET A 407 8.29 -8.26 -22.91
N ALA A 408 7.24 -7.65 -22.41
CA ALA A 408 6.44 -6.72 -23.24
C ALA A 408 7.35 -5.56 -23.75
N SER A 409 8.19 -5.04 -22.88
CA SER A 409 9.11 -3.93 -23.23
C SER A 409 10.08 -4.37 -24.34
N ALA A 410 10.59 -5.61 -24.26
CA ALA A 410 11.53 -6.19 -25.24
C ALA A 410 10.83 -6.39 -26.58
N VAL A 411 9.57 -6.79 -26.56
CA VAL A 411 8.75 -6.92 -27.78
C VAL A 411 8.65 -5.54 -28.46
N LYS A 412 8.25 -4.50 -27.73
CA LYS A 412 8.22 -3.10 -28.22
C LYS A 412 9.57 -2.74 -28.84
N ASP A 413 10.64 -3.08 -28.14
CA ASP A 413 11.99 -2.79 -28.63
C ASP A 413 12.22 -3.45 -30.00
N ALA A 414 11.89 -4.74 -30.14
CA ALA A 414 12.08 -5.48 -31.40
C ALA A 414 11.26 -4.79 -32.51
N THR A 415 10.02 -4.34 -32.23
CA THR A 415 9.17 -3.70 -33.25
C THR A 415 9.66 -2.29 -33.58
N SER A 416 10.49 -1.68 -32.72
CA SER A 416 11.15 -0.38 -33.03
C SER A 416 12.43 -0.61 -33.84
N SER A 417 13.13 -1.71 -33.60
CA SER A 417 14.45 -2.02 -34.22
C SER A 417 14.27 -2.47 -35.69
N MET A 418 13.16 -3.11 -36.05
CA MET A 418 13.01 -3.66 -37.42
C MET A 418 11.53 -3.69 -37.76
N ASP A 419 11.19 -3.93 -39.03
CA ASP A 419 9.79 -4.03 -39.52
C ASP A 419 9.21 -5.39 -39.07
N ILE A 420 8.37 -5.38 -38.05
CA ILE A 420 7.64 -6.58 -37.58
C ILE A 420 6.20 -6.46 -38.04
N LYS A 421 5.75 -7.46 -38.80
CA LYS A 421 4.37 -7.52 -39.36
C LYS A 421 3.36 -7.83 -38.26
N LEU A 422 3.70 -8.67 -37.30
CA LEU A 422 2.77 -9.17 -36.26
C LEU A 422 3.57 -9.58 -35.04
N VAL A 423 2.99 -9.31 -33.88
CA VAL A 423 3.37 -9.91 -32.58
C VAL A 423 2.32 -10.98 -32.27
N VAL A 424 2.75 -12.18 -31.93
CA VAL A 424 1.82 -13.24 -31.45
C VAL A 424 2.16 -13.61 -30.02
N THR A 425 1.16 -13.71 -29.18
CA THR A 425 1.30 -14.18 -27.80
C THR A 425 0.32 -15.34 -27.64
N LEU A 426 0.82 -16.39 -27.02
CA LEU A 426 0.00 -17.50 -26.47
C LEU A 426 -0.29 -17.22 -25.01
N THR A 427 -1.55 -16.93 -24.72
CA THR A 427 -1.97 -16.27 -23.46
C THR A 427 -3.20 -17.00 -22.93
N LYS A 428 -3.06 -17.56 -21.73
CA LYS A 428 -4.15 -18.32 -21.07
C LYS A 428 -5.24 -17.33 -20.64
N THR A 429 -4.84 -16.23 -20.00
CA THR A 429 -5.74 -15.25 -19.34
C THR A 429 -5.81 -13.90 -20.07
N GLY A 430 -4.92 -13.69 -21.04
CA GLY A 430 -4.82 -12.40 -21.75
C GLY A 430 -3.79 -11.47 -21.17
N HIS A 431 -3.20 -11.82 -20.03
CA HIS A 431 -2.31 -10.90 -19.26
C HIS A 431 -1.15 -10.45 -20.17
N THR A 432 -0.53 -11.39 -20.90
CA THR A 432 0.61 -11.06 -21.76
C THR A 432 0.14 -10.13 -22.89
N ALA A 433 -1.02 -10.38 -23.48
CA ALA A 433 -1.57 -9.50 -24.54
C ALA A 433 -1.84 -8.09 -24.01
N ARG A 434 -2.37 -7.95 -22.79
CA ARG A 434 -2.69 -6.63 -22.20
C ARG A 434 -1.37 -5.87 -22.01
N LEU A 435 -0.32 -6.55 -21.51
CA LEU A 435 0.95 -5.84 -21.26
C LEU A 435 1.64 -5.46 -22.58
N ILE A 436 1.59 -6.32 -23.59
CA ILE A 436 2.09 -5.95 -24.95
C ILE A 436 1.30 -4.74 -25.46
N SER A 437 -0.05 -4.76 -25.38
CA SER A 437 -0.92 -3.65 -25.83
C SER A 437 -0.54 -2.35 -25.10
N LYS A 438 -0.32 -2.40 -23.79
CA LYS A 438 0.06 -1.20 -22.98
C LYS A 438 1.24 -0.47 -23.63
N TYR A 439 2.22 -1.22 -24.20
CA TYR A 439 3.49 -0.66 -24.73
C TYR A 439 3.28 -0.10 -26.14
N ARG A 440 2.14 -0.33 -26.78
CA ARG A 440 1.77 0.28 -28.08
C ARG A 440 2.85 -0.06 -29.11
N PRO A 441 3.10 -1.36 -29.40
CA PRO A 441 4.13 -1.75 -30.38
C PRO A 441 3.71 -1.25 -31.77
N ASN A 442 4.69 -1.04 -32.67
CA ASN A 442 4.38 -0.72 -34.09
C ASN A 442 4.11 -2.04 -34.84
N ALA A 443 3.03 -2.72 -34.46
CA ALA A 443 2.60 -4.02 -35.00
C ALA A 443 1.22 -4.34 -34.46
N ASP A 444 0.42 -5.06 -35.22
CA ASP A 444 -0.78 -5.74 -34.66
C ASP A 444 -0.34 -6.85 -33.71
N ILE A 445 -1.23 -7.22 -32.78
CA ILE A 445 -0.96 -8.24 -31.74
C ILE A 445 -1.97 -9.35 -31.94
N LEU A 446 -1.52 -10.55 -32.32
CA LEU A 446 -2.41 -11.73 -32.37
C LEU A 446 -2.34 -12.40 -31.00
N ALA A 447 -3.47 -12.42 -30.28
CA ALA A 447 -3.60 -13.03 -28.94
C ALA A 447 -4.28 -14.37 -29.12
N LEU A 448 -3.48 -15.42 -29.10
CA LEU A 448 -3.98 -16.82 -29.19
C LEU A 448 -4.35 -17.27 -27.80
N THR A 449 -5.66 -17.48 -27.56
CA THR A 449 -6.15 -17.89 -26.24
C THR A 449 -7.05 -19.12 -26.38
N PHE A 450 -7.39 -19.73 -25.25
CA PHE A 450 -7.92 -21.12 -25.24
C PHE A 450 -9.36 -21.17 -24.72
N ASP A 451 -10.02 -20.03 -24.52
CA ASP A 451 -11.48 -20.01 -24.20
C ASP A 451 -12.11 -18.73 -24.75
N GLU A 452 -13.42 -18.78 -24.99
CA GLU A 452 -14.22 -17.69 -25.60
C GLU A 452 -14.34 -16.50 -24.66
N LEU A 453 -14.34 -16.71 -23.35
CA LEU A 453 -14.52 -15.56 -22.40
C LEU A 453 -13.25 -14.69 -22.41
N THR A 454 -12.09 -15.32 -22.38
CA THR A 454 -10.80 -14.60 -22.47
C THR A 454 -10.74 -13.91 -23.84
N GLU A 455 -11.11 -14.61 -24.91
CA GLU A 455 -11.08 -14.08 -26.29
C GLU A 455 -11.93 -12.81 -26.35
N ARG A 456 -13.21 -12.86 -25.98
CA ARG A 456 -14.07 -11.65 -26.08
C ARG A 456 -13.55 -10.55 -25.15
N GLY A 457 -12.95 -10.92 -24.01
CA GLY A 457 -12.54 -9.93 -22.98
C GLY A 457 -11.32 -9.13 -23.42
N LEU A 458 -10.66 -9.51 -24.51
CA LEU A 458 -9.50 -8.78 -25.09
C LEU A 458 -9.95 -7.86 -26.22
N MET A 459 -11.25 -7.77 -26.51
CA MET A 459 -11.67 -7.09 -27.76
C MET A 459 -11.59 -5.57 -27.64
N LEU A 460 -11.36 -5.01 -26.46
CA LEU A 460 -11.23 -3.54 -26.41
C LEU A 460 -9.80 -3.08 -26.14
N ASN A 461 -8.83 -4.00 -26.07
CA ASN A 461 -7.40 -3.59 -25.90
C ASN A 461 -6.85 -3.13 -27.25
N TRP A 462 -6.19 -1.99 -27.25
CA TRP A 462 -5.52 -1.43 -28.44
C TRP A 462 -4.73 -2.52 -29.16
N GLY A 463 -4.94 -2.64 -30.45
CA GLY A 463 -4.13 -3.46 -31.35
C GLY A 463 -4.32 -4.96 -31.21
N VAL A 464 -5.13 -5.44 -30.29
CA VAL A 464 -5.21 -6.89 -30.03
C VAL A 464 -6.27 -7.52 -30.95
N ILE A 465 -5.85 -8.55 -31.67
CA ILE A 465 -6.72 -9.47 -32.47
C ILE A 465 -6.82 -10.78 -31.70
N PRO A 466 -7.91 -10.97 -30.94
CA PRO A 466 -8.10 -12.22 -30.21
C PRO A 466 -8.52 -13.35 -31.15
N MET A 467 -8.01 -14.56 -30.87
CA MET A 467 -8.22 -15.76 -31.72
C MET A 467 -8.20 -17.02 -30.85
N LEU A 468 -9.27 -17.81 -30.94
CA LEU A 468 -9.45 -19.03 -30.12
C LEU A 468 -8.61 -20.13 -30.76
N THR A 469 -7.84 -20.87 -29.95
CA THR A 469 -7.13 -22.09 -30.41
C THR A 469 -7.12 -23.12 -29.27
N ASP A 470 -6.74 -24.36 -29.56
CA ASP A 470 -6.55 -25.44 -28.55
C ASP A 470 -5.36 -25.13 -27.66
N ALA A 471 -5.50 -25.33 -26.36
CA ALA A 471 -4.41 -25.17 -25.37
C ALA A 471 -3.26 -26.04 -25.83
N PRO A 472 -2.04 -25.52 -26.02
CA PRO A 472 -0.95 -26.36 -26.50
C PRO A 472 -0.57 -27.31 -25.37
N SER A 473 -0.14 -28.51 -25.73
CA SER A 473 0.42 -29.51 -24.78
C SER A 473 1.93 -29.32 -24.70
N SER A 474 2.59 -30.06 -23.81
CA SER A 474 4.08 -30.05 -23.63
C SER A 474 4.78 -30.59 -24.89
N THR A 475 4.07 -31.27 -25.79
CA THR A 475 4.65 -31.88 -27.02
C THR A 475 4.52 -30.90 -28.20
N ASP A 476 3.65 -29.90 -28.12
CA ASP A 476 3.38 -28.97 -29.26
C ASP A 476 4.52 -27.95 -29.38
N ASP A 477 4.79 -27.54 -30.61
CA ASP A 477 5.70 -26.43 -30.99
C ASP A 477 4.84 -25.16 -31.07
N MET A 478 4.82 -24.40 -29.97
CA MET A 478 4.00 -23.17 -29.89
C MET A 478 4.44 -22.16 -30.95
N PHE A 479 5.71 -22.17 -31.40
CA PHE A 479 6.20 -21.19 -32.38
C PHE A 479 5.63 -21.55 -33.76
N GLU A 480 5.55 -22.83 -34.09
CA GLU A 480 4.92 -23.29 -35.36
C GLU A 480 3.41 -23.03 -35.28
N ILE A 481 2.75 -23.27 -34.14
CA ILE A 481 1.30 -22.97 -33.97
C ILE A 481 1.09 -21.49 -34.31
N ALA A 482 1.89 -20.62 -33.69
CA ALA A 482 1.76 -19.15 -33.85
C ALA A 482 1.77 -18.81 -35.33
N GLU A 483 2.80 -19.24 -36.05
CA GLU A 483 2.92 -18.99 -37.50
C GLU A 483 1.67 -19.53 -38.25
N ARG A 484 1.22 -20.72 -37.89
CA ARG A 484 0.12 -21.40 -38.60
C ARG A 484 -1.17 -20.57 -38.42
N LYS A 485 -1.47 -20.16 -37.20
CA LYS A 485 -2.70 -19.38 -36.91
C LYS A 485 -2.62 -18.00 -37.57
N ALA A 486 -1.45 -17.36 -37.57
CA ALA A 486 -1.27 -16.06 -38.24
C ALA A 486 -1.48 -16.23 -39.74
N VAL A 487 -0.93 -17.30 -40.32
CA VAL A 487 -1.10 -17.57 -41.79
C VAL A 487 -2.58 -17.81 -42.09
N GLU A 488 -3.23 -18.69 -41.31
CA GLU A 488 -4.70 -18.99 -41.40
C GLU A 488 -5.54 -17.70 -41.37
N ALA A 489 -5.26 -16.79 -40.44
CA ALA A 489 -6.04 -15.53 -40.26
C ALA A 489 -5.77 -14.53 -41.40
N GLY A 490 -4.83 -14.80 -42.31
CA GLY A 490 -4.47 -13.89 -43.42
C GLY A 490 -3.72 -12.64 -42.94
N LEU A 491 -3.05 -12.69 -41.78
CA LEU A 491 -2.38 -11.50 -41.19
C LEU A 491 -0.93 -11.42 -41.68
N VAL A 492 -0.34 -12.55 -42.09
CA VAL A 492 1.06 -12.60 -42.60
C VAL A 492 1.16 -13.45 -43.87
N GLU A 493 2.19 -13.17 -44.66
CA GLU A 493 2.53 -13.99 -45.85
C GLU A 493 4.01 -14.37 -45.78
N SER A 494 4.41 -15.25 -46.69
CA SER A 494 5.79 -15.75 -46.85
C SER A 494 6.75 -14.56 -46.82
N GLY A 495 7.85 -14.63 -46.05
CA GLY A 495 8.87 -13.57 -45.96
C GLY A 495 8.64 -12.58 -44.81
N ASP A 496 7.42 -12.48 -44.26
CA ASP A 496 7.13 -11.53 -43.15
C ASP A 496 7.91 -11.92 -41.88
N ASP A 497 8.34 -10.93 -41.09
CA ASP A 497 9.00 -11.19 -39.77
C ASP A 497 7.97 -11.00 -38.65
N ILE A 498 7.90 -11.95 -37.72
CA ILE A 498 6.97 -11.89 -36.57
C ILE A 498 7.75 -12.09 -35.30
N VAL A 499 7.21 -11.53 -34.24
CA VAL A 499 7.66 -11.77 -32.87
C VAL A 499 6.63 -12.64 -32.16
N ILE A 500 7.11 -13.71 -31.55
CA ILE A 500 6.23 -14.66 -30.80
C ILE A 500 6.72 -14.74 -29.37
N VAL A 501 5.81 -14.64 -28.41
CA VAL A 501 6.14 -14.84 -26.99
C VAL A 501 5.24 -15.95 -26.44
N ALA A 502 5.77 -16.68 -25.48
CA ALA A 502 5.05 -17.81 -24.84
C ALA A 502 5.77 -18.16 -23.55
N GLY A 503 5.08 -18.90 -22.67
CA GLY A 503 5.67 -19.52 -21.48
C GLY A 503 6.14 -20.91 -21.84
N VAL A 504 7.44 -21.10 -22.03
CA VAL A 504 7.92 -22.44 -22.48
C VAL A 504 8.83 -23.05 -21.43
N PRO A 505 8.71 -24.39 -21.20
CA PRO A 505 7.70 -25.21 -21.85
C PRO A 505 6.37 -25.24 -21.08
N VAL A 506 5.30 -25.69 -21.71
CA VAL A 506 3.98 -25.84 -21.02
C VAL A 506 4.17 -26.82 -19.84
N GLY A 507 3.71 -26.41 -18.67
CA GLY A 507 3.75 -27.25 -17.46
C GLY A 507 4.96 -26.96 -16.60
N GLU A 508 5.91 -26.16 -17.09
CA GLU A 508 7.16 -25.84 -16.35
C GLU A 508 7.24 -24.32 -16.16
N ALA A 509 7.08 -23.54 -17.23
CA ALA A 509 7.01 -22.05 -17.20
C ALA A 509 5.86 -21.60 -16.29
N VAL A 510 6.08 -20.61 -15.45
CA VAL A 510 5.07 -19.97 -14.56
C VAL A 510 4.53 -18.68 -15.21
N ARG A 511 5.00 -18.32 -16.41
CA ARG A 511 4.62 -17.05 -17.09
C ARG A 511 5.29 -17.01 -18.46
N THR A 512 4.89 -16.05 -19.28
CA THR A 512 5.51 -15.75 -20.58
C THR A 512 6.99 -15.50 -20.30
N ASN A 513 7.90 -16.26 -20.89
CA ASN A 513 9.34 -16.20 -20.53
C ASN A 513 10.22 -16.23 -21.79
N THR A 514 9.63 -16.30 -22.97
CA THR A 514 10.40 -16.56 -24.21
C THR A 514 9.91 -15.64 -25.30
N MET A 515 10.86 -15.03 -26.02
CA MET A 515 10.63 -14.26 -27.26
C MET A 515 11.39 -14.86 -28.42
N ARG A 516 10.73 -15.02 -29.55
CA ARG A 516 11.32 -15.60 -30.80
C ARG A 516 11.09 -14.61 -31.93
N ILE A 517 12.11 -14.32 -32.77
CA ILE A 517 11.88 -13.59 -34.02
C ILE A 517 11.89 -14.68 -35.10
N ARG A 518 10.84 -14.74 -35.90
CA ARG A 518 10.64 -15.87 -36.84
C ARG A 518 10.26 -15.29 -38.19
N THR A 519 10.82 -15.81 -39.28
CA THR A 519 10.40 -15.46 -40.66
C THR A 519 9.34 -16.47 -41.10
N VAL A 520 8.20 -16.00 -41.60
CA VAL A 520 7.13 -16.88 -42.14
C VAL A 520 7.62 -17.60 -43.39
N ARG A 521 7.47 -18.92 -43.46
CA ARG A 521 7.91 -19.74 -44.63
C ARG A 521 7.05 -19.34 -45.84
N MET B 21 -7.18 38.09 -16.79
CA MET B 21 -6.25 37.19 -17.58
C MET B 21 -6.59 37.28 -19.07
N ASN B 22 -5.57 37.31 -19.94
CA ASN B 22 -5.76 37.79 -21.33
C ASN B 22 -5.85 36.59 -22.26
N LYS B 23 -6.70 36.67 -23.28
CA LYS B 23 -6.87 35.56 -24.26
C LYS B 23 -5.78 35.72 -25.34
N ARG B 24 -4.82 34.80 -25.40
CA ARG B 24 -3.72 34.92 -26.38
C ARG B 24 -4.18 34.44 -27.76
N VAL B 25 -5.02 33.42 -27.84
CA VAL B 25 -5.47 32.91 -29.14
C VAL B 25 -6.54 33.88 -29.65
N LYS B 26 -6.38 34.32 -30.90
CA LYS B 26 -7.28 35.37 -31.46
C LYS B 26 -8.53 34.74 -32.01
N ILE B 27 -9.65 35.50 -32.00
CA ILE B 27 -10.92 34.98 -32.56
C ILE B 27 -11.31 35.82 -33.79
N VAL B 28 -11.56 35.14 -34.89
CA VAL B 28 -12.20 35.74 -36.09
C VAL B 28 -13.66 35.34 -35.98
N ALA B 29 -14.57 36.31 -35.92
CA ALA B 29 -16.04 36.07 -35.96
C ALA B 29 -16.62 36.57 -37.28
N THR B 30 -17.33 35.70 -37.98
CA THR B 30 -18.05 36.05 -39.25
C THR B 30 -19.31 36.80 -38.83
N LEU B 31 -19.57 37.94 -39.47
CA LEU B 31 -20.77 38.76 -39.16
C LEU B 31 -21.85 38.49 -40.18
N GLY B 32 -23.07 38.70 -39.74
CA GLY B 32 -24.24 38.58 -40.62
C GLY B 32 -25.45 39.08 -39.84
N PRO B 33 -26.63 38.61 -40.26
CA PRO B 33 -27.89 39.08 -39.68
C PRO B 33 -28.15 38.66 -38.23
N ALA B 34 -27.45 37.64 -37.73
CA ALA B 34 -27.71 37.09 -36.38
C ALA B 34 -27.65 38.20 -35.33
N VAL B 35 -26.74 39.16 -35.43
CA VAL B 35 -26.53 40.24 -34.44
C VAL B 35 -27.35 41.47 -34.87
N GLU B 36 -27.92 41.45 -36.07
CA GLU B 36 -28.52 42.70 -36.62
C GLU B 36 -30.01 42.77 -36.23
N ILE B 37 -30.41 43.91 -35.66
CA ILE B 37 -31.83 44.21 -35.29
C ILE B 37 -32.43 45.04 -36.43
N ARG B 38 -33.68 44.73 -36.80
CA ARG B 38 -34.42 45.49 -37.85
C ARG B 38 -35.81 45.83 -37.30
N GLY B 39 -36.14 47.13 -37.30
CA GLY B 39 -37.34 47.71 -36.68
C GLY B 39 -37.72 46.93 -35.44
N GLY B 40 -36.76 46.72 -34.53
CA GLY B 40 -36.96 46.01 -33.26
C GLY B 40 -37.03 44.50 -33.38
N LYS B 41 -37.05 43.90 -34.58
CA LYS B 41 -37.14 42.43 -34.77
C LYS B 41 -35.72 41.82 -34.79
N LYS B 42 -35.51 40.68 -34.09
CA LYS B 42 -34.32 39.77 -34.17
C LYS B 42 -34.40 38.88 -35.42
N PHE B 43 -33.25 38.38 -35.90
CA PHE B 43 -33.17 37.50 -37.09
C PHE B 43 -34.03 36.26 -36.85
N GLY B 44 -34.80 35.85 -37.86
CA GLY B 44 -35.70 34.69 -37.79
C GLY B 44 -37.16 35.07 -37.48
N GLU B 45 -37.42 36.13 -36.70
CA GLU B 45 -38.80 36.63 -36.39
C GLU B 45 -39.52 37.09 -37.69
N ASP B 46 -40.86 37.09 -37.70
CA ASP B 46 -41.66 37.34 -38.94
C ASP B 46 -41.51 38.80 -39.40
N GLY B 47 -41.39 39.02 -40.72
CA GLY B 47 -41.22 40.32 -41.39
C GLY B 47 -39.92 41.00 -40.99
N TYR B 48 -38.89 40.21 -40.66
CA TYR B 48 -37.55 40.69 -40.25
C TYR B 48 -36.98 41.55 -41.37
N TRP B 49 -36.82 40.97 -42.57
CA TRP B 49 -36.29 41.69 -43.77
C TRP B 49 -37.28 42.76 -44.25
N GLY B 50 -38.55 42.71 -43.79
CA GLY B 50 -39.53 43.81 -43.98
C GLY B 50 -38.98 45.13 -43.47
N GLU B 51 -38.42 45.14 -42.26
CA GLU B 51 -37.98 46.34 -41.47
C GLU B 51 -36.61 46.85 -41.94
N LYS B 52 -36.27 48.08 -41.54
CA LYS B 52 -34.98 48.73 -41.87
C LYS B 52 -33.96 48.35 -40.80
N LEU B 53 -32.66 48.41 -41.12
CA LEU B 53 -31.56 48.16 -40.16
C LEU B 53 -31.61 49.21 -39.05
N ASP B 54 -31.77 48.76 -37.81
CA ASP B 54 -31.49 49.56 -36.59
C ASP B 54 -29.97 49.53 -36.38
N VAL B 55 -29.26 50.50 -36.93
CA VAL B 55 -27.78 50.58 -36.83
C VAL B 55 -27.32 50.63 -35.37
N GLU B 56 -27.92 51.48 -34.53
CA GLU B 56 -27.44 51.67 -33.13
C GLU B 56 -27.63 50.37 -32.35
N ALA B 57 -28.81 49.74 -32.46
CA ALA B 57 -29.13 48.48 -31.77
C ALA B 57 -28.13 47.38 -32.24
N SER B 58 -27.92 47.27 -33.55
CA SER B 58 -27.02 46.23 -34.14
C SER B 58 -25.57 46.44 -33.67
N ALA B 59 -25.15 47.70 -33.55
CA ALA B 59 -23.78 48.11 -33.14
C ALA B 59 -23.59 47.80 -31.66
N LYS B 60 -24.61 47.95 -30.81
CA LYS B 60 -24.52 47.51 -29.40
C LYS B 60 -24.32 45.97 -29.36
N ASN B 61 -25.02 45.20 -30.19
CA ASN B 61 -24.87 43.71 -30.18
C ASN B 61 -23.43 43.35 -30.61
N ILE B 62 -22.91 43.97 -31.66
CA ILE B 62 -21.53 43.69 -32.16
C ILE B 62 -20.52 44.10 -31.10
N ALA B 63 -20.72 45.22 -30.39
CA ALA B 63 -19.81 45.61 -29.29
C ALA B 63 -19.75 44.49 -28.24
N LYS B 64 -20.84 43.78 -27.96
CA LYS B 64 -20.78 42.68 -26.97
C LYS B 64 -19.89 41.53 -27.50
N LEU B 65 -19.90 41.27 -28.80
CA LEU B 65 -18.97 40.24 -29.36
C LEU B 65 -17.52 40.73 -29.23
N ILE B 66 -17.26 42.04 -29.47
CA ILE B 66 -15.91 42.64 -29.23
C ILE B 66 -15.50 42.38 -27.80
N GLU B 67 -16.38 42.67 -26.85
CA GLU B 67 -16.09 42.56 -25.39
C GLU B 67 -15.88 41.09 -25.01
N ALA B 68 -16.52 40.15 -25.70
CA ALA B 68 -16.45 38.71 -25.36
C ALA B 68 -15.14 38.08 -25.91
N GLY B 69 -14.44 38.76 -26.82
CA GLY B 69 -13.09 38.37 -27.30
C GLY B 69 -12.97 38.26 -28.80
N ALA B 70 -13.93 38.77 -29.57
CA ALA B 70 -13.75 38.81 -31.03
C ALA B 70 -12.65 39.82 -31.36
N ASN B 71 -11.62 39.39 -32.10
CA ASN B 71 -10.43 40.24 -32.38
C ASN B 71 -10.47 40.78 -33.81
N THR B 72 -11.25 40.14 -34.67
CA THR B 72 -11.39 40.51 -36.09
C THR B 72 -12.76 40.04 -36.53
N PHE B 73 -13.44 40.81 -37.37
CA PHE B 73 -14.70 40.37 -37.98
C PHE B 73 -14.42 40.06 -39.43
N ARG B 74 -15.02 38.95 -39.88
CA ARG B 74 -14.99 38.46 -41.26
C ARG B 74 -16.28 38.88 -41.95
N PHE B 75 -16.11 39.50 -43.10
CA PHE B 75 -17.17 39.89 -44.05
C PHE B 75 -17.04 38.92 -45.22
N ASN B 76 -17.91 37.93 -45.27
CA ASN B 76 -17.94 36.87 -46.28
C ASN B 76 -18.62 37.39 -47.54
N PHE B 77 -17.87 37.73 -48.60
CA PHE B 77 -18.49 38.28 -49.83
C PHE B 77 -19.14 37.17 -50.64
N SER B 78 -19.10 35.90 -50.22
CA SER B 78 -19.90 34.83 -50.86
C SER B 78 -21.40 35.13 -50.68
N HIS B 79 -21.79 35.91 -49.66
CA HIS B 79 -23.21 36.23 -49.39
C HIS B 79 -23.39 37.72 -49.14
N GLY B 80 -24.36 38.31 -49.82
CA GLY B 80 -24.81 39.68 -49.57
C GLY B 80 -24.09 40.62 -50.52
N ASP B 81 -24.75 41.68 -50.94
CA ASP B 81 -24.22 42.61 -51.96
C ASP B 81 -23.34 43.67 -51.29
N HIS B 82 -22.69 44.49 -52.10
CA HIS B 82 -21.85 45.61 -51.61
C HIS B 82 -22.63 46.48 -50.62
N GLN B 83 -23.88 46.85 -50.91
CA GLN B 83 -24.56 47.77 -49.99
C GLN B 83 -24.66 47.08 -48.62
N GLU B 84 -24.98 45.79 -48.56
CA GLU B 84 -25.16 45.06 -47.27
C GLU B 84 -23.80 45.00 -46.53
N GLN B 85 -22.74 44.65 -47.26
CA GLN B 85 -21.35 44.53 -46.70
C GLN B 85 -20.87 45.90 -46.20
N GLY B 86 -21.03 46.97 -47.00
CA GLY B 86 -20.62 48.33 -46.59
C GLY B 86 -21.35 48.82 -45.35
N GLU B 87 -22.66 48.60 -45.31
CA GLU B 87 -23.45 48.95 -44.09
C GLU B 87 -22.97 48.15 -42.88
N ARG B 88 -22.72 46.85 -43.05
CA ARG B 88 -22.25 46.02 -41.91
C ARG B 88 -20.90 46.58 -41.43
N MET B 89 -20.00 46.94 -42.35
CA MET B 89 -18.68 47.48 -41.94
C MET B 89 -18.87 48.80 -41.21
N ALA B 90 -19.79 49.65 -41.64
CA ALA B 90 -20.09 50.92 -40.93
C ALA B 90 -20.60 50.60 -39.51
N THR B 91 -21.47 49.60 -39.37
CA THR B 91 -22.03 49.18 -38.06
C THR B 91 -20.89 48.77 -37.10
N VAL B 92 -19.89 48.04 -37.60
CA VAL B 92 -18.73 47.64 -36.75
C VAL B 92 -17.94 48.87 -36.28
N LYS B 93 -17.75 49.90 -37.11
CA LYS B 93 -17.01 51.10 -36.69
C LYS B 93 -17.72 51.78 -35.52
N LEU B 94 -19.06 51.83 -35.55
CA LEU B 94 -19.84 52.35 -34.39
C LEU B 94 -19.61 51.41 -33.19
N ALA B 95 -19.66 50.09 -33.42
CA ALA B 95 -19.49 49.06 -32.35
C ALA B 95 -18.13 49.25 -31.68
N GLU B 96 -17.08 49.62 -32.43
CA GLU B 96 -15.74 49.86 -31.84
C GLU B 96 -15.80 51.03 -30.85
N LYS B 97 -16.49 52.11 -31.24
CA LYS B 97 -16.63 53.30 -30.35
C LYS B 97 -17.41 52.93 -29.08
N ILE B 98 -18.49 52.16 -29.18
CA ILE B 98 -19.31 51.68 -28.02
C ILE B 98 -18.44 50.80 -27.11
N ALA B 99 -17.74 49.80 -27.67
CA ALA B 99 -16.85 48.90 -26.90
C ALA B 99 -15.64 49.65 -26.30
N GLY B 100 -15.17 50.74 -26.90
CA GLY B 100 -13.86 51.34 -26.52
C GLY B 100 -12.69 50.46 -26.94
N LYS B 101 -12.85 49.63 -27.97
CA LYS B 101 -11.84 48.62 -28.40
C LYS B 101 -11.91 48.50 -29.93
N LYS B 102 -10.75 48.55 -30.59
CA LYS B 102 -10.65 48.33 -32.05
C LYS B 102 -10.59 46.84 -32.37
N VAL B 103 -11.04 46.48 -33.57
CA VAL B 103 -10.93 45.10 -34.11
C VAL B 103 -10.40 45.18 -35.55
N GLY B 104 -9.90 44.06 -36.06
CA GLY B 104 -9.55 43.94 -37.47
C GLY B 104 -10.76 43.74 -38.34
N PHE B 105 -10.63 44.15 -39.60
CA PHE B 105 -11.63 43.97 -40.66
C PHE B 105 -11.05 43.04 -41.71
N LEU B 106 -11.71 41.90 -41.93
CA LEU B 106 -11.25 40.85 -42.88
C LEU B 106 -12.32 40.59 -43.94
N LEU B 107 -11.93 40.75 -45.20
CA LEU B 107 -12.77 40.43 -46.37
C LEU B 107 -12.40 39.03 -46.80
N ASP B 108 -13.40 38.18 -46.95
CA ASP B 108 -13.29 36.80 -47.44
C ASP B 108 -13.91 36.74 -48.82
N THR B 109 -13.15 36.32 -49.82
CA THR B 109 -13.64 36.40 -51.23
C THR B 109 -14.67 35.31 -51.48
N LYS B 110 -15.52 35.51 -52.48
CA LYS B 110 -16.35 34.46 -53.07
C LYS B 110 -15.44 33.40 -53.70
N GLY B 111 -14.62 33.84 -54.64
CA GLY B 111 -13.75 32.96 -55.42
C GLY B 111 -14.59 32.03 -56.30
N PRO B 112 -13.98 30.90 -56.71
CA PRO B 112 -14.53 30.05 -57.77
C PRO B 112 -15.61 29.08 -57.28
N GLU B 113 -16.70 29.60 -56.74
CA GLU B 113 -17.80 28.75 -56.24
C GLU B 113 -18.60 28.20 -57.43
N ILE B 114 -19.06 26.97 -57.26
CA ILE B 114 -20.08 26.31 -58.11
C ILE B 114 -21.27 26.05 -57.20
N ARG B 115 -22.47 26.42 -57.65
CA ARG B 115 -23.73 26.16 -56.91
C ARG B 115 -24.70 25.49 -57.87
N THR B 116 -25.61 24.68 -57.35
CA THR B 116 -26.72 24.08 -58.14
C THR B 116 -27.63 25.23 -58.58
N GLU B 117 -28.31 25.07 -59.72
CA GLU B 117 -29.17 26.18 -60.24
C GLU B 117 -30.53 26.13 -59.53
N LEU B 118 -31.39 27.14 -59.78
CA LEU B 118 -32.86 27.04 -59.58
C LEU B 118 -33.40 25.89 -60.43
N PHE B 119 -34.41 25.21 -59.90
CA PHE B 119 -35.12 24.11 -60.57
C PHE B 119 -36.24 24.73 -61.42
N GLU B 120 -36.68 23.99 -62.44
CA GLU B 120 -37.76 24.42 -63.38
C GLU B 120 -39.03 24.65 -62.54
N GLY B 121 -39.44 25.92 -62.44
CA GLY B 121 -40.78 26.36 -61.98
C GLY B 121 -40.97 26.29 -60.47
N GLU B 122 -40.35 27.21 -59.73
CA GLU B 122 -40.63 27.49 -58.28
C GLU B 122 -40.10 26.37 -57.37
N ALA B 123 -39.73 25.20 -57.91
CA ALA B 123 -39.43 23.96 -57.16
C ALA B 123 -38.08 24.08 -56.40
N LYS B 124 -37.89 23.25 -55.36
CA LYS B 124 -36.88 23.45 -54.28
C LYS B 124 -35.80 22.36 -54.29
N GLU B 125 -36.17 21.08 -54.40
CA GLU B 125 -35.21 19.95 -54.26
C GLU B 125 -35.83 18.65 -54.71
N TYR B 126 -35.02 17.61 -54.90
CA TYR B 126 -35.52 16.24 -55.19
C TYR B 126 -34.64 15.25 -54.43
N SER B 127 -35.14 14.03 -54.20
CA SER B 127 -34.40 12.96 -53.49
C SER B 127 -33.98 11.93 -54.51
N TYR B 128 -32.86 11.26 -54.28
CA TYR B 128 -32.32 10.27 -55.24
C TYR B 128 -31.80 9.07 -54.43
N LYS B 129 -31.67 7.92 -55.09
CA LYS B 129 -31.23 6.66 -54.47
C LYS B 129 -30.01 6.14 -55.20
N THR B 130 -29.18 5.39 -54.48
CA THR B 130 -27.96 4.72 -55.02
C THR B 130 -28.32 4.11 -56.38
N GLY B 131 -27.39 4.21 -57.33
CA GLY B 131 -27.38 3.54 -58.65
C GLY B 131 -28.17 4.27 -59.72
N GLU B 132 -29.04 5.20 -59.31
CA GLU B 132 -29.88 6.07 -60.19
C GLU B 132 -28.98 6.84 -61.18
N LYS B 133 -29.42 7.00 -62.44
CA LYS B 133 -28.64 7.63 -63.54
C LYS B 133 -29.31 8.96 -63.92
N ILE B 134 -28.66 10.10 -63.68
CA ILE B 134 -29.15 11.44 -64.12
C ILE B 134 -28.03 12.16 -64.85
N ARG B 135 -28.24 13.43 -65.18
CA ARG B 135 -27.24 14.25 -65.91
C ARG B 135 -26.95 15.55 -65.17
N VAL B 136 -25.74 16.08 -65.36
CA VAL B 136 -25.49 17.49 -64.99
C VAL B 136 -25.03 18.25 -66.22
N ALA B 137 -25.70 19.35 -66.45
CA ALA B 137 -25.50 20.20 -67.63
C ALA B 137 -24.32 21.12 -67.31
N THR B 138 -23.58 21.56 -68.33
CA THR B 138 -22.51 22.54 -68.17
C THR B 138 -22.95 23.88 -68.74
N LYS B 139 -23.96 23.89 -69.61
CA LYS B 139 -24.46 25.17 -70.17
C LYS B 139 -24.90 26.08 -69.01
N GLN B 140 -24.53 27.36 -69.09
CA GLN B 140 -24.74 28.39 -68.03
C GLN B 140 -26.02 29.18 -68.32
N GLY B 141 -26.70 29.66 -67.27
CA GLY B 141 -27.91 30.52 -67.36
C GLY B 141 -29.20 29.74 -67.56
N ILE B 142 -29.21 28.42 -67.39
CA ILE B 142 -30.45 27.58 -67.51
C ILE B 142 -30.80 26.99 -66.15
N LYS B 143 -32.06 26.61 -66.02
CA LYS B 143 -32.62 25.99 -64.80
C LYS B 143 -32.36 24.48 -64.84
N SER B 144 -32.23 23.90 -63.65
CA SER B 144 -32.18 22.45 -63.43
C SER B 144 -33.58 21.85 -63.69
N THR B 145 -33.63 20.59 -64.06
CA THR B 145 -34.79 19.70 -63.85
C THR B 145 -34.32 18.60 -62.92
N ARG B 146 -35.22 17.70 -62.53
CA ARG B 146 -34.85 16.59 -61.64
C ARG B 146 -33.81 15.72 -62.35
N GLU B 147 -33.97 15.59 -63.68
CA GLU B 147 -33.20 14.66 -64.53
C GLU B 147 -31.88 15.28 -64.97
N VAL B 148 -31.85 16.60 -65.02
CA VAL B 148 -30.70 17.38 -65.57
C VAL B 148 -30.39 18.55 -64.65
N ILE B 149 -29.41 18.33 -63.78
CA ILE B 149 -28.92 19.38 -62.84
C ILE B 149 -28.06 20.37 -63.61
N ALA B 150 -28.38 21.65 -63.52
CA ALA B 150 -27.60 22.77 -64.06
C ALA B 150 -26.75 23.37 -62.95
N LEU B 151 -25.68 24.01 -63.35
CA LEU B 151 -24.70 24.56 -62.39
C LEU B 151 -24.63 26.05 -62.64
N ASN B 152 -24.48 26.79 -61.54
CA ASN B 152 -24.07 28.21 -61.56
C ASN B 152 -22.57 28.24 -61.28
N VAL B 153 -21.76 28.30 -62.32
CA VAL B 153 -20.27 28.29 -62.21
C VAL B 153 -19.79 29.73 -62.14
N ALA B 154 -18.92 30.04 -61.17
CA ALA B 154 -18.37 31.41 -61.04
C ALA B 154 -17.90 31.89 -62.43
N GLY B 155 -18.31 33.11 -62.82
CA GLY B 155 -17.90 33.75 -64.09
C GLY B 155 -18.50 33.03 -65.29
N ALA B 156 -19.50 32.19 -65.07
CA ALA B 156 -20.20 31.44 -66.15
C ALA B 156 -19.19 30.64 -67.00
N LEU B 157 -18.10 30.16 -66.42
CA LEU B 157 -17.13 29.30 -67.17
C LEU B 157 -17.81 28.02 -67.68
N ASP B 158 -17.39 27.50 -68.83
CA ASP B 158 -17.82 26.18 -69.35
C ASP B 158 -16.84 25.13 -68.84
N ILE B 159 -17.28 24.22 -67.96
CA ILE B 159 -16.34 23.27 -67.26
C ILE B 159 -16.31 21.93 -68.00
N TYR B 160 -17.10 21.75 -69.05
CA TYR B 160 -17.31 20.41 -69.66
C TYR B 160 -15.96 19.76 -70.02
N ASP B 161 -15.03 20.53 -70.59
CA ASP B 161 -13.76 19.95 -71.09
C ASP B 161 -12.77 19.69 -69.95
N ASP B 162 -13.08 20.14 -68.71
CA ASP B 162 -12.09 20.17 -67.60
C ASP B 162 -12.45 19.11 -66.55
N VAL B 163 -13.43 18.27 -66.83
CA VAL B 163 -13.92 17.23 -65.88
C VAL B 163 -13.89 15.91 -66.65
N GLU B 164 -13.14 14.94 -66.12
CA GLU B 164 -12.90 13.62 -66.77
C GLU B 164 -13.96 12.63 -66.27
N VAL B 165 -14.31 11.66 -67.11
CA VAL B 165 -14.98 10.40 -66.66
C VAL B 165 -14.16 9.90 -65.46
N GLY B 166 -14.82 9.42 -64.38
CA GLY B 166 -14.13 8.99 -63.14
C GLY B 166 -14.18 10.04 -62.03
N ARG B 167 -14.39 11.32 -62.33
CA ARG B 167 -14.53 12.34 -61.26
C ARG B 167 -15.87 12.19 -60.54
N GLN B 168 -16.00 12.89 -59.40
CA GLN B 168 -17.23 12.99 -58.58
C GLN B 168 -17.69 14.43 -58.56
N VAL B 169 -19.01 14.63 -58.69
CA VAL B 169 -19.70 15.92 -58.46
C VAL B 169 -20.43 15.77 -57.12
N LEU B 170 -19.99 16.52 -56.09
CA LEU B 170 -20.51 16.41 -54.70
C LEU B 170 -21.41 17.61 -54.46
N VAL B 171 -22.61 17.41 -53.92
CA VAL B 171 -23.60 18.49 -53.70
C VAL B 171 -23.91 18.62 -52.20
N ASP B 172 -23.86 19.88 -51.71
CA ASP B 172 -24.28 20.42 -50.40
C ASP B 172 -23.31 19.86 -49.34
N ASP B 173 -22.19 20.56 -49.14
CA ASP B 173 -21.17 20.17 -48.13
C ASP B 173 -20.92 18.66 -48.27
N GLY B 174 -20.80 18.22 -49.52
CA GLY B 174 -20.24 16.91 -49.87
C GLY B 174 -21.18 15.77 -49.54
N LYS B 175 -22.44 16.05 -49.25
CA LYS B 175 -23.38 15.01 -48.69
C LYS B 175 -23.83 14.01 -49.74
N LEU B 176 -23.98 14.42 -51.01
CA LEU B 176 -24.47 13.57 -52.13
C LEU B 176 -23.42 13.51 -53.23
N GLY B 177 -23.02 12.29 -53.56
CA GLY B 177 -22.02 11.91 -54.55
C GLY B 177 -22.69 11.54 -55.87
N LEU B 178 -22.23 12.18 -56.94
CA LEU B 178 -22.60 11.90 -58.34
C LEU B 178 -21.32 11.47 -59.06
N ARG B 179 -21.19 10.19 -59.44
CA ARG B 179 -20.02 9.68 -60.20
C ARG B 179 -20.22 9.96 -61.69
N VAL B 180 -19.27 10.65 -62.34
CA VAL B 180 -19.27 10.90 -63.82
C VAL B 180 -18.84 9.60 -64.51
N VAL B 181 -19.81 8.95 -65.15
CA VAL B 181 -19.67 7.61 -65.79
C VAL B 181 -19.44 7.81 -67.30
N ALA B 182 -20.05 8.83 -67.90
CA ALA B 182 -19.81 9.22 -69.31
C ALA B 182 -20.03 10.72 -69.52
N LYS B 183 -19.73 11.20 -70.73
CA LYS B 183 -19.90 12.61 -71.15
C LYS B 183 -20.61 12.61 -72.53
N ASP B 184 -21.70 13.37 -72.67
CA ASP B 184 -22.51 13.54 -73.92
C ASP B 184 -22.05 14.84 -74.64
N ASP B 185 -21.23 14.67 -75.68
CA ASP B 185 -20.64 15.78 -76.49
C ASP B 185 -21.77 16.61 -77.12
N ALA B 186 -22.90 15.98 -77.46
CA ALA B 186 -24.04 16.66 -78.11
C ALA B 186 -24.59 17.79 -77.22
N THR B 187 -24.81 17.51 -75.93
CA THR B 187 -25.49 18.43 -74.98
C THR B 187 -24.48 19.05 -74.00
N ARG B 188 -23.24 18.55 -73.99
CA ARG B 188 -22.15 18.96 -73.06
C ARG B 188 -22.67 18.69 -71.63
N GLU B 189 -23.19 17.47 -71.43
CA GLU B 189 -23.73 16.99 -70.14
C GLU B 189 -22.87 15.82 -69.69
N PHE B 190 -22.61 15.76 -68.39
CA PHE B 190 -22.10 14.59 -67.66
C PHE B 190 -23.24 13.63 -67.40
N GLU B 191 -23.06 12.39 -67.83
CA GLU B 191 -23.94 11.26 -67.42
C GLU B 191 -23.37 10.81 -66.07
N VAL B 192 -24.18 10.88 -65.02
CA VAL B 192 -23.73 10.56 -63.63
C VAL B 192 -24.63 9.51 -63.00
N GLU B 193 -24.03 8.74 -62.10
CA GLU B 193 -24.77 7.79 -61.24
C GLU B 193 -24.64 8.26 -59.78
N VAL B 194 -25.78 8.32 -59.11
CA VAL B 194 -25.93 8.66 -57.67
C VAL B 194 -25.20 7.58 -56.87
N GLU B 195 -24.21 7.96 -56.03
CA GLU B 195 -23.31 6.99 -55.32
C GLU B 195 -23.94 6.54 -54.01
N ASN B 196 -24.89 7.31 -53.48
CA ASN B 196 -25.47 7.21 -52.13
C ASN B 196 -26.78 7.98 -52.17
N ASP B 197 -27.77 7.61 -51.33
CA ASP B 197 -29.11 8.26 -51.23
C ASP B 197 -28.89 9.68 -50.73
N GLY B 198 -29.72 10.64 -51.16
CA GLY B 198 -29.73 12.01 -50.60
C GLY B 198 -30.41 13.02 -51.53
N ILE B 199 -30.19 14.31 -51.27
CA ILE B 199 -31.02 15.46 -51.77
C ILE B 199 -30.20 16.38 -52.66
N ILE B 200 -30.76 16.81 -53.81
CA ILE B 200 -30.23 17.99 -54.57
C ILE B 200 -31.22 19.15 -54.42
N ALA B 201 -30.81 20.18 -53.71
CA ALA B 201 -31.56 21.44 -53.50
C ALA B 201 -30.97 22.54 -54.37
N LYS B 202 -31.79 23.55 -54.66
CA LYS B 202 -31.39 24.80 -55.36
C LYS B 202 -30.31 25.55 -54.55
N GLN B 203 -29.41 26.23 -55.26
CA GLN B 203 -28.38 27.18 -54.75
C GLN B 203 -27.52 26.54 -53.63
N LYS B 204 -27.18 25.25 -53.71
CA LYS B 204 -26.24 24.56 -52.77
C LYS B 204 -24.83 24.47 -53.41
N GLY B 205 -23.78 24.51 -52.57
CA GLY B 205 -22.38 24.27 -52.98
C GLY B 205 -22.13 22.96 -53.71
N VAL B 206 -21.33 23.03 -54.78
CA VAL B 206 -20.90 21.86 -55.54
C VAL B 206 -19.36 21.87 -55.51
N ASN B 207 -18.82 20.70 -55.30
CA ASN B 207 -17.36 20.45 -55.33
C ASN B 207 -17.13 19.38 -56.37
N ILE B 208 -16.05 19.54 -57.12
CA ILE B 208 -15.59 18.51 -58.10
C ILE B 208 -14.12 18.25 -57.88
N PRO B 209 -13.78 17.44 -56.87
CA PRO B 209 -12.40 17.32 -56.39
C PRO B 209 -11.41 16.81 -57.43
N ASN B 210 -10.17 17.27 -57.29
CA ASN B 210 -8.97 16.79 -58.02
C ASN B 210 -9.12 17.15 -59.51
N THR B 211 -9.70 18.32 -59.81
CA THR B 211 -9.88 18.85 -61.19
C THR B 211 -9.07 20.13 -61.23
N LYS B 212 -8.77 20.62 -62.43
CA LYS B 212 -8.17 21.95 -62.59
C LYS B 212 -9.03 22.71 -63.58
N ILE B 213 -10.26 23.01 -63.20
CA ILE B 213 -11.09 23.92 -64.01
C ILE B 213 -10.35 25.26 -64.10
N PRO B 214 -10.16 25.83 -65.31
CA PRO B 214 -9.28 27.01 -65.47
C PRO B 214 -9.94 28.30 -64.98
N PHE B 215 -10.31 28.35 -63.69
CA PHE B 215 -10.74 29.64 -63.09
C PHE B 215 -9.53 30.55 -63.22
N PRO B 216 -9.76 31.82 -63.58
CA PRO B 216 -8.66 32.77 -63.67
C PRO B 216 -7.99 32.98 -62.29
N ALA B 217 -6.75 33.47 -62.28
CA ALA B 217 -5.98 33.70 -61.05
C ALA B 217 -6.70 34.80 -60.28
N LEU B 218 -7.29 35.73 -60.99
CA LEU B 218 -8.20 36.72 -60.36
C LEU B 218 -9.44 36.90 -61.23
N ALA B 219 -10.60 36.46 -60.74
CA ALA B 219 -11.88 36.66 -61.43
C ALA B 219 -12.31 38.11 -61.30
N GLU B 220 -13.09 38.66 -62.24
CA GLU B 220 -13.60 40.05 -62.16
C GLU B 220 -14.45 40.25 -60.90
N ARG B 221 -15.30 39.29 -60.54
CA ARG B 221 -16.17 39.46 -59.35
C ARG B 221 -15.28 39.65 -58.10
N ASP B 222 -14.22 38.88 -57.96
CA ASP B 222 -13.33 39.00 -56.79
C ASP B 222 -12.55 40.32 -56.86
N ASN B 223 -12.13 40.75 -58.04
CA ASN B 223 -11.41 42.04 -58.21
C ASN B 223 -12.33 43.13 -57.68
N ASP B 224 -13.58 43.08 -58.09
CA ASP B 224 -14.56 44.15 -57.79
C ASP B 224 -14.89 44.14 -56.27
N ASP B 225 -15.06 42.96 -55.66
CA ASP B 225 -15.29 42.83 -54.19
C ASP B 225 -14.06 43.36 -53.42
N ILE B 226 -12.85 43.00 -53.82
CA ILE B 226 -11.61 43.42 -53.10
C ILE B 226 -11.47 44.95 -53.20
N ARG B 227 -11.64 45.56 -54.40
CA ARG B 227 -11.51 47.04 -54.55
C ARG B 227 -12.57 47.73 -53.71
N PHE B 228 -13.78 47.19 -53.69
CA PHE B 228 -14.82 47.72 -52.78
C PHE B 228 -14.32 47.66 -51.33
N GLY B 229 -13.90 46.49 -50.86
CA GLY B 229 -13.52 46.37 -49.44
C GLY B 229 -12.37 47.34 -49.13
N LEU B 230 -11.41 47.45 -50.02
CA LEU B 230 -10.24 48.36 -49.84
C LEU B 230 -10.70 49.80 -49.71
N GLU B 231 -11.73 50.20 -50.47
CA GLU B 231 -12.31 51.57 -50.38
C GLU B 231 -12.99 51.73 -49.03
N GLN B 232 -13.59 50.68 -48.46
CA GLN B 232 -14.27 50.83 -47.13
C GLN B 232 -13.24 50.91 -46.00
N GLY B 233 -12.10 50.21 -46.14
CA GLY B 233 -11.04 50.18 -45.13
C GLY B 233 -11.02 48.79 -44.51
N ILE B 234 -10.19 47.90 -45.02
CA ILE B 234 -9.97 46.54 -44.45
C ILE B 234 -8.49 46.37 -44.10
N ASN B 235 -8.21 45.37 -43.27
CA ASN B 235 -6.84 45.09 -42.75
C ASN B 235 -6.37 43.79 -43.36
N PHE B 236 -7.29 42.90 -43.69
CA PHE B 236 -6.98 41.51 -44.11
C PHE B 236 -7.85 41.13 -45.32
N ILE B 237 -7.30 40.34 -46.23
CA ILE B 237 -8.07 39.61 -47.26
C ILE B 237 -7.80 38.14 -47.12
N ALA B 238 -8.86 37.33 -47.01
CA ALA B 238 -8.75 35.85 -47.06
C ALA B 238 -9.22 35.42 -48.43
N ILE B 239 -8.29 34.89 -49.22
CA ILE B 239 -8.47 34.58 -50.66
C ILE B 239 -8.90 33.11 -50.76
N SER B 240 -10.15 32.88 -51.19
CA SER B 240 -10.72 31.53 -51.32
C SER B 240 -10.02 30.74 -52.43
N PHE B 241 -9.87 29.44 -52.16
CA PHE B 241 -9.42 28.42 -53.12
C PHE B 241 -8.07 28.86 -53.71
N VAL B 242 -7.10 29.22 -52.86
CA VAL B 242 -5.74 29.53 -53.40
C VAL B 242 -5.10 28.24 -53.92
N ARG B 243 -4.62 28.25 -55.14
CA ARG B 243 -4.00 27.05 -55.76
C ARG B 243 -2.48 27.21 -55.90
N THR B 244 -1.99 28.42 -56.10
CA THR B 244 -0.59 28.72 -56.40
C THR B 244 -0.22 30.07 -55.79
N ALA B 245 1.06 30.40 -55.77
CA ALA B 245 1.53 31.76 -55.43
C ALA B 245 0.85 32.80 -56.32
N LYS B 246 0.55 32.49 -57.58
CA LYS B 246 -0.01 33.49 -58.53
C LYS B 246 -1.36 33.99 -58.00
N ASP B 247 -2.20 33.12 -57.42
CA ASP B 247 -3.52 33.53 -56.90
C ASP B 247 -3.33 34.60 -55.80
N VAL B 248 -2.26 34.49 -55.03
CA VAL B 248 -1.98 35.48 -53.98
C VAL B 248 -1.43 36.76 -54.63
N ASN B 249 -0.40 36.61 -55.47
CA ASN B 249 0.28 37.78 -56.09
C ASN B 249 -0.69 38.66 -56.90
N GLU B 250 -1.71 38.10 -57.54
CA GLU B 250 -2.72 38.94 -58.25
C GLU B 250 -3.41 39.89 -57.29
N VAL B 251 -3.73 39.44 -56.06
CA VAL B 251 -4.37 40.34 -55.07
C VAL B 251 -3.35 41.34 -54.50
N ARG B 252 -2.12 40.89 -54.17
CA ARG B 252 -1.00 41.79 -53.77
C ARG B 252 -0.88 42.99 -54.77
N ALA B 253 -0.99 42.75 -56.06
CA ALA B 253 -0.85 43.76 -57.15
C ALA B 253 -2.00 44.79 -57.04
N ILE B 254 -3.20 44.38 -56.63
CA ILE B 254 -4.34 45.33 -56.43
C ILE B 254 -4.06 46.20 -55.22
N CYS B 255 -3.59 45.57 -54.13
CA CYS B 255 -3.28 46.28 -52.89
C CYS B 255 -2.18 47.28 -53.17
N GLU B 256 -1.15 46.88 -53.91
CA GLU B 256 -0.03 47.80 -54.24
C GLU B 256 -0.54 48.97 -55.10
N GLU B 257 -1.25 48.68 -56.18
CA GLU B 257 -1.76 49.69 -57.13
C GLU B 257 -2.57 50.76 -56.39
N THR B 258 -3.36 50.36 -55.39
CA THR B 258 -4.36 51.27 -54.76
C THR B 258 -3.78 51.97 -53.54
N GLY B 259 -2.51 51.79 -53.20
CA GLY B 259 -1.89 52.38 -52.00
C GLY B 259 -2.33 51.67 -50.72
N ASN B 260 -2.64 50.37 -50.79
CA ASN B 260 -3.08 49.53 -49.64
C ASN B 260 -2.02 48.43 -49.37
N GLY B 261 -0.75 48.80 -49.46
CA GLY B 261 0.39 47.88 -49.26
C GLY B 261 0.37 47.21 -47.90
N HIS B 262 -0.27 47.85 -46.92
CA HIS B 262 -0.36 47.40 -45.51
C HIS B 262 -1.35 46.24 -45.37
N VAL B 263 -2.24 46.03 -46.32
CA VAL B 263 -3.28 44.99 -46.21
C VAL B 263 -2.61 43.60 -46.24
N GLN B 264 -2.96 42.75 -45.30
CA GLN B 264 -2.38 41.39 -45.21
C GLN B 264 -3.26 40.36 -45.92
N LEU B 265 -2.59 39.47 -46.63
CA LEU B 265 -3.22 38.44 -47.45
C LEU B 265 -3.11 37.07 -46.76
N PHE B 266 -4.26 36.47 -46.50
CA PHE B 266 -4.33 35.10 -45.98
C PHE B 266 -4.79 34.20 -47.13
N ALA B 267 -3.96 33.25 -47.48
CA ALA B 267 -4.38 32.24 -48.48
C ALA B 267 -5.30 31.25 -47.76
N LYS B 268 -6.48 31.00 -48.32
CA LYS B 268 -7.33 29.87 -47.89
C LYS B 268 -6.87 28.61 -48.60
N ILE B 269 -6.47 27.62 -47.81
CA ILE B 269 -6.06 26.31 -48.34
C ILE B 269 -7.28 25.40 -48.24
N GLU B 270 -7.84 25.01 -49.39
CA GLU B 270 -9.07 24.19 -49.33
C GLU B 270 -9.19 23.26 -50.51
N ASN B 271 -8.09 22.94 -51.19
CA ASN B 271 -8.11 21.84 -52.16
C ASN B 271 -6.74 21.21 -52.25
N GLN B 272 -6.64 20.15 -53.02
CA GLN B 272 -5.39 19.37 -53.11
C GLN B 272 -4.27 20.26 -53.68
N GLN B 273 -4.56 21.06 -54.70
CA GLN B 273 -3.52 21.91 -55.35
C GLN B 273 -2.92 22.89 -54.30
N GLY B 274 -3.78 23.50 -53.50
CA GLY B 274 -3.31 24.37 -52.38
C GLY B 274 -2.37 23.63 -51.45
N ILE B 275 -2.76 22.43 -51.04
CA ILE B 275 -1.92 21.56 -50.18
C ILE B 275 -0.61 21.28 -50.92
N ASP B 276 -0.67 20.92 -52.20
CA ASP B 276 0.55 20.54 -52.97
C ASP B 276 1.50 21.76 -53.07
N ASN B 277 0.98 22.97 -53.18
CA ASN B 277 1.79 24.19 -53.40
C ASN B 277 1.94 25.00 -52.10
N LEU B 278 1.77 24.37 -50.96
CA LEU B 278 1.64 25.12 -49.67
C LEU B 278 2.89 25.96 -49.44
N ASP B 279 4.08 25.40 -49.72
CA ASP B 279 5.34 26.11 -49.41
C ASP B 279 5.36 27.45 -50.18
N GLU B 280 5.15 27.45 -51.50
CA GLU B 280 5.23 28.70 -52.30
C GLU B 280 4.08 29.64 -51.90
N ILE B 281 2.94 29.10 -51.46
CA ILE B 281 1.76 29.92 -51.08
C ILE B 281 2.10 30.65 -49.78
N ILE B 282 2.67 29.91 -48.83
CA ILE B 282 3.08 30.52 -47.54
C ILE B 282 4.09 31.63 -47.85
N GLU B 283 5.04 31.40 -48.77
CA GLU B 283 6.07 32.42 -49.11
C GLU B 283 5.40 33.71 -49.58
N ALA B 284 4.39 33.60 -50.43
CA ALA B 284 3.75 34.75 -51.12
C ALA B 284 2.81 35.49 -50.17
N ALA B 285 2.23 34.78 -49.20
CA ALA B 285 1.14 35.26 -48.33
C ALA B 285 1.67 35.78 -47.00
N ASP B 286 0.79 36.44 -46.25
CA ASP B 286 1.03 36.95 -44.87
C ASP B 286 0.57 35.89 -43.88
N GLY B 287 -0.09 34.86 -44.36
CA GLY B 287 -0.72 33.89 -43.45
C GLY B 287 -1.58 32.92 -44.20
N ILE B 288 -2.11 31.95 -43.46
CA ILE B 288 -2.95 30.87 -44.04
C ILE B 288 -4.22 30.77 -43.24
N MET B 289 -5.36 30.70 -43.93
CA MET B 289 -6.62 30.24 -43.29
C MET B 289 -6.81 28.78 -43.66
N ILE B 290 -6.91 27.89 -42.65
CA ILE B 290 -7.12 26.44 -42.85
C ILE B 290 -8.62 26.28 -43.03
N ALA B 291 -9.04 26.27 -44.29
CA ALA B 291 -10.46 26.33 -44.70
C ALA B 291 -10.99 24.91 -44.71
N ARG B 292 -11.25 24.39 -43.51
CA ARG B 292 -11.47 22.94 -43.34
C ARG B 292 -12.79 22.50 -44.00
N GLY B 293 -13.76 23.40 -44.15
CA GLY B 293 -15.06 22.99 -44.74
C GLY B 293 -14.88 22.50 -46.17
N ASP B 294 -14.37 23.34 -47.07
CA ASP B 294 -14.08 22.85 -48.43
C ASP B 294 -12.95 21.82 -48.41
N MET B 295 -11.93 21.98 -47.58
CA MET B 295 -10.81 21.02 -47.63
C MET B 295 -11.32 19.61 -47.42
N GLY B 296 -12.24 19.42 -46.49
CA GLY B 296 -12.69 18.09 -46.08
C GLY B 296 -13.64 17.47 -47.09
N ILE B 297 -14.00 18.20 -48.15
CA ILE B 297 -14.74 17.67 -49.33
C ILE B 297 -13.74 17.37 -50.46
N GLU B 298 -12.76 18.24 -50.64
CA GLU B 298 -11.81 18.20 -51.79
C GLU B 298 -10.70 17.18 -51.58
N VAL B 299 -10.34 16.85 -50.33
CA VAL B 299 -9.35 15.82 -49.97
C VAL B 299 -10.06 14.83 -49.04
N PRO B 300 -9.50 13.65 -48.79
CA PRO B 300 -10.13 12.70 -47.86
C PRO B 300 -10.33 13.36 -46.49
N PHE B 301 -11.53 13.24 -45.93
CA PHE B 301 -11.89 14.00 -44.70
C PHE B 301 -10.92 13.60 -43.57
N GLU B 302 -10.48 12.35 -43.55
CA GLU B 302 -9.64 11.83 -42.45
C GLU B 302 -8.21 12.38 -42.57
N MET B 303 -7.87 13.02 -43.68
CA MET B 303 -6.53 13.67 -43.83
C MET B 303 -6.55 15.09 -43.29
N VAL B 304 -7.71 15.70 -43.05
CA VAL B 304 -7.73 17.12 -42.64
C VAL B 304 -6.94 17.36 -41.35
N PRO B 305 -7.07 16.52 -40.30
CA PRO B 305 -6.29 16.74 -39.07
C PRO B 305 -4.78 16.66 -39.29
N VAL B 306 -4.31 15.79 -40.20
CA VAL B 306 -2.84 15.70 -40.52
C VAL B 306 -2.39 17.02 -41.16
N TYR B 307 -3.12 17.48 -42.18
CA TYR B 307 -2.80 18.74 -42.89
C TYR B 307 -2.93 19.93 -41.93
N GLN B 308 -3.89 19.93 -41.02
CA GLN B 308 -4.07 21.03 -40.07
C GLN B 308 -2.81 21.17 -39.22
N LYS B 309 -2.33 20.09 -38.64
CA LYS B 309 -1.16 20.18 -37.75
C LYS B 309 0.07 20.64 -38.54
N MET B 310 0.21 20.10 -39.74
CA MET B 310 1.38 20.39 -40.61
C MET B 310 1.36 21.86 -41.04
N ILE B 311 0.19 22.35 -41.44
CA ILE B 311 0.10 23.77 -41.88
C ILE B 311 0.43 24.69 -40.70
N ILE B 312 -0.08 24.41 -39.53
CA ILE B 312 0.15 25.31 -38.36
C ILE B 312 1.67 25.35 -38.12
N LYS B 313 2.33 24.20 -38.13
CA LYS B 313 3.79 24.14 -37.87
C LYS B 313 4.53 25.00 -38.91
N LYS B 314 4.22 24.82 -40.18
CA LYS B 314 4.95 25.49 -41.30
C LYS B 314 4.70 27.00 -41.27
N VAL B 315 3.47 27.42 -41.02
CA VAL B 315 3.14 28.86 -41.01
C VAL B 315 3.85 29.52 -39.82
N ASN B 316 3.78 28.91 -38.64
CA ASN B 316 4.51 29.45 -37.46
C ASN B 316 6.03 29.55 -37.70
N ALA B 317 6.64 28.54 -38.32
CA ALA B 317 8.10 28.51 -38.57
C ALA B 317 8.44 29.63 -39.57
N ALA B 318 7.47 30.06 -40.37
CA ALA B 318 7.63 31.16 -41.36
C ALA B 318 7.41 32.54 -40.71
N GLY B 319 6.98 32.59 -39.46
CA GLY B 319 6.72 33.85 -38.74
C GLY B 319 5.41 34.49 -39.19
N LYS B 320 4.44 33.70 -39.60
CA LYS B 320 3.22 34.21 -40.25
C LYS B 320 2.04 33.76 -39.39
N VAL B 321 0.84 34.18 -39.79
CA VAL B 321 -0.41 33.97 -39.00
C VAL B 321 -1.19 32.79 -39.55
N VAL B 322 -1.62 31.87 -38.69
CA VAL B 322 -2.53 30.78 -39.11
C VAL B 322 -3.85 30.90 -38.37
N ILE B 323 -4.91 30.80 -39.14
CA ILE B 323 -6.32 30.74 -38.68
C ILE B 323 -6.82 29.34 -38.90
N THR B 324 -7.36 28.70 -37.85
CA THR B 324 -8.08 27.43 -37.99
C THR B 324 -9.58 27.75 -38.13
N ALA B 325 -10.25 27.22 -39.16
CA ALA B 325 -11.65 27.59 -39.47
C ALA B 325 -12.56 26.38 -39.70
N THR B 326 -13.85 26.64 -39.45
CA THR B 326 -15.03 25.90 -39.94
C THR B 326 -15.44 24.78 -38.99
N ASN B 327 -16.71 24.87 -38.58
CA ASN B 327 -17.46 23.88 -37.77
C ASN B 327 -16.91 23.80 -36.33
N MET B 328 -16.14 24.79 -35.87
CA MET B 328 -15.43 24.70 -34.57
C MET B 328 -16.46 24.56 -33.43
N LEU B 329 -17.57 25.30 -33.46
CA LEU B 329 -18.68 25.16 -32.48
C LEU B 329 -20.02 25.01 -33.25
N GLU B 330 -20.04 24.19 -34.27
CA GLU B 330 -21.14 24.12 -35.29
C GLU B 330 -22.51 23.98 -34.61
N THR B 331 -22.63 23.09 -33.63
CA THR B 331 -23.93 22.82 -32.92
C THR B 331 -24.53 24.10 -32.34
N MET B 332 -23.69 25.09 -31.98
CA MET B 332 -24.16 26.32 -31.32
C MET B 332 -24.89 27.23 -32.33
N THR B 333 -24.90 26.87 -33.61
CA THR B 333 -25.73 27.56 -34.64
C THR B 333 -27.20 27.44 -34.17
N GLU B 334 -27.55 26.29 -33.59
CA GLU B 334 -28.98 25.89 -33.33
C GLU B 334 -29.22 25.63 -31.83
N LYS B 335 -28.19 25.38 -31.02
CA LYS B 335 -28.31 25.03 -29.58
C LYS B 335 -27.39 25.89 -28.73
N PRO B 336 -27.73 26.11 -27.45
CA PRO B 336 -26.95 26.99 -26.61
C PRO B 336 -25.67 26.39 -26.03
N ARG B 337 -25.39 25.12 -26.27
CA ARG B 337 -24.17 24.45 -25.74
C ARG B 337 -23.50 23.71 -26.90
N ALA B 338 -22.17 23.71 -26.93
CA ALA B 338 -21.42 22.97 -27.95
C ALA B 338 -21.33 21.51 -27.53
N THR B 339 -21.10 20.61 -28.48
CA THR B 339 -20.85 19.19 -28.18
C THR B 339 -19.47 19.01 -27.56
N ARG B 340 -19.21 17.85 -27.00
CA ARG B 340 -17.86 17.47 -26.48
C ARG B 340 -16.81 17.46 -27.60
N SER B 341 -17.17 17.04 -28.81
CA SER B 341 -16.23 16.99 -29.96
C SER B 341 -15.90 18.42 -30.41
N GLU B 342 -16.83 19.35 -30.31
CA GLU B 342 -16.57 20.75 -30.67
C GLU B 342 -15.60 21.37 -29.66
N VAL B 343 -15.82 21.18 -28.36
CA VAL B 343 -14.89 21.74 -27.35
C VAL B 343 -13.50 21.14 -27.59
N SER B 344 -13.44 19.83 -27.85
CA SER B 344 -12.16 19.14 -28.08
C SER B 344 -11.43 19.74 -29.29
N ASP B 345 -12.18 20.03 -30.34
CA ASP B 345 -11.62 20.58 -31.59
C ASP B 345 -11.03 21.96 -31.33
N VAL B 346 -11.73 22.86 -30.65
CA VAL B 346 -11.16 24.20 -30.36
C VAL B 346 -9.90 24.04 -29.48
N PHE B 347 -10.00 23.30 -28.37
CA PHE B 347 -8.86 23.06 -27.45
C PHE B 347 -7.63 22.55 -28.22
N ASN B 348 -7.83 21.57 -29.10
CA ASN B 348 -6.72 20.92 -29.83
C ASN B 348 -6.14 21.85 -30.91
N ALA B 349 -6.92 22.74 -31.51
CA ALA B 349 -6.39 23.74 -32.47
C ALA B 349 -5.41 24.63 -31.71
N VAL B 350 -5.75 25.03 -30.50
CA VAL B 350 -4.80 25.85 -29.68
C VAL B 350 -3.52 25.04 -29.43
N ILE B 351 -3.64 23.79 -28.98
CA ILE B 351 -2.46 22.97 -28.59
C ILE B 351 -1.56 22.77 -29.80
N ASP B 352 -2.17 22.61 -30.98
CA ASP B 352 -1.49 22.43 -32.29
C ASP B 352 -0.58 23.65 -32.59
N GLY B 353 -1.01 24.83 -32.16
CA GLY B 353 -0.25 26.09 -32.28
C GLY B 353 -0.96 27.17 -33.06
N THR B 354 -2.30 27.07 -33.26
CA THR B 354 -2.98 28.10 -34.08
C THR B 354 -2.79 29.50 -33.50
N ASP B 355 -2.68 30.52 -34.35
CA ASP B 355 -2.73 31.92 -33.85
C ASP B 355 -4.17 32.31 -33.54
N ALA B 356 -5.10 31.81 -34.36
CA ALA B 356 -6.52 32.22 -34.31
C ALA B 356 -7.43 31.01 -34.59
N THR B 357 -8.62 31.11 -34.02
CA THR B 357 -9.76 30.20 -34.24
C THR B 357 -10.88 31.04 -34.82
N MET B 358 -11.75 30.40 -35.58
CA MET B 358 -12.77 31.14 -36.34
C MET B 358 -14.17 30.57 -36.09
N LEU B 359 -15.16 31.46 -36.15
CA LEU B 359 -16.62 31.17 -36.18
C LEU B 359 -17.16 31.68 -37.53
N SER B 360 -17.99 30.87 -38.15
CA SER B 360 -18.68 31.17 -39.45
C SER B 360 -20.18 31.36 -39.15
N GLY B 361 -21.01 30.38 -39.47
CA GLY B 361 -22.46 30.40 -39.20
C GLY B 361 -22.79 30.63 -37.74
N GLU B 362 -21.96 30.14 -36.80
CA GLU B 362 -22.19 30.32 -35.35
C GLU B 362 -22.36 31.78 -34.98
N SER B 363 -21.55 32.69 -35.54
CA SER B 363 -21.64 34.13 -35.22
C SER B 363 -22.46 34.88 -36.27
N ALA B 364 -22.50 34.41 -37.51
CA ALA B 364 -23.12 35.22 -38.61
C ALA B 364 -24.64 35.01 -38.69
N ASN B 365 -25.09 33.78 -38.51
CA ASN B 365 -26.45 33.30 -38.92
C ASN B 365 -27.15 32.56 -37.78
N GLY B 366 -26.45 32.20 -36.71
CA GLY B 366 -27.06 31.30 -35.71
C GLY B 366 -27.89 32.04 -34.69
N LYS B 367 -28.51 31.28 -33.79
CA LYS B 367 -29.35 31.82 -32.72
C LYS B 367 -28.54 32.24 -31.51
N TYR B 368 -27.24 31.94 -31.41
CA TYR B 368 -26.44 32.21 -30.19
C TYR B 368 -25.06 32.83 -30.53
N PRO B 369 -24.99 33.96 -31.27
CA PRO B 369 -23.71 34.54 -31.67
C PRO B 369 -22.86 34.96 -30.49
N LEU B 370 -23.45 35.57 -29.46
CA LEU B 370 -22.66 36.04 -28.30
C LEU B 370 -22.13 34.82 -27.53
N GLU B 371 -22.99 33.84 -27.31
CA GLU B 371 -22.61 32.65 -26.52
C GLU B 371 -21.50 31.91 -27.28
N SER B 372 -21.58 31.83 -28.62
CA SER B 372 -20.56 31.16 -29.47
C SER B 372 -19.18 31.81 -29.25
N VAL B 373 -19.10 33.13 -29.29
CA VAL B 373 -17.82 33.87 -29.08
C VAL B 373 -17.33 33.65 -27.64
N THR B 374 -18.21 33.77 -26.64
CA THR B 374 -17.86 33.54 -25.20
C THR B 374 -17.32 32.12 -24.99
N THR B 375 -18.02 31.11 -25.49
CA THR B 375 -17.63 29.68 -25.38
C THR B 375 -16.25 29.52 -26.03
N MET B 376 -16.07 30.04 -27.23
CA MET B 376 -14.76 29.85 -27.90
C MET B 376 -13.65 30.52 -27.06
N ALA B 377 -13.89 31.70 -26.53
CA ALA B 377 -12.91 32.46 -25.73
C ALA B 377 -12.57 31.67 -24.47
N THR B 378 -13.58 31.17 -23.77
CA THR B 378 -13.36 30.32 -22.56
C THR B 378 -12.47 29.13 -22.91
N ILE B 379 -12.75 28.42 -23.97
CA ILE B 379 -11.93 27.24 -24.34
C ILE B 379 -10.50 27.71 -24.67
N ASP B 380 -10.39 28.71 -25.53
CA ASP B 380 -9.07 29.24 -25.96
C ASP B 380 -8.24 29.66 -24.73
N LYS B 381 -8.83 30.34 -23.77
CA LYS B 381 -8.11 30.80 -22.56
C LYS B 381 -7.65 29.63 -21.71
N ASN B 382 -8.45 28.56 -21.59
CA ASN B 382 -8.03 27.37 -20.79
C ASN B 382 -6.92 26.65 -21.54
N ALA B 383 -7.05 26.47 -22.86
CA ALA B 383 -6.05 25.74 -23.67
C ALA B 383 -4.69 26.44 -23.58
N GLN B 384 -4.65 27.78 -23.51
CA GLN B 384 -3.34 28.48 -23.59
C GLN B 384 -2.53 28.08 -22.36
N ALA B 385 -3.18 27.77 -21.25
CA ALA B 385 -2.48 27.46 -19.97
C ALA B 385 -1.82 26.08 -20.06
N LEU B 386 -2.13 25.26 -21.06
CA LEU B 386 -1.57 23.89 -21.25
C LEU B 386 -0.57 23.81 -22.39
N LEU B 387 -0.19 24.96 -22.97
CA LEU B 387 0.82 25.01 -24.05
C LEU B 387 2.21 24.58 -23.53
N ASN B 388 2.60 25.02 -22.34
CA ASN B 388 3.88 24.55 -21.72
C ASN B 388 3.91 23.03 -21.68
N GLU B 389 2.86 22.37 -21.18
CA GLU B 389 2.79 20.89 -21.03
C GLU B 389 2.57 20.15 -22.38
N TYR B 390 1.72 20.62 -23.30
CA TYR B 390 1.18 19.79 -24.42
C TYR B 390 1.45 20.43 -25.78
N GLY B 391 1.90 21.69 -25.83
CA GLY B 391 1.99 22.47 -27.09
C GLY B 391 2.86 21.72 -28.11
N ARG B 392 2.39 21.61 -29.35
CA ARG B 392 3.08 20.96 -30.48
C ARG B 392 4.25 21.83 -30.99
N LEU B 393 4.10 23.14 -31.01
CA LEU B 393 5.16 24.03 -31.58
C LEU B 393 6.45 23.93 -30.73
N ASP B 394 7.57 24.00 -31.43
CA ASP B 394 8.91 23.77 -30.82
C ASP B 394 9.83 24.90 -31.27
N SER B 395 9.82 26.02 -30.54
CA SER B 395 10.61 27.24 -30.91
C SER B 395 12.11 26.95 -30.78
N ASP B 396 12.48 26.01 -29.92
CA ASP B 396 13.92 25.60 -29.78
C ASP B 396 14.50 25.17 -31.14
N SER B 397 13.72 24.62 -32.07
CA SER B 397 14.29 24.08 -33.33
C SER B 397 14.50 25.18 -34.38
N PHE B 398 13.99 26.40 -34.19
CA PHE B 398 14.08 27.40 -35.28
C PHE B 398 15.51 27.87 -35.45
N GLU B 399 15.88 28.15 -36.70
CA GLU B 399 17.06 28.98 -37.03
C GLU B 399 16.68 30.44 -36.76
N ARG B 400 17.47 31.14 -35.96
CA ARG B 400 17.23 32.58 -35.68
C ARG B 400 17.86 33.34 -36.84
N ASN B 401 17.06 33.92 -37.74
CA ASN B 401 17.55 34.32 -39.08
C ASN B 401 17.89 35.82 -39.13
N SER B 402 17.75 36.55 -38.02
CA SER B 402 18.08 37.99 -37.98
C SER B 402 18.28 38.40 -36.52
N LYS B 403 18.87 39.56 -36.32
CA LYS B 403 19.12 40.08 -34.96
C LYS B 403 17.80 40.37 -34.23
N THR B 404 16.74 40.76 -34.91
CA THR B 404 15.46 40.94 -34.19
C THR B 404 14.96 39.57 -33.71
N GLU B 405 15.11 38.52 -34.52
CA GLU B 405 14.72 37.15 -34.11
C GLU B 405 15.56 36.65 -32.94
N VAL B 406 16.87 36.97 -32.91
CA VAL B 406 17.73 36.57 -31.75
C VAL B 406 17.16 37.25 -30.50
N MET B 407 16.71 38.50 -30.63
CA MET B 407 16.14 39.24 -29.48
C MET B 407 14.81 38.55 -29.10
N ALA B 408 14.02 38.11 -30.07
CA ALA B 408 12.75 37.41 -29.77
C ALA B 408 13.00 36.10 -29.00
N SER B 409 14.01 35.34 -29.41
CA SER B 409 14.42 34.12 -28.70
C SER B 409 14.84 34.47 -27.26
N ALA B 410 15.61 35.54 -27.07
CA ALA B 410 16.08 35.94 -25.73
C ALA B 410 14.88 36.35 -24.86
N VAL B 411 13.91 37.04 -25.44
CA VAL B 411 12.66 37.37 -24.71
C VAL B 411 11.99 36.09 -24.23
N LYS B 412 11.80 35.10 -25.13
CA LYS B 412 11.18 33.82 -24.76
C LYS B 412 11.98 33.19 -23.59
N ASP B 413 13.30 33.22 -23.69
CA ASP B 413 14.19 32.67 -22.64
C ASP B 413 13.88 33.35 -21.30
N ALA B 414 13.76 34.68 -21.26
CA ALA B 414 13.50 35.42 -20.02
C ALA B 414 12.14 35.02 -19.45
N THR B 415 11.13 34.81 -20.29
CA THR B 415 9.78 34.40 -19.79
C THR B 415 9.78 32.94 -19.30
N SER B 416 10.73 32.11 -19.73
CA SER B 416 10.90 30.70 -19.23
C SER B 416 11.71 30.71 -17.94
N SER B 417 12.63 31.64 -17.74
CA SER B 417 13.53 31.76 -16.58
C SER B 417 12.79 32.27 -15.33
N MET B 418 11.83 33.15 -15.48
CA MET B 418 11.13 33.79 -14.32
C MET B 418 9.71 34.13 -14.74
N ASP B 419 8.89 34.57 -13.80
CA ASP B 419 7.47 34.93 -14.04
C ASP B 419 7.44 36.34 -14.63
N ILE B 420 7.12 36.44 -15.92
CA ILE B 420 7.04 37.72 -16.64
C ILE B 420 5.56 37.95 -16.92
N LYS B 421 5.03 39.06 -16.40
CA LYS B 421 3.59 39.39 -16.51
C LYS B 421 3.31 39.85 -17.93
N LEU B 422 4.29 40.50 -18.58
CA LEU B 422 4.03 41.14 -19.88
C LEU B 422 5.35 41.35 -20.60
N VAL B 423 5.31 41.18 -21.91
CA VAL B 423 6.41 41.60 -22.81
C VAL B 423 5.92 42.86 -23.50
N VAL B 424 6.68 43.95 -23.45
CA VAL B 424 6.31 45.16 -24.24
C VAL B 424 7.32 45.40 -25.35
N THR B 425 6.80 45.66 -26.56
CA THR B 425 7.64 46.02 -27.72
C THR B 425 7.14 47.36 -28.27
N LEU B 426 8.07 48.27 -28.50
CA LEU B 426 7.82 49.53 -29.24
C LEU B 426 8.20 49.26 -30.69
N THR B 427 7.20 49.17 -31.55
CA THR B 427 7.37 48.64 -32.90
C THR B 427 6.66 49.57 -33.89
N LYS B 428 7.43 50.05 -34.87
CA LYS B 428 6.95 50.97 -35.91
C LYS B 428 6.09 50.20 -36.91
N THR B 429 6.54 49.02 -37.35
CA THR B 429 5.91 48.22 -38.42
C THR B 429 5.20 46.97 -37.85
N GLY B 430 5.48 46.57 -36.60
CA GLY B 430 4.94 45.34 -36.04
C GLY B 430 5.90 44.18 -36.21
N HIS B 431 7.02 44.35 -36.94
CA HIS B 431 7.99 43.25 -37.17
C HIS B 431 8.42 42.60 -35.85
N THR B 432 8.83 43.40 -34.87
CA THR B 432 9.35 42.84 -33.59
C THR B 432 8.23 42.08 -32.90
N ALA B 433 7.00 42.61 -32.89
CA ALA B 433 5.87 41.91 -32.24
C ALA B 433 5.59 40.56 -32.92
N ARG B 434 5.65 40.50 -34.24
CA ARG B 434 5.42 39.28 -35.01
C ARG B 434 6.48 38.23 -34.63
N LEU B 435 7.74 38.65 -34.54
CA LEU B 435 8.82 37.69 -34.17
C LEU B 435 8.66 37.25 -32.72
N ILE B 436 8.31 38.15 -31.83
CA ILE B 436 8.09 37.75 -30.43
C ILE B 436 6.92 36.74 -30.39
N SER B 437 5.84 37.02 -31.10
CA SER B 437 4.64 36.16 -31.17
C SER B 437 4.99 34.76 -31.72
N LYS B 438 5.80 34.70 -32.75
CA LYS B 438 6.30 33.47 -33.37
C LYS B 438 6.85 32.53 -32.27
N TYR B 439 7.62 33.08 -31.34
CA TYR B 439 8.29 32.30 -30.28
C TYR B 439 7.33 31.87 -29.18
N ARG B 440 6.09 32.37 -29.11
CA ARG B 440 5.06 31.86 -28.15
C ARG B 440 5.59 31.97 -26.74
N PRO B 441 5.96 33.18 -26.30
CA PRO B 441 6.45 33.39 -24.94
C PRO B 441 5.35 33.11 -23.92
N ASN B 442 5.79 32.82 -22.70
CA ASN B 442 4.96 32.56 -21.51
C ASN B 442 4.51 33.92 -20.94
N ALA B 443 3.79 34.74 -21.72
CA ALA B 443 3.43 36.11 -21.32
C ALA B 443 2.58 36.72 -22.44
N ASP B 444 1.74 37.66 -22.09
CA ASP B 444 1.07 38.54 -23.07
C ASP B 444 2.09 39.50 -23.70
N ILE B 445 1.84 39.92 -24.94
CA ILE B 445 2.74 40.84 -25.70
C ILE B 445 1.97 42.14 -25.91
N LEU B 446 2.37 43.24 -25.28
CA LEU B 446 1.79 44.57 -25.58
C LEU B 446 2.62 45.18 -26.71
N ALA B 447 2.01 45.38 -27.87
CA ALA B 447 2.69 45.99 -29.04
C ALA B 447 2.30 47.47 -29.16
N LEU B 448 3.23 48.35 -28.75
CA LEU B 448 3.05 49.82 -28.81
C LEU B 448 3.50 50.26 -30.18
N THR B 449 2.55 50.71 -30.99
CA THR B 449 2.85 51.13 -32.37
C THR B 449 2.22 52.51 -32.62
N PHE B 450 2.51 53.11 -33.77
CA PHE B 450 2.37 54.58 -33.92
C PHE B 450 1.39 54.93 -35.02
N ASP B 451 0.65 53.99 -35.57
CA ASP B 451 -0.40 54.35 -36.56
C ASP B 451 -1.47 53.28 -36.46
N GLU B 452 -2.71 53.60 -36.78
CA GLU B 452 -3.83 52.65 -36.59
C GLU B 452 -3.72 51.48 -37.55
N LEU B 453 -3.14 51.64 -38.73
CA LEU B 453 -3.12 50.52 -39.71
C LEU B 453 -2.18 49.43 -39.18
N THR B 454 -1.05 49.82 -38.62
CA THR B 454 -0.13 48.84 -37.97
C THR B 454 -0.83 48.17 -36.80
N GLU B 455 -1.48 48.95 -35.96
CA GLU B 455 -2.25 48.49 -34.80
C GLU B 455 -3.21 47.39 -35.23
N ARG B 456 -4.12 47.69 -36.15
CA ARG B 456 -5.16 46.72 -36.60
C ARG B 456 -4.52 45.51 -37.28
N GLY B 457 -3.42 45.70 -37.98
CA GLY B 457 -2.73 44.61 -38.70
C GLY B 457 -2.12 43.55 -37.77
N LEU B 458 -1.97 43.82 -36.46
CA LEU B 458 -1.42 42.88 -35.43
C LEU B 458 -2.52 42.14 -34.71
N MET B 459 -3.79 42.35 -35.08
CA MET B 459 -4.87 41.84 -34.19
C MET B 459 -5.08 40.33 -34.31
N LEU B 460 -4.47 39.64 -35.28
CA LEU B 460 -4.60 38.16 -35.36
C LEU B 460 -3.28 37.45 -35.02
N ASN B 461 -2.23 38.15 -34.62
CA ASN B 461 -1.00 37.46 -34.13
C ASN B 461 -1.22 36.94 -32.72
N TRP B 462 -0.87 35.68 -32.49
CA TRP B 462 -0.94 35.06 -31.14
C TRP B 462 -0.35 35.99 -30.10
N GLY B 463 -1.13 36.21 -29.04
CA GLY B 463 -0.72 36.83 -27.78
C GLY B 463 -0.54 38.34 -27.86
N VAL B 464 -0.67 38.95 -29.03
CA VAL B 464 -0.36 40.39 -29.23
C VAL B 464 -1.57 41.27 -28.89
N ILE B 465 -1.36 42.22 -27.99
CA ILE B 465 -2.32 43.32 -27.65
C ILE B 465 -1.78 44.60 -28.24
N PRO B 466 -2.31 45.01 -29.40
CA PRO B 466 -1.81 46.21 -30.05
C PRO B 466 -2.37 47.46 -29.37
N MET B 467 -1.57 48.53 -29.30
CA MET B 467 -1.98 49.78 -28.61
C MET B 467 -1.31 50.94 -29.32
N LEU B 468 -2.09 51.97 -29.59
CA LEU B 468 -1.62 53.14 -30.35
C LEU B 468 -0.96 54.09 -29.36
N THR B 469 0.20 54.62 -29.69
CA THR B 469 0.88 55.66 -28.87
C THR B 469 1.64 56.60 -29.81
N ASP B 470 2.09 57.77 -29.32
CA ASP B 470 2.92 58.68 -30.14
C ASP B 470 4.27 58.02 -30.44
N ALA B 471 4.82 58.27 -31.62
CA ALA B 471 6.20 57.86 -31.98
C ALA B 471 7.14 58.48 -30.94
N PRO B 472 8.04 57.69 -30.29
CA PRO B 472 8.94 58.26 -29.30
C PRO B 472 9.98 59.13 -30.00
N SER B 473 10.33 60.26 -29.39
CA SER B 473 11.43 61.16 -29.82
C SER B 473 12.76 60.68 -29.20
N SER B 474 13.86 61.33 -29.58
CA SER B 474 15.23 61.04 -29.08
C SER B 474 15.33 61.39 -27.59
N THR B 475 14.44 62.22 -27.08
CA THR B 475 14.42 62.72 -25.68
C THR B 475 13.57 61.81 -24.75
N ASP B 476 12.68 60.96 -25.28
CA ASP B 476 11.71 60.18 -24.46
C ASP B 476 12.43 59.00 -23.78
N ASP B 477 11.92 58.60 -22.63
CA ASP B 477 12.32 57.36 -21.91
C ASP B 477 11.35 56.27 -22.38
N MET B 478 11.76 55.45 -23.34
CA MET B 478 10.83 54.44 -23.92
C MET B 478 10.47 53.39 -22.87
N PHE B 479 11.30 53.16 -21.83
CA PHE B 479 11.02 52.10 -20.82
C PHE B 479 9.97 52.61 -19.84
N GLU B 480 10.01 53.92 -19.57
CA GLU B 480 8.99 54.61 -18.73
C GLU B 480 7.66 54.67 -19.52
N ILE B 481 7.71 54.90 -20.82
CA ILE B 481 6.50 54.92 -21.68
C ILE B 481 5.87 53.52 -21.62
N ALA B 482 6.69 52.48 -21.76
CA ALA B 482 6.20 51.09 -21.80
C ALA B 482 5.47 50.78 -20.51
N GLU B 483 6.07 51.10 -19.39
CA GLU B 483 5.47 50.81 -18.07
C GLU B 483 4.17 51.62 -17.95
N ARG B 484 4.20 52.88 -18.33
CA ARG B 484 3.00 53.75 -18.18
C ARG B 484 1.86 53.22 -19.05
N LYS B 485 2.10 52.86 -20.30
CA LYS B 485 1.02 52.34 -21.18
C LYS B 485 0.49 51.02 -20.60
N ALA B 486 1.37 50.15 -20.09
CA ALA B 486 0.96 48.85 -19.53
C ALA B 486 0.07 49.11 -18.30
N VAL B 487 0.44 50.07 -17.47
CA VAL B 487 -0.34 50.35 -16.23
C VAL B 487 -1.70 50.94 -16.66
N GLU B 488 -1.69 51.88 -17.58
CA GLU B 488 -2.96 52.54 -18.00
C GLU B 488 -3.86 51.51 -18.67
N ALA B 489 -3.34 50.51 -19.39
CA ALA B 489 -4.18 49.46 -19.99
C ALA B 489 -4.67 48.46 -18.93
N GLY B 490 -4.25 48.56 -17.68
CA GLY B 490 -4.60 47.60 -16.62
C GLY B 490 -4.01 46.21 -16.83
N LEU B 491 -2.90 46.09 -17.54
CA LEU B 491 -2.23 44.79 -17.82
C LEU B 491 -1.27 44.38 -16.68
N VAL B 492 -0.79 45.33 -15.90
CA VAL B 492 0.27 45.12 -14.87
C VAL B 492 -0.09 46.01 -13.68
N GLU B 493 0.42 45.63 -12.51
CA GLU B 493 0.33 46.50 -11.32
C GLU B 493 1.67 46.43 -10.61
N SER B 494 1.78 47.21 -9.55
CA SER B 494 3.02 47.37 -8.74
C SER B 494 3.60 46.01 -8.41
N GLY B 495 4.91 45.87 -8.63
CA GLY B 495 5.66 44.66 -8.30
C GLY B 495 5.71 43.66 -9.44
N ASP B 496 4.93 43.83 -10.51
CA ASP B 496 4.97 42.86 -11.64
C ASP B 496 6.33 43.04 -12.35
N ASP B 497 6.90 41.97 -12.89
CA ASP B 497 8.15 42.07 -13.72
C ASP B 497 7.72 42.03 -15.18
N ILE B 498 8.28 42.93 -15.97
CA ILE B 498 8.00 43.00 -17.41
C ILE B 498 9.31 42.99 -18.19
N VAL B 499 9.21 42.53 -19.42
CA VAL B 499 10.33 42.58 -20.40
C VAL B 499 9.94 43.60 -21.43
N ILE B 500 10.80 44.59 -21.66
CA ILE B 500 10.57 45.63 -22.68
C ILE B 500 11.67 45.56 -23.74
N VAL B 501 11.33 45.57 -25.00
CA VAL B 501 12.34 45.66 -26.07
C VAL B 501 12.04 46.91 -26.87
N ALA B 502 13.08 47.47 -27.47
CA ALA B 502 12.99 48.69 -28.32
C ALA B 502 14.29 48.86 -29.08
N GLY B 503 14.28 49.70 -30.11
CA GLY B 503 15.49 50.20 -30.78
C GLY B 503 15.99 51.45 -30.08
N VAL B 504 17.06 51.32 -29.28
CA VAL B 504 17.63 52.40 -28.43
C VAL B 504 19.00 52.80 -28.95
N PRO B 505 19.32 54.11 -29.08
CA PRO B 505 18.35 55.20 -28.94
C PRO B 505 17.66 55.47 -30.28
N VAL B 506 16.49 56.11 -30.22
CA VAL B 506 15.74 56.53 -31.41
C VAL B 506 16.66 57.45 -32.25
N GLY B 507 16.75 57.18 -33.55
CA GLY B 507 17.61 57.97 -34.45
C GLY B 507 18.93 57.26 -34.73
N GLU B 508 19.41 56.44 -33.78
CA GLU B 508 20.68 55.72 -33.98
C GLU B 508 20.36 54.25 -34.21
N ALA B 509 19.52 53.63 -33.39
CA ALA B 509 19.15 52.21 -33.56
C ALA B 509 18.58 51.97 -34.97
N VAL B 510 18.93 50.84 -35.59
CA VAL B 510 18.39 50.45 -36.91
C VAL B 510 17.44 49.25 -36.77
N ARG B 511 17.16 48.81 -35.55
CA ARG B 511 16.25 47.68 -35.29
C ARG B 511 16.07 47.60 -33.78
N THR B 512 15.19 46.73 -33.35
CA THR B 512 15.06 46.41 -31.92
C THR B 512 16.37 45.78 -31.50
N ASN B 513 17.05 46.38 -30.53
CA ASN B 513 18.45 46.02 -30.19
C ASN B 513 18.62 45.93 -28.68
N THR B 514 17.56 46.14 -27.92
CA THR B 514 17.63 46.27 -26.46
C THR B 514 16.52 45.46 -25.83
N MET B 515 16.87 44.78 -24.74
CA MET B 515 15.95 44.13 -23.81
C MET B 515 16.23 44.62 -22.40
N ARG B 516 15.18 45.06 -21.72
CA ARG B 516 15.24 45.52 -20.30
C ARG B 516 14.28 44.67 -19.50
N ILE B 517 14.67 44.21 -18.32
CA ILE B 517 13.75 43.63 -17.33
C ILE B 517 13.49 44.71 -16.30
N ARG B 518 12.23 44.97 -16.06
CA ARG B 518 11.83 46.15 -15.24
C ARG B 518 10.74 45.72 -14.28
N THR B 519 10.85 46.17 -13.04
CA THR B 519 9.77 45.95 -12.05
C THR B 519 8.84 47.17 -12.02
N VAL B 520 7.54 46.96 -12.16
CA VAL B 520 6.55 48.08 -12.22
C VAL B 520 6.51 48.72 -10.83
N ARG B 521 6.58 50.05 -10.79
CA ARG B 521 6.58 50.88 -9.55
C ARG B 521 5.28 50.62 -8.79
N MET C 21 32.52 -7.83 -7.95
CA MET C 21 31.96 -7.74 -9.31
C MET C 21 33.02 -8.14 -10.35
N ASN C 22 32.56 -8.49 -11.54
CA ASN C 22 33.42 -8.84 -12.69
C ASN C 22 33.86 -7.57 -13.41
N LYS C 23 35.09 -7.55 -13.86
CA LYS C 23 35.67 -6.42 -14.59
C LYS C 23 35.29 -6.52 -16.06
N ARG C 24 34.45 -5.61 -16.54
CA ARG C 24 33.94 -5.69 -17.92
C ARG C 24 34.98 -5.14 -18.90
N VAL C 25 35.75 -4.14 -18.49
CA VAL C 25 36.76 -3.56 -19.39
C VAL C 25 38.00 -4.47 -19.39
N LYS C 26 38.48 -4.79 -20.57
CA LYS C 26 39.54 -5.80 -20.76
C LYS C 26 40.88 -5.13 -20.64
N ILE C 27 41.85 -5.87 -20.12
CA ILE C 27 43.25 -5.39 -19.99
C ILE C 27 44.15 -6.18 -20.94
N VAL C 28 44.86 -5.43 -21.77
CA VAL C 28 46.06 -5.92 -22.52
C VAL C 28 47.32 -5.56 -21.74
N ALA C 29 48.12 -6.57 -21.36
CA ALA C 29 49.39 -6.35 -20.64
C ALA C 29 50.55 -6.81 -21.52
N THR C 30 51.50 -5.90 -21.76
CA THR C 30 52.70 -6.22 -22.55
C THR C 30 53.65 -6.98 -21.64
N LEU C 31 54.26 -8.06 -22.14
CA LEU C 31 55.15 -8.90 -21.31
C LEU C 31 56.56 -8.55 -21.70
N GLY C 32 57.45 -8.72 -20.76
CA GLY C 32 58.87 -8.51 -21.01
C GLY C 32 59.64 -9.12 -19.84
N PRO C 33 60.88 -8.70 -19.64
CA PRO C 33 61.70 -9.27 -18.56
C PRO C 33 61.21 -8.94 -17.16
N ALA C 34 60.33 -7.95 -16.96
CA ALA C 34 59.93 -7.53 -15.60
C ALA C 34 59.40 -8.72 -14.80
N VAL C 35 58.65 -9.63 -15.41
CA VAL C 35 58.01 -10.76 -14.67
C VAL C 35 58.97 -11.97 -14.67
N GLU C 36 60.11 -11.88 -15.36
CA GLU C 36 60.89 -13.11 -15.72
C GLU C 36 62.05 -13.24 -14.73
N ILE C 37 62.15 -14.40 -14.10
CA ILE C 37 63.26 -14.74 -13.16
C ILE C 37 64.32 -15.53 -13.94
N ARG C 38 65.60 -15.23 -13.70
CA ARG C 38 66.72 -15.86 -14.46
C ARG C 38 67.72 -16.36 -13.41
N GLY C 39 67.75 -17.68 -13.16
CA GLY C 39 68.51 -18.32 -12.05
C GLY C 39 68.34 -17.58 -10.72
N GLY C 40 67.09 -17.38 -10.28
CA GLY C 40 66.77 -16.74 -8.98
C GLY C 40 66.91 -15.22 -8.99
N LYS C 41 67.41 -14.63 -10.09
CA LYS C 41 67.61 -13.15 -10.20
C LYS C 41 66.38 -12.48 -10.83
N LYS C 42 66.04 -11.29 -10.32
CA LYS C 42 64.98 -10.37 -10.82
C LYS C 42 65.59 -9.40 -11.85
N PHE C 43 64.79 -8.91 -12.79
CA PHE C 43 65.25 -7.93 -13.80
C PHE C 43 65.81 -6.72 -13.08
N GLY C 44 66.94 -6.19 -13.55
CA GLY C 44 67.69 -5.12 -12.86
C GLY C 44 68.96 -5.66 -12.20
N GLU C 45 68.87 -6.81 -11.51
CA GLU C 45 69.94 -7.34 -10.62
C GLU C 45 71.17 -7.76 -11.43
N ASP C 46 72.36 -7.59 -10.86
CA ASP C 46 73.64 -7.78 -11.59
C ASP C 46 73.72 -9.24 -12.06
N GLY C 47 74.13 -9.46 -13.30
CA GLY C 47 74.30 -10.80 -13.88
C GLY C 47 73.02 -11.42 -14.40
N TYR C 48 71.87 -10.74 -14.19
CA TYR C 48 70.53 -11.19 -14.62
C TYR C 48 70.62 -11.87 -15.98
N TRP C 49 71.15 -11.16 -16.98
CA TRP C 49 71.16 -11.60 -18.41
C TRP C 49 72.11 -12.77 -18.62
N GLY C 50 73.04 -12.99 -17.69
CA GLY C 50 73.99 -14.13 -17.67
C GLY C 50 73.33 -15.45 -17.27
N GLU C 51 72.15 -15.43 -16.61
CA GLU C 51 71.47 -16.64 -16.09
C GLU C 51 70.50 -17.20 -17.14
N LYS C 52 70.11 -18.46 -16.97
CA LYS C 52 69.06 -19.13 -17.79
C LYS C 52 67.68 -18.71 -17.24
N LEU C 53 66.68 -18.64 -18.11
CA LEU C 53 65.30 -18.30 -17.72
C LEU C 53 64.79 -19.37 -16.77
N ASP C 54 64.34 -19.00 -15.56
CA ASP C 54 63.52 -19.91 -14.71
C ASP C 54 62.07 -19.90 -15.21
N VAL C 55 61.69 -20.90 -16.01
CA VAL C 55 60.37 -20.90 -16.70
C VAL C 55 59.25 -21.06 -15.65
N GLU C 56 59.37 -21.97 -14.65
CA GLU C 56 58.25 -22.21 -13.72
C GLU C 56 58.06 -20.94 -12.86
N ALA C 57 59.14 -20.36 -12.35
CA ALA C 57 59.11 -19.15 -11.51
C ALA C 57 58.51 -17.98 -12.32
N SER C 58 58.86 -17.88 -13.60
CA SER C 58 58.37 -16.79 -14.49
C SER C 58 56.89 -17.03 -14.76
N ALA C 59 56.51 -18.27 -15.03
CA ALA C 59 55.10 -18.67 -15.27
C ALA C 59 54.25 -18.35 -14.05
N LYS C 60 54.77 -18.51 -12.85
CA LYS C 60 53.98 -18.22 -11.61
C LYS C 60 53.74 -16.71 -11.51
N ASN C 61 54.73 -15.89 -11.88
CA ASN C 61 54.54 -14.42 -11.84
C ASN C 61 53.48 -14.03 -12.88
N ILE C 62 53.61 -14.52 -14.11
CA ILE C 62 52.60 -14.28 -15.17
C ILE C 62 51.21 -14.72 -14.67
N ALA C 63 51.11 -15.86 -13.98
CA ALA C 63 49.84 -16.36 -13.40
C ALA C 63 49.20 -15.29 -12.52
N LYS C 64 49.99 -14.56 -11.74
CA LYS C 64 49.40 -13.56 -10.82
C LYS C 64 48.84 -12.41 -11.67
N LEU C 65 49.49 -12.07 -12.78
CA LEU C 65 48.97 -10.98 -13.66
C LEU C 65 47.61 -11.44 -14.21
N ILE C 66 47.48 -12.70 -14.64
CA ILE C 66 46.17 -13.24 -15.14
C ILE C 66 45.13 -13.10 -14.03
N GLU C 67 45.45 -13.56 -12.82
CA GLU C 67 44.53 -13.49 -11.65
C GLU C 67 44.12 -12.02 -11.38
N ALA C 68 45.01 -11.06 -11.57
CA ALA C 68 44.70 -9.65 -11.23
C ALA C 68 43.85 -9.00 -12.38
N GLY C 69 43.66 -9.67 -13.52
CA GLY C 69 42.72 -9.19 -14.57
C GLY C 69 43.38 -8.90 -15.90
N ALA C 70 44.63 -9.31 -16.14
CA ALA C 70 45.14 -9.32 -17.52
C ALA C 70 44.28 -10.30 -18.33
N ASN C 71 43.73 -9.84 -19.45
CA ASN C 71 42.87 -10.66 -20.33
C ASN C 71 43.59 -11.10 -21.59
N THR C 72 44.68 -10.44 -21.93
CA THR C 72 45.44 -10.71 -23.16
C THR C 72 46.85 -10.26 -22.88
N PHE C 73 47.86 -11.01 -23.32
CA PHE C 73 49.25 -10.53 -23.30
C PHE C 73 49.67 -10.11 -24.69
N ARG C 74 50.42 -8.99 -24.72
CA ARG C 74 51.02 -8.38 -25.92
C ARG C 74 52.48 -8.78 -25.96
N PHE C 75 52.87 -9.36 -27.10
CA PHE C 75 54.27 -9.69 -27.47
C PHE C 75 54.69 -8.67 -28.47
N ASN C 76 55.54 -7.71 -28.07
CA ASN C 76 55.93 -6.55 -28.88
C ASN C 76 57.15 -6.97 -29.71
N PHE C 77 56.97 -7.24 -31.02
CA PHE C 77 58.08 -7.73 -31.89
C PHE C 77 59.02 -6.57 -32.26
N SER C 78 58.78 -5.35 -31.77
CA SER C 78 59.77 -4.25 -31.88
C SER C 78 61.01 -4.58 -31.05
N HIS C 79 60.86 -5.36 -29.99
CA HIS C 79 61.94 -5.66 -29.00
C HIS C 79 62.02 -7.17 -28.75
N GLY C 80 63.14 -7.80 -29.06
CA GLY C 80 63.40 -9.20 -28.70
C GLY C 80 63.26 -10.09 -29.92
N ASP C 81 64.20 -11.00 -30.15
CA ASP C 81 64.25 -11.79 -31.40
C ASP C 81 63.20 -12.90 -31.34
N HIS C 82 62.99 -13.65 -32.44
CA HIS C 82 62.02 -14.78 -32.42
C HIS C 82 62.22 -15.74 -31.24
N GLN C 83 63.47 -16.06 -30.89
CA GLN C 83 63.70 -17.06 -29.83
C GLN C 83 63.12 -16.56 -28.51
N GLU C 84 63.38 -15.28 -28.20
CA GLU C 84 62.89 -14.63 -26.95
C GLU C 84 61.34 -14.64 -26.96
N GLN C 85 60.73 -14.26 -28.10
CA GLN C 85 59.25 -14.12 -28.20
C GLN C 85 58.63 -15.50 -27.98
N GLY C 86 59.15 -16.53 -28.65
CA GLY C 86 58.62 -17.90 -28.64
C GLY C 86 58.74 -18.51 -27.26
N GLU C 87 59.86 -18.28 -26.56
CA GLU C 87 60.04 -18.72 -25.16
C GLU C 87 59.03 -18.03 -24.23
N ARG C 88 58.81 -16.74 -24.41
CA ARG C 88 57.84 -16.01 -23.55
C ARG C 88 56.44 -16.54 -23.84
N MET C 89 56.07 -16.82 -25.10
CA MET C 89 54.71 -17.34 -25.40
C MET C 89 54.53 -18.69 -24.71
N ALA C 90 55.58 -19.52 -24.71
CA ALA C 90 55.53 -20.84 -24.05
C ALA C 90 55.34 -20.63 -22.54
N THR C 91 56.04 -19.67 -21.96
CA THR C 91 55.93 -19.41 -20.50
C THR C 91 54.49 -19.04 -20.13
N VAL C 92 53.82 -18.25 -20.98
CA VAL C 92 52.40 -17.85 -20.73
C VAL C 92 51.51 -19.09 -20.77
N LYS C 93 51.73 -20.00 -21.73
CA LYS C 93 50.92 -21.27 -21.82
C LYS C 93 51.02 -22.06 -20.50
N LEU C 94 52.18 -22.07 -19.83
CA LEU C 94 52.29 -22.68 -18.47
C LEU C 94 51.50 -21.84 -17.46
N ALA C 95 51.58 -20.51 -17.54
CA ALA C 95 50.93 -19.61 -16.55
C ALA C 95 49.44 -19.83 -16.61
N GLU C 96 48.88 -20.03 -17.80
CA GLU C 96 47.44 -20.29 -17.95
C GLU C 96 47.06 -21.53 -17.11
N LYS C 97 47.90 -22.57 -17.14
CA LYS C 97 47.61 -23.85 -16.43
C LYS C 97 47.70 -23.60 -14.92
N ILE C 98 48.70 -22.85 -14.50
CA ILE C 98 48.85 -22.44 -13.07
C ILE C 98 47.68 -21.61 -12.62
N ALA C 99 47.22 -20.63 -13.41
CA ALA C 99 46.13 -19.71 -12.95
C ALA C 99 44.77 -20.39 -13.06
N GLY C 100 44.65 -21.45 -13.86
CA GLY C 100 43.36 -22.08 -14.18
C GLY C 100 42.50 -21.21 -15.10
N LYS C 101 43.11 -20.28 -15.86
CA LYS C 101 42.36 -19.30 -16.70
C LYS C 101 43.14 -19.03 -17.98
N LYS C 102 42.45 -19.03 -19.11
CA LYS C 102 43.05 -18.77 -20.43
C LYS C 102 43.11 -17.25 -20.64
N VAL C 103 44.01 -16.81 -21.49
CA VAL C 103 44.15 -15.40 -21.95
C VAL C 103 44.38 -15.39 -23.45
N GLY C 104 44.16 -14.23 -24.05
CA GLY C 104 44.53 -14.04 -25.45
C GLY C 104 46.02 -13.82 -25.63
N PHE C 105 46.48 -14.13 -26.82
CA PHE C 105 47.85 -13.88 -27.30
C PHE C 105 47.79 -12.86 -28.42
N LEU C 106 48.45 -11.74 -28.22
CA LEU C 106 48.48 -10.63 -29.20
C LEU C 106 49.92 -10.37 -29.63
N LEU C 107 50.13 -10.38 -30.94
CA LEU C 107 51.43 -10.04 -31.54
C LEU C 107 51.33 -8.60 -32.03
N ASP C 108 52.30 -7.78 -31.68
CA ASP C 108 52.37 -6.36 -32.10
C ASP C 108 53.58 -6.21 -33.01
N THR C 109 53.38 -5.80 -34.25
CA THR C 109 54.41 -5.77 -35.30
C THR C 109 55.41 -4.62 -35.04
N LYS C 110 56.62 -4.78 -35.54
CA LYS C 110 57.59 -3.66 -35.56
C LYS C 110 57.08 -2.56 -36.49
N GLY C 111 56.78 -2.91 -37.74
CA GLY C 111 56.26 -1.96 -38.72
C GLY C 111 57.33 -0.94 -39.11
N PRO C 112 56.94 0.16 -39.78
CA PRO C 112 57.88 1.09 -40.41
C PRO C 112 58.62 2.05 -39.46
N GLU C 113 59.21 1.51 -38.42
CA GLU C 113 60.03 2.30 -37.46
C GLU C 113 61.26 2.90 -38.16
N ILE C 114 61.60 4.13 -37.77
CA ILE C 114 62.89 4.82 -38.07
C ILE C 114 63.57 5.01 -36.72
N ARG C 115 64.83 4.58 -36.59
CA ARG C 115 65.58 4.80 -35.33
C ARG C 115 66.91 5.51 -35.67
N THR C 116 67.48 6.20 -34.69
CA THR C 116 68.83 6.81 -34.82
C THR C 116 69.84 5.65 -34.85
N GLU C 117 70.90 5.83 -35.60
CA GLU C 117 71.91 4.77 -35.74
C GLU C 117 72.77 4.72 -34.47
N LEU C 118 73.58 3.66 -34.36
CA LEU C 118 74.80 3.64 -33.51
C LEU C 118 75.72 4.78 -33.98
N PHE C 119 76.40 5.42 -33.03
CA PHE C 119 77.45 6.44 -33.28
C PHE C 119 78.82 5.75 -33.48
N GLU C 120 79.71 6.44 -34.18
CA GLU C 120 81.17 6.14 -34.23
C GLU C 120 81.76 6.27 -32.81
N GLY C 121 82.61 5.33 -32.41
CA GLY C 121 83.26 5.31 -31.09
C GLY C 121 82.53 4.36 -30.16
N GLU C 122 82.61 4.61 -28.86
CA GLU C 122 81.69 4.02 -27.86
C GLU C 122 80.80 5.15 -27.32
N ALA C 123 80.74 6.28 -28.04
CA ALA C 123 79.72 7.33 -27.89
C ALA C 123 78.34 6.64 -27.96
N LYS C 124 77.57 6.71 -26.88
CA LYS C 124 76.16 6.23 -26.75
C LYS C 124 75.19 7.40 -27.07
N GLU C 125 75.63 8.65 -26.87
CA GLU C 125 74.78 9.85 -27.04
C GLU C 125 75.62 11.13 -27.08
N TYR C 126 75.03 12.21 -27.61
CA TYR C 126 75.56 13.59 -27.60
C TYR C 126 74.42 14.53 -27.23
N SER C 127 74.72 15.57 -26.43
CA SER C 127 73.81 16.68 -26.06
C SER C 127 73.91 17.78 -27.12
N TYR C 128 72.80 18.43 -27.49
CA TYR C 128 72.77 19.59 -28.43
C TYR C 128 72.05 20.74 -27.75
N LYS C 129 72.22 21.94 -28.32
CA LYS C 129 71.69 23.23 -27.81
C LYS C 129 70.98 23.89 -28.99
N THR C 130 69.96 24.69 -28.73
CA THR C 130 69.03 25.30 -29.71
C THR C 130 69.83 26.05 -30.76
N GLY C 131 69.35 26.13 -32.01
CA GLY C 131 69.97 26.90 -33.13
C GLY C 131 71.22 26.24 -33.77
N GLU C 132 71.89 25.33 -33.06
CA GLU C 132 73.10 24.58 -33.51
C GLU C 132 72.78 23.85 -34.83
N LYS C 133 73.57 24.07 -35.90
CA LYS C 133 73.25 23.50 -37.24
C LYS C 133 74.06 22.21 -37.46
N ILE C 134 73.35 21.11 -37.79
CA ILE C 134 73.91 19.74 -38.00
C ILE C 134 73.26 19.15 -39.27
N ARG C 135 73.55 17.88 -39.58
CA ARG C 135 72.97 17.20 -40.76
C ARG C 135 72.44 15.82 -40.36
N VAL C 136 71.44 15.31 -41.08
CA VAL C 136 70.99 13.90 -40.95
C VAL C 136 71.13 13.23 -42.32
N ALA C 137 71.86 12.11 -42.31
CA ALA C 137 72.17 11.24 -43.48
C ALA C 137 70.96 10.36 -43.80
N THR C 138 70.73 10.13 -45.10
CA THR C 138 69.73 9.20 -45.68
C THR C 138 70.38 7.88 -46.11
N LYS C 139 71.69 7.84 -46.28
CA LYS C 139 72.43 6.58 -46.62
C LYS C 139 72.33 5.59 -45.45
N GLN C 140 72.02 4.34 -45.78
CA GLN C 140 71.70 3.27 -44.79
C GLN C 140 72.94 2.44 -44.47
N GLY C 141 72.97 1.84 -43.29
CA GLY C 141 74.04 0.92 -42.85
C GLY C 141 75.32 1.68 -42.55
N ILE C 142 75.23 2.92 -42.07
CA ILE C 142 76.42 3.70 -41.64
C ILE C 142 76.21 4.14 -40.19
N LYS C 143 77.28 4.45 -39.47
CA LYS C 143 77.20 4.91 -38.06
C LYS C 143 76.97 6.42 -38.09
N SER C 144 76.33 6.95 -37.04
CA SER C 144 76.21 8.40 -36.79
C SER C 144 77.57 8.93 -36.30
N THR C 145 77.81 10.22 -36.51
CA THR C 145 78.70 11.11 -35.72
C THR C 145 77.87 12.20 -35.02
N ARG C 146 78.47 12.96 -34.11
CA ARG C 146 77.82 14.14 -33.47
C ARG C 146 77.24 15.10 -34.52
N GLU C 147 77.87 15.26 -35.68
CA GLU C 147 77.54 16.33 -36.66
C GLU C 147 76.68 15.78 -37.81
N VAL C 148 76.74 14.46 -38.06
CA VAL C 148 75.96 13.81 -39.16
C VAL C 148 75.22 12.61 -38.55
N ILE C 149 73.92 12.81 -38.32
CA ILE C 149 73.03 11.79 -37.69
C ILE C 149 72.60 10.83 -38.80
N ALA C 150 72.84 9.53 -38.61
CA ALA C 150 72.31 8.53 -39.55
C ALA C 150 71.09 7.83 -38.94
N LEU C 151 70.27 7.31 -39.85
CA LEU C 151 68.98 6.66 -39.52
C LEU C 151 69.04 5.20 -39.95
N ASN C 152 68.55 4.34 -39.06
CA ASN C 152 68.12 2.96 -39.34
C ASN C 152 66.65 3.02 -39.76
N VAL C 153 66.39 3.14 -41.06
CA VAL C 153 65.02 3.15 -41.67
C VAL C 153 64.62 1.69 -41.95
N ALA C 154 63.45 1.27 -41.47
CA ALA C 154 62.86 -0.05 -41.77
C ALA C 154 63.06 -0.45 -43.26
N GLY C 155 63.62 -1.64 -43.52
CA GLY C 155 63.83 -2.14 -44.90
C GLY C 155 64.92 -1.38 -45.65
N ALA C 156 65.70 -0.55 -44.93
CA ALA C 156 66.81 0.26 -45.47
C ALA C 156 66.34 1.15 -46.63
N LEU C 157 65.14 1.71 -46.56
CA LEU C 157 64.65 2.65 -47.61
C LEU C 157 65.52 3.90 -47.63
N ASP C 158 65.70 4.49 -48.82
CA ASP C 158 66.31 5.83 -49.02
C ASP C 158 65.18 6.84 -48.91
N ILE C 159 65.19 7.69 -47.89
CA ILE C 159 64.02 8.62 -47.66
C ILE C 159 64.32 10.01 -48.25
N TYR C 160 65.48 10.25 -48.90
CA TYR C 160 65.90 11.65 -49.24
C TYR C 160 64.80 12.37 -50.03
N ASP C 161 64.16 11.73 -51.01
CA ASP C 161 63.25 12.47 -51.94
C ASP C 161 61.84 12.56 -51.36
N ASP C 162 61.62 12.14 -50.11
CA ASP C 162 60.28 12.11 -49.47
C ASP C 162 60.17 13.16 -48.37
N VAL C 163 61.25 13.76 -47.94
CA VAL C 163 61.11 14.78 -46.87
C VAL C 163 61.61 16.10 -47.46
N GLU C 164 60.73 17.10 -47.37
CA GLU C 164 60.86 18.48 -47.94
C GLU C 164 61.54 19.39 -46.92
N VAL C 165 62.11 20.49 -47.40
CA VAL C 165 62.50 21.64 -46.56
C VAL C 165 61.23 22.05 -45.79
N GLY C 166 61.39 22.42 -44.52
CA GLY C 166 60.28 22.77 -43.61
C GLY C 166 59.74 21.58 -42.83
N ARG C 167 60.05 20.34 -43.23
CA ARG C 167 59.61 19.15 -42.46
C ARG C 167 60.45 19.05 -41.19
N GLN C 168 59.91 18.30 -40.25
CA GLN C 168 60.51 18.18 -38.90
C GLN C 168 60.92 16.71 -38.71
N VAL C 169 62.14 16.51 -38.22
CA VAL C 169 62.69 15.20 -37.79
C VAL C 169 62.73 15.23 -36.28
N LEU C 170 61.84 14.46 -35.64
CA LEU C 170 61.69 14.47 -34.18
C LEU C 170 62.41 13.26 -33.62
N VAL C 171 63.24 13.47 -32.62
CA VAL C 171 64.04 12.37 -32.04
C VAL C 171 63.63 12.10 -30.61
N ASP C 172 63.37 10.83 -30.31
CA ASP C 172 63.13 10.23 -28.97
C ASP C 172 61.82 10.72 -28.32
N ASP C 173 60.70 10.07 -28.60
CA ASP C 173 59.38 10.42 -28.01
C ASP C 173 59.10 11.89 -28.34
N GLY C 174 59.61 12.38 -29.48
CA GLY C 174 59.31 13.73 -29.97
C GLY C 174 60.01 14.79 -29.11
N LYS C 175 61.03 14.41 -28.34
CA LYS C 175 61.66 15.30 -27.32
C LYS C 175 62.55 16.36 -28.00
N LEU C 176 63.30 15.96 -29.03
CA LEU C 176 64.22 16.89 -29.74
C LEU C 176 63.74 17.09 -31.17
N GLY C 177 63.58 18.35 -31.58
CA GLY C 177 63.12 18.73 -32.93
C GLY C 177 64.27 19.19 -33.79
N LEU C 178 64.28 18.77 -35.05
CA LEU C 178 65.29 19.17 -36.06
C LEU C 178 64.52 19.69 -37.27
N ARG C 179 64.77 20.93 -37.61
CA ARG C 179 64.06 21.60 -38.71
C ARG C 179 64.91 21.44 -39.98
N VAL C 180 64.33 20.83 -41.00
CA VAL C 180 64.98 20.69 -42.32
C VAL C 180 64.95 22.08 -42.97
N VAL C 181 66.08 22.78 -42.87
CA VAL C 181 66.29 24.13 -43.49
C VAL C 181 66.72 23.92 -44.95
N ALA C 182 67.72 23.06 -45.19
CA ALA C 182 68.27 22.80 -46.55
C ALA C 182 68.60 21.30 -46.77
N LYS C 183 68.75 20.95 -48.07
CA LYS C 183 69.03 19.58 -48.61
C LYS C 183 70.25 19.61 -49.54
N ASP C 184 71.25 18.76 -49.25
CA ASP C 184 72.56 18.61 -49.93
C ASP C 184 72.51 17.38 -50.88
N ASP C 185 72.12 17.58 -52.15
CA ASP C 185 71.96 16.51 -53.19
C ASP C 185 73.24 15.67 -53.34
N ALA C 186 74.41 16.26 -53.07
CA ALA C 186 75.75 15.63 -53.25
C ALA C 186 75.90 14.43 -52.32
N THR C 187 75.46 14.57 -51.06
CA THR C 187 75.60 13.57 -49.97
C THR C 187 74.25 12.91 -49.63
N ARG C 188 73.14 13.39 -50.22
CA ARG C 188 71.75 13.02 -49.85
C ARG C 188 71.56 13.21 -48.33
N GLU C 189 72.00 14.38 -47.81
CA GLU C 189 71.97 14.75 -46.38
C GLU C 189 70.98 15.91 -46.16
N PHE C 190 70.21 15.85 -45.07
CA PHE C 190 69.33 16.96 -44.62
C PHE C 190 70.21 17.88 -43.79
N GLU C 191 70.17 19.18 -44.09
CA GLU C 191 70.80 20.20 -43.22
C GLU C 191 69.71 20.58 -42.21
N VAL C 192 69.96 20.48 -40.90
CA VAL C 192 68.86 20.73 -39.93
C VAL C 192 69.34 21.74 -38.90
N GLU C 193 68.39 22.51 -38.36
CA GLU C 193 68.58 23.33 -37.15
C GLU C 193 67.92 22.66 -35.94
N VAL C 194 68.71 22.36 -34.90
CA VAL C 194 68.22 22.01 -33.54
C VAL C 194 67.23 23.09 -33.06
N GLU C 195 65.96 22.71 -32.89
CA GLU C 195 64.83 23.59 -32.46
C GLU C 195 64.83 23.81 -30.94
N ASN C 196 65.36 22.88 -30.14
CA ASN C 196 65.29 22.98 -28.65
C ASN C 196 66.48 22.21 -28.10
N ASP C 197 66.90 22.51 -26.87
CA ASP C 197 68.01 21.78 -26.21
C ASP C 197 67.54 20.34 -26.01
N GLY C 198 68.41 19.35 -26.25
CA GLY C 198 68.13 17.94 -25.95
C GLY C 198 69.21 17.02 -26.49
N ILE C 199 69.06 15.72 -26.27
CA ILE C 199 70.14 14.73 -26.59
C ILE C 199 69.70 13.85 -27.77
N ILE C 200 70.65 13.45 -28.61
CA ILE C 200 70.46 12.34 -29.59
C ILE C 200 71.23 11.16 -29.04
N ALA C 201 70.52 10.16 -28.52
CA ALA C 201 71.08 8.86 -28.15
C ALA C 201 70.84 7.89 -29.31
N LYS C 202 71.57 6.79 -29.27
CA LYS C 202 71.56 5.71 -30.29
C LYS C 202 70.27 4.91 -30.14
N GLN C 203 69.76 4.36 -31.26
CA GLN C 203 68.63 3.40 -31.25
C GLN C 203 67.43 4.06 -30.57
N LYS C 204 67.22 5.35 -30.82
CA LYS C 204 65.98 6.01 -30.36
C LYS C 204 65.00 6.18 -31.52
N GLY C 205 63.71 6.26 -31.22
CA GLY C 205 62.67 6.44 -32.25
C GLY C 205 62.78 7.78 -32.95
N VAL C 206 62.56 7.77 -34.26
CA VAL C 206 62.51 9.01 -35.08
C VAL C 206 61.12 9.04 -35.71
N ASN C 207 60.49 10.21 -35.65
CA ASN C 207 59.25 10.51 -36.35
C ASN C 207 59.50 11.67 -37.31
N ILE C 208 58.92 11.60 -38.48
CA ILE C 208 58.95 12.68 -39.49
C ILE C 208 57.51 12.96 -39.88
N PRO C 209 56.77 13.77 -39.09
CA PRO C 209 55.33 13.96 -39.32
C PRO C 209 54.96 14.54 -40.68
N ASN C 210 53.76 14.18 -41.14
CA ASN C 210 53.13 14.66 -42.40
C ASN C 210 54.07 14.38 -43.58
N THR C 211 54.64 13.18 -43.66
CA THR C 211 55.40 12.71 -44.85
C THR C 211 54.75 11.40 -45.32
N LYS C 212 54.98 10.95 -46.55
CA LYS C 212 54.42 9.67 -47.05
C LYS C 212 55.60 8.87 -47.58
N ILE C 213 56.57 8.56 -46.70
CA ILE C 213 57.69 7.66 -47.09
C ILE C 213 57.06 6.38 -47.62
N PRO C 214 57.41 5.92 -48.84
CA PRO C 214 56.73 4.77 -49.47
C PRO C 214 57.09 3.43 -48.82
N PHE C 215 56.91 3.30 -47.51
CA PHE C 215 56.99 1.97 -46.86
C PHE C 215 56.04 1.03 -47.57
N PRO C 216 56.41 -0.25 -47.79
CA PRO C 216 55.47 -1.17 -48.42
C PRO C 216 54.26 -1.40 -47.50
N ALA C 217 53.13 -1.77 -48.09
CA ALA C 217 51.93 -2.24 -47.37
C ALA C 217 52.31 -3.33 -46.36
N LEU C 218 53.20 -4.24 -46.73
CA LEU C 218 53.71 -5.21 -45.76
C LEU C 218 55.18 -5.49 -46.02
N ALA C 219 56.04 -5.10 -45.10
CA ALA C 219 57.50 -5.27 -45.24
C ALA C 219 57.87 -6.73 -44.94
N GLU C 220 58.99 -7.21 -45.49
CA GLU C 220 59.38 -8.64 -45.34
C GLU C 220 59.58 -8.96 -43.86
N ARG C 221 60.17 -8.06 -43.08
CA ARG C 221 60.46 -8.35 -41.67
C ARG C 221 59.13 -8.54 -40.89
N ASP C 222 58.11 -7.72 -41.16
CA ASP C 222 56.78 -7.93 -40.51
C ASP C 222 56.11 -9.23 -41.03
N ASN C 223 56.23 -9.49 -42.33
CA ASN C 223 55.72 -10.75 -42.97
C ASN C 223 56.26 -11.92 -42.14
N ASP C 224 57.57 -11.87 -41.90
CA ASP C 224 58.32 -12.94 -41.18
C ASP C 224 57.93 -13.06 -39.72
N ASP C 225 57.81 -11.93 -39.05
CA ASP C 225 57.41 -11.88 -37.64
C ASP C 225 56.02 -12.49 -37.50
N ILE C 226 55.07 -12.03 -38.33
CA ILE C 226 53.66 -12.49 -38.26
C ILE C 226 53.62 -14.03 -38.50
N ARG C 227 54.32 -14.49 -39.53
CA ARG C 227 54.29 -15.96 -39.86
C ARG C 227 54.87 -16.73 -38.67
N PHE C 228 55.88 -16.19 -37.99
CA PHE C 228 56.45 -16.85 -36.78
C PHE C 228 55.42 -16.89 -35.65
N GLY C 229 54.72 -15.77 -35.44
CA GLY C 229 53.72 -15.75 -34.36
C GLY C 229 52.61 -16.72 -34.70
N LEU C 230 52.20 -16.72 -35.95
CA LEU C 230 51.07 -17.58 -36.33
C LEU C 230 51.46 -19.06 -36.09
N GLU C 231 52.73 -19.41 -36.29
CA GLU C 231 53.20 -20.80 -36.06
C GLU C 231 53.14 -21.11 -34.57
N GLN C 232 53.41 -20.15 -33.69
CA GLN C 232 53.45 -20.40 -32.23
C GLN C 232 52.04 -20.54 -31.68
N GLY C 233 51.11 -19.75 -32.18
CA GLY C 233 49.70 -19.83 -31.76
C GLY C 233 49.29 -18.48 -31.16
N ILE C 234 48.69 -17.62 -31.98
CA ILE C 234 48.25 -16.27 -31.50
C ILE C 234 46.77 -16.08 -31.83
N ASN C 235 46.14 -15.06 -31.22
CA ASN C 235 44.68 -14.83 -31.35
C ASN C 235 44.45 -13.45 -32.02
N PHE C 236 45.42 -12.55 -31.90
CA PHE C 236 45.33 -11.13 -32.32
C PHE C 236 46.66 -10.69 -32.88
N ILE C 237 46.60 -9.84 -33.91
CA ILE C 237 47.74 -9.09 -34.44
C ILE C 237 47.35 -7.62 -34.34
N ALA C 238 48.20 -6.84 -33.68
CA ALA C 238 48.14 -5.36 -33.73
C ALA C 238 49.16 -4.86 -34.73
N ILE C 239 48.67 -4.24 -35.81
CA ILE C 239 49.50 -3.86 -36.99
C ILE C 239 49.95 -2.42 -36.79
N SER C 240 51.24 -2.22 -36.64
CA SER C 240 51.79 -0.88 -36.36
C SER C 240 51.68 0.04 -37.58
N PHE C 241 51.38 1.32 -37.35
CA PHE C 241 51.34 2.38 -38.39
C PHE C 241 50.43 2.03 -39.57
N VAL C 242 49.22 1.57 -39.32
CA VAL C 242 48.28 1.33 -40.44
C VAL C 242 47.90 2.67 -41.09
N ARG C 243 48.13 2.79 -42.41
CA ARG C 243 47.84 4.02 -43.19
C ARG C 243 46.57 3.85 -44.01
N THR C 244 46.25 2.63 -44.50
CA THR C 244 45.19 2.33 -45.46
C THR C 244 44.68 0.93 -45.18
N ALA C 245 43.52 0.64 -45.72
CA ALA C 245 42.90 -0.70 -45.68
C ALA C 245 43.90 -1.72 -46.25
N LYS C 246 44.70 -1.36 -47.27
CA LYS C 246 45.67 -2.29 -47.93
C LYS C 246 46.65 -2.82 -46.87
N ASP C 247 47.04 -1.97 -45.91
CA ASP C 247 47.98 -2.42 -44.87
C ASP C 247 47.33 -3.51 -44.01
N VAL C 248 46.01 -3.46 -43.81
CA VAL C 248 45.33 -4.49 -42.99
C VAL C 248 45.15 -5.75 -43.88
N ASN C 249 44.77 -5.56 -45.14
CA ASN C 249 44.33 -6.68 -46.03
C ASN C 249 45.55 -7.55 -46.37
N GLU C 250 46.75 -6.99 -46.42
CA GLU C 250 47.99 -7.78 -46.63
C GLU C 250 48.23 -8.71 -45.47
N VAL C 251 47.93 -8.26 -44.26
CA VAL C 251 48.05 -9.14 -43.08
C VAL C 251 46.93 -10.18 -43.11
N ARG C 252 45.73 -9.76 -43.47
CA ARG C 252 44.56 -10.68 -43.49
C ARG C 252 44.88 -11.89 -44.42
N ALA C 253 45.46 -11.63 -45.57
CA ALA C 253 45.79 -12.65 -46.60
C ALA C 253 46.75 -13.66 -46.00
N ILE C 254 47.71 -13.24 -45.16
CA ILE C 254 48.62 -14.16 -44.45
C ILE C 254 47.83 -15.06 -43.52
N CYS C 255 46.98 -14.46 -42.71
CA CYS C 255 46.16 -15.20 -41.73
C CYS C 255 45.30 -16.26 -42.45
N GLU C 256 44.67 -15.88 -43.53
CA GLU C 256 43.77 -16.77 -44.30
C GLU C 256 44.60 -17.90 -44.97
N GLU C 257 45.66 -17.54 -45.68
CA GLU C 257 46.45 -18.48 -46.52
C GLU C 257 47.17 -19.51 -45.64
N THR C 258 47.39 -19.25 -44.34
CA THR C 258 48.21 -20.13 -43.46
C THR C 258 47.28 -20.98 -42.62
N GLY C 259 45.97 -20.88 -42.86
CA GLY C 259 44.95 -21.61 -42.09
C GLY C 259 44.66 -20.94 -40.75
N ASN C 260 44.92 -19.63 -40.63
CA ASN C 260 44.78 -18.87 -39.35
C ASN C 260 43.69 -17.79 -39.51
N GLY C 261 42.61 -18.06 -40.24
CA GLY C 261 41.52 -17.12 -40.56
C GLY C 261 40.80 -16.60 -39.30
N HIS C 262 40.88 -17.33 -38.20
CA HIS C 262 40.32 -16.99 -36.87
C HIS C 262 41.07 -15.79 -36.25
N VAL C 263 42.30 -15.50 -36.67
CA VAL C 263 43.11 -14.44 -36.00
C VAL C 263 42.47 -13.08 -36.30
N GLN C 264 42.33 -12.23 -35.27
CA GLN C 264 41.73 -10.87 -35.40
C GLN C 264 42.83 -9.80 -35.48
N LEU C 265 42.61 -8.83 -36.38
CA LEU C 265 43.53 -7.75 -36.75
C LEU C 265 43.04 -6.43 -36.14
N PHE C 266 43.87 -5.85 -35.30
CA PHE C 266 43.71 -4.49 -34.73
C PHE C 266 44.65 -3.58 -35.49
N ALA C 267 44.12 -2.64 -36.26
CA ALA C 267 44.91 -1.61 -36.92
C ALA C 267 45.34 -0.60 -35.84
N LYS C 268 46.64 -0.33 -35.76
CA LYS C 268 47.19 0.72 -34.84
C LYS C 268 47.11 2.01 -35.62
N ILE C 269 46.31 2.96 -35.10
CA ILE C 269 46.22 4.32 -35.64
C ILE C 269 47.22 5.17 -34.87
N GLU C 270 48.25 5.65 -35.57
CA GLU C 270 49.35 6.43 -34.93
C GLU C 270 49.95 7.44 -35.91
N ASN C 271 49.25 7.83 -36.97
CA ASN C 271 49.75 8.92 -37.83
C ASN C 271 48.59 9.52 -38.61
N GLN C 272 48.86 10.59 -39.34
CA GLN C 272 47.74 11.41 -39.93
C GLN C 272 47.02 10.58 -41.00
N GLN C 273 47.77 9.78 -41.75
CA GLN C 273 47.18 8.96 -42.86
C GLN C 273 46.16 7.97 -42.27
N GLY C 274 46.49 7.33 -41.16
CA GLY C 274 45.57 6.40 -40.44
C GLY C 274 44.31 7.12 -39.97
N ILE C 275 44.46 8.35 -39.46
CA ILE C 275 43.28 9.16 -39.06
C ILE C 275 42.46 9.46 -40.32
N ASP C 276 43.10 9.95 -41.37
CA ASP C 276 42.36 10.38 -42.57
C ASP C 276 41.60 9.15 -43.13
N ASN C 277 42.19 7.95 -43.11
CA ASN C 277 41.61 6.75 -43.75
C ASN C 277 40.90 5.86 -42.72
N LEU C 278 40.53 6.41 -41.58
CA LEU C 278 39.98 5.62 -40.46
C LEU C 278 38.79 4.77 -40.86
N ASP C 279 37.80 5.31 -41.59
CA ASP C 279 36.57 4.53 -41.93
C ASP C 279 36.93 3.27 -42.73
N GLU C 280 37.82 3.35 -43.71
CA GLU C 280 38.16 2.17 -44.56
C GLU C 280 39.02 1.21 -43.72
N ILE C 281 39.80 1.71 -42.77
CA ILE C 281 40.65 0.87 -41.88
C ILE C 281 39.75 0.09 -40.93
N ILE C 282 38.80 0.77 -40.29
CA ILE C 282 37.80 0.09 -39.42
C ILE C 282 37.11 -1.00 -40.27
N GLU C 283 36.71 -0.73 -41.52
CA GLU C 283 35.90 -1.69 -42.34
C GLU C 283 36.75 -2.96 -42.58
N ALA C 284 38.05 -2.80 -42.88
CA ALA C 284 39.00 -3.89 -43.14
C ALA C 284 39.35 -4.64 -41.86
N ALA C 285 39.42 -3.98 -40.69
CA ALA C 285 40.00 -4.59 -39.48
C ALA C 285 38.94 -5.22 -38.58
N ASP C 286 39.34 -5.95 -37.53
CA ASP C 286 38.46 -6.47 -36.46
C ASP C 286 38.34 -5.46 -35.30
N GLY C 287 39.19 -4.45 -35.30
CA GLY C 287 39.27 -3.52 -34.18
C GLY C 287 40.40 -2.52 -34.39
N ILE C 288 40.51 -1.58 -33.46
CA ILE C 288 41.51 -0.48 -33.53
C ILE C 288 42.27 -0.43 -32.20
N MET C 289 43.59 -0.34 -32.27
CA MET C 289 44.44 0.06 -31.13
C MET C 289 44.78 1.54 -31.31
N ILE C 290 44.29 2.36 -30.37
CA ILE C 290 44.58 3.83 -30.36
C ILE C 290 45.99 3.93 -29.80
N ALA C 291 46.95 4.00 -30.72
CA ALA C 291 48.39 3.99 -30.39
C ALA C 291 48.86 5.43 -30.09
N ARG C 292 48.52 5.91 -28.91
CA ARG C 292 48.61 7.34 -28.54
C ARG C 292 50.08 7.77 -28.49
N GLY C 293 51.00 6.84 -28.27
CA GLY C 293 52.44 7.15 -28.18
C GLY C 293 52.94 7.85 -29.43
N ASP C 294 52.96 7.13 -30.54
CA ASP C 294 53.31 7.71 -31.86
C ASP C 294 52.26 8.74 -32.26
N MET C 295 50.99 8.49 -32.01
CA MET C 295 49.96 9.42 -32.50
C MET C 295 50.25 10.85 -32.02
N GLY C 296 50.57 11.01 -30.75
CA GLY C 296 50.82 12.32 -30.13
C GLY C 296 52.13 12.95 -30.55
N ILE C 297 52.96 12.24 -31.32
CA ILE C 297 54.17 12.83 -31.99
C ILE C 297 53.80 13.19 -33.41
N GLU C 298 53.04 12.31 -34.09
CA GLU C 298 52.72 12.46 -35.55
C GLU C 298 51.68 13.57 -35.80
N VAL C 299 50.79 13.81 -34.84
CA VAL C 299 49.74 14.85 -34.95
C VAL C 299 49.87 15.73 -33.71
N PRO C 300 49.22 16.90 -33.68
CA PRO C 300 49.33 17.81 -32.54
C PRO C 300 48.90 17.03 -31.28
N PHE C 301 49.73 17.06 -30.27
CA PHE C 301 49.45 16.27 -29.05
C PHE C 301 48.09 16.60 -28.44
N GLU C 302 47.64 17.86 -28.53
CA GLU C 302 46.35 18.28 -27.92
C GLU C 302 45.15 17.76 -28.73
N MET C 303 45.37 17.20 -29.91
CA MET C 303 44.27 16.59 -30.73
C MET C 303 44.08 15.13 -30.35
N VAL C 304 45.02 14.51 -29.68
CA VAL C 304 44.88 13.07 -29.31
C VAL C 304 43.59 12.78 -28.55
N PRO C 305 43.20 13.56 -27.49
CA PRO C 305 41.94 13.27 -26.81
C PRO C 305 40.71 13.34 -27.72
N VAL C 306 40.73 14.26 -28.70
CA VAL C 306 39.65 14.42 -29.68
C VAL C 306 39.57 13.13 -30.49
N TYR C 307 40.69 12.71 -31.07
CA TYR C 307 40.74 11.49 -31.90
C TYR C 307 40.36 10.25 -31.06
N GLN C 308 40.78 10.17 -29.79
CA GLN C 308 40.46 9.02 -28.95
C GLN C 308 38.93 8.85 -28.83
N LYS C 309 38.22 9.93 -28.47
CA LYS C 309 36.76 9.84 -28.23
C LYS C 309 36.08 9.47 -29.53
N MET C 310 36.50 10.06 -30.66
CA MET C 310 35.87 9.84 -31.97
C MET C 310 36.13 8.38 -32.40
N ILE C 311 37.37 7.90 -32.25
CA ILE C 311 37.70 6.48 -32.62
C ILE C 311 36.85 5.51 -31.80
N ILE C 312 36.76 5.67 -30.50
CA ILE C 312 36.02 4.73 -29.65
C ILE C 312 34.56 4.69 -30.11
N LYS C 313 33.95 5.86 -30.35
CA LYS C 313 32.55 5.88 -30.84
C LYS C 313 32.41 5.14 -32.17
N LYS C 314 33.27 5.40 -33.14
CA LYS C 314 33.13 4.84 -34.50
C LYS C 314 33.36 3.30 -34.47
N VAL C 315 34.31 2.83 -33.70
CA VAL C 315 34.62 1.39 -33.61
C VAL C 315 33.46 0.65 -32.92
N ASN C 316 32.95 1.22 -31.84
CA ASN C 316 31.77 0.62 -31.15
C ASN C 316 30.57 0.59 -32.13
N ALA C 317 30.35 1.65 -32.89
CA ALA C 317 29.22 1.72 -33.84
C ALA C 317 29.36 0.64 -34.93
N ALA C 318 30.59 0.22 -35.26
CA ALA C 318 30.88 -0.84 -36.25
C ALA C 318 30.87 -2.25 -35.60
N GLY C 319 30.61 -2.34 -34.30
CA GLY C 319 30.54 -3.60 -33.52
C GLY C 319 31.88 -4.28 -33.41
N LYS C 320 32.95 -3.49 -33.35
CA LYS C 320 34.35 -3.96 -33.31
C LYS C 320 34.99 -3.54 -32.00
N VAL C 321 36.22 -3.95 -31.76
CA VAL C 321 36.89 -3.81 -30.44
C VAL C 321 37.85 -2.64 -30.50
N VAL C 322 37.86 -1.84 -29.45
CA VAL C 322 38.81 -0.69 -29.37
C VAL C 322 39.68 -0.84 -28.13
N ILE C 323 40.99 -0.72 -28.34
CA ILE C 323 41.97 -0.74 -27.23
C ILE C 323 42.54 0.68 -27.09
N THR C 324 42.53 1.23 -25.90
CA THR C 324 43.19 2.51 -25.63
C THR C 324 44.59 2.19 -25.08
N ALA C 325 45.63 2.79 -25.64
CA ALA C 325 47.02 2.40 -25.29
C ALA C 325 47.88 3.59 -24.88
N THR C 326 48.90 3.28 -24.07
CA THR C 326 50.20 3.97 -23.96
C THR C 326 50.18 5.08 -22.88
N ASN C 327 51.08 4.97 -21.90
CA ASN C 327 51.30 5.95 -20.80
C ASN C 327 50.17 5.91 -19.75
N MET C 328 49.28 4.91 -19.76
CA MET C 328 48.06 4.96 -18.96
C MET C 328 48.41 5.00 -17.48
N LEU C 329 49.45 4.25 -17.06
CA LEU C 329 49.93 4.33 -15.66
C LEU C 329 51.45 4.51 -15.72
N GLU C 330 51.94 5.40 -16.59
CA GLU C 330 53.40 5.52 -16.95
C GLU C 330 54.28 5.56 -15.68
N THR C 331 53.91 6.35 -14.68
CA THR C 331 54.72 6.60 -13.45
C THR C 331 54.98 5.27 -12.70
N MET C 332 54.07 4.30 -12.79
CA MET C 332 54.21 3.00 -12.07
C MET C 332 55.29 2.11 -12.72
N THR C 333 55.91 2.53 -13.81
CA THR C 333 57.13 1.90 -14.35
C THR C 333 58.25 2.00 -13.30
N GLU C 334 58.35 3.13 -12.60
CA GLU C 334 59.49 3.42 -11.67
C GLU C 334 58.97 3.61 -10.24
N LYS C 335 57.69 3.88 -10.06
CA LYS C 335 57.16 4.25 -8.71
C LYS C 335 55.97 3.38 -8.36
N PRO C 336 55.73 3.16 -7.05
CA PRO C 336 54.67 2.26 -6.62
C PRO C 336 53.25 2.83 -6.74
N ARG C 337 53.09 4.15 -6.95
CA ARG C 337 51.73 4.75 -7.05
C ARG C 337 51.65 5.57 -8.34
N ALA C 338 50.48 5.50 -8.96
CA ALA C 338 50.16 6.21 -10.22
C ALA C 338 49.87 7.65 -9.86
N THR C 339 50.13 8.57 -10.78
CA THR C 339 49.74 9.99 -10.59
C THR C 339 48.21 10.12 -10.69
N ARG C 340 47.72 11.30 -10.31
CA ARG C 340 46.27 11.60 -10.41
C ARG C 340 45.88 11.66 -11.87
N SER C 341 46.76 12.14 -12.75
CA SER C 341 46.46 12.26 -14.19
C SER C 341 46.38 10.88 -14.83
N GLU C 342 47.16 9.92 -14.34
CA GLU C 342 47.14 8.53 -14.86
C GLU C 342 45.82 7.87 -14.47
N VAL C 343 45.42 8.00 -13.20
CA VAL C 343 44.13 7.45 -12.72
C VAL C 343 42.99 8.09 -13.51
N SER C 344 43.00 9.43 -13.71
CA SER C 344 41.97 10.14 -14.54
C SER C 344 41.94 9.60 -15.99
N ASP C 345 43.10 9.33 -16.58
CA ASP C 345 43.21 8.83 -17.96
C ASP C 345 42.57 7.45 -18.10
N VAL C 346 42.86 6.56 -17.16
CA VAL C 346 42.28 5.20 -17.24
C VAL C 346 40.76 5.33 -17.09
N PHE C 347 40.36 6.04 -16.06
CA PHE C 347 38.92 6.25 -15.75
C PHE C 347 38.19 6.80 -16.98
N ASN C 348 38.74 7.84 -17.59
CA ASN C 348 38.06 8.54 -18.72
C ASN C 348 38.04 7.64 -19.98
N ALA C 349 39.04 6.78 -20.19
CA ALA C 349 39.07 5.84 -21.34
C ALA C 349 37.85 4.94 -21.22
N VAL C 350 37.56 4.45 -20.02
CA VAL C 350 36.36 3.62 -19.78
C VAL C 350 35.09 4.39 -20.08
N ILE C 351 34.94 5.60 -19.53
CA ILE C 351 33.72 6.42 -19.73
C ILE C 351 33.52 6.72 -21.22
N ASP C 352 34.61 6.95 -21.95
CA ASP C 352 34.60 7.20 -23.43
C ASP C 352 33.96 5.99 -24.16
N GLY C 353 34.06 4.78 -23.63
CA GLY C 353 33.50 3.53 -24.21
C GLY C 353 34.52 2.50 -24.61
N THR C 354 35.75 2.58 -24.13
CA THR C 354 36.81 1.65 -24.64
C THR C 354 36.41 0.23 -24.28
N ASP C 355 36.75 -0.75 -25.13
CA ASP C 355 36.54 -2.16 -24.73
C ASP C 355 37.67 -2.55 -23.75
N ALA C 356 38.85 -2.00 -23.96
CA ALA C 356 40.11 -2.48 -23.34
C ALA C 356 41.01 -1.30 -23.07
N THR C 357 41.81 -1.43 -22.02
CA THR C 357 42.94 -0.56 -21.63
C THR C 357 44.23 -1.37 -21.66
N MET C 358 45.34 -0.71 -21.95
CA MET C 358 46.61 -1.41 -22.22
C MET C 358 47.72 -0.87 -21.31
N LEU C 359 48.64 -1.77 -20.96
CA LEU C 359 49.92 -1.43 -20.32
C LEU C 359 51.03 -1.83 -21.28
N SER C 360 52.09 -1.06 -21.35
CA SER C 360 53.30 -1.26 -22.18
C SER C 360 54.49 -1.48 -21.22
N GLY C 361 55.39 -0.52 -21.10
CA GLY C 361 56.53 -0.63 -20.17
C GLY C 361 56.11 -0.93 -18.74
N GLU C 362 54.93 -0.46 -18.28
CA GLU C 362 54.45 -0.69 -16.90
C GLU C 362 54.41 -2.17 -16.52
N SER C 363 54.00 -3.05 -17.43
CA SER C 363 53.87 -4.50 -17.21
C SER C 363 55.11 -5.18 -17.77
N ALA C 364 55.77 -4.59 -18.78
CA ALA C 364 56.81 -5.37 -19.51
C ALA C 364 58.19 -5.20 -18.85
N ASN C 365 58.48 -3.99 -18.41
CA ASN C 365 59.87 -3.55 -18.12
C ASN C 365 59.97 -2.86 -16.76
N GLY C 366 58.85 -2.63 -16.07
CA GLY C 366 58.86 -1.78 -14.88
C GLY C 366 59.13 -2.55 -13.62
N LYS C 367 59.19 -1.82 -12.50
CA LYS C 367 59.47 -2.36 -11.15
C LYS C 367 58.23 -2.93 -10.53
N TYR C 368 57.03 -2.67 -11.11
CA TYR C 368 55.75 -2.98 -10.43
C TYR C 368 54.72 -3.55 -11.40
N PRO C 369 55.06 -4.60 -12.17
CA PRO C 369 54.13 -5.18 -13.13
C PRO C 369 52.82 -5.64 -12.50
N LEU C 370 52.86 -6.36 -11.38
CA LEU C 370 51.62 -6.89 -10.78
C LEU C 370 50.76 -5.74 -10.26
N GLU C 371 51.40 -4.76 -9.63
CA GLU C 371 50.69 -3.62 -9.02
C GLU C 371 50.07 -2.77 -10.15
N SER C 372 50.74 -2.62 -11.30
CA SER C 372 50.23 -1.89 -12.48
C SER C 372 48.94 -2.57 -12.96
N VAL C 373 48.94 -3.89 -13.16
CA VAL C 373 47.72 -4.59 -13.63
C VAL C 373 46.62 -4.40 -12.58
N THR C 374 46.94 -4.64 -11.30
CA THR C 374 45.95 -4.55 -10.21
C THR C 374 45.32 -3.14 -10.18
N THR C 375 46.14 -2.11 -10.19
CA THR C 375 45.72 -0.69 -10.19
C THR C 375 44.80 -0.42 -11.41
N MET C 376 45.18 -0.87 -12.59
CA MET C 376 44.34 -0.64 -13.81
C MET C 376 43.00 -1.37 -13.64
N ALA C 377 43.02 -2.61 -13.11
CA ALA C 377 41.78 -3.36 -12.85
C ALA C 377 40.90 -2.60 -11.84
N THR C 378 41.44 -2.08 -10.75
CA THR C 378 40.66 -1.35 -9.73
C THR C 378 39.96 -0.14 -10.40
N ILE C 379 40.69 0.61 -11.20
CA ILE C 379 40.15 1.88 -11.83
C ILE C 379 39.04 1.45 -12.78
N ASP C 380 39.31 0.42 -13.59
CA ASP C 380 38.41 -0.04 -14.67
C ASP C 380 37.10 -0.51 -14.05
N LYS C 381 37.16 -1.30 -12.99
CA LYS C 381 35.96 -1.79 -12.28
C LYS C 381 35.14 -0.64 -11.67
N ASN C 382 35.80 0.38 -11.10
CA ASN C 382 35.08 1.55 -10.55
C ASN C 382 34.42 2.34 -11.68
N ALA C 383 35.13 2.60 -12.77
CA ALA C 383 34.61 3.41 -13.88
C ALA C 383 33.40 2.69 -14.50
N GLN C 384 33.36 1.35 -14.55
CA GLN C 384 32.21 0.65 -15.22
C GLN C 384 30.92 0.97 -14.46
N ALA C 385 31.00 1.25 -13.17
CA ALA C 385 29.85 1.50 -12.27
C ALA C 385 29.27 2.87 -12.60
N LEU C 386 29.99 3.71 -13.33
CA LEU C 386 29.50 5.08 -13.66
C LEU C 386 29.07 5.18 -15.12
N LEU C 387 29.15 4.11 -15.90
CA LEU C 387 28.79 4.21 -17.33
C LEU C 387 27.31 4.58 -17.48
N ASN C 388 26.41 4.09 -16.63
CA ASN C 388 24.99 4.52 -16.67
C ASN C 388 24.91 6.04 -16.54
N GLU C 389 25.59 6.61 -15.57
CA GLU C 389 25.56 8.08 -15.32
C GLU C 389 26.26 8.87 -16.43
N TYR C 390 27.48 8.49 -16.83
CA TYR C 390 28.43 9.40 -17.55
C TYR C 390 28.85 8.83 -18.92
N GLY C 391 28.53 7.58 -19.27
CA GLY C 391 29.13 6.92 -20.47
C GLY C 391 28.83 7.66 -21.75
N ARG C 392 29.81 7.79 -22.64
CA ARG C 392 29.64 8.55 -23.90
C ARG C 392 28.85 7.70 -24.91
N LEU C 393 28.98 6.38 -24.93
CA LEU C 393 28.39 5.53 -25.98
C LEU C 393 26.87 5.58 -25.90
N ASP C 394 26.18 5.58 -27.04
CA ASP C 394 24.71 5.70 -27.05
C ASP C 394 24.12 4.66 -28.01
N SER C 395 23.72 3.51 -27.46
CA SER C 395 23.25 2.34 -28.26
C SER C 395 21.89 2.67 -28.88
N ASP C 396 21.14 3.64 -28.34
CA ASP C 396 19.81 4.03 -28.86
C ASP C 396 19.94 4.62 -30.27
N SER C 397 21.08 5.18 -30.64
CA SER C 397 21.32 5.83 -31.96
C SER C 397 21.55 4.78 -33.07
N PHE C 398 21.99 3.58 -32.73
CA PHE C 398 22.37 2.57 -33.77
C PHE C 398 21.20 2.17 -34.66
N GLU C 399 21.54 1.99 -35.93
CA GLU C 399 20.68 1.19 -36.84
C GLU C 399 20.85 -0.28 -36.46
N ARG C 400 19.77 -1.01 -36.22
CA ARG C 400 19.86 -2.48 -36.03
C ARG C 400 19.89 -3.11 -37.43
N ASN C 401 21.04 -3.63 -37.85
CA ASN C 401 21.27 -3.98 -39.28
C ASN C 401 21.07 -5.46 -39.57
N SER C 402 20.66 -6.28 -38.58
CA SER C 402 20.45 -7.72 -38.78
C SER C 402 19.59 -8.27 -37.63
N LYS C 403 18.99 -9.44 -37.80
CA LYS C 403 18.11 -10.01 -36.76
C LYS C 403 18.93 -10.38 -35.50
N THR C 404 20.18 -10.78 -35.62
CA THR C 404 20.96 -11.03 -34.38
C THR C 404 21.08 -9.67 -33.63
N GLU C 405 21.31 -8.59 -34.36
CA GLU C 405 21.50 -7.26 -33.75
C GLU C 405 20.19 -6.78 -33.12
N VAL C 406 19.05 -7.11 -33.75
CA VAL C 406 17.72 -6.84 -33.15
C VAL C 406 17.62 -7.57 -31.80
N MET C 407 18.07 -8.83 -31.75
CA MET C 407 18.02 -9.59 -30.47
C MET C 407 18.95 -8.93 -29.44
N ALA C 408 20.16 -8.54 -29.84
CA ALA C 408 21.13 -7.84 -28.97
C ALA C 408 20.48 -6.57 -28.39
N SER C 409 19.74 -5.82 -29.19
CA SER C 409 18.98 -4.62 -28.71
C SER C 409 17.92 -5.01 -27.69
N ALA C 410 17.25 -6.11 -27.90
CA ALA C 410 16.21 -6.59 -26.95
C ALA C 410 16.87 -7.01 -25.63
N VAL C 411 18.01 -7.66 -25.71
CA VAL C 411 18.78 -8.02 -24.50
C VAL C 411 19.12 -6.77 -23.71
N LYS C 412 19.67 -5.75 -24.37
CA LYS C 412 20.01 -4.48 -23.68
C LYS C 412 18.74 -3.91 -23.05
N ASP C 413 17.62 -3.92 -23.78
CA ASP C 413 16.34 -3.44 -23.23
C ASP C 413 15.94 -4.19 -21.94
N ALA C 414 16.03 -5.52 -21.93
CA ALA C 414 15.72 -6.34 -20.74
C ALA C 414 16.64 -5.97 -19.56
N THR C 415 17.94 -5.76 -19.78
CA THR C 415 18.88 -5.38 -18.70
C THR C 415 18.61 -3.97 -18.20
N SER C 416 17.93 -3.12 -18.98
CA SER C 416 17.54 -1.74 -18.55
C SER C 416 16.24 -1.77 -17.76
N SER C 417 15.39 -2.76 -18.04
CA SER C 417 14.02 -2.85 -17.49
C SER C 417 14.05 -3.46 -16.09
N MET C 418 15.05 -4.29 -15.80
CA MET C 418 15.12 -5.04 -14.54
C MET C 418 16.57 -5.40 -14.25
N ASP C 419 16.79 -5.84 -13.01
CA ASP C 419 18.12 -6.23 -12.48
C ASP C 419 18.47 -7.62 -13.04
N ILE C 420 19.30 -7.67 -14.06
CA ILE C 420 19.78 -8.92 -14.71
C ILE C 420 21.22 -9.13 -14.25
N LYS C 421 21.47 -10.26 -13.58
CA LYS C 421 22.82 -10.58 -13.06
C LYS C 421 23.75 -10.97 -14.23
N LEU C 422 23.23 -11.59 -15.28
CA LEU C 422 24.10 -12.18 -16.32
C LEU C 422 23.29 -12.42 -17.60
N VAL C 423 23.86 -12.07 -18.74
CA VAL C 423 23.40 -12.47 -20.08
C VAL C 423 24.24 -13.67 -20.51
N VAL C 424 23.59 -14.74 -20.92
CA VAL C 424 24.26 -15.91 -21.51
C VAL C 424 23.90 -15.98 -22.97
N THR C 425 24.91 -16.14 -23.83
CA THR C 425 24.72 -16.50 -25.24
C THR C 425 25.44 -17.82 -25.59
N LEU C 426 24.73 -18.75 -26.25
CA LEU C 426 25.30 -19.95 -26.88
C LEU C 426 25.67 -19.58 -28.30
N THR C 427 26.99 -19.44 -28.54
CA THR C 427 27.52 -18.73 -29.71
C THR C 427 28.57 -19.64 -30.35
N LYS C 428 28.37 -20.02 -31.61
CA LYS C 428 29.31 -20.90 -32.35
C LYS C 428 30.57 -20.10 -32.76
N THR C 429 30.40 -18.88 -33.27
CA THR C 429 31.50 -18.03 -33.83
C THR C 429 31.79 -16.82 -32.92
N GLY C 430 30.95 -16.56 -31.93
CA GLY C 430 31.03 -15.38 -31.07
C GLY C 430 30.26 -14.19 -31.64
N HIS C 431 29.66 -14.29 -32.81
CA HIS C 431 28.94 -13.14 -33.43
C HIS C 431 27.87 -12.55 -32.50
N THR C 432 27.07 -13.41 -31.87
CA THR C 432 26.00 -12.93 -30.97
C THR C 432 26.61 -12.21 -29.78
N ALA C 433 27.68 -12.77 -29.19
CA ALA C 433 28.39 -12.15 -28.05
C ALA C 433 28.97 -10.78 -28.43
N ARG C 434 29.48 -10.64 -29.63
CA ARG C 434 30.09 -9.38 -30.15
C ARG C 434 28.95 -8.36 -30.21
N LEU C 435 27.81 -8.74 -30.77
CA LEU C 435 26.67 -7.79 -30.91
C LEU C 435 26.09 -7.42 -29.55
N ILE C 436 25.91 -8.36 -28.61
CA ILE C 436 25.48 -8.01 -27.23
C ILE C 436 26.49 -7.03 -26.63
N SER C 437 27.79 -7.33 -26.68
CA SER C 437 28.86 -6.46 -26.15
C SER C 437 28.75 -5.03 -26.74
N LYS C 438 28.54 -4.94 -28.05
CA LYS C 438 28.36 -3.63 -28.78
C LYS C 438 27.35 -2.74 -28.02
N TYR C 439 26.25 -3.34 -27.58
CA TYR C 439 25.13 -2.60 -26.95
C TYR C 439 25.43 -2.27 -25.49
N ARG C 440 26.51 -2.76 -24.92
CA ARG C 440 26.91 -2.40 -23.54
C ARG C 440 25.77 -2.59 -22.53
N PRO C 441 25.30 -3.82 -22.37
CA PRO C 441 24.23 -4.09 -21.41
C PRO C 441 24.72 -3.84 -19.99
N ASN C 442 23.75 -3.69 -19.11
CA ASN C 442 23.93 -3.49 -17.64
C ASN C 442 24.10 -4.86 -16.97
N ALA C 443 25.09 -5.64 -17.41
CA ALA C 443 25.28 -7.06 -17.04
C ALA C 443 26.56 -7.60 -17.67
N ASP C 444 27.13 -8.56 -17.00
CA ASP C 444 28.18 -9.43 -17.57
C ASP C 444 27.59 -10.32 -18.64
N ILE C 445 28.41 -10.73 -19.60
CA ILE C 445 28.01 -11.53 -20.77
C ILE C 445 28.81 -12.83 -20.70
N LEU C 446 28.16 -13.94 -20.38
CA LEU C 446 28.81 -15.29 -20.49
C LEU C 446 28.64 -15.83 -21.90
N ALA C 447 29.72 -15.93 -22.65
CA ALA C 447 29.69 -16.41 -24.03
C ALA C 447 30.06 -17.91 -24.03
N LEU C 448 29.04 -18.78 -24.11
CA LEU C 448 29.27 -20.25 -24.18
C LEU C 448 29.57 -20.61 -25.63
N THR C 449 30.80 -21.03 -25.89
CA THR C 449 31.27 -21.42 -27.24
C THR C 449 31.94 -22.82 -27.21
N PHE C 450 32.23 -23.36 -28.39
CA PHE C 450 32.45 -24.83 -28.56
C PHE C 450 33.87 -25.11 -29.08
N ASP C 451 34.73 -24.09 -29.20
CA ASP C 451 36.16 -24.30 -29.55
C ASP C 451 37.02 -23.22 -28.90
N GLU C 452 38.28 -23.58 -28.64
CA GLU C 452 39.25 -22.74 -27.89
C GLU C 452 39.61 -21.49 -28.69
N LEU C 453 39.63 -21.55 -30.02
CA LEU C 453 39.99 -20.37 -30.84
C LEU C 453 38.90 -19.29 -30.73
N THR C 454 37.63 -19.67 -30.78
CA THR C 454 36.52 -18.71 -30.61
C THR C 454 36.54 -18.17 -29.19
N GLU C 455 36.81 -19.03 -28.20
CA GLU C 455 36.89 -18.65 -26.79
C GLU C 455 37.94 -17.53 -26.59
N ARG C 456 39.18 -17.74 -26.99
CA ARG C 456 40.26 -16.75 -26.78
C ARG C 456 39.97 -15.49 -27.61
N GLY C 457 39.40 -15.67 -28.79
CA GLY C 457 39.06 -14.61 -29.77
C GLY C 457 38.10 -13.57 -29.19
N LEU C 458 37.36 -13.91 -28.12
CA LEU C 458 36.36 -13.03 -27.46
C LEU C 458 36.97 -12.29 -26.29
N MET C 459 38.24 -12.54 -25.98
CA MET C 459 38.72 -12.11 -24.66
C MET C 459 38.95 -10.59 -24.58
N LEU C 460 38.89 -9.86 -25.68
CA LEU C 460 39.03 -8.38 -25.62
C LEU C 460 37.67 -7.64 -25.80
N ASN C 461 36.56 -8.33 -26.03
CA ASN C 461 35.24 -7.67 -26.14
C ASN C 461 34.78 -7.26 -24.75
N TRP C 462 34.37 -5.99 -24.62
CA TRP C 462 33.77 -5.46 -23.37
C TRP C 462 32.78 -6.43 -22.77
N GLY C 463 32.94 -6.74 -21.48
CA GLY C 463 31.90 -7.44 -20.72
C GLY C 463 31.87 -8.94 -20.94
N VAL C 464 32.56 -9.49 -21.94
CA VAL C 464 32.38 -10.91 -22.33
C VAL C 464 33.28 -11.84 -21.50
N ILE C 465 32.69 -12.84 -20.89
CA ILE C 465 33.37 -13.94 -20.16
C ILE C 465 33.25 -15.16 -21.06
N PRO C 466 34.28 -15.52 -21.85
CA PRO C 466 34.16 -16.66 -22.74
C PRO C 466 34.33 -17.93 -21.90
N MET C 467 33.59 -18.99 -22.25
CA MET C 467 33.67 -20.29 -21.54
C MET C 467 33.46 -21.39 -22.59
N LEU C 468 34.38 -22.36 -22.63
CA LEU C 468 34.27 -23.55 -23.53
C LEU C 468 33.21 -24.52 -22.97
N THR C 469 32.33 -25.02 -23.82
CA THR C 469 31.36 -26.10 -23.47
C THR C 469 31.13 -26.99 -24.71
N ASP C 470 30.51 -28.16 -24.54
CA ASP C 470 30.24 -29.05 -25.69
C ASP C 470 29.18 -28.40 -26.55
N ALA C 471 29.31 -28.53 -27.85
CA ALA C 471 28.27 -28.07 -28.79
C ALA C 471 26.97 -28.79 -28.43
N PRO C 472 25.84 -28.10 -28.18
CA PRO C 472 24.59 -28.79 -27.84
C PRO C 472 23.97 -29.58 -29.01
N SER C 473 23.36 -30.74 -28.71
CA SER C 473 22.55 -31.57 -29.64
C SER C 473 21.15 -30.96 -29.81
N SER C 474 20.38 -31.40 -30.82
CA SER C 474 18.96 -30.98 -30.97
C SER C 474 18.12 -31.52 -29.81
N THR C 475 18.63 -32.39 -28.94
CA THR C 475 17.86 -32.96 -27.79
C THR C 475 18.21 -32.25 -26.47
N ASP C 476 19.30 -31.48 -26.41
CA ASP C 476 19.69 -30.78 -25.17
C ASP C 476 18.78 -29.56 -24.95
N ASP C 477 18.50 -29.25 -23.69
CA ASP C 477 17.87 -27.99 -23.21
C ASP C 477 18.99 -26.92 -23.05
N MET C 478 19.18 -26.06 -24.04
CA MET C 478 20.23 -25.01 -24.01
C MET C 478 20.02 -24.03 -22.86
N PHE C 479 18.79 -23.88 -22.36
CA PHE C 479 18.48 -22.93 -21.27
C PHE C 479 18.91 -23.56 -19.96
N GLU C 480 18.76 -24.89 -19.81
CA GLU C 480 19.23 -25.54 -18.56
C GLU C 480 20.76 -25.53 -18.58
N ILE C 481 21.37 -25.74 -19.75
CA ILE C 481 22.86 -25.71 -19.87
C ILE C 481 23.36 -24.33 -19.48
N ALA C 482 22.74 -23.28 -20.01
CA ALA C 482 23.16 -21.89 -19.71
C ALA C 482 23.20 -21.72 -18.21
N GLU C 483 22.14 -22.11 -17.52
CA GLU C 483 22.03 -21.89 -16.07
C GLU C 483 23.15 -22.64 -15.35
N ARG C 484 23.38 -23.89 -15.77
CA ARG C 484 24.30 -24.80 -15.06
C ARG C 484 25.75 -24.30 -15.23
N LYS C 485 26.12 -23.91 -16.44
CA LYS C 485 27.44 -23.28 -16.69
C LYS C 485 27.60 -22.03 -15.84
N ALA C 486 26.57 -21.19 -15.72
CA ALA C 486 26.67 -19.91 -14.97
C ALA C 486 26.90 -20.21 -13.49
N VAL C 487 26.18 -21.19 -12.96
CA VAL C 487 26.36 -21.66 -11.56
C VAL C 487 27.78 -22.23 -11.42
N GLU C 488 28.19 -23.19 -12.28
CA GLU C 488 29.55 -23.81 -12.19
C GLU C 488 30.63 -22.72 -12.19
N ALA C 489 30.46 -21.68 -13.00
CA ALA C 489 31.40 -20.54 -13.10
C ALA C 489 31.31 -19.68 -11.82
N GLY C 490 30.33 -19.86 -10.94
CA GLY C 490 30.18 -19.00 -9.75
C GLY C 490 29.63 -17.61 -10.08
N LEU C 491 28.98 -17.46 -11.23
CA LEU C 491 28.58 -16.11 -11.75
C LEU C 491 27.21 -15.72 -11.20
N VAL C 492 26.37 -16.70 -10.89
CA VAL C 492 24.99 -16.51 -10.40
C VAL C 492 24.76 -17.42 -9.21
N GLU C 493 23.69 -17.14 -8.47
CA GLU C 493 23.17 -18.03 -7.41
C GLU C 493 21.64 -17.99 -7.40
N SER C 494 21.03 -18.87 -6.61
CA SER C 494 19.56 -19.05 -6.51
C SER C 494 18.88 -17.69 -6.41
N GLY C 495 17.87 -17.45 -7.25
CA GLY C 495 17.05 -16.23 -7.23
C GLY C 495 17.59 -15.10 -8.10
N ASP C 496 18.78 -15.24 -8.65
CA ASP C 496 19.29 -14.28 -9.66
C ASP C 496 18.47 -14.42 -10.95
N ASP C 497 18.27 -13.32 -11.68
CA ASP C 497 17.59 -13.38 -12.99
C ASP C 497 18.65 -13.28 -14.09
N ILE C 498 18.56 -14.17 -15.07
CA ILE C 498 19.46 -14.19 -16.25
C ILE C 498 18.67 -14.09 -17.53
N VAL C 499 19.33 -13.52 -18.52
CA VAL C 499 18.78 -13.46 -19.90
C VAL C 499 19.63 -14.41 -20.72
N ILE C 500 18.98 -15.34 -21.42
CA ILE C 500 19.69 -16.35 -22.23
C ILE C 500 19.25 -16.19 -23.66
N VAL C 501 20.19 -16.18 -24.59
CA VAL C 501 19.82 -16.21 -26.01
C VAL C 501 20.47 -17.40 -26.71
N ALA C 502 19.83 -17.87 -27.75
CA ALA C 502 20.28 -19.07 -28.49
C ALA C 502 19.56 -19.14 -29.81
N GLY C 503 20.10 -19.95 -30.72
CA GLY C 503 19.43 -20.32 -31.97
C GLY C 503 18.67 -21.62 -31.73
N VAL C 504 17.33 -21.56 -31.63
CA VAL C 504 16.56 -22.79 -31.29
C VAL C 504 15.54 -23.12 -32.37
N PRO C 505 15.44 -24.43 -32.73
CA PRO C 505 16.37 -25.47 -32.26
C PRO C 505 17.66 -25.67 -33.06
N VAL C 506 18.66 -26.32 -32.44
CA VAL C 506 19.95 -26.72 -33.09
C VAL C 506 19.60 -27.54 -34.35
N GLY C 507 20.08 -27.09 -35.51
CA GLY C 507 19.87 -27.73 -36.82
C GLY C 507 18.76 -27.07 -37.65
N GLU C 508 17.84 -26.34 -37.02
CA GLU C 508 16.73 -25.63 -37.70
C GLU C 508 17.07 -24.13 -37.74
N ALA C 509 17.54 -23.57 -36.62
CA ALA C 509 17.79 -22.11 -36.49
C ALA C 509 18.97 -21.74 -37.39
N VAL C 510 18.90 -20.62 -38.07
CA VAL C 510 20.04 -20.11 -38.89
C VAL C 510 20.77 -19.01 -38.09
N ARG C 511 20.25 -18.61 -36.94
CA ARG C 511 20.92 -17.54 -36.14
C ARG C 511 20.31 -17.56 -34.74
N THR C 512 20.93 -16.84 -33.81
CA THR C 512 20.26 -16.52 -32.53
C THR C 512 18.86 -15.96 -32.84
N ASN C 513 17.83 -16.57 -32.25
CA ASN C 513 16.43 -16.26 -32.64
C ASN C 513 15.55 -16.25 -31.39
N THR C 514 16.08 -16.61 -30.24
CA THR C 514 15.33 -16.76 -28.97
C THR C 514 16.00 -16.01 -27.81
N MET C 515 15.18 -15.39 -26.99
CA MET C 515 15.58 -14.82 -25.70
C MET C 515 14.65 -15.39 -24.65
N ARG C 516 15.23 -15.84 -23.54
CA ARG C 516 14.51 -16.39 -22.35
C ARG C 516 14.97 -15.55 -21.15
N ILE C 517 14.03 -15.17 -20.29
CA ILE C 517 14.34 -14.64 -18.94
C ILE C 517 14.07 -15.76 -17.92
N ARG C 518 15.09 -16.16 -17.19
CA ARG C 518 15.06 -17.36 -16.32
C ARG C 518 15.59 -16.98 -14.95
N THR C 519 14.94 -17.47 -13.89
CA THR C 519 15.34 -17.31 -12.49
C THR C 519 16.14 -18.54 -12.07
N VAL C 520 17.37 -18.33 -11.59
CA VAL C 520 18.24 -19.45 -11.16
C VAL C 520 17.57 -20.20 -9.97
N ARG C 521 17.47 -21.53 -10.07
CA ARG C 521 17.03 -22.43 -8.96
C ARG C 521 18.00 -22.26 -7.79
N MET D 21 42.73 32.31 -30.83
CA MET D 21 41.54 32.35 -29.95
C MET D 21 41.97 32.71 -28.53
N ASN D 22 41.04 33.13 -27.69
CA ASN D 22 41.33 33.47 -26.28
C ASN D 22 41.14 32.21 -25.43
N LYS D 23 41.99 32.03 -24.42
CA LYS D 23 41.93 30.83 -23.57
C LYS D 23 40.90 31.05 -22.48
N ARG D 24 39.79 30.34 -22.53
CA ARG D 24 38.72 30.57 -21.54
C ARG D 24 39.05 29.89 -20.20
N VAL D 25 39.71 28.74 -20.22
CA VAL D 25 39.99 28.03 -18.95
C VAL D 25 41.21 28.72 -18.34
N LYS D 26 41.16 29.00 -17.06
CA LYS D 26 42.22 29.80 -16.40
C LYS D 26 43.34 28.89 -15.90
N ILE D 27 44.55 29.42 -15.85
CA ILE D 27 45.75 28.67 -15.34
C ILE D 27 46.21 29.29 -14.04
N VAL D 28 46.25 28.45 -13.01
CA VAL D 28 46.99 28.79 -11.77
C VAL D 28 48.40 28.19 -11.86
N ALA D 29 49.45 29.02 -11.80
CA ALA D 29 50.85 28.50 -11.83
C ALA D 29 51.48 28.73 -10.46
N THR D 30 52.00 27.67 -9.86
CA THR D 30 52.76 27.81 -8.59
C THR D 30 54.14 28.37 -8.91
N LEU D 31 54.60 29.36 -8.11
CA LEU D 31 55.95 29.94 -8.30
C LEU D 31 56.93 29.33 -7.32
N GLY D 32 58.18 29.41 -7.68
CA GLY D 32 59.29 28.81 -6.92
C GLY D 32 60.60 29.19 -7.59
N PRO D 33 61.66 28.47 -7.19
CA PRO D 33 63.00 28.78 -7.72
C PRO D 33 63.19 28.45 -9.21
N ALA D 34 62.33 27.64 -9.85
CA ALA D 34 62.49 27.27 -11.28
C ALA D 34 62.69 28.54 -12.12
N VAL D 35 61.92 29.61 -11.89
CA VAL D 35 61.98 30.81 -12.78
C VAL D 35 62.99 31.84 -12.24
N GLU D 36 63.56 31.58 -11.08
CA GLU D 36 64.40 32.58 -10.37
C GLU D 36 65.87 32.40 -10.70
N ILE D 37 66.51 33.51 -11.09
CA ILE D 37 67.94 33.63 -11.45
C ILE D 37 68.64 34.21 -10.22
N ARG D 38 69.76 33.61 -9.79
CA ARG D 38 70.51 34.11 -8.61
C ARG D 38 71.98 34.24 -9.03
N GLY D 39 72.48 35.48 -9.03
CA GLY D 39 73.79 35.83 -9.59
C GLY D 39 74.09 35.07 -10.87
N GLY D 40 73.13 35.05 -11.81
CA GLY D 40 73.34 34.48 -13.16
C GLY D 40 73.17 32.98 -13.22
N LYS D 41 72.95 32.31 -12.10
CA LYS D 41 72.77 30.83 -12.01
C LYS D 41 71.28 30.48 -12.13
N LYS D 42 70.96 29.40 -12.84
CA LYS D 42 69.60 28.80 -12.89
C LYS D 42 69.47 27.78 -11.77
N PHE D 43 68.25 27.53 -11.33
CA PHE D 43 67.96 26.56 -10.23
C PHE D 43 68.61 25.22 -10.60
N GLY D 44 69.32 24.58 -9.65
CA GLY D 44 70.06 23.31 -9.83
C GLY D 44 71.51 23.45 -10.30
N GLU D 45 71.99 24.65 -10.67
CA GLU D 45 73.42 24.89 -10.98
C GLU D 45 74.16 25.03 -9.64
N ASP D 46 75.47 24.76 -9.62
CA ASP D 46 76.26 24.68 -8.36
C ASP D 46 76.36 26.06 -7.71
N GLY D 47 76.07 26.16 -6.39
CA GLY D 47 76.19 27.40 -5.60
C GLY D 47 75.08 28.40 -5.89
N TYR D 48 73.99 27.92 -6.52
CA TYR D 48 72.73 28.69 -6.76
C TYR D 48 72.34 29.44 -5.48
N TRP D 49 72.09 28.71 -4.38
CA TRP D 49 71.56 29.31 -3.13
C TRP D 49 72.60 30.23 -2.47
N GLY D 50 73.88 30.16 -2.88
CA GLY D 50 74.93 31.08 -2.40
C GLY D 50 74.86 32.46 -3.04
N GLU D 51 74.22 32.60 -4.21
CA GLU D 51 74.11 33.88 -4.96
C GLU D 51 72.82 34.60 -4.54
N LYS D 52 72.75 35.93 -4.63
CA LYS D 52 71.51 36.65 -4.24
C LYS D 52 70.55 36.70 -5.44
N LEU D 53 69.28 36.88 -5.15
CA LEU D 53 68.19 36.85 -6.17
C LEU D 53 68.46 37.98 -7.17
N ASP D 54 68.47 37.69 -8.47
CA ASP D 54 68.46 38.75 -9.53
C ASP D 54 66.98 39.08 -9.80
N VAL D 55 66.50 40.21 -9.31
CA VAL D 55 65.03 40.50 -9.36
C VAL D 55 64.60 40.73 -10.82
N GLU D 56 65.32 41.56 -11.59
CA GLU D 56 64.98 41.81 -13.00
C GLU D 56 64.95 40.50 -13.80
N ALA D 57 65.99 39.67 -13.68
CA ALA D 57 66.12 38.49 -14.54
C ALA D 57 64.97 37.54 -14.18
N SER D 58 64.63 37.43 -12.90
CA SER D 58 63.53 36.56 -12.42
C SER D 58 62.21 37.12 -12.94
N ALA D 59 62.01 38.42 -12.87
CA ALA D 59 60.73 39.04 -13.30
C ALA D 59 60.55 38.83 -14.80
N LYS D 60 61.62 38.81 -15.59
CA LYS D 60 61.52 38.59 -17.04
C LYS D 60 60.99 37.16 -17.29
N ASN D 61 61.48 36.16 -16.56
CA ASN D 61 61.03 34.75 -16.70
C ASN D 61 59.55 34.72 -16.33
N ILE D 62 59.17 35.36 -15.24
CA ILE D 62 57.75 35.36 -14.75
C ILE D 62 56.84 36.03 -15.79
N ALA D 63 57.28 37.14 -16.36
CA ALA D 63 56.53 37.84 -17.42
C ALA D 63 56.23 36.88 -18.58
N LYS D 64 57.16 35.98 -18.91
CA LYS D 64 56.94 34.99 -20.01
C LYS D 64 55.83 33.98 -19.61
N LEU D 65 55.71 33.61 -18.33
CA LEU D 65 54.63 32.71 -17.87
C LEU D 65 53.31 33.47 -18.00
N ILE D 66 53.28 34.74 -17.67
CA ILE D 66 52.05 35.56 -17.83
C ILE D 66 51.65 35.55 -19.31
N GLU D 67 52.60 35.84 -20.19
CA GLU D 67 52.35 35.95 -21.64
C GLU D 67 51.89 34.58 -22.15
N ALA D 68 52.31 33.49 -21.54
CA ALA D 68 51.96 32.13 -22.02
C ALA D 68 50.58 31.70 -21.50
N GLY D 69 49.97 32.47 -20.59
CA GLY D 69 48.58 32.25 -20.16
C GLY D 69 48.42 31.90 -18.70
N ALA D 70 49.44 32.11 -17.87
CA ALA D 70 49.18 32.03 -16.42
C ALA D 70 48.30 33.23 -16.03
N ASN D 71 47.22 32.95 -15.34
CA ASN D 71 46.15 33.93 -14.95
C ASN D 71 46.26 34.29 -13.47
N THR D 72 46.94 33.45 -12.69
CA THR D 72 47.09 33.64 -11.23
C THR D 72 48.35 32.88 -10.82
N PHE D 73 49.16 33.48 -9.98
CA PHE D 73 50.32 32.80 -9.36
C PHE D 73 49.95 32.37 -7.96
N ARG D 74 50.34 31.15 -7.65
CA ARG D 74 50.15 30.51 -6.34
C ARG D 74 51.46 30.62 -5.59
N PHE D 75 51.37 31.22 -4.39
CA PHE D 75 52.47 31.35 -3.39
C PHE D 75 52.19 30.34 -2.29
N ASN D 76 52.85 29.20 -2.36
CA ASN D 76 52.60 28.06 -1.46
C ASN D 76 53.37 28.29 -0.14
N PHE D 77 52.65 28.64 0.93
CA PHE D 77 53.31 29.01 2.21
C PHE D 77 53.75 27.76 2.98
N SER D 78 53.61 26.58 2.40
CA SER D 78 54.17 25.31 2.94
C SER D 78 55.70 25.34 2.84
N HIS D 79 56.26 26.13 1.92
CA HIS D 79 57.71 26.14 1.57
C HIS D 79 58.20 27.57 1.36
N GLY D 80 59.11 28.02 2.24
CA GLY D 80 59.65 29.37 2.20
C GLY D 80 59.03 30.23 3.26
N ASP D 81 59.87 31.00 3.96
CA ASP D 81 59.47 31.91 5.08
C ASP D 81 58.90 33.21 4.51
N HIS D 82 58.44 34.10 5.39
CA HIS D 82 57.72 35.33 5.01
C HIS D 82 58.61 36.16 4.08
N GLN D 83 59.91 36.31 4.42
CA GLN D 83 60.82 37.09 3.58
C GLN D 83 60.84 36.54 2.14
N GLU D 84 61.01 35.24 1.97
CA GLU D 84 61.08 34.61 0.62
C GLU D 84 59.73 34.87 -0.06
N GLN D 85 58.61 34.69 0.64
CA GLN D 85 57.25 34.88 0.05
C GLN D 85 57.07 36.33 -0.39
N GLY D 86 57.45 37.27 0.47
CA GLY D 86 57.24 38.70 0.18
C GLY D 86 58.11 39.14 -0.99
N GLU D 87 59.35 38.72 -1.02
CA GLU D 87 60.28 39.03 -2.15
C GLU D 87 59.69 38.47 -3.45
N ARG D 88 59.18 37.23 -3.41
CA ARG D 88 58.59 36.56 -4.61
C ARG D 88 57.36 37.36 -5.10
N MET D 89 56.47 37.80 -4.21
CA MET D 89 55.32 38.66 -4.60
C MET D 89 55.82 39.97 -5.24
N ALA D 90 56.89 40.57 -4.73
CA ALA D 90 57.40 41.83 -5.31
C ALA D 90 57.94 41.56 -6.73
N THR D 91 58.60 40.43 -6.95
CA THR D 91 59.14 40.03 -8.26
C THR D 91 57.96 39.91 -9.26
N VAL D 92 56.84 39.34 -8.84
CA VAL D 92 55.61 39.19 -9.71
C VAL D 92 55.06 40.57 -10.06
N LYS D 93 55.01 41.54 -9.11
CA LYS D 93 54.56 42.91 -9.43
C LYS D 93 55.47 43.53 -10.50
N LEU D 94 56.78 43.33 -10.48
CA LEU D 94 57.65 43.82 -11.58
C LEU D 94 57.31 43.05 -12.87
N ALA D 95 57.08 41.72 -12.79
CA ALA D 95 56.77 40.91 -14.00
C ALA D 95 55.51 41.48 -14.68
N GLU D 96 54.51 41.91 -13.90
CA GLU D 96 53.26 42.47 -14.51
C GLU D 96 53.61 43.69 -15.36
N LYS D 97 54.56 44.50 -14.90
CA LYS D 97 54.95 45.74 -15.65
C LYS D 97 55.68 45.34 -16.93
N ILE D 98 56.52 44.31 -16.87
CA ILE D 98 57.26 43.82 -18.06
C ILE D 98 56.24 43.26 -19.06
N ALA D 99 55.23 42.52 -18.60
CA ALA D 99 54.25 41.85 -19.49
C ALA D 99 53.21 42.84 -20.00
N GLY D 100 52.98 43.94 -19.28
CA GLY D 100 51.86 44.87 -19.52
C GLY D 100 50.53 44.19 -19.22
N LYS D 101 50.52 43.20 -18.31
CA LYS D 101 49.33 42.37 -18.03
C LYS D 101 49.30 42.08 -16.55
N LYS D 102 48.13 42.13 -15.94
CA LYS D 102 48.00 41.83 -14.50
C LYS D 102 47.64 40.36 -14.31
N VAL D 103 47.97 39.84 -13.13
CA VAL D 103 47.65 38.45 -12.74
C VAL D 103 47.09 38.47 -11.31
N GLY D 104 46.36 37.43 -10.94
CA GLY D 104 45.91 37.20 -9.57
C GLY D 104 47.03 36.67 -8.68
N PHE D 105 46.97 37.03 -7.40
CA PHE D 105 47.91 36.60 -6.34
C PHE D 105 47.15 35.65 -5.43
N LEU D 106 47.55 34.37 -5.34
CA LEU D 106 46.81 33.41 -4.49
C LEU D 106 47.80 32.90 -3.44
N LEU D 107 47.39 32.97 -2.18
CA LEU D 107 48.15 32.44 -1.03
C LEU D 107 47.60 31.05 -0.72
N ASP D 108 48.47 30.04 -0.68
CA ASP D 108 48.09 28.66 -0.31
C ASP D 108 48.64 28.36 1.09
N THR D 109 47.77 28.03 2.03
CA THR D 109 48.16 27.88 3.46
C THR D 109 48.93 26.59 3.70
N LYS D 110 49.75 26.60 4.76
CA LYS D 110 50.47 25.40 5.19
C LYS D 110 49.41 24.42 5.63
N GLY D 111 48.56 24.84 6.55
CA GLY D 111 47.51 23.97 7.07
C GLY D 111 48.05 22.88 7.98
N PRO D 112 47.16 22.00 8.46
CA PRO D 112 47.55 20.91 9.33
C PRO D 112 48.48 19.92 8.61
N GLU D 113 49.49 19.45 9.31
CA GLU D 113 50.60 18.68 8.72
C GLU D 113 51.00 17.63 9.73
N ILE D 114 51.27 16.43 9.25
CA ILE D 114 51.99 15.39 10.03
C ILE D 114 53.21 15.02 9.21
N ARG D 115 54.36 14.93 9.89
CA ARG D 115 55.63 14.55 9.24
C ARG D 115 56.37 13.52 10.12
N THR D 116 57.11 12.62 9.51
CA THR D 116 58.00 11.69 10.24
C THR D 116 59.03 12.53 10.99
N GLU D 117 59.37 12.12 12.21
CA GLU D 117 60.41 12.77 13.04
C GLU D 117 61.81 12.52 12.47
N LEU D 118 62.78 13.29 12.98
CA LEU D 118 64.21 12.94 12.82
C LEU D 118 64.46 11.60 13.52
N PHE D 119 65.36 10.79 12.97
CA PHE D 119 65.84 9.52 13.58
C PHE D 119 67.04 9.77 14.52
N GLU D 120 67.04 9.11 15.69
CA GLU D 120 68.19 8.98 16.64
C GLU D 120 69.47 8.61 15.87
N GLY D 121 70.61 9.15 16.33
CA GLY D 121 71.94 9.00 15.72
C GLY D 121 71.97 9.52 14.30
N GLU D 122 71.31 10.66 14.06
CA GLU D 122 71.24 11.36 12.73
C GLU D 122 71.26 10.35 11.57
N ALA D 123 70.43 9.30 11.63
CA ALA D 123 70.16 8.36 10.51
C ALA D 123 69.14 9.03 9.60
N LYS D 124 69.19 8.79 8.27
CA LYS D 124 68.33 9.48 7.28
C LYS D 124 66.99 8.73 7.06
N GLU D 125 67.07 7.42 6.83
CA GLU D 125 65.92 6.55 6.48
C GLU D 125 66.20 5.11 6.91
N TYR D 126 65.18 4.27 6.88
CA TYR D 126 65.33 2.79 6.86
C TYR D 126 64.41 2.19 5.78
N SER D 127 64.81 1.05 5.22
CA SER D 127 64.01 0.21 4.30
C SER D 127 63.18 -0.76 5.14
N TYR D 128 62.02 -1.15 4.61
CA TYR D 128 61.08 -2.07 5.29
C TYR D 128 60.43 -2.95 4.25
N LYS D 129 60.00 -4.12 4.70
CA LYS D 129 59.52 -5.19 3.83
C LYS D 129 58.09 -5.50 4.25
N THR D 130 57.29 -5.78 3.24
CA THR D 130 55.88 -6.23 3.35
C THR D 130 55.81 -7.31 4.44
N GLY D 131 55.03 -7.05 5.50
CA GLY D 131 54.72 -8.03 6.56
C GLY D 131 55.39 -7.69 7.88
N GLU D 132 56.44 -6.86 7.86
CA GLU D 132 57.15 -6.43 9.08
C GLU D 132 56.16 -5.78 10.05
N LYS D 133 56.36 -6.02 11.34
CA LYS D 133 55.60 -5.42 12.45
C LYS D 133 56.51 -4.39 13.08
N ILE D 134 56.12 -3.11 13.08
CA ILE D 134 56.85 -2.02 13.77
C ILE D 134 55.85 -1.22 14.56
N ARG D 135 56.31 -0.13 15.17
CA ARG D 135 55.45 0.70 16.03
C ARG D 135 55.47 2.15 15.53
N VAL D 136 54.40 2.90 15.81
CA VAL D 136 54.30 4.36 15.58
C VAL D 136 53.98 5.00 16.92
N ALA D 137 54.88 5.89 17.37
CA ALA D 137 54.72 6.69 18.59
C ALA D 137 53.77 7.86 18.33
N THR D 138 52.95 8.22 19.31
CA THR D 138 52.13 9.47 19.32
C THR D 138 52.78 10.51 20.22
N LYS D 139 53.64 10.09 21.15
CA LYS D 139 54.41 11.02 22.02
C LYS D 139 55.19 12.00 21.13
N GLN D 140 55.07 13.31 21.40
CA GLN D 140 55.69 14.43 20.64
C GLN D 140 57.03 14.82 21.26
N GLY D 141 57.83 15.61 20.53
CA GLY D 141 59.19 16.03 20.94
C GLY D 141 60.12 14.85 21.17
N ILE D 142 60.05 13.81 20.33
CA ILE D 142 60.84 12.55 20.48
C ILE D 142 61.39 12.18 19.10
N LYS D 143 62.51 11.46 19.03
CA LYS D 143 63.16 11.05 17.75
C LYS D 143 62.64 9.66 17.33
N SER D 144 62.61 9.37 16.04
CA SER D 144 62.23 8.03 15.53
C SER D 144 63.41 7.08 15.76
N THR D 145 63.09 5.81 16.01
CA THR D 145 64.02 4.67 15.80
C THR D 145 63.46 3.85 14.64
N ARG D 146 64.27 3.02 13.98
CA ARG D 146 63.84 2.07 12.93
C ARG D 146 62.57 1.31 13.36
N GLU D 147 62.46 0.98 14.64
CA GLU D 147 61.41 0.06 15.17
C GLU D 147 60.21 0.89 15.65
N VAL D 148 60.44 2.14 16.03
CA VAL D 148 59.39 3.01 16.63
C VAL D 148 59.44 4.39 15.96
N ILE D 149 58.66 4.55 14.89
CA ILE D 149 58.56 5.82 14.12
C ILE D 149 57.82 6.85 14.98
N ALA D 150 58.38 8.04 15.13
CA ALA D 150 57.70 9.17 15.81
C ALA D 150 57.27 10.22 14.77
N LEU D 151 56.27 11.02 15.13
CA LEU D 151 55.60 11.97 14.21
C LEU D 151 55.74 13.40 14.79
N ASN D 152 55.99 14.37 13.91
CA ASN D 152 55.83 15.82 14.19
C ASN D 152 54.45 16.27 13.67
N VAL D 153 53.47 16.29 14.56
CA VAL D 153 52.06 16.71 14.34
C VAL D 153 51.98 18.21 14.60
N ALA D 154 51.44 19.00 13.66
CA ALA D 154 51.10 20.44 13.85
C ALA D 154 50.42 20.65 15.24
N GLY D 155 50.89 21.66 15.98
CA GLY D 155 50.47 21.99 17.36
C GLY D 155 50.82 20.90 18.38
N ALA D 156 51.69 19.96 18.04
CA ALA D 156 52.16 18.88 18.95
C ALA D 156 50.95 18.19 19.60
N LEU D 157 49.88 17.98 18.83
CA LEU D 157 48.67 17.31 19.38
C LEU D 157 49.00 15.84 19.62
N ASP D 158 48.26 15.21 20.52
CA ASP D 158 48.39 13.78 20.85
C ASP D 158 47.34 13.06 20.01
N ILE D 159 47.77 12.26 19.02
CA ILE D 159 46.94 11.61 17.98
C ILE D 159 46.23 10.37 18.55
N TYR D 160 46.70 9.82 19.66
CA TYR D 160 46.44 8.41 20.06
C TYR D 160 44.92 8.09 20.03
N ASP D 161 44.09 8.97 20.57
CA ASP D 161 42.62 8.73 20.73
C ASP D 161 41.85 8.99 19.42
N ASP D 162 42.52 9.31 18.31
CA ASP D 162 41.86 9.67 17.03
C ASP D 162 41.97 8.55 16.01
N VAL D 163 42.87 7.61 16.25
CA VAL D 163 43.21 6.54 15.28
C VAL D 163 42.82 5.19 15.85
N GLU D 164 41.89 4.50 15.18
CA GLU D 164 41.45 3.15 15.58
C GLU D 164 42.18 2.11 14.73
N VAL D 165 42.16 0.87 15.20
CA VAL D 165 42.68 -0.31 14.45
C VAL D 165 41.99 -0.32 13.07
N GLY D 166 42.72 -0.69 12.02
CA GLY D 166 42.23 -0.82 10.63
C GLY D 166 42.44 0.46 9.82
N ARG D 167 42.74 1.56 10.49
CA ARG D 167 43.28 2.78 9.82
C ARG D 167 44.70 2.52 9.32
N GLN D 168 45.16 3.40 8.46
CA GLN D 168 46.51 3.34 7.88
C GLN D 168 47.26 4.61 8.25
N VAL D 169 48.56 4.45 8.48
CA VAL D 169 49.56 5.56 8.45
C VAL D 169 50.33 5.42 7.14
N LEU D 170 50.20 6.42 6.27
CA LEU D 170 50.77 6.43 4.90
C LEU D 170 51.87 7.47 4.88
N VAL D 171 53.06 7.07 4.44
CA VAL D 171 54.29 7.90 4.52
C VAL D 171 54.75 8.21 3.10
N ASP D 172 55.05 9.48 2.86
CA ASP D 172 55.70 10.02 1.63
C ASP D 172 54.75 9.86 0.45
N ASP D 173 53.82 10.81 0.27
CA ASP D 173 52.87 10.79 -0.86
C ASP D 173 52.20 9.43 -0.94
N GLY D 174 51.90 8.83 0.22
CA GLY D 174 51.14 7.56 0.26
C GLY D 174 51.91 6.39 -0.32
N LYS D 175 53.24 6.52 -0.48
CA LYS D 175 54.11 5.47 -1.09
C LYS D 175 54.20 4.27 -0.14
N LEU D 176 54.33 4.51 1.15
CA LEU D 176 54.48 3.41 2.12
C LEU D 176 53.30 3.35 3.07
N GLY D 177 52.61 2.21 3.07
CA GLY D 177 51.45 1.93 3.92
C GLY D 177 51.83 1.17 5.17
N LEU D 178 51.34 1.65 6.31
CA LEU D 178 51.39 0.98 7.63
C LEU D 178 49.95 0.74 8.13
N ARG D 179 49.49 -0.52 8.19
CA ARG D 179 48.15 -0.85 8.73
C ARG D 179 48.23 -0.91 10.26
N VAL D 180 47.44 -0.10 10.94
CA VAL D 180 47.23 -0.21 12.41
C VAL D 180 46.50 -1.54 12.69
N VAL D 181 47.18 -2.49 13.32
CA VAL D 181 46.62 -3.85 13.64
C VAL D 181 46.32 -3.97 15.14
N ALA D 182 46.83 -3.06 15.97
CA ALA D 182 46.61 -3.04 17.43
C ALA D 182 47.16 -1.74 17.99
N LYS D 183 46.68 -1.36 19.17
CA LYS D 183 47.11 -0.14 19.89
C LYS D 183 47.56 -0.52 21.31
N ASP D 184 48.62 0.09 21.81
CA ASP D 184 49.14 -0.21 23.17
C ASP D 184 49.00 1.02 24.05
N ASP D 185 48.01 1.05 24.96
CA ASP D 185 47.57 2.19 25.81
C ASP D 185 48.65 2.62 26.81
N ALA D 186 49.67 1.79 27.05
CA ALA D 186 50.73 2.04 28.04
C ALA D 186 51.86 2.87 27.44
N THR D 187 52.18 2.66 26.15
CA THR D 187 53.19 3.42 25.37
C THR D 187 52.49 4.48 24.51
N ARG D 188 51.16 4.40 24.39
CA ARG D 188 50.33 5.18 23.40
C ARG D 188 50.98 5.02 22.03
N GLU D 189 51.29 3.77 21.64
CA GLU D 189 51.94 3.43 20.37
C GLU D 189 50.96 2.59 19.54
N PHE D 190 51.03 2.78 18.22
CA PHE D 190 50.27 1.97 17.26
C PHE D 190 51.17 0.78 16.90
N GLU D 191 50.56 -0.39 16.91
CA GLU D 191 51.16 -1.62 16.31
C GLU D 191 50.78 -1.61 14.84
N VAL D 192 51.75 -1.54 13.92
CA VAL D 192 51.45 -1.48 12.47
C VAL D 192 52.19 -2.58 11.76
N GLU D 193 51.56 -3.07 10.71
CA GLU D 193 52.14 -4.03 9.77
C GLU D 193 52.49 -3.20 8.52
N VAL D 194 53.66 -3.43 7.96
CA VAL D 194 54.12 -2.78 6.70
C VAL D 194 53.37 -3.45 5.54
N GLU D 195 52.67 -2.68 4.71
CA GLU D 195 51.76 -3.20 3.67
C GLU D 195 52.52 -3.43 2.38
N ASN D 196 53.65 -2.75 2.20
CA ASN D 196 54.45 -2.86 0.96
C ASN D 196 55.88 -2.48 1.30
N ASP D 197 56.84 -3.02 0.54
CA ASP D 197 58.26 -2.64 0.55
C ASP D 197 58.36 -1.14 0.28
N GLY D 198 59.01 -0.40 1.17
CA GLY D 198 59.38 0.99 0.89
C GLY D 198 60.19 1.60 2.01
N ILE D 199 60.44 2.90 1.90
CA ILE D 199 61.34 3.68 2.79
C ILE D 199 60.53 4.57 3.73
N ILE D 200 60.97 4.66 4.98
CA ILE D 200 60.54 5.73 5.93
C ILE D 200 61.72 6.66 6.14
N ALA D 201 61.76 7.77 5.40
CA ALA D 201 62.77 8.83 5.52
C ALA D 201 62.36 9.81 6.61
N LYS D 202 63.29 10.62 7.11
CA LYS D 202 62.98 11.71 8.06
C LYS D 202 62.22 12.85 7.34
N GLN D 203 61.39 13.56 8.11
CA GLN D 203 60.64 14.79 7.74
C GLN D 203 59.88 14.57 6.43
N LYS D 204 59.20 13.44 6.29
CA LYS D 204 58.31 13.18 5.14
C LYS D 204 56.82 13.29 5.57
N GLY D 205 55.98 13.73 4.64
CA GLY D 205 54.52 13.87 4.83
C GLY D 205 53.86 12.54 5.20
N VAL D 206 52.93 12.60 6.14
CA VAL D 206 52.20 11.44 6.65
C VAL D 206 50.71 11.75 6.51
N ASN D 207 49.97 10.79 5.99
CA ASN D 207 48.48 10.90 5.94
C ASN D 207 47.92 9.77 6.82
N ILE D 208 46.89 10.08 7.58
CA ILE D 208 46.08 9.07 8.32
C ILE D 208 44.63 9.19 7.84
N PRO D 209 44.23 8.53 6.73
CA PRO D 209 42.93 8.76 6.10
C PRO D 209 41.78 8.41 7.04
N ASN D 210 40.66 9.13 6.88
CA ASN D 210 39.36 8.88 7.56
C ASN D 210 39.51 8.98 9.08
N THR D 211 40.25 9.97 9.57
CA THR D 211 40.33 10.36 10.99
C THR D 211 39.91 11.80 11.14
N LYS D 212 39.59 12.19 12.36
CA LYS D 212 39.23 13.57 12.73
C LYS D 212 40.19 14.01 13.81
N ILE D 213 41.47 14.07 13.50
CA ILE D 213 42.46 14.65 14.44
C ILE D 213 41.99 16.10 14.70
N PRO D 214 41.80 16.51 15.98
CA PRO D 214 41.20 17.81 16.28
C PRO D 214 42.15 18.98 15.99
N PHE D 215 42.66 19.07 14.76
CA PHE D 215 43.41 20.27 14.35
C PHE D 215 42.46 21.45 14.54
N PRO D 216 42.93 22.64 14.99
CA PRO D 216 42.04 23.79 15.10
C PRO D 216 41.45 24.20 13.72
N ALA D 217 40.26 24.81 13.76
CA ALA D 217 39.58 25.36 12.55
C ALA D 217 40.56 26.26 11.81
N LEU D 218 41.32 27.07 12.57
CA LEU D 218 42.40 27.92 12.03
C LEU D 218 43.59 27.92 12.99
N ALA D 219 44.69 27.25 12.66
CA ALA D 219 45.90 27.23 13.52
C ALA D 219 46.54 28.62 13.58
N GLU D 220 47.27 28.95 14.65
CA GLU D 220 47.97 30.25 14.75
C GLU D 220 48.96 30.45 13.58
N ARG D 221 49.72 29.43 13.17
CA ARG D 221 50.69 29.59 12.06
C ARG D 221 49.95 30.06 10.79
N ASP D 222 48.77 29.49 10.54
CA ASP D 222 47.99 29.81 9.31
C ASP D 222 47.40 31.21 9.43
N ASN D 223 46.89 31.56 10.60
CA ASN D 223 46.41 32.90 10.96
C ASN D 223 47.49 33.90 10.63
N ASP D 224 48.72 33.67 11.12
CA ASP D 224 49.83 34.62 10.90
C ASP D 224 50.23 34.66 9.42
N ASP D 225 50.31 33.51 8.74
CA ASP D 225 50.70 33.47 7.30
C ASP D 225 49.66 34.26 6.51
N ILE D 226 48.36 34.10 6.80
CA ILE D 226 47.26 34.85 6.10
C ILE D 226 47.37 36.35 6.34
N ARG D 227 47.60 36.75 7.58
CA ARG D 227 47.77 38.20 7.87
C ARG D 227 48.96 38.76 7.11
N PHE D 228 50.08 38.03 7.03
CA PHE D 228 51.25 38.48 6.24
C PHE D 228 50.82 38.66 4.76
N GLY D 229 50.16 37.66 4.17
CA GLY D 229 49.75 37.76 2.76
C GLY D 229 48.83 38.94 2.51
N LEU D 230 47.81 39.09 3.35
CA LEU D 230 46.82 40.21 3.24
C LEU D 230 47.56 41.55 3.28
N GLU D 231 48.60 41.67 4.09
CA GLU D 231 49.32 42.95 4.18
C GLU D 231 50.18 43.16 2.92
N GLN D 232 50.68 42.08 2.33
CA GLN D 232 51.45 42.19 1.07
C GLN D 232 50.54 42.57 -0.09
N GLY D 233 49.30 42.09 -0.09
CA GLY D 233 48.28 42.31 -1.14
C GLY D 233 48.05 41.03 -1.93
N ILE D 234 46.95 40.32 -1.64
CA ILE D 234 46.58 39.05 -2.33
C ILE D 234 45.13 39.16 -2.78
N ASN D 235 44.71 38.27 -3.67
CA ASN D 235 43.34 38.32 -4.24
C ASN D 235 42.61 37.06 -3.81
N PHE D 236 43.37 35.98 -3.52
CA PHE D 236 42.80 34.67 -3.20
C PHE D 236 43.59 34.04 -2.08
N ILE D 237 42.86 33.28 -1.29
CA ILE D 237 43.45 32.30 -0.33
C ILE D 237 42.89 30.92 -0.66
N ALA D 238 43.78 29.96 -0.87
CA ALA D 238 43.42 28.54 -0.88
C ALA D 238 43.72 27.96 0.51
N ILE D 239 42.67 27.49 1.16
CA ILE D 239 42.74 26.95 2.55
C ILE D 239 42.95 25.43 2.51
N SER D 240 44.13 24.98 2.94
CA SER D 240 44.50 23.53 2.88
C SER D 240 43.65 22.73 3.87
N PHE D 241 43.23 21.52 3.48
CA PHE D 241 42.51 20.51 4.32
C PHE D 241 41.31 21.17 4.99
N VAL D 242 40.41 21.77 4.19
CA VAL D 242 39.11 22.25 4.72
C VAL D 242 38.26 21.04 5.05
N ARG D 243 37.76 21.00 6.29
CA ARG D 243 37.00 19.84 6.81
C ARG D 243 35.54 20.23 6.99
N THR D 244 35.27 21.47 7.39
CA THR D 244 33.90 21.95 7.64
C THR D 244 33.84 23.42 7.24
N ALA D 245 32.65 24.00 7.25
CA ALA D 245 32.42 25.41 6.90
C ALA D 245 33.18 26.30 7.91
N LYS D 246 33.39 25.85 9.14
CA LYS D 246 34.07 26.69 10.16
C LYS D 246 35.52 26.99 9.71
N ASP D 247 36.18 26.05 9.02
CA ASP D 247 37.56 26.29 8.51
C ASP D 247 37.56 27.48 7.52
N VAL D 248 36.45 27.68 6.78
CA VAL D 248 36.38 28.82 5.84
C VAL D 248 36.03 30.09 6.61
N ASN D 249 35.03 30.02 7.48
CA ASN D 249 34.47 31.22 8.14
C ASN D 249 35.51 31.86 9.05
N GLU D 250 36.43 31.08 9.60
CA GLU D 250 37.45 31.67 10.50
C GLU D 250 38.38 32.50 9.64
N VAL D 251 38.66 32.09 8.40
CA VAL D 251 39.54 32.87 7.49
C VAL D 251 38.75 34.10 7.01
N ARG D 252 37.45 33.93 6.79
CA ARG D 252 36.61 35.04 6.30
C ARG D 252 36.61 36.19 7.35
N ALA D 253 36.54 35.85 8.63
CA ALA D 253 36.51 36.83 9.74
C ALA D 253 37.76 37.68 9.70
N ILE D 254 38.92 37.06 9.41
CA ILE D 254 40.22 37.78 9.30
C ILE D 254 40.21 38.70 8.09
N CYS D 255 39.77 38.23 6.91
CA CYS D 255 39.65 39.10 5.72
C CYS D 255 38.75 40.31 6.08
N GLU D 256 37.63 40.07 6.76
CA GLU D 256 36.60 41.12 7.06
C GLU D 256 37.22 42.13 8.05
N GLU D 257 37.84 41.63 9.12
CA GLU D 257 38.41 42.45 10.22
C GLU D 257 39.51 43.38 9.70
N THR D 258 40.30 42.98 8.71
CA THR D 258 41.51 43.72 8.30
C THR D 258 41.16 44.66 7.15
N GLY D 259 39.88 44.72 6.76
CA GLY D 259 39.42 45.54 5.61
C GLY D 259 39.76 44.89 4.26
N ASN D 260 39.79 43.55 4.19
CA ASN D 260 40.14 42.80 2.95
C ASN D 260 38.98 41.89 2.57
N GLY D 261 37.77 42.44 2.56
CA GLY D 261 36.51 41.70 2.33
C GLY D 261 36.42 41.23 0.88
N HIS D 262 37.15 41.87 -0.04
CA HIS D 262 37.24 41.53 -1.48
C HIS D 262 38.01 40.21 -1.71
N VAL D 263 38.79 39.74 -0.72
CA VAL D 263 39.64 38.52 -0.91
C VAL D 263 38.71 37.30 -1.00
N GLN D 264 38.96 36.44 -1.97
CA GLN D 264 38.11 35.27 -2.23
C GLN D 264 38.79 34.04 -1.66
N LEU D 265 37.99 33.16 -1.09
CA LEU D 265 38.43 31.96 -0.39
C LEU D 265 38.11 30.73 -1.22
N PHE D 266 39.14 29.96 -1.54
CA PHE D 266 38.99 28.62 -2.13
C PHE D 266 39.24 27.58 -1.06
N ALA D 267 38.25 26.74 -0.75
CA ALA D 267 38.46 25.58 0.13
C ALA D 267 39.20 24.50 -0.68
N LYS D 268 40.32 24.04 -0.16
CA LYS D 268 40.95 22.80 -0.65
C LYS D 268 40.28 21.56 -0.05
N ILE D 269 39.63 20.79 -0.92
CA ILE D 269 38.94 19.52 -0.56
C ILE D 269 39.96 18.42 -0.82
N GLU D 270 40.42 17.79 0.25
CA GLU D 270 41.49 16.78 0.12
C GLU D 270 41.39 15.69 1.17
N ASN D 271 40.24 15.53 1.81
CA ASN D 271 40.10 14.33 2.69
C ASN D 271 38.61 13.98 2.78
N GLN D 272 38.31 12.87 3.45
CA GLN D 272 36.93 12.33 3.43
C GLN D 272 35.96 13.31 4.10
N GLN D 273 36.38 13.98 5.17
CA GLN D 273 35.49 14.92 5.89
C GLN D 273 35.11 16.12 4.98
N GLY D 274 36.06 16.66 4.21
CA GLY D 274 35.77 17.77 3.30
C GLY D 274 34.77 17.34 2.26
N ILE D 275 34.91 16.12 1.74
CA ILE D 275 33.92 15.56 0.76
C ILE D 275 32.56 15.39 1.45
N ASP D 276 32.54 14.86 2.68
CA ASP D 276 31.25 14.57 3.38
C ASP D 276 30.53 15.91 3.60
N ASN D 277 31.27 17.00 3.85
CA ASN D 277 30.73 18.35 4.18
C ASN D 277 30.78 19.26 2.95
N LEU D 278 30.85 18.70 1.74
CA LEU D 278 31.07 19.57 0.55
C LEU D 278 30.02 20.68 0.46
N ASP D 279 28.72 20.38 0.62
CA ASP D 279 27.64 21.36 0.35
C ASP D 279 27.85 22.56 1.27
N GLU D 280 28.14 22.35 2.55
CA GLU D 280 28.24 23.50 3.49
C GLU D 280 29.54 24.27 3.22
N ILE D 281 30.57 23.56 2.74
CA ILE D 281 31.85 24.25 2.45
C ILE D 281 31.67 25.13 1.17
N ILE D 282 31.06 24.58 0.12
CA ILE D 282 30.75 25.39 -1.11
C ILE D 282 29.95 26.62 -0.68
N GLU D 283 28.97 26.46 0.23
CA GLU D 283 28.12 27.62 0.66
C GLU D 283 28.97 28.71 1.31
N ALA D 284 30.00 28.37 2.09
CA ALA D 284 30.83 29.32 2.86
C ALA D 284 31.92 29.94 1.99
N ALA D 285 32.46 29.18 1.03
CA ALA D 285 33.60 29.56 0.17
C ALA D 285 33.15 30.32 -1.07
N ASP D 286 34.12 30.92 -1.76
CA ASP D 286 33.96 31.55 -3.09
C ASP D 286 34.26 30.50 -4.16
N GLY D 287 34.81 29.36 -3.77
CA GLY D 287 35.18 28.33 -4.77
C GLY D 287 35.88 27.16 -4.12
N ILE D 288 36.29 26.19 -4.92
CA ILE D 288 36.88 24.93 -4.43
C ILE D 288 38.15 24.69 -5.22
N MET D 289 39.22 24.28 -4.55
CA MET D 289 40.39 23.69 -5.23
C MET D 289 40.31 22.19 -5.00
N ILE D 290 40.25 21.43 -6.08
CA ILE D 290 40.17 19.95 -6.03
C ILE D 290 41.60 19.48 -5.87
N ALA D 291 41.99 19.30 -4.62
CA ALA D 291 43.37 19.05 -4.21
C ALA D 291 43.63 17.55 -4.37
N ARG D 292 43.84 17.10 -5.61
CA ARG D 292 43.80 15.65 -5.93
C ARG D 292 44.99 14.91 -5.31
N GLY D 293 46.10 15.60 -5.02
CA GLY D 293 47.33 15.01 -4.50
C GLY D 293 47.00 14.32 -3.17
N ASP D 294 46.55 15.10 -2.21
CA ASP D 294 46.15 14.56 -0.87
C ASP D 294 44.88 13.77 -1.04
N MET D 295 43.94 14.22 -1.87
CA MET D 295 42.65 13.53 -1.91
C MET D 295 42.86 12.06 -2.28
N GLY D 296 43.74 11.79 -3.25
CA GLY D 296 43.94 10.43 -3.77
C GLY D 296 44.73 9.57 -2.80
N ILE D 297 45.20 10.14 -1.70
CA ILE D 297 45.84 9.35 -0.60
C ILE D 297 44.79 9.11 0.47
N GLU D 298 43.93 10.09 0.68
CA GLU D 298 42.96 10.17 1.79
C GLU D 298 41.66 9.45 1.46
N VAL D 299 41.34 9.23 0.18
CA VAL D 299 40.16 8.45 -0.25
C VAL D 299 40.69 7.41 -1.23
N PRO D 300 39.93 6.36 -1.58
CA PRO D 300 40.39 5.39 -2.57
C PRO D 300 40.71 6.16 -3.84
N PHE D 301 41.91 5.92 -4.37
CA PHE D 301 42.49 6.68 -5.53
C PHE D 301 41.50 6.61 -6.70
N GLU D 302 40.81 5.47 -6.87
CA GLU D 302 39.92 5.23 -8.03
C GLU D 302 38.62 6.04 -7.91
N MET D 303 38.36 6.64 -6.75
CA MET D 303 37.19 7.50 -6.49
C MET D 303 37.50 8.95 -6.87
N VAL D 304 38.75 9.34 -7.04
CA VAL D 304 39.06 10.77 -7.31
C VAL D 304 38.35 11.28 -8.58
N PRO D 305 38.30 10.52 -9.70
CA PRO D 305 37.64 10.96 -10.93
C PRO D 305 36.15 11.19 -10.69
N VAL D 306 35.56 10.38 -9.82
CA VAL D 306 34.12 10.46 -9.50
C VAL D 306 33.92 11.79 -8.76
N TYR D 307 34.71 12.02 -7.73
CA TYR D 307 34.58 13.24 -6.90
C TYR D 307 34.88 14.49 -7.75
N GLN D 308 35.86 14.42 -8.63
CA GLN D 308 36.25 15.57 -9.49
C GLN D 308 35.04 15.99 -10.31
N LYS D 309 34.37 15.05 -10.95
CA LYS D 309 33.23 15.43 -11.84
C LYS D 309 32.08 16.00 -11.04
N MET D 310 31.81 15.39 -9.88
CA MET D 310 30.73 15.81 -8.96
C MET D 310 31.03 17.20 -8.40
N ILE D 311 32.25 17.47 -7.95
CA ILE D 311 32.60 18.78 -7.37
C ILE D 311 32.52 19.86 -8.45
N ILE D 312 33.05 19.60 -9.64
CA ILE D 312 32.93 20.61 -10.73
C ILE D 312 31.44 20.95 -10.94
N LYS D 313 30.55 19.95 -11.03
CA LYS D 313 29.14 20.20 -11.36
C LYS D 313 28.52 21.05 -10.23
N LYS D 314 28.69 20.63 -8.99
CA LYS D 314 28.11 21.33 -7.82
C LYS D 314 28.65 22.75 -7.70
N VAL D 315 29.95 22.99 -7.87
CA VAL D 315 30.53 24.35 -7.71
C VAL D 315 30.00 25.24 -8.83
N ASN D 316 29.90 24.71 -10.04
CA ASN D 316 29.38 25.50 -11.17
C ASN D 316 27.89 25.83 -10.90
N ALA D 317 27.08 24.89 -10.37
CA ALA D 317 25.64 25.12 -10.07
C ALA D 317 25.51 26.21 -9.02
N ALA D 318 26.50 26.37 -8.14
CA ALA D 318 26.50 27.39 -7.08
C ALA D 318 26.99 28.74 -7.63
N GLY D 319 27.43 28.85 -8.88
CA GLY D 319 28.00 30.09 -9.45
C GLY D 319 29.36 30.46 -8.93
N LYS D 320 30.17 29.47 -8.53
CA LYS D 320 31.47 29.66 -7.86
C LYS D 320 32.56 29.06 -8.75
N VAL D 321 33.80 29.20 -8.32
CA VAL D 321 34.98 28.89 -9.17
C VAL D 321 35.54 27.53 -8.75
N VAL D 322 35.84 26.67 -9.70
CA VAL D 322 36.52 25.39 -9.34
C VAL D 322 37.87 25.32 -10.05
N ILE D 323 38.91 24.99 -9.30
CA ILE D 323 40.28 24.74 -9.78
C ILE D 323 40.56 23.25 -9.70
N THR D 324 40.97 22.62 -10.79
CA THR D 324 41.44 21.21 -10.77
C THR D 324 42.97 21.23 -10.65
N ALA D 325 43.51 20.50 -9.65
CA ALA D 325 44.93 20.60 -9.25
C ALA D 325 45.62 19.23 -9.18
N THR D 326 46.92 19.29 -9.46
CA THR D 326 47.99 18.34 -9.03
C THR D 326 48.24 17.29 -10.10
N ASN D 327 49.51 17.13 -10.48
CA ASN D 327 50.03 16.10 -11.41
C ASN D 327 49.47 16.27 -12.83
N MET D 328 48.90 17.43 -13.17
CA MET D 328 48.26 17.56 -14.51
C MET D 328 49.29 17.39 -15.63
N LEU D 329 50.49 18.00 -15.49
CA LEU D 329 51.57 17.76 -16.46
C LEU D 329 52.84 17.28 -15.74
N GLU D 330 52.70 16.36 -14.82
CA GLU D 330 53.76 15.99 -13.84
C GLU D 330 55.10 15.65 -14.51
N THR D 331 55.08 14.91 -15.62
CA THR D 331 56.31 14.43 -16.30
C THR D 331 57.12 15.63 -16.78
N MET D 332 56.47 16.76 -17.06
CA MET D 332 57.12 18.01 -17.48
C MET D 332 57.96 18.67 -16.40
N THR D 333 57.90 18.19 -15.19
CA THR D 333 58.88 18.59 -14.16
C THR D 333 60.29 18.21 -14.62
N GLU D 334 60.45 17.06 -15.27
CA GLU D 334 61.80 16.51 -15.60
C GLU D 334 62.03 16.46 -17.09
N LYS D 335 60.96 16.39 -17.90
CA LYS D 335 61.03 16.16 -19.36
C LYS D 335 60.34 17.26 -20.14
N PRO D 336 60.77 17.54 -21.38
CA PRO D 336 60.17 18.62 -22.15
C PRO D 336 58.79 18.30 -22.74
N ARG D 337 58.33 17.05 -22.68
CA ARG D 337 57.00 16.73 -23.23
C ARG D 337 56.19 15.96 -22.19
N ALA D 338 54.88 16.21 -22.21
CA ALA D 338 53.98 15.54 -21.29
C ALA D 338 53.63 14.15 -21.86
N THR D 339 53.16 13.27 -20.99
CA THR D 339 52.67 11.93 -21.38
C THR D 339 51.27 12.06 -22.02
N ARG D 340 50.83 10.97 -22.64
CA ARG D 340 49.48 10.92 -23.21
C ARG D 340 48.43 11.00 -22.11
N SER D 341 48.67 10.39 -20.95
CA SER D 341 47.72 10.40 -19.83
C SER D 341 47.60 11.82 -19.26
N GLU D 342 48.70 12.55 -19.17
CA GLU D 342 48.67 13.97 -18.72
C GLU D 342 47.86 14.87 -19.68
N VAL D 343 48.06 14.76 -20.99
CA VAL D 343 47.30 15.61 -21.93
C VAL D 343 45.81 15.25 -21.78
N SER D 344 45.50 13.96 -21.70
CA SER D 344 44.11 13.46 -21.49
C SER D 344 43.52 14.10 -20.24
N ASP D 345 44.27 14.05 -19.15
CA ASP D 345 43.82 14.59 -17.85
C ASP D 345 43.44 16.07 -18.01
N VAL D 346 44.31 16.90 -18.56
CA VAL D 346 44.05 18.36 -18.72
C VAL D 346 42.80 18.56 -19.61
N PHE D 347 42.78 17.85 -20.73
CA PHE D 347 41.64 17.97 -21.70
C PHE D 347 40.35 17.63 -20.96
N ASN D 348 40.33 16.50 -20.27
CA ASN D 348 39.10 15.99 -19.63
C ASN D 348 38.66 16.88 -18.44
N ALA D 349 39.60 17.50 -17.74
CA ALA D 349 39.25 18.51 -16.70
C ALA D 349 38.45 19.65 -17.36
N VAL D 350 38.87 20.12 -18.54
CA VAL D 350 38.11 21.15 -19.29
C VAL D 350 36.70 20.66 -19.64
N ILE D 351 36.60 19.47 -20.25
CA ILE D 351 35.29 18.89 -20.65
C ILE D 351 34.39 18.73 -19.43
N ASP D 352 34.93 18.32 -18.28
CA ASP D 352 34.17 18.15 -17.02
C ASP D 352 33.54 19.49 -16.58
N GLY D 353 34.15 20.61 -16.95
CA GLY D 353 33.61 21.94 -16.67
C GLY D 353 34.48 22.80 -15.79
N THR D 354 35.76 22.45 -15.60
CA THR D 354 36.57 23.22 -14.64
C THR D 354 36.71 24.67 -15.09
N ASP D 355 36.80 25.60 -14.13
CA ASP D 355 37.09 27.03 -14.42
C ASP D 355 38.57 27.16 -14.72
N ALA D 356 39.37 26.40 -13.97
CA ALA D 356 40.83 26.60 -13.95
C ALA D 356 41.51 25.25 -13.79
N THR D 357 42.72 25.16 -14.35
CA THR D 357 43.66 24.04 -14.22
C THR D 357 44.89 24.60 -13.52
N MET D 358 45.63 23.77 -12.82
CA MET D 358 46.74 24.24 -11.99
C MET D 358 48.03 23.46 -12.27
N LEU D 359 49.15 24.14 -12.12
CA LEU D 359 50.51 23.56 -12.13
C LEU D 359 51.08 23.81 -10.75
N SER D 360 51.78 22.81 -10.22
CA SER D 360 52.48 22.87 -8.92
C SER D 360 53.99 22.81 -9.20
N GLY D 361 54.66 21.67 -8.98
CA GLY D 361 56.10 21.53 -9.20
C GLY D 361 56.47 21.76 -10.65
N GLU D 362 55.56 21.52 -11.60
CA GLU D 362 55.87 21.74 -13.05
C GLU D 362 56.31 23.18 -13.28
N SER D 363 55.65 24.17 -12.67
CA SER D 363 55.99 25.61 -12.80
C SER D 363 56.86 26.10 -11.65
N ALA D 364 56.81 25.47 -10.48
CA ALA D 364 57.55 26.01 -9.32
C ALA D 364 59.00 25.51 -9.30
N ASN D 365 59.25 24.24 -9.61
CA ASN D 365 60.54 23.59 -9.27
C ASN D 365 61.11 22.78 -10.44
N GLY D 366 60.42 22.71 -11.57
CA GLY D 366 60.86 21.88 -12.67
C GLY D 366 61.84 22.52 -13.59
N LYS D 367 62.25 21.70 -14.55
CA LYS D 367 63.23 22.11 -15.57
C LYS D 367 62.55 22.91 -16.67
N TYR D 368 61.23 22.78 -16.84
CA TYR D 368 60.50 23.39 -17.97
C TYR D 368 59.27 24.21 -17.56
N PRO D 369 59.44 25.23 -16.71
CA PRO D 369 58.28 26.01 -16.22
C PRO D 369 57.53 26.71 -17.33
N LEU D 370 58.24 27.34 -18.27
CA LEU D 370 57.56 28.09 -19.36
C LEU D 370 56.86 27.09 -20.31
N GLU D 371 57.52 25.97 -20.63
CA GLU D 371 56.97 24.93 -21.52
C GLU D 371 55.72 24.33 -20.87
N SER D 372 55.70 24.10 -19.56
CA SER D 372 54.55 23.53 -18.82
C SER D 372 53.34 24.46 -18.95
N VAL D 373 53.52 25.76 -18.78
CA VAL D 373 52.37 26.71 -18.91
C VAL D 373 51.91 26.77 -20.38
N THR D 374 52.85 26.78 -21.33
CA THR D 374 52.50 26.85 -22.77
C THR D 374 51.68 25.59 -23.15
N THR D 375 52.11 24.41 -22.72
CA THR D 375 51.49 23.11 -23.06
C THR D 375 50.09 23.10 -22.45
N MET D 376 49.97 23.49 -21.17
CA MET D 376 48.65 23.48 -20.53
C MET D 376 47.72 24.44 -21.27
N ALA D 377 48.20 25.60 -21.69
CA ALA D 377 47.37 26.59 -22.40
C ALA D 377 46.95 26.01 -23.75
N THR D 378 47.88 25.35 -24.47
CA THR D 378 47.54 24.73 -25.78
C THR D 378 46.41 23.72 -25.57
N ILE D 379 46.53 22.84 -24.58
CA ILE D 379 45.49 21.80 -24.33
C ILE D 379 44.18 22.47 -23.96
N ASP D 380 44.21 23.45 -23.03
CA ASP D 380 42.98 24.09 -22.54
C ASP D 380 42.24 24.78 -23.69
N LYS D 381 42.98 25.42 -24.58
CA LYS D 381 42.38 26.13 -25.75
C LYS D 381 41.77 25.13 -26.71
N ASN D 382 42.39 23.99 -26.97
CA ASN D 382 41.78 22.99 -27.87
C ASN D 382 40.53 22.41 -27.23
N ALA D 383 40.61 22.06 -25.95
CA ALA D 383 39.47 21.41 -25.24
C ALA D 383 38.24 22.34 -25.28
N GLN D 384 38.40 23.65 -25.13
CA GLN D 384 37.22 24.55 -25.02
C GLN D 384 36.41 24.49 -26.32
N ALA D 385 37.04 24.18 -27.46
CA ALA D 385 36.37 24.09 -28.79
C ALA D 385 35.48 22.84 -28.81
N LEU D 386 35.61 21.92 -27.84
CA LEU D 386 34.79 20.68 -27.82
C LEU D 386 33.70 20.73 -26.74
N LEU D 387 33.58 21.85 -26.01
CA LEU D 387 32.56 21.96 -24.96
C LEU D 387 31.13 21.86 -25.52
N ASN D 388 30.82 22.41 -26.69
CA ASN D 388 29.48 22.20 -27.31
C ASN D 388 29.20 20.71 -27.52
N GLU D 389 30.19 19.96 -27.99
CA GLU D 389 29.99 18.54 -28.35
C GLU D 389 29.95 17.68 -27.09
N TYR D 390 30.92 17.84 -26.19
CA TYR D 390 31.23 16.86 -25.13
C TYR D 390 31.00 17.47 -23.72
N GLY D 391 30.87 18.79 -23.55
CA GLY D 391 30.87 19.42 -22.21
C GLY D 391 29.86 18.75 -21.28
N ARG D 392 30.27 18.45 -20.05
CA ARG D 392 29.40 17.82 -19.03
C ARG D 392 28.39 18.81 -18.41
N LEU D 393 28.71 20.08 -18.30
CA LEU D 393 27.87 21.04 -17.55
C LEU D 393 26.58 21.26 -18.35
N ASP D 394 25.48 21.46 -17.66
CA ASP D 394 24.14 21.58 -18.32
C ASP D 394 23.41 22.81 -17.74
N SER D 395 23.56 23.97 -18.37
CA SER D 395 23.02 25.27 -17.84
C SER D 395 21.48 25.30 -17.98
N ASP D 396 20.94 24.53 -18.91
CA ASP D 396 19.45 24.48 -19.09
C ASP D 396 18.81 24.00 -17.77
N SER D 397 19.53 23.22 -16.97
CA SER D 397 18.98 22.61 -15.74
C SER D 397 18.84 23.63 -14.63
N PHE D 398 19.60 24.72 -14.62
CA PHE D 398 19.65 25.63 -13.45
C PHE D 398 18.31 26.33 -13.20
N GLU D 399 17.88 26.44 -11.94
CA GLU D 399 16.93 27.48 -11.49
C GLU D 399 17.60 28.84 -11.66
N ARG D 400 16.94 29.77 -12.35
CA ARG D 400 17.45 31.15 -12.41
C ARG D 400 16.97 31.86 -11.14
N ASN D 401 17.85 32.11 -10.18
CA ASN D 401 17.43 32.49 -8.80
C ASN D 401 17.42 34.01 -8.57
N SER D 402 17.72 34.82 -9.57
CA SER D 402 17.67 36.28 -9.42
C SER D 402 17.54 36.90 -10.81
N LYS D 403 17.24 38.19 -10.83
CA LYS D 403 17.09 38.88 -12.13
C LYS D 403 18.44 39.03 -12.84
N THR D 404 19.55 39.16 -12.14
CA THR D 404 20.86 39.14 -12.86
C THR D 404 21.01 37.77 -13.53
N GLU D 405 20.62 36.71 -12.84
CA GLU D 405 20.81 35.35 -13.36
C GLU D 405 19.89 35.13 -14.57
N VAL D 406 18.72 35.75 -14.56
CA VAL D 406 17.82 35.69 -15.74
C VAL D 406 18.49 36.35 -16.94
N MET D 407 19.14 37.46 -16.70
CA MET D 407 19.86 38.16 -17.78
C MET D 407 21.04 37.28 -18.25
N ALA D 408 21.78 36.64 -17.36
CA ALA D 408 22.89 35.70 -17.76
C ALA D 408 22.36 34.59 -18.68
N SER D 409 21.20 34.02 -18.38
CA SER D 409 20.56 32.96 -19.18
C SER D 409 20.25 33.55 -20.57
N ALA D 410 19.71 34.77 -20.63
CA ALA D 410 19.32 35.41 -21.91
C ALA D 410 20.60 35.63 -22.74
N VAL D 411 21.69 35.99 -22.07
CA VAL D 411 22.97 36.19 -22.75
C VAL D 411 23.36 34.85 -23.40
N LYS D 412 23.33 33.77 -22.64
CA LYS D 412 23.67 32.43 -23.17
C LYS D 412 22.80 32.14 -24.41
N ASP D 413 21.50 32.39 -24.27
CA ASP D 413 20.54 32.18 -25.38
C ASP D 413 21.00 32.92 -26.65
N ALA D 414 21.38 34.20 -26.55
CA ALA D 414 21.85 35.02 -27.69
C ALA D 414 23.10 34.37 -28.30
N THR D 415 24.05 33.89 -27.49
CA THR D 415 25.28 33.24 -28.00
C THR D 415 24.95 31.90 -28.65
N SER D 416 23.84 31.24 -28.32
CA SER D 416 23.39 29.97 -28.93
C SER D 416 22.63 30.26 -30.22
N SER D 417 21.99 31.42 -30.32
CA SER D 417 21.14 31.76 -31.49
C SER D 417 21.99 32.21 -32.68
N MET D 418 23.08 32.91 -32.43
CA MET D 418 23.86 33.54 -33.51
C MET D 418 25.32 33.50 -33.09
N ASP D 419 26.18 33.85 -34.02
CA ASP D 419 27.65 33.89 -33.81
C ASP D 419 27.97 35.21 -33.07
N ILE D 420 28.21 35.11 -31.77
CA ILE D 420 28.58 36.25 -30.89
C ILE D 420 30.08 36.14 -30.59
N LYS D 421 30.85 37.14 -31.02
CA LYS D 421 32.31 37.18 -30.85
C LYS D 421 32.62 37.41 -29.37
N LEU D 422 31.85 38.24 -28.68
CA LEU D 422 32.20 38.72 -27.34
C LEU D 422 30.93 39.15 -26.58
N VAL D 423 30.87 38.78 -25.30
CA VAL D 423 29.94 39.26 -24.30
C VAL D 423 30.71 40.30 -23.48
N VAL D 424 30.14 41.48 -23.37
CA VAL D 424 30.69 42.57 -22.53
C VAL D 424 29.74 42.84 -21.39
N THR D 425 30.24 42.84 -20.16
CA THR D 425 29.45 43.23 -18.97
C THR D 425 30.17 44.42 -18.33
N LEU D 426 29.40 45.46 -18.02
CA LEU D 426 29.89 46.59 -17.15
C LEU D 426 29.46 46.27 -15.73
N THR D 427 30.44 45.88 -14.93
CA THR D 427 30.22 45.21 -13.64
C THR D 427 30.98 45.93 -12.54
N LYS D 428 30.26 46.36 -11.51
CA LYS D 428 30.92 47.09 -10.39
C LYS D 428 31.69 46.15 -9.45
N THR D 429 31.13 45.00 -9.09
CA THR D 429 31.72 44.03 -8.12
C THR D 429 32.03 42.70 -8.79
N GLY D 430 31.72 42.55 -10.09
CA GLY D 430 31.98 41.29 -10.85
C GLY D 430 30.84 40.31 -10.83
N HIS D 431 29.76 40.56 -10.05
CA HIS D 431 28.60 39.66 -9.86
C HIS D 431 28.00 39.24 -11.21
N THR D 432 27.75 40.19 -12.11
CA THR D 432 27.16 39.87 -13.42
C THR D 432 28.14 38.97 -14.22
N ALA D 433 29.43 39.27 -14.15
CA ALA D 433 30.48 38.54 -14.89
C ALA D 433 30.53 37.11 -14.35
N ARG D 434 30.38 36.93 -13.04
CA ARG D 434 30.35 35.59 -12.41
C ARG D 434 29.15 34.77 -12.91
N LEU D 435 27.98 35.41 -13.01
CA LEU D 435 26.76 34.72 -13.47
C LEU D 435 26.81 34.40 -14.95
N ILE D 436 27.33 35.29 -15.78
CA ILE D 436 27.50 34.96 -17.22
C ILE D 436 28.47 33.77 -17.32
N SER D 437 29.58 33.82 -16.61
CA SER D 437 30.61 32.76 -16.63
C SER D 437 29.96 31.43 -16.25
N LYS D 438 29.13 31.43 -15.20
CA LYS D 438 28.42 30.23 -14.71
C LYS D 438 27.71 29.54 -15.88
N TYR D 439 27.09 30.31 -16.76
CA TYR D 439 26.29 29.78 -17.90
C TYR D 439 27.21 29.31 -19.03
N ARG D 440 28.51 29.56 -19.01
CA ARG D 440 29.43 29.02 -20.04
C ARG D 440 28.89 29.34 -21.43
N PRO D 441 28.71 30.64 -21.77
CA PRO D 441 28.34 31.08 -23.10
C PRO D 441 29.36 30.64 -24.16
N ASN D 442 28.88 30.57 -25.42
CA ASN D 442 29.72 30.33 -26.61
C ASN D 442 30.36 31.65 -27.03
N ALA D 443 31.19 32.24 -26.14
CA ALA D 443 31.81 33.55 -26.36
C ALA D 443 32.75 33.84 -25.22
N ASP D 444 33.77 34.64 -25.49
CA ASP D 444 34.60 35.22 -24.43
C ASP D 444 33.76 36.29 -23.70
N ILE D 445 34.09 36.56 -22.45
CA ILE D 445 33.39 37.54 -21.61
C ILE D 445 34.37 38.65 -21.18
N LEU D 446 34.21 39.86 -21.71
CA LEU D 446 34.99 41.04 -21.31
C LEU D 446 34.26 41.64 -20.11
N ALA D 447 34.90 41.62 -18.94
CA ALA D 447 34.32 42.22 -17.71
C ALA D 447 34.94 43.60 -17.49
N LEU D 448 34.17 44.65 -17.78
CA LEU D 448 34.65 46.06 -17.63
C LEU D 448 34.30 46.48 -16.21
N THR D 449 35.33 46.67 -15.40
CA THR D 449 35.17 47.00 -13.96
C THR D 449 36.04 48.20 -13.61
N PHE D 450 35.79 48.76 -12.43
CA PHE D 450 36.20 50.17 -12.14
C PHE D 450 37.21 50.22 -11.01
N ASP D 451 37.69 49.07 -10.50
CA ASP D 451 38.79 49.06 -9.51
C ASP D 451 39.63 47.80 -9.71
N GLU D 452 40.92 47.87 -9.40
CA GLU D 452 41.91 46.80 -9.60
C GLU D 452 41.62 45.57 -8.76
N LEU D 453 41.03 45.69 -7.58
CA LEU D 453 40.72 44.52 -6.72
C LEU D 453 39.61 43.69 -7.39
N THR D 454 38.59 44.31 -7.92
CA THR D 454 37.51 43.58 -8.61
C THR D 454 38.10 42.93 -9.86
N GLU D 455 38.93 43.68 -10.59
CA GLU D 455 39.60 43.21 -11.81
C GLU D 455 40.33 41.89 -11.51
N ARG D 456 41.28 41.94 -10.57
CA ARG D 456 42.10 40.76 -10.23
C ARG D 456 41.24 39.63 -9.68
N GLY D 457 40.18 39.97 -8.95
CA GLY D 457 39.31 38.94 -8.36
C GLY D 457 38.53 38.14 -9.40
N LEU D 458 38.46 38.57 -10.65
CA LEU D 458 37.73 37.83 -11.71
C LEU D 458 38.67 36.92 -12.48
N MET D 459 39.98 36.93 -12.17
CA MET D 459 40.97 36.29 -13.07
C MET D 459 40.87 34.76 -13.10
N LEU D 460 40.15 34.10 -12.21
CA LEU D 460 39.98 32.63 -12.27
C LEU D 460 38.58 32.20 -12.72
N ASN D 461 37.70 33.11 -13.09
CA ASN D 461 36.38 32.72 -13.62
C ASN D 461 36.53 32.33 -15.10
N TRP D 462 35.94 31.20 -15.46
CA TRP D 462 35.94 30.69 -16.84
C TRP D 462 35.53 31.79 -17.81
N GLY D 463 36.32 31.96 -18.85
CA GLY D 463 35.99 32.83 -19.98
C GLY D 463 36.10 34.32 -19.71
N VAL D 464 36.36 34.76 -18.49
CA VAL D 464 36.30 36.21 -18.13
C VAL D 464 37.64 36.87 -18.39
N ILE D 465 37.61 37.93 -19.20
CA ILE D 465 38.76 38.82 -19.46
C ILE D 465 38.46 40.11 -18.69
N PRO D 466 39.03 40.32 -17.50
CA PRO D 466 38.77 41.54 -16.74
C PRO D 466 39.60 42.68 -17.32
N MET D 467 39.05 43.90 -17.26
CA MET D 467 39.68 45.07 -17.83
C MET D 467 39.24 46.26 -16.97
N LEU D 468 40.21 46.98 -16.44
CA LEU D 468 39.96 48.18 -15.62
C LEU D 468 39.53 49.29 -16.58
N THR D 469 38.43 49.93 -16.28
CA THR D 469 38.04 51.14 -17.04
C THR D 469 37.53 52.23 -16.09
N ASP D 470 37.50 53.46 -16.59
CA ASP D 470 36.93 54.61 -15.82
C ASP D 470 35.44 54.30 -15.59
N ALA D 471 34.95 54.57 -14.39
CA ALA D 471 33.52 54.49 -14.07
C ALA D 471 32.75 55.36 -15.06
N PRO D 472 31.68 54.87 -15.72
CA PRO D 472 30.92 55.72 -16.62
C PRO D 472 30.16 56.83 -15.87
N SER D 473 30.12 58.00 -16.50
CA SER D 473 29.37 59.19 -16.01
C SER D 473 27.89 59.05 -16.42
N SER D 474 27.03 59.91 -15.87
CA SER D 474 25.58 59.86 -16.17
C SER D 474 25.33 60.18 -17.63
N THR D 475 26.24 60.87 -18.31
CA THR D 475 26.03 61.24 -19.72
C THR D 475 26.79 60.29 -20.66
N ASP D 476 27.58 59.35 -20.17
CA ASP D 476 28.37 58.47 -21.06
C ASP D 476 27.43 57.44 -21.73
N ASP D 477 27.77 57.01 -22.94
CA ASP D 477 27.07 55.90 -23.64
C ASP D 477 27.86 54.61 -23.34
N MET D 478 27.35 53.83 -22.39
CA MET D 478 28.05 52.63 -21.85
C MET D 478 28.18 51.58 -22.99
N PHE D 479 27.29 51.61 -23.98
CA PHE D 479 27.31 50.65 -25.11
C PHE D 479 28.41 51.03 -26.09
N GLU D 480 28.64 52.31 -26.26
CA GLU D 480 29.77 52.83 -27.05
C GLU D 480 31.08 52.48 -26.31
N ILE D 481 31.08 52.68 -25.01
CA ILE D 481 32.31 52.37 -24.21
C ILE D 481 32.62 50.89 -24.33
N ALA D 482 31.63 50.03 -24.19
CA ALA D 482 31.83 48.57 -24.31
C ALA D 482 32.52 48.27 -25.65
N GLU D 483 32.00 48.82 -26.76
CA GLU D 483 32.59 48.56 -28.09
C GLU D 483 34.04 49.06 -28.12
N ARG D 484 34.29 50.26 -27.62
CA ARG D 484 35.62 50.92 -27.63
C ARG D 484 36.66 50.08 -26.87
N LYS D 485 36.33 49.69 -25.67
CA LYS D 485 37.21 48.85 -24.82
C LYS D 485 37.47 47.49 -25.50
N ALA D 486 36.47 46.87 -26.12
CA ALA D 486 36.62 45.59 -26.81
C ALA D 486 37.60 45.74 -27.97
N VAL D 487 37.52 46.85 -28.70
CA VAL D 487 38.48 47.12 -29.81
C VAL D 487 39.86 47.39 -29.22
N GLU D 488 39.95 48.19 -28.17
CA GLU D 488 41.23 48.53 -27.48
C GLU D 488 41.94 47.23 -27.05
N ALA D 489 41.20 46.28 -26.51
CA ALA D 489 41.73 44.99 -26.04
C ALA D 489 42.07 44.07 -27.21
N GLY D 490 41.73 44.40 -28.46
CA GLY D 490 42.00 43.58 -29.65
C GLY D 490 41.10 42.36 -29.72
N LEU D 491 39.91 42.38 -29.14
CA LEU D 491 39.07 41.15 -29.04
C LEU D 491 38.03 41.13 -30.17
N VAL D 492 37.78 42.22 -30.85
CA VAL D 492 36.76 42.26 -31.93
C VAL D 492 37.33 42.99 -33.12
N GLU D 493 36.71 42.83 -34.27
CA GLU D 493 36.95 43.76 -35.39
C GLU D 493 35.65 44.07 -36.10
N SER D 494 35.75 45.03 -36.99
CA SER D 494 34.66 45.51 -37.84
C SER D 494 33.77 44.36 -38.33
N GLY D 495 32.47 44.49 -38.07
CA GLY D 495 31.44 43.52 -38.49
C GLY D 495 31.13 42.45 -37.46
N ASP D 496 31.96 42.26 -36.43
CA ASP D 496 31.65 41.32 -35.32
C ASP D 496 30.36 41.73 -34.61
N ASP D 497 29.57 40.77 -34.15
CA ASP D 497 28.39 41.06 -33.29
C ASP D 497 28.77 40.75 -31.83
N ILE D 498 28.42 41.67 -30.94
CA ILE D 498 28.69 41.52 -29.49
C ILE D 498 27.39 41.67 -28.74
N VAL D 499 27.35 41.06 -27.56
CA VAL D 499 26.22 41.20 -26.60
C VAL D 499 26.77 42.03 -25.45
N ILE D 500 26.05 43.07 -25.04
CA ILE D 500 26.53 43.96 -23.94
C ILE D 500 25.47 44.03 -22.87
N VAL D 501 25.85 43.85 -21.62
CA VAL D 501 24.89 44.02 -20.50
C VAL D 501 25.40 45.13 -19.56
N ALA D 502 24.46 45.81 -18.90
CA ALA D 502 24.79 46.89 -17.97
C ALA D 502 23.55 47.18 -17.11
N GLY D 503 23.77 47.81 -15.96
CA GLY D 503 22.71 48.45 -15.15
C GLY D 503 22.43 49.85 -15.70
N VAL D 504 21.27 50.07 -16.30
CA VAL D 504 20.95 51.37 -16.96
C VAL D 504 19.76 52.02 -16.26
N PRO D 505 19.78 53.35 -15.97
CA PRO D 505 20.97 54.21 -16.06
C PRO D 505 22.05 53.90 -15.01
N VAL D 506 23.28 54.33 -15.29
CA VAL D 506 24.43 54.07 -14.38
C VAL D 506 24.10 54.64 -13.00
N GLY D 507 24.31 53.82 -11.96
CA GLY D 507 24.16 54.25 -10.56
C GLY D 507 22.74 54.21 -10.09
N GLU D 508 21.76 54.50 -10.93
CA GLU D 508 20.34 54.49 -10.50
C GLU D 508 19.80 53.06 -10.60
N ALA D 509 20.22 52.26 -11.58
CA ALA D 509 19.74 50.87 -11.71
C ALA D 509 20.13 50.10 -10.44
N VAL D 510 19.27 49.29 -9.91
CA VAL D 510 19.59 48.41 -8.76
C VAL D 510 20.51 47.26 -9.23
N ARG D 511 20.45 46.84 -10.50
CA ARG D 511 21.22 45.66 -10.99
C ARG D 511 21.40 45.74 -12.50
N THR D 512 22.21 44.83 -13.08
CA THR D 512 22.26 44.67 -14.55
C THR D 512 20.81 44.40 -14.97
N ASN D 513 20.28 45.19 -15.89
CA ASN D 513 18.85 45.16 -16.25
C ASN D 513 18.69 45.29 -17.75
N THR D 514 19.78 45.38 -18.52
CA THR D 514 19.70 45.69 -19.96
C THR D 514 20.66 44.78 -20.74
N MET D 515 20.21 44.34 -21.90
CA MET D 515 21.06 43.57 -22.85
C MET D 515 20.90 44.22 -24.21
N ARG D 516 22.00 44.47 -24.87
CA ARG D 516 22.02 45.00 -26.24
C ARG D 516 22.81 44.05 -27.14
N ILE D 517 22.33 43.88 -28.35
CA ILE D 517 23.14 43.25 -29.43
C ILE D 517 23.62 44.40 -30.32
N ARG D 518 24.93 44.47 -30.54
CA ARG D 518 25.56 45.59 -31.27
C ARG D 518 26.56 45.03 -32.29
N THR D 519 26.59 45.63 -33.48
CA THR D 519 27.58 45.34 -34.52
C THR D 519 28.74 46.33 -34.37
N VAL D 520 29.95 45.79 -34.27
CA VAL D 520 31.20 46.56 -34.14
C VAL D 520 31.48 47.24 -35.51
N ARG D 521 31.78 48.53 -35.51
CA ARG D 521 32.27 49.29 -36.71
C ARG D 521 33.79 49.09 -36.84
N MET E 21 12.95 -30.25 28.73
CA MET E 21 12.41 -28.88 28.43
C MET E 21 13.42 -28.12 27.56
N ASN E 22 13.05 -27.76 26.34
CA ASN E 22 13.81 -26.80 25.52
C ASN E 22 13.35 -25.42 25.93
N LYS E 23 14.27 -24.43 25.97
CA LYS E 23 13.93 -23.03 26.29
C LYS E 23 13.39 -22.35 25.01
N ARG E 24 12.12 -21.97 24.97
CA ARG E 24 11.59 -21.35 23.73
C ARG E 24 11.97 -19.88 23.62
N VAL E 25 11.96 -19.15 24.75
CA VAL E 25 12.32 -17.72 24.79
C VAL E 25 13.84 -17.64 24.62
N LYS E 26 14.28 -16.79 23.71
CA LYS E 26 15.73 -16.70 23.37
C LYS E 26 16.42 -15.68 24.28
N ILE E 27 17.73 -15.88 24.47
CA ILE E 27 18.56 -15.00 25.33
C ILE E 27 19.66 -14.36 24.47
N VAL E 28 19.65 -13.05 24.52
CA VAL E 28 20.74 -12.17 24.01
C VAL E 28 21.58 -11.83 25.25
N ALA E 29 22.85 -12.20 25.22
CA ALA E 29 23.83 -11.84 26.29
C ALA E 29 24.91 -10.92 25.70
N THR E 30 25.00 -9.69 26.21
CA THR E 30 26.07 -8.71 25.85
C THR E 30 27.40 -9.24 26.37
N LEU E 31 28.42 -9.23 25.52
CA LEU E 31 29.76 -9.72 25.95
C LEU E 31 30.63 -8.52 26.31
N GLY E 32 31.60 -8.78 27.18
CA GLY E 32 32.56 -7.77 27.62
C GLY E 32 33.74 -8.47 28.30
N PRO E 33 34.47 -7.69 29.10
CA PRO E 33 35.62 -8.26 29.80
C PRO E 33 35.32 -9.31 30.90
N ALA E 34 34.09 -9.40 31.42
CA ALA E 34 33.76 -10.32 32.56
C ALA E 34 34.13 -11.74 32.18
N VAL E 35 33.96 -12.17 30.93
CA VAL E 35 34.24 -13.58 30.50
C VAL E 35 35.69 -13.71 29.97
N GLU E 36 36.41 -12.60 29.84
CA GLU E 36 37.72 -12.60 29.12
C GLU E 36 38.87 -12.70 30.16
N ILE E 37 39.75 -13.68 30.00
CA ILE E 37 41.02 -13.76 30.79
C ILE E 37 42.13 -13.13 29.95
N ARG E 38 42.89 -12.22 30.57
CA ARG E 38 44.08 -11.54 29.98
C ARG E 38 45.33 -11.94 30.78
N GLY E 39 46.20 -12.77 30.18
CA GLY E 39 47.41 -13.33 30.83
C GLY E 39 47.10 -13.74 32.25
N GLY E 40 46.10 -14.63 32.40
CA GLY E 40 45.71 -15.30 33.66
C GLY E 40 45.00 -14.38 34.63
N LYS E 41 44.89 -13.09 34.36
CA LYS E 41 44.13 -12.14 35.24
C LYS E 41 42.66 -12.13 34.80
N LYS E 42 41.75 -11.95 35.76
CA LYS E 42 40.29 -11.81 35.53
C LYS E 42 39.95 -10.33 35.64
N PHE E 43 38.91 -9.90 34.93
CA PHE E 43 38.37 -8.52 34.99
C PHE E 43 38.24 -8.13 36.47
N GLY E 44 38.80 -6.98 36.86
CA GLY E 44 38.86 -6.49 38.25
C GLY E 44 40.30 -6.37 38.78
N GLU E 45 41.16 -7.36 38.49
CA GLU E 45 42.54 -7.49 39.04
C GLU E 45 43.45 -6.41 38.43
N ASP E 46 44.26 -5.77 39.28
CA ASP E 46 45.39 -4.86 38.90
C ASP E 46 46.24 -5.51 37.80
N GLY E 47 46.51 -4.76 36.72
CA GLY E 47 47.34 -5.20 35.57
C GLY E 47 46.56 -5.83 34.41
N TYR E 48 45.27 -6.16 34.61
CA TYR E 48 44.39 -6.93 33.69
C TYR E 48 44.59 -6.43 32.24
N TRP E 49 44.37 -5.15 32.05
CA TRP E 49 44.29 -4.49 30.71
C TRP E 49 45.68 -4.41 30.07
N GLY E 50 46.75 -4.40 30.87
CA GLY E 50 48.15 -4.48 30.40
C GLY E 50 48.45 -5.79 29.71
N GLU E 51 47.79 -6.89 30.11
CA GLU E 51 48.11 -8.25 29.60
C GLU E 51 47.39 -8.48 28.27
N LYS E 52 47.84 -9.47 27.52
CA LYS E 52 47.27 -9.85 26.20
C LYS E 52 45.99 -10.65 26.48
N LEU E 53 45.01 -10.62 25.57
CA LEU E 53 43.80 -11.47 25.70
C LEU E 53 44.22 -12.94 25.55
N ASP E 54 43.97 -13.77 26.56
CA ASP E 54 44.05 -15.27 26.46
C ASP E 54 42.78 -15.80 25.76
N VAL E 55 42.85 -16.06 24.46
CA VAL E 55 41.70 -16.40 23.59
C VAL E 55 41.08 -17.73 24.03
N GLU E 56 41.88 -18.79 24.21
CA GLU E 56 41.35 -20.14 24.55
C GLU E 56 40.64 -20.10 25.91
N ALA E 57 41.27 -19.56 26.95
CA ALA E 57 40.61 -19.57 28.28
C ALA E 57 39.29 -18.81 28.16
N SER E 58 39.29 -17.71 27.39
CA SER E 58 38.16 -16.77 27.23
C SER E 58 37.05 -17.51 26.49
N ALA E 59 37.38 -18.31 25.48
CA ALA E 59 36.44 -19.10 24.64
C ALA E 59 35.75 -20.16 25.51
N LYS E 60 36.49 -20.76 26.46
CA LYS E 60 35.96 -21.81 27.35
C LYS E 60 34.87 -21.20 28.25
N ASN E 61 35.11 -20.00 28.79
CA ASN E 61 34.13 -19.22 29.59
C ASN E 61 32.90 -18.92 28.74
N ILE E 62 33.09 -18.46 27.51
CA ILE E 62 31.97 -18.07 26.62
C ILE E 62 31.17 -19.33 26.26
N ALA E 63 31.83 -20.47 26.03
CA ALA E 63 31.15 -21.75 25.73
C ALA E 63 30.18 -22.10 26.88
N LYS E 64 30.54 -21.81 28.13
CA LYS E 64 29.63 -22.11 29.28
C LYS E 64 28.36 -21.24 29.15
N LEU E 65 28.44 -20.01 28.65
CA LEU E 65 27.25 -19.14 28.45
C LEU E 65 26.38 -19.73 27.35
N ILE E 66 26.98 -20.27 26.28
CA ILE E 66 26.26 -20.95 25.18
C ILE E 66 25.52 -22.15 25.74
N GLU E 67 26.19 -23.03 26.46
CA GLU E 67 25.58 -24.25 27.09
C GLU E 67 24.43 -23.84 28.02
N ALA E 68 24.55 -22.74 28.74
CA ALA E 68 23.53 -22.30 29.73
C ALA E 68 22.32 -21.63 29.03
N GLY E 69 22.34 -21.41 27.71
CA GLY E 69 21.16 -20.99 26.95
C GLY E 69 21.30 -19.65 26.26
N ALA E 70 22.48 -19.01 26.23
CA ALA E 70 22.66 -17.79 25.41
C ALA E 70 22.48 -18.18 23.92
N ASN E 71 21.59 -17.53 23.19
CA ASN E 71 21.26 -17.87 21.78
C ASN E 71 21.93 -16.91 20.80
N THR E 72 22.30 -15.73 21.28
CA THR E 72 22.93 -14.68 20.46
C THR E 72 23.81 -13.84 21.38
N PHE E 73 25.00 -13.44 20.90
CA PHE E 73 25.89 -12.52 21.64
C PHE E 73 25.79 -11.13 21.03
N ARG E 74 25.63 -10.14 21.89
CA ARG E 74 25.61 -8.69 21.58
C ARG E 74 27.00 -8.06 21.83
N PHE E 75 27.49 -7.38 20.81
CA PHE E 75 28.73 -6.54 20.85
C PHE E 75 28.33 -5.07 20.77
N ASN E 76 28.35 -4.41 21.91
CA ASN E 76 27.92 -3.01 22.13
C ASN E 76 29.11 -2.13 21.73
N PHE E 77 29.00 -1.48 20.58
CA PHE E 77 30.03 -0.57 20.06
C PHE E 77 29.96 0.79 20.76
N SER E 78 29.15 1.01 21.81
CA SER E 78 29.24 2.25 22.62
C SER E 78 30.48 2.18 23.49
N HIS E 79 31.05 0.97 23.65
CA HIS E 79 32.14 0.69 24.63
C HIS E 79 33.09 -0.27 23.95
N GLY E 80 34.39 0.04 23.94
CA GLY E 80 35.41 -0.86 23.37
C GLY E 80 35.66 -0.54 21.91
N ASP E 81 36.93 -0.38 21.54
CA ASP E 81 37.38 -0.03 20.15
C ASP E 81 37.24 -1.27 19.28
N HIS E 82 37.43 -1.12 17.96
CA HIS E 82 37.36 -2.22 16.97
C HIS E 82 38.27 -3.36 17.34
N GLN E 83 39.45 -3.09 17.88
CA GLN E 83 40.34 -4.20 18.30
C GLN E 83 39.62 -5.09 19.34
N GLU E 84 39.07 -4.48 20.37
CA GLU E 84 38.40 -5.21 21.47
C GLU E 84 37.22 -6.01 20.86
N GLN E 85 36.41 -5.37 20.01
CA GLN E 85 35.22 -6.01 19.36
C GLN E 85 35.69 -7.18 18.50
N GLY E 86 36.76 -7.02 17.71
CA GLY E 86 37.10 -8.04 16.73
C GLY E 86 37.66 -9.27 17.39
N GLU E 87 38.48 -9.05 18.41
CA GLU E 87 39.06 -10.18 19.18
C GLU E 87 37.92 -10.95 19.87
N ARG E 88 36.97 -10.22 20.46
CA ARG E 88 35.85 -10.82 21.24
C ARG E 88 34.99 -11.64 20.26
N MET E 89 34.73 -11.11 19.07
CA MET E 89 34.01 -11.87 18.02
C MET E 89 34.77 -13.15 17.66
N ALA E 90 36.09 -13.14 17.43
CA ALA E 90 36.82 -14.36 17.04
C ALA E 90 36.82 -15.38 18.21
N THR E 91 36.83 -14.89 19.45
CA THR E 91 36.77 -15.72 20.69
C THR E 91 35.45 -16.49 20.68
N VAL E 92 34.33 -15.84 20.34
CA VAL E 92 32.99 -16.51 20.28
C VAL E 92 33.06 -17.62 19.22
N LYS E 93 33.65 -17.35 18.04
CA LYS E 93 33.72 -18.37 16.97
C LYS E 93 34.44 -19.62 17.53
N LEU E 94 35.38 -19.41 18.42
CA LEU E 94 36.09 -20.54 19.09
C LEU E 94 35.15 -21.20 20.10
N ALA E 95 34.50 -20.41 20.96
CA ALA E 95 33.50 -20.89 21.93
C ALA E 95 32.48 -21.80 21.24
N GLU E 96 31.99 -21.46 20.03
CA GLU E 96 30.95 -22.29 19.36
C GLU E 96 31.49 -23.69 19.15
N LYS E 97 32.75 -23.81 18.73
CA LYS E 97 33.36 -25.13 18.46
C LYS E 97 33.59 -25.84 19.81
N ILE E 98 33.96 -25.12 20.87
CA ILE E 98 34.13 -25.80 22.19
C ILE E 98 32.75 -26.34 22.62
N ALA E 99 31.67 -25.57 22.42
CA ALA E 99 30.32 -25.91 22.95
C ALA E 99 29.61 -26.88 22.00
N GLY E 100 30.03 -26.99 20.74
CA GLY E 100 29.35 -27.83 19.73
C GLY E 100 28.01 -27.24 19.30
N LYS E 101 27.82 -25.93 19.50
CA LYS E 101 26.53 -25.25 19.25
C LYS E 101 26.82 -23.85 18.71
N LYS E 102 26.14 -23.47 17.64
CA LYS E 102 26.28 -22.14 17.02
C LYS E 102 25.40 -21.13 17.75
N VAL E 103 25.74 -19.85 17.66
CA VAL E 103 24.94 -18.73 18.21
C VAL E 103 24.86 -17.59 17.19
N GLY E 104 23.97 -16.65 17.45
CA GLY E 104 23.81 -15.41 16.67
C GLY E 104 24.85 -14.39 17.07
N PHE E 105 25.30 -13.57 16.13
CA PHE E 105 26.21 -12.42 16.35
C PHE E 105 25.43 -11.14 16.09
N LEU E 106 25.27 -10.31 17.12
CA LEU E 106 24.51 -9.03 17.07
C LEU E 106 25.43 -7.84 17.39
N LEU E 107 25.47 -6.85 16.48
CA LEU E 107 26.20 -5.58 16.65
C LEU E 107 25.20 -4.52 17.09
N ASP E 108 25.49 -3.83 18.18
CA ASP E 108 24.62 -2.77 18.68
C ASP E 108 25.40 -1.47 18.47
N THR E 109 24.80 -0.54 17.74
CA THR E 109 25.49 0.70 17.31
C THR E 109 25.60 1.70 18.45
N LYS E 110 26.64 2.53 18.41
CA LYS E 110 26.71 3.67 19.35
C LYS E 110 25.55 4.64 19.08
N GLY E 111 25.33 5.05 17.83
CA GLY E 111 24.31 6.07 17.53
C GLY E 111 24.55 7.42 18.18
N PRO E 112 23.52 8.29 18.17
CA PRO E 112 23.67 9.71 18.52
C PRO E 112 23.78 9.96 20.04
N GLU E 113 24.73 9.31 20.68
CA GLU E 113 25.02 9.49 22.13
C GLU E 113 25.53 10.90 22.38
N ILE E 114 25.04 11.54 23.45
CA ILE E 114 25.61 12.77 24.10
C ILE E 114 26.20 12.35 25.44
N ARG E 115 27.46 12.70 25.71
CA ARG E 115 28.15 12.44 27.01
C ARG E 115 28.70 13.75 27.61
N THR E 116 28.87 13.79 28.93
CA THR E 116 29.56 14.92 29.62
C THR E 116 31.04 14.82 29.28
N GLU E 117 31.68 15.98 29.10
CA GLU E 117 33.12 16.09 28.79
C GLU E 117 33.95 15.80 30.07
N LEU E 118 35.26 15.61 29.87
CA LEU E 118 36.29 15.69 30.95
C LEU E 118 36.21 17.09 31.59
N PHE E 119 36.51 17.16 32.88
CA PHE E 119 36.64 18.44 33.60
C PHE E 119 38.10 18.94 33.45
N GLU E 120 38.31 20.26 33.50
CA GLU E 120 39.67 20.86 33.64
C GLU E 120 40.39 20.28 34.87
N GLY E 121 41.70 20.07 34.77
CA GLY E 121 42.57 19.68 35.90
C GLY E 121 42.06 18.46 36.64
N GLU E 122 41.74 17.37 35.93
CA GLU E 122 41.65 15.98 36.49
C GLU E 122 40.40 15.79 37.37
N ALA E 123 39.64 16.85 37.73
CA ALA E 123 38.39 16.74 38.53
C ALA E 123 37.46 15.73 37.85
N LYS E 124 36.95 14.74 38.59
CA LYS E 124 36.18 13.58 38.06
C LYS E 124 34.66 13.85 38.14
N GLU E 125 34.22 14.67 39.10
CA GLU E 125 32.80 14.99 39.38
C GLU E 125 32.71 16.35 40.07
N TYR E 126 31.51 16.93 40.06
CA TYR E 126 31.06 17.91 41.08
C TYR E 126 29.64 17.52 41.50
N SER E 127 29.26 17.96 42.70
CA SER E 127 27.94 17.78 43.33
C SER E 127 27.20 19.10 43.29
N TYR E 128 25.91 19.05 43.06
CA TYR E 128 25.03 20.23 42.96
C TYR E 128 23.81 20.02 43.86
N LYS E 129 23.20 21.13 44.26
CA LYS E 129 21.98 21.13 45.10
C LYS E 129 20.86 21.78 44.28
N THR E 130 19.63 21.31 44.49
CA THR E 130 18.37 21.87 43.96
C THR E 130 18.45 23.40 43.99
N GLY E 131 18.36 24.05 42.82
CA GLY E 131 18.21 25.52 42.70
C GLY E 131 19.46 26.21 42.20
N GLU E 132 20.63 25.57 42.29
CA GLU E 132 21.88 26.14 41.73
C GLU E 132 21.68 26.46 40.25
N LYS E 133 22.18 27.61 39.78
CA LYS E 133 22.15 27.95 38.34
C LYS E 133 23.55 27.74 37.78
N ILE E 134 23.67 26.88 36.78
CA ILE E 134 24.95 26.61 36.04
C ILE E 134 24.63 26.78 34.56
N ARG E 135 25.59 26.45 33.71
CA ARG E 135 25.41 26.56 32.25
C ARG E 135 25.78 25.23 31.62
N VAL E 136 25.20 24.97 30.47
CA VAL E 136 25.69 23.89 29.58
C VAL E 136 26.21 24.56 28.30
N ALA E 137 27.43 24.18 27.92
CA ALA E 137 28.14 24.60 26.70
C ALA E 137 27.71 23.69 25.55
N THR E 138 27.42 24.26 24.38
CA THR E 138 27.17 23.54 23.11
C THR E 138 28.43 23.47 22.24
N LYS E 139 29.42 24.35 22.44
CA LYS E 139 30.70 24.30 21.69
C LYS E 139 31.42 22.98 22.01
N GLN E 140 31.94 22.35 20.97
CA GLN E 140 32.60 21.01 21.02
C GLN E 140 34.11 21.19 21.13
N GLY E 141 34.81 20.15 21.60
CA GLY E 141 36.29 20.11 21.78
C GLY E 141 36.71 20.37 23.22
N ILE E 142 36.02 21.30 23.89
CA ILE E 142 36.44 21.91 25.19
C ILE E 142 36.15 20.95 26.35
N LYS E 143 36.76 21.23 27.51
CA LYS E 143 36.56 20.48 28.78
C LYS E 143 35.53 21.24 29.61
N SER E 144 34.91 20.52 30.56
CA SER E 144 33.87 21.06 31.48
C SER E 144 34.55 21.82 32.61
N THR E 145 33.89 22.83 33.16
CA THR E 145 34.17 23.36 34.52
C THR E 145 32.93 23.10 35.38
N ARG E 146 33.04 23.18 36.71
CA ARG E 146 31.90 23.00 37.64
C ARG E 146 30.73 23.92 37.24
N GLU E 147 30.97 25.12 36.70
CA GLU E 147 29.89 26.11 36.45
C GLU E 147 29.46 26.06 34.96
N VAL E 148 30.26 25.45 34.07
CA VAL E 148 29.97 25.37 32.60
C VAL E 148 30.22 23.92 32.15
N ILE E 149 29.16 23.12 32.04
CA ILE E 149 29.24 21.70 31.60
C ILE E 149 29.35 21.68 30.07
N ALA E 150 30.33 20.96 29.55
CA ALA E 150 30.53 20.76 28.09
C ALA E 150 29.95 19.39 27.70
N LEU E 151 29.54 19.24 26.44
CA LEU E 151 28.92 18.01 25.91
C LEU E 151 29.78 17.45 24.76
N ASN E 152 30.10 16.16 24.86
CA ASN E 152 30.62 15.34 23.75
C ASN E 152 29.39 14.84 22.96
N VAL E 153 28.94 15.63 21.99
CA VAL E 153 27.78 15.35 21.10
C VAL E 153 28.27 14.53 19.90
N ALA E 154 27.64 13.41 19.61
CA ALA E 154 27.98 12.52 18.47
C ALA E 154 28.14 13.36 17.20
N GLY E 155 29.25 13.20 16.49
CA GLY E 155 29.55 13.90 15.22
C GLY E 155 29.88 15.38 15.39
N ALA E 156 30.05 15.84 16.63
CA ALA E 156 30.40 17.24 16.99
C ALA E 156 29.31 18.22 16.52
N LEU E 157 28.03 17.81 16.49
CA LEU E 157 26.91 18.70 16.11
C LEU E 157 26.74 19.82 17.12
N ASP E 158 26.26 20.98 16.66
CA ASP E 158 25.91 22.17 17.49
C ASP E 158 24.42 22.10 17.75
N ILE E 159 24.05 21.75 18.99
CA ILE E 159 22.64 21.48 19.37
C ILE E 159 21.98 22.79 19.82
N TYR E 160 22.75 23.88 19.91
CA TYR E 160 22.26 25.16 20.49
C TYR E 160 20.92 25.56 19.86
N ASP E 161 20.84 25.51 18.53
CA ASP E 161 19.62 25.95 17.80
C ASP E 161 18.48 24.93 17.96
N ASP E 162 18.71 23.78 18.60
CA ASP E 162 17.78 22.61 18.53
C ASP E 162 17.16 22.25 19.88
N VAL E 163 17.47 22.97 20.96
CA VAL E 163 16.81 22.73 22.29
C VAL E 163 16.21 24.06 22.75
N GLU E 164 14.94 24.07 23.11
CA GLU E 164 14.21 25.32 23.47
C GLU E 164 14.31 25.55 24.98
N VAL E 165 14.02 26.78 25.39
CA VAL E 165 13.72 27.14 26.80
C VAL E 165 12.57 26.25 27.24
N GLY E 166 12.61 25.72 28.47
CA GLY E 166 11.60 24.78 29.02
C GLY E 166 12.01 23.31 28.96
N ARG E 167 12.89 22.94 28.02
CA ARG E 167 13.41 21.56 27.87
C ARG E 167 14.24 21.16 29.09
N GLN E 168 14.60 19.88 29.16
CA GLN E 168 15.32 19.28 30.30
C GLN E 168 16.59 18.60 29.78
N VAL E 169 17.73 18.84 30.43
CA VAL E 169 19.01 18.10 30.19
C VAL E 169 19.25 17.19 31.40
N LEU E 170 19.26 15.89 31.17
CA LEU E 170 19.33 14.85 32.23
C LEU E 170 20.72 14.23 32.14
N VAL E 171 21.39 14.05 33.27
CA VAL E 171 22.77 13.51 33.31
C VAL E 171 22.77 12.25 34.16
N ASP E 172 23.37 11.18 33.60
CA ASP E 172 23.71 9.87 34.18
C ASP E 172 22.43 9.07 34.47
N ASP E 173 21.98 8.26 33.50
CA ASP E 173 20.76 7.43 33.66
C ASP E 173 19.63 8.32 34.20
N GLY E 174 19.59 9.59 33.81
CA GLY E 174 18.48 10.48 34.16
C GLY E 174 18.43 10.80 35.63
N LYS E 175 19.53 10.57 36.35
CA LYS E 175 19.64 10.83 37.83
C LYS E 175 19.51 12.34 38.11
N LEU E 176 20.19 13.19 37.34
CA LEU E 176 20.22 14.65 37.63
C LEU E 176 19.53 15.44 36.52
N GLY E 177 18.57 16.28 36.90
CA GLY E 177 17.77 17.10 35.98
C GLY E 177 18.26 18.53 35.97
N LEU E 178 18.50 19.05 34.76
CA LEU E 178 18.84 20.47 34.47
C LEU E 178 17.74 21.08 33.60
N ARG E 179 16.94 22.01 34.12
CA ARG E 179 15.87 22.71 33.36
C ARG E 179 16.50 23.88 32.58
N VAL E 180 16.29 23.96 31.28
CA VAL E 180 16.77 25.13 30.48
C VAL E 180 15.80 26.29 30.78
N VAL E 181 16.30 27.35 31.43
CA VAL E 181 15.51 28.57 31.83
C VAL E 181 15.76 29.70 30.82
N ALA E 182 16.89 29.67 30.09
CA ALA E 182 17.31 30.74 29.17
C ALA E 182 18.57 30.30 28.40
N LYS E 183 18.86 30.98 27.29
CA LYS E 183 19.93 30.66 26.30
C LYS E 183 20.78 31.92 26.03
N ASP E 184 22.10 31.76 25.98
CA ASP E 184 23.07 32.86 25.75
C ASP E 184 23.62 32.78 24.32
N ASP E 185 23.01 33.55 23.40
CA ASP E 185 23.41 33.69 21.98
C ASP E 185 24.91 34.00 21.91
N ALA E 186 25.39 34.88 22.81
CA ALA E 186 26.80 35.29 22.94
C ALA E 186 27.71 34.06 23.03
N THR E 187 27.54 33.22 24.06
CA THR E 187 28.48 32.11 24.39
C THR E 187 28.03 30.80 23.75
N ARG E 188 26.75 30.73 23.31
CA ARG E 188 26.15 29.51 22.71
C ARG E 188 25.80 28.52 23.83
N GLU E 189 25.33 29.01 24.98
CA GLU E 189 25.25 28.22 26.26
C GLU E 189 23.80 28.24 26.77
N PHE E 190 23.35 27.10 27.32
CA PHE E 190 22.08 26.99 28.07
C PHE E 190 22.36 27.41 29.52
N GLU E 191 21.52 28.29 30.06
CA GLU E 191 21.44 28.60 31.51
C GLU E 191 20.41 27.64 32.10
N VAL E 192 20.82 26.86 33.08
CA VAL E 192 19.99 25.75 33.61
C VAL E 192 19.90 25.88 35.13
N GLU E 193 18.73 25.55 35.67
CA GLU E 193 18.50 25.39 37.13
C GLU E 193 18.66 23.90 37.45
N VAL E 194 19.43 23.57 38.48
CA VAL E 194 19.56 22.17 39.00
C VAL E 194 18.22 21.80 39.63
N GLU E 195 17.64 20.64 39.24
CA GLU E 195 16.25 20.27 39.59
C GLU E 195 16.20 19.37 40.84
N ASN E 196 17.32 18.78 41.21
CA ASN E 196 17.40 17.78 42.31
C ASN E 196 18.87 17.64 42.68
N ASP E 197 19.18 17.32 43.94
CA ASP E 197 20.58 17.07 44.36
C ASP E 197 21.16 15.96 43.49
N GLY E 198 22.42 16.08 43.08
CA GLY E 198 23.15 14.98 42.45
C GLY E 198 24.48 15.42 41.92
N ILE E 199 25.13 14.50 41.20
CA ILE E 199 26.54 14.53 40.74
C ILE E 199 26.57 14.68 39.21
N ILE E 200 27.39 15.58 38.69
CA ILE E 200 27.81 15.51 37.26
C ILE E 200 29.23 15.02 37.24
N ALA E 201 29.41 13.77 36.82
CA ALA E 201 30.70 13.11 36.54
C ALA E 201 31.01 13.22 35.05
N LYS E 202 32.30 13.09 34.70
CA LYS E 202 32.82 13.11 33.32
C LYS E 202 32.32 11.85 32.60
N GLN E 203 32.06 11.93 31.29
CA GLN E 203 31.83 10.77 30.39
C GLN E 203 30.63 9.94 30.86
N LYS E 204 29.58 10.64 31.26
CA LYS E 204 28.28 10.06 31.64
C LYS E 204 27.26 10.38 30.52
N GLY E 205 26.24 9.56 30.35
CA GLY E 205 25.19 9.79 29.35
C GLY E 205 24.37 11.02 29.68
N VAL E 206 24.01 11.76 28.63
CA VAL E 206 23.11 12.94 28.71
C VAL E 206 21.91 12.62 27.81
N ASN E 207 20.71 12.99 28.25
CA ASN E 207 19.49 12.83 27.46
C ASN E 207 18.82 14.18 27.49
N ILE E 208 18.29 14.57 26.34
CA ILE E 208 17.50 15.81 26.23
C ILE E 208 16.15 15.43 25.60
N PRO E 209 15.20 14.94 26.41
CA PRO E 209 13.95 14.38 25.86
C PRO E 209 13.11 15.34 25.02
N ASN E 210 12.35 14.79 24.06
CA ASN E 210 11.29 15.53 23.31
C ASN E 210 11.94 16.68 22.55
N THR E 211 13.14 16.45 22.06
CA THR E 211 13.88 17.36 21.14
C THR E 211 14.06 16.59 19.85
N LYS E 212 14.32 17.31 18.76
CA LYS E 212 14.61 16.72 17.42
C LYS E 212 15.93 17.31 16.97
N ILE E 213 17.00 17.05 17.73
CA ILE E 213 18.38 17.40 17.32
C ILE E 213 18.61 16.69 16.00
N PRO E 214 19.08 17.39 14.93
CA PRO E 214 19.18 16.82 13.58
C PRO E 214 20.37 15.87 13.39
N PHE E 215 20.47 14.85 14.25
CA PHE E 215 21.44 13.74 14.03
C PHE E 215 21.13 13.21 12.64
N PRO E 216 22.15 12.85 11.83
CA PRO E 216 21.93 12.23 10.54
C PRO E 216 21.22 10.87 10.71
N ALA E 217 20.49 10.46 9.67
CA ALA E 217 19.84 9.15 9.56
C ALA E 217 20.90 8.06 9.78
N LEU E 218 22.11 8.28 9.27
CA LEU E 218 23.27 7.40 9.61
C LEU E 218 24.59 8.18 9.69
N ALA E 219 25.09 8.42 10.91
CA ALA E 219 26.38 9.08 11.20
C ALA E 219 27.54 8.25 10.66
N GLU E 220 28.63 8.91 10.24
CA GLU E 220 29.89 8.25 9.78
C GLU E 220 30.42 7.20 10.79
N ARG E 221 30.40 7.50 12.08
CA ARG E 221 30.90 6.54 13.12
C ARG E 221 30.12 5.21 13.01
N ASP E 222 28.80 5.28 12.87
CA ASP E 222 27.91 4.08 12.82
C ASP E 222 28.14 3.37 11.47
N ASN E 223 28.28 4.12 10.36
CA ASN E 223 28.64 3.52 9.04
C ASN E 223 29.90 2.67 9.20
N ASP E 224 30.97 3.26 9.73
CA ASP E 224 32.28 2.59 9.95
C ASP E 224 32.11 1.38 10.91
N ASP E 225 31.42 1.55 12.06
CA ASP E 225 31.22 0.41 13.01
C ASP E 225 30.50 -0.73 12.27
N ILE E 226 29.43 -0.43 11.52
CA ILE E 226 28.63 -1.46 10.82
C ILE E 226 29.47 -2.18 9.77
N ARG E 227 30.19 -1.46 8.91
CA ARG E 227 31.01 -2.13 7.86
C ARG E 227 32.05 -3.05 8.49
N PHE E 228 32.69 -2.63 9.58
CA PHE E 228 33.67 -3.49 10.32
C PHE E 228 32.95 -4.76 10.81
N GLY E 229 31.80 -4.58 11.48
CA GLY E 229 30.95 -5.73 11.89
C GLY E 229 30.66 -6.65 10.73
N LEU E 230 30.15 -6.07 9.61
CA LEU E 230 29.80 -6.88 8.40
C LEU E 230 31.00 -7.65 7.92
N GLU E 231 32.19 -7.02 7.91
CA GLU E 231 33.45 -7.68 7.50
C GLU E 231 33.77 -8.85 8.44
N GLN E 232 33.60 -8.69 9.76
CA GLN E 232 33.95 -9.77 10.74
C GLN E 232 33.01 -10.99 10.57
N GLY E 233 31.72 -10.74 10.26
CA GLY E 233 30.65 -11.77 10.21
C GLY E 233 29.61 -11.53 11.32
N ILE E 234 28.48 -10.89 11.00
CA ILE E 234 27.35 -10.64 11.96
C ILE E 234 26.05 -11.11 11.29
N ASN E 235 25.02 -11.37 12.10
CA ASN E 235 23.70 -11.87 11.65
C ASN E 235 22.65 -10.80 11.94
N PHE E 236 22.89 -9.93 12.92
CA PHE E 236 21.95 -8.89 13.35
C PHE E 236 22.68 -7.58 13.63
N ILE E 237 21.97 -6.49 13.41
CA ILE E 237 22.32 -5.13 13.90
C ILE E 237 21.14 -4.60 14.66
N ALA E 238 21.38 -4.14 15.88
CA ALA E 238 20.47 -3.30 16.64
C ALA E 238 20.91 -1.87 16.42
N ILE E 239 20.05 -1.10 15.80
CA ILE E 239 20.31 0.33 15.51
C ILE E 239 19.79 1.18 16.65
N SER E 240 20.68 1.85 17.38
CA SER E 240 20.33 2.73 18.51
C SER E 240 19.54 3.96 18.07
N PHE E 241 18.58 4.37 18.88
CA PHE E 241 17.79 5.62 18.76
C PHE E 241 17.14 5.72 17.37
N VAL E 242 16.46 4.67 16.90
CA VAL E 242 15.67 4.79 15.64
C VAL E 242 14.50 5.74 15.85
N ARG E 243 14.38 6.76 14.98
CA ARG E 243 13.34 7.80 15.09
C ARG E 243 12.28 7.59 14.00
N THR E 244 12.71 7.08 12.85
CA THR E 244 11.88 6.95 11.61
C THR E 244 12.41 5.76 10.81
N ALA E 245 11.67 5.33 9.78
CA ALA E 245 12.06 4.25 8.85
C ALA E 245 13.39 4.57 8.14
N LYS E 246 13.66 5.84 7.85
CA LYS E 246 14.91 6.31 7.17
C LYS E 246 16.11 5.77 7.94
N ASP E 247 16.09 5.87 9.30
CA ASP E 247 17.18 5.34 10.17
C ASP E 247 17.44 3.87 9.84
N VAL E 248 16.41 3.05 9.54
CA VAL E 248 16.62 1.59 9.29
C VAL E 248 17.08 1.40 7.84
N ASN E 249 16.39 2.05 6.89
CA ASN E 249 16.66 1.93 5.43
C ASN E 249 18.12 2.27 5.09
N GLU E 250 18.72 3.28 5.71
CA GLU E 250 20.15 3.64 5.44
C GLU E 250 21.07 2.48 5.85
N VAL E 251 20.74 1.76 6.92
CA VAL E 251 21.55 0.57 7.33
C VAL E 251 21.30 -0.55 6.33
N ARG E 252 20.05 -0.73 5.93
CA ARG E 252 19.68 -1.82 5.00
C ARG E 252 20.51 -1.64 3.71
N ALA E 253 20.60 -0.40 3.21
CA ALA E 253 21.30 -0.05 1.95
C ALA E 253 22.74 -0.53 2.07
N ILE E 254 23.38 -0.31 3.23
CA ILE E 254 24.78 -0.77 3.47
C ILE E 254 24.83 -2.28 3.45
N CYS E 255 23.87 -2.95 4.09
CA CYS E 255 23.87 -4.44 4.13
C CYS E 255 23.75 -5.01 2.71
N GLU E 256 22.89 -4.42 1.86
CA GLU E 256 22.68 -4.95 0.49
C GLU E 256 23.92 -4.69 -0.37
N GLU E 257 24.49 -3.49 -0.31
CA GLU E 257 25.65 -3.17 -1.20
C GLU E 257 26.82 -4.09 -0.84
N THR E 258 27.09 -4.34 0.44
CA THR E 258 28.27 -5.14 0.85
C THR E 258 28.03 -6.62 0.58
N GLY E 259 26.88 -7.02 0.02
CA GLY E 259 26.55 -8.44 -0.23
C GLY E 259 26.08 -9.15 1.04
N ASN E 260 25.53 -8.39 1.99
CA ASN E 260 25.18 -8.89 3.36
C ASN E 260 23.68 -8.73 3.58
N GLY E 261 22.89 -9.15 2.58
CA GLY E 261 21.44 -8.90 2.52
C GLY E 261 20.66 -9.77 3.50
N HIS E 262 21.24 -10.90 3.89
CA HIS E 262 20.77 -11.88 4.92
C HIS E 262 20.76 -11.28 6.35
N VAL E 263 21.45 -10.16 6.59
CA VAL E 263 21.61 -9.56 7.94
C VAL E 263 20.27 -8.93 8.32
N GLN E 264 19.80 -9.19 9.55
CA GLN E 264 18.52 -8.62 10.04
C GLN E 264 18.78 -7.40 10.94
N LEU E 265 17.88 -6.43 10.85
CA LEU E 265 17.90 -5.12 11.51
C LEU E 265 16.83 -5.09 12.61
N PHE E 266 17.29 -4.93 13.85
CA PHE E 266 16.45 -4.50 14.99
C PHE E 266 16.56 -2.99 15.21
N ALA E 267 15.44 -2.29 15.09
CA ALA E 267 15.30 -0.88 15.45
C ALA E 267 15.25 -0.85 16.97
N LYS E 268 16.12 -0.08 17.62
CA LYS E 268 15.99 0.13 19.08
C LYS E 268 15.04 1.30 19.27
N ILE E 269 13.95 1.08 19.99
CA ILE E 269 12.93 2.13 20.29
C ILE E 269 13.27 2.70 21.66
N GLU E 270 13.73 3.96 21.74
CA GLU E 270 14.21 4.49 23.03
C GLU E 270 13.97 5.99 23.15
N ASN E 271 13.11 6.56 22.32
CA ASN E 271 12.71 7.96 22.49
C ASN E 271 11.28 8.11 21.96
N GLN E 272 10.69 9.28 22.18
CA GLN E 272 9.27 9.57 21.84
C GLN E 272 9.06 9.48 20.33
N GLN E 273 10.05 9.87 19.53
CA GLN E 273 9.98 9.84 18.05
C GLN E 273 9.87 8.38 17.57
N GLY E 274 10.68 7.46 18.12
CA GLY E 274 10.55 6.02 17.83
C GLY E 274 9.16 5.52 18.18
N ILE E 275 8.66 5.88 19.36
CA ILE E 275 7.31 5.43 19.76
C ILE E 275 6.28 6.02 18.78
N ASP E 276 6.36 7.31 18.50
CA ASP E 276 5.42 8.01 17.57
C ASP E 276 5.45 7.34 16.18
N ASN E 277 6.60 6.92 15.67
CA ASN E 277 6.75 6.34 14.32
C ASN E 277 6.89 4.82 14.37
N LEU E 278 6.40 4.16 15.43
CA LEU E 278 6.62 2.70 15.61
C LEU E 278 6.10 1.91 14.39
N ASP E 279 4.90 2.22 13.85
CA ASP E 279 4.34 1.36 12.75
C ASP E 279 5.27 1.40 11.55
N GLU E 280 5.75 2.57 11.09
CA GLU E 280 6.65 2.62 9.90
C GLU E 280 7.99 1.96 10.22
N ILE E 281 8.45 2.01 11.47
CA ILE E 281 9.77 1.40 11.81
C ILE E 281 9.61 -0.13 11.82
N ILE E 282 8.50 -0.62 12.35
CA ILE E 282 8.24 -2.09 12.34
C ILE E 282 8.23 -2.58 10.88
N GLU E 283 7.58 -1.83 9.97
CA GLU E 283 7.49 -2.24 8.54
C GLU E 283 8.92 -2.30 7.94
N ALA E 284 9.80 -1.35 8.22
CA ALA E 284 11.15 -1.35 7.60
C ALA E 284 12.10 -2.35 8.26
N ALA E 285 11.92 -2.62 9.56
CA ALA E 285 12.85 -3.49 10.33
C ALA E 285 12.50 -4.97 10.20
N ASP E 286 13.39 -5.84 10.65
CA ASP E 286 13.12 -7.29 10.87
C ASP E 286 12.67 -7.57 12.32
N GLY E 287 12.83 -6.60 13.20
CA GLY E 287 12.48 -6.75 14.62
C GLY E 287 12.64 -5.46 15.38
N ILE E 288 12.25 -5.47 16.65
CA ILE E 288 12.38 -4.30 17.56
C ILE E 288 13.12 -4.75 18.81
N MET E 289 14.07 -3.92 19.27
CA MET E 289 14.64 -4.05 20.62
C MET E 289 13.99 -2.96 21.45
N ILE E 290 13.30 -3.36 22.52
CA ILE E 290 12.67 -2.43 23.45
C ILE E 290 13.79 -1.98 24.40
N ALA E 291 14.47 -0.90 24.02
CA ALA E 291 15.68 -0.43 24.73
C ALA E 291 15.20 0.40 25.93
N ARG E 292 14.77 -0.28 27.02
CA ARG E 292 14.06 0.38 28.13
C ARG E 292 14.95 1.38 28.90
N GLY E 293 16.27 1.24 28.84
CA GLY E 293 17.20 2.11 29.62
C GLY E 293 17.02 3.53 29.18
N ASP E 294 17.32 3.82 27.91
CA ASP E 294 17.05 5.17 27.34
C ASP E 294 15.56 5.49 27.28
N MET E 295 14.70 4.52 26.94
CA MET E 295 13.28 4.87 26.80
C MET E 295 12.76 5.50 28.09
N GLY E 296 13.14 4.93 29.23
CA GLY E 296 12.62 5.32 30.54
C GLY E 296 13.21 6.61 31.07
N ILE E 297 14.20 7.17 30.36
CA ILE E 297 14.65 8.58 30.57
C ILE E 297 13.89 9.53 29.63
N GLU E 298 13.73 9.11 28.38
CA GLU E 298 13.21 9.94 27.27
C GLU E 298 11.70 10.06 27.30
N VAL E 299 11.00 9.11 27.92
CA VAL E 299 9.53 9.19 28.11
C VAL E 299 9.29 8.97 29.60
N PRO E 300 8.10 9.28 30.14
CA PRO E 300 7.86 9.09 31.57
C PRO E 300 8.10 7.64 31.96
N PHE E 301 8.92 7.40 32.99
CA PHE E 301 9.33 6.02 33.34
C PHE E 301 8.08 5.12 33.54
N GLU E 302 6.99 5.64 34.09
CA GLU E 302 5.80 4.82 34.44
C GLU E 302 5.01 4.36 33.18
N MET E 303 5.33 4.92 32.00
CA MET E 303 4.74 4.57 30.69
C MET E 303 5.53 3.44 30.06
N VAL E 304 6.74 3.12 30.49
CA VAL E 304 7.55 2.10 29.76
C VAL E 304 6.82 0.75 29.79
N PRO E 305 6.23 0.27 30.91
CA PRO E 305 5.51 -1.03 30.86
C PRO E 305 4.35 -1.03 29.83
N VAL E 306 3.64 0.08 29.73
CA VAL E 306 2.53 0.24 28.76
C VAL E 306 3.10 0.05 27.36
N TYR E 307 4.18 0.77 27.02
CA TYR E 307 4.80 0.66 25.67
C TYR E 307 5.35 -0.73 25.47
N GLN E 308 5.93 -1.37 26.49
CA GLN E 308 6.53 -2.72 26.30
C GLN E 308 5.45 -3.70 25.81
N LYS E 309 4.29 -3.72 26.44
CA LYS E 309 3.22 -4.71 26.16
C LYS E 309 2.68 -4.39 24.76
N MET E 310 2.56 -3.11 24.45
CA MET E 310 1.96 -2.65 23.17
C MET E 310 2.95 -3.00 22.05
N ILE E 311 4.25 -2.80 22.24
CA ILE E 311 5.27 -3.06 21.20
C ILE E 311 5.33 -4.56 20.96
N ILE E 312 5.37 -5.37 22.02
CA ILE E 312 5.46 -6.83 21.85
C ILE E 312 4.24 -7.30 21.02
N LYS E 313 3.05 -6.79 21.33
CA LYS E 313 1.83 -7.25 20.60
C LYS E 313 1.97 -6.90 19.13
N LYS E 314 2.34 -5.64 18.83
CA LYS E 314 2.42 -5.15 17.43
C LYS E 314 3.50 -5.87 16.66
N VAL E 315 4.64 -6.15 17.26
CA VAL E 315 5.79 -6.77 16.53
C VAL E 315 5.44 -8.23 16.22
N ASN E 316 4.85 -8.92 17.19
CA ASN E 316 4.34 -10.30 16.99
C ASN E 316 3.26 -10.32 15.86
N ALA E 317 2.35 -9.36 15.84
CA ALA E 317 1.28 -9.26 14.80
C ALA E 317 1.90 -9.09 13.40
N ALA E 318 3.09 -8.49 13.30
CA ALA E 318 3.80 -8.28 12.02
C ALA E 318 4.68 -9.47 11.69
N GLY E 319 4.72 -10.47 12.55
CA GLY E 319 5.53 -11.67 12.29
C GLY E 319 7.01 -11.39 12.40
N LYS E 320 7.38 -10.43 13.23
CA LYS E 320 8.81 -10.04 13.39
C LYS E 320 9.26 -10.37 14.82
N VAL E 321 10.52 -10.05 15.15
CA VAL E 321 11.16 -10.48 16.43
C VAL E 321 11.19 -9.31 17.40
N VAL E 322 10.81 -9.54 18.68
CA VAL E 322 10.87 -8.50 19.73
C VAL E 322 11.86 -8.98 20.81
N ILE E 323 12.82 -8.11 21.13
CA ILE E 323 13.77 -8.33 22.24
C ILE E 323 13.39 -7.37 23.36
N THR E 324 13.23 -7.90 24.58
CA THR E 324 12.97 -7.03 25.73
C THR E 324 14.34 -6.82 26.42
N ALA E 325 14.71 -5.57 26.71
CA ALA E 325 16.09 -5.26 27.17
C ALA E 325 16.16 -4.35 28.38
N THR E 326 17.20 -4.57 29.17
CA THR E 326 17.89 -3.64 30.11
C THR E 326 17.38 -3.80 31.53
N ASN E 327 18.32 -3.95 32.47
CA ASN E 327 18.06 -4.03 33.93
C ASN E 327 17.30 -5.31 34.32
N MET E 328 17.19 -6.31 33.44
CA MET E 328 16.34 -7.49 33.67
C MET E 328 16.83 -8.25 34.92
N LEU E 329 18.14 -8.42 35.11
CA LEU E 329 18.73 -9.05 36.35
C LEU E 329 19.86 -8.15 36.88
N GLU E 330 19.60 -6.86 36.97
CA GLU E 330 20.61 -5.78 37.15
C GLU E 330 21.45 -6.07 38.39
N THR E 331 20.82 -6.45 39.50
CA THR E 331 21.49 -6.73 40.80
C THR E 331 22.55 -7.80 40.64
N MET E 332 22.43 -8.71 39.68
CA MET E 332 23.42 -9.80 39.50
C MET E 332 24.74 -9.30 38.87
N THR E 333 24.79 -8.03 38.49
CA THR E 333 26.04 -7.26 38.20
C THR E 333 27.01 -7.41 39.40
N GLU E 334 26.48 -7.35 40.63
CA GLU E 334 27.28 -7.25 41.88
C GLU E 334 26.94 -8.36 42.88
N LYS E 335 25.81 -9.07 42.75
CA LYS E 335 25.39 -10.09 43.75
C LYS E 335 25.04 -11.38 43.03
N PRO E 336 25.18 -12.56 43.67
CA PRO E 336 24.87 -13.83 43.01
C PRO E 336 23.38 -14.19 42.93
N ARG E 337 22.53 -13.32 43.47
CA ARG E 337 21.07 -13.56 43.47
C ARG E 337 20.33 -12.32 42.95
N ALA E 338 19.33 -12.54 42.12
CA ALA E 338 18.50 -11.44 41.58
C ALA E 338 17.48 -11.06 42.63
N THR E 339 17.05 -9.81 42.62
CA THR E 339 15.94 -9.34 43.48
C THR E 339 14.61 -9.96 43.02
N ARG E 340 13.59 -9.85 43.85
CA ARG E 340 12.24 -10.41 43.50
C ARG E 340 11.64 -9.63 42.32
N SER E 341 11.95 -8.34 42.20
CA SER E 341 11.46 -7.44 41.12
C SER E 341 12.09 -7.84 39.79
N GLU E 342 13.34 -8.30 39.79
CA GLU E 342 14.07 -8.72 38.57
C GLU E 342 13.47 -10.02 38.05
N VAL E 343 13.27 -11.00 38.93
CA VAL E 343 12.64 -12.28 38.52
C VAL E 343 11.23 -12.02 37.96
N SER E 344 10.46 -11.17 38.61
CA SER E 344 9.10 -10.76 38.15
C SER E 344 9.19 -10.12 36.76
N ASP E 345 10.17 -9.25 36.54
CA ASP E 345 10.33 -8.56 35.26
C ASP E 345 10.58 -9.57 34.15
N VAL E 346 11.48 -10.53 34.36
CA VAL E 346 11.85 -11.50 33.30
C VAL E 346 10.61 -12.38 33.02
N PHE E 347 9.94 -12.81 34.09
CA PHE E 347 8.74 -13.68 33.99
C PHE E 347 7.68 -12.94 33.17
N ASN E 348 7.38 -11.68 33.51
CA ASN E 348 6.27 -10.91 32.89
C ASN E 348 6.60 -10.53 31.44
N ALA E 349 7.88 -10.29 31.08
CA ALA E 349 8.33 -10.13 29.68
C ALA E 349 7.95 -11.36 28.83
N VAL E 350 8.20 -12.55 29.34
CA VAL E 350 7.80 -13.80 28.65
C VAL E 350 6.27 -13.83 28.48
N ILE E 351 5.53 -13.58 29.57
CA ILE E 351 4.05 -13.69 29.54
C ILE E 351 3.52 -12.68 28.52
N ASP E 352 4.13 -11.50 28.44
CA ASP E 352 3.73 -10.38 27.56
C ASP E 352 3.81 -10.83 26.10
N GLY E 353 4.72 -11.76 25.79
CA GLY E 353 4.88 -12.34 24.43
C GLY E 353 6.27 -12.16 23.81
N THR E 354 7.28 -11.77 24.59
CA THR E 354 8.63 -11.47 24.03
C THR E 354 9.23 -12.70 23.33
N ASP E 355 9.91 -12.50 22.19
CA ASP E 355 10.68 -13.60 21.54
C ASP E 355 11.91 -13.87 22.40
N ALA E 356 12.48 -12.79 22.95
CA ALA E 356 13.84 -12.79 23.54
C ALA E 356 13.90 -11.83 24.72
N THR E 357 14.78 -12.19 25.65
CA THR E 357 15.16 -11.42 26.84
C THR E 357 16.66 -11.13 26.73
N MET E 358 17.09 -10.04 27.32
CA MET E 358 18.49 -9.60 27.13
C MET E 358 19.17 -9.37 28.48
N LEU E 359 20.48 -9.52 28.44
CA LEU E 359 21.42 -9.11 29.51
C LEU E 359 22.44 -8.12 28.92
N SER E 360 22.72 -7.07 29.67
CA SER E 360 23.72 -6.02 29.30
C SER E 360 24.92 -6.18 30.26
N GLY E 361 25.09 -5.31 31.25
CA GLY E 361 26.22 -5.37 32.20
C GLY E 361 26.29 -6.70 32.90
N GLU E 362 25.13 -7.32 33.16
CA GLU E 362 25.09 -8.60 33.92
C GLU E 362 25.97 -9.64 33.25
N SER E 363 25.99 -9.73 31.91
CA SER E 363 26.81 -10.74 31.20
C SER E 363 28.13 -10.09 30.75
N ALA E 364 28.18 -8.78 30.57
CA ALA E 364 29.34 -8.15 29.91
C ALA E 364 30.40 -7.76 30.95
N ASN E 365 29.98 -7.08 32.04
CA ASN E 365 30.85 -6.32 32.97
C ASN E 365 30.81 -6.85 34.41
N GLY E 366 29.88 -7.75 34.74
CA GLY E 366 29.59 -8.03 36.16
C GLY E 366 30.34 -9.24 36.65
N LYS E 367 30.13 -9.54 37.93
CA LYS E 367 30.86 -10.59 38.67
C LYS E 367 30.32 -11.95 38.34
N TYR E 368 29.08 -12.07 37.81
CA TYR E 368 28.40 -13.37 37.69
C TYR E 368 27.77 -13.51 36.30
N PRO E 369 28.57 -13.38 35.23
CA PRO E 369 28.06 -13.54 33.88
C PRO E 369 27.36 -14.88 33.65
N LEU E 370 27.98 -16.00 34.06
CA LEU E 370 27.36 -17.32 33.79
C LEU E 370 26.07 -17.52 34.62
N GLU E 371 26.09 -17.14 35.89
CA GLU E 371 24.93 -17.30 36.80
C GLU E 371 23.77 -16.42 36.26
N SER E 372 24.11 -15.30 35.63
CA SER E 372 23.12 -14.38 35.03
C SER E 372 22.41 -15.10 33.88
N VAL E 373 23.15 -15.77 33.00
CA VAL E 373 22.53 -16.50 31.85
C VAL E 373 21.70 -17.67 32.39
N THR E 374 22.25 -18.48 33.31
CA THR E 374 21.54 -19.61 33.98
C THR E 374 20.21 -19.15 34.59
N THR E 375 20.24 -18.09 35.40
CA THR E 375 19.08 -17.51 36.12
C THR E 375 18.01 -17.04 35.13
N MET E 376 18.38 -16.26 34.12
CA MET E 376 17.45 -15.85 33.05
C MET E 376 16.85 -17.08 32.35
N ALA E 377 17.65 -18.09 32.06
CA ALA E 377 17.19 -19.30 31.38
C ALA E 377 16.19 -20.05 32.26
N THR E 378 16.47 -20.18 33.55
CA THR E 378 15.55 -20.88 34.49
C THR E 378 14.20 -20.13 34.53
N ILE E 379 14.23 -18.81 34.69
CA ILE E 379 12.97 -18.01 34.69
C ILE E 379 12.23 -18.20 33.36
N ASP E 380 12.91 -18.03 32.22
CA ASP E 380 12.26 -18.04 30.89
C ASP E 380 11.59 -19.40 30.67
N LYS E 381 12.25 -20.46 31.11
CA LYS E 381 11.74 -21.84 30.97
C LYS E 381 10.48 -22.03 31.83
N ASN E 382 10.43 -21.50 33.05
CA ASN E 382 9.26 -21.68 33.94
C ASN E 382 8.09 -20.86 33.36
N ALA E 383 8.37 -19.67 32.88
CA ALA E 383 7.34 -18.76 32.34
C ALA E 383 6.72 -19.35 31.07
N GLN E 384 7.49 -20.04 30.22
CA GLN E 384 6.92 -20.61 28.96
C GLN E 384 5.78 -21.59 29.31
N ALA E 385 5.90 -22.33 30.41
CA ALA E 385 4.89 -23.33 30.88
C ALA E 385 3.59 -22.62 31.29
N LEU E 386 3.58 -21.30 31.53
CA LEU E 386 2.36 -20.54 31.93
C LEU E 386 1.79 -19.69 30.80
N LEU E 387 2.29 -19.84 29.57
CA LEU E 387 1.79 -19.08 28.42
C LEU E 387 0.35 -19.52 28.04
N ASN E 388 -0.02 -20.79 28.26
CA ASN E 388 -1.42 -21.23 27.99
C ASN E 388 -2.41 -20.52 28.93
N GLU E 389 -2.09 -20.35 30.22
CA GLU E 389 -3.00 -19.75 31.25
C GLU E 389 -2.98 -18.21 31.25
N TYR E 390 -1.85 -17.55 30.98
CA TYR E 390 -1.62 -16.10 31.27
C TYR E 390 -1.14 -15.35 30.02
N GLY E 391 -0.73 -16.04 28.94
CA GLY E 391 -0.13 -15.44 27.73
C GLY E 391 -0.96 -14.31 27.20
N ARG E 392 -0.34 -13.17 26.87
CA ARG E 392 -1.04 -11.97 26.38
C ARG E 392 -1.28 -12.06 24.86
N LEU E 393 -0.44 -12.80 24.14
CA LEU E 393 -0.60 -12.84 22.66
C LEU E 393 -1.83 -13.68 22.32
N ASP E 394 -2.52 -13.31 21.25
CA ASP E 394 -3.82 -13.88 20.80
C ASP E 394 -3.73 -14.16 19.29
N SER E 395 -3.28 -15.34 18.89
CA SER E 395 -3.07 -15.67 17.46
C SER E 395 -4.42 -15.79 16.74
N ASP E 396 -5.50 -16.07 17.47
CA ASP E 396 -6.88 -16.16 16.92
C ASP E 396 -7.29 -14.83 16.25
N SER E 397 -6.72 -13.71 16.66
CA SER E 397 -7.10 -12.36 16.15
C SER E 397 -6.42 -12.04 14.80
N PHE E 398 -5.42 -12.79 14.36
CA PHE E 398 -4.63 -12.42 13.17
C PHE E 398 -5.41 -12.68 11.89
N GLU E 399 -5.21 -11.79 10.91
CA GLU E 399 -5.55 -12.02 9.51
C GLU E 399 -4.45 -12.95 9.00
N ARG E 400 -4.82 -14.07 8.40
CA ARG E 400 -3.86 -15.03 7.78
C ARG E 400 -3.63 -14.46 6.38
N ASN E 401 -2.50 -13.79 6.15
CA ASN E 401 -2.37 -12.91 4.96
C ASN E 401 -1.70 -13.63 3.78
N SER E 402 -1.37 -14.92 3.88
CA SER E 402 -0.71 -15.69 2.78
C SER E 402 -0.92 -17.19 3.01
N LYS E 403 -0.60 -18.01 2.03
CA LYS E 403 -0.84 -19.48 2.12
C LYS E 403 0.10 -20.12 3.12
N THR E 404 1.34 -19.64 3.22
CA THR E 404 2.28 -20.12 4.27
C THR E 404 1.68 -19.78 5.64
N GLU E 405 1.10 -18.59 5.77
CA GLU E 405 0.54 -18.19 7.08
C GLU E 405 -0.68 -19.06 7.40
N VAL E 406 -1.50 -19.39 6.41
CA VAL E 406 -2.63 -20.30 6.75
C VAL E 406 -2.10 -21.70 7.11
N MET E 407 -1.01 -22.14 6.53
CA MET E 407 -0.39 -23.40 7.01
C MET E 407 0.15 -23.21 8.44
N ALA E 408 0.70 -22.05 8.78
CA ALA E 408 1.16 -21.79 10.17
C ALA E 408 -0.03 -21.89 11.14
N SER E 409 -1.19 -21.40 10.73
CA SER E 409 -2.39 -21.36 11.59
C SER E 409 -2.84 -22.79 11.83
N ALA E 410 -2.80 -23.64 10.80
CA ALA E 410 -3.18 -25.07 10.87
C ALA E 410 -2.23 -25.81 11.79
N VAL E 411 -0.94 -25.46 11.78
CA VAL E 411 0.03 -26.16 12.65
C VAL E 411 -0.36 -25.84 14.10
N LYS E 412 -0.57 -24.56 14.42
CA LYS E 412 -1.00 -24.11 15.76
C LYS E 412 -2.25 -24.92 16.17
N ASP E 413 -3.21 -25.04 15.25
CA ASP E 413 -4.45 -25.80 15.53
C ASP E 413 -4.11 -27.23 15.95
N ALA E 414 -3.32 -27.93 15.14
CA ALA E 414 -2.89 -29.31 15.44
C ALA E 414 -2.24 -29.36 16.83
N THR E 415 -1.37 -28.41 17.19
CA THR E 415 -0.69 -28.46 18.52
C THR E 415 -1.66 -28.12 19.66
N SER E 416 -2.81 -27.51 19.35
CA SER E 416 -3.91 -27.24 20.33
C SER E 416 -4.80 -28.47 20.46
N SER E 417 -5.00 -29.21 19.38
CA SER E 417 -5.94 -30.36 19.31
C SER E 417 -5.34 -31.59 20.01
N MET E 418 -4.03 -31.74 20.01
CA MET E 418 -3.42 -32.98 20.53
C MET E 418 -2.01 -32.67 21.03
N ASP E 419 -1.40 -33.62 21.73
CA ASP E 419 -0.07 -33.43 22.32
C ASP E 419 0.96 -33.61 21.20
N ILE E 420 1.51 -32.53 20.68
CA ILE E 420 2.62 -32.57 19.68
C ILE E 420 3.95 -32.24 20.39
N LYS E 421 4.91 -33.15 20.22
CA LYS E 421 6.25 -33.05 20.86
C LYS E 421 7.07 -32.01 20.08
N LEU E 422 6.96 -31.99 18.76
CA LEU E 422 7.82 -31.14 17.91
C LEU E 422 7.05 -30.75 16.65
N VAL E 423 7.27 -29.51 16.20
CA VAL E 423 6.93 -29.08 14.84
C VAL E 423 8.24 -28.97 14.08
N VAL E 424 8.28 -29.57 12.89
CA VAL E 424 9.47 -29.52 11.99
C VAL E 424 9.05 -28.82 10.70
N THR E 425 9.84 -27.87 10.27
CA THR E 425 9.66 -27.21 8.96
C THR E 425 10.98 -27.34 8.19
N LEU E 426 10.86 -27.71 6.93
CA LEU E 426 11.97 -27.62 5.94
C LEU E 426 11.86 -26.30 5.21
N THR E 427 12.78 -25.38 5.52
CA THR E 427 12.66 -23.95 5.20
C THR E 427 13.97 -23.53 4.52
N LYS E 428 13.89 -23.03 3.28
CA LYS E 428 15.08 -22.55 2.52
C LYS E 428 15.54 -21.21 3.12
N THR E 429 14.61 -20.30 3.44
CA THR E 429 14.91 -18.91 3.89
C THR E 429 14.54 -18.68 5.35
N GLY E 430 13.80 -19.61 5.97
CA GLY E 430 13.30 -19.47 7.35
C GLY E 430 11.90 -18.87 7.42
N HIS E 431 11.30 -18.52 6.29
CA HIS E 431 9.99 -17.81 6.25
C HIS E 431 8.95 -18.67 6.98
N THR E 432 8.86 -19.95 6.63
CA THR E 432 7.88 -20.87 7.26
C THR E 432 8.11 -20.92 8.77
N ALA E 433 9.36 -21.11 9.24
CA ALA E 433 9.71 -21.10 10.68
C ALA E 433 9.31 -19.78 11.37
N ARG E 434 9.47 -18.61 10.72
CA ARG E 434 9.08 -17.31 11.33
C ARG E 434 7.56 -17.27 11.52
N LEU E 435 6.79 -17.69 10.50
CA LEU E 435 5.32 -17.67 10.59
C LEU E 435 4.80 -18.70 11.61
N ILE E 436 5.37 -19.90 11.69
CA ILE E 436 5.01 -20.86 12.76
C ILE E 436 5.31 -20.24 14.12
N SER E 437 6.48 -19.62 14.29
CA SER E 437 6.88 -18.95 15.54
C SER E 437 5.90 -17.85 15.92
N LYS E 438 5.44 -17.04 14.97
CA LYS E 438 4.47 -15.94 15.19
C LYS E 438 3.25 -16.49 15.89
N TYR E 439 2.84 -17.72 15.54
CA TYR E 439 1.58 -18.35 16.06
C TYR E 439 1.79 -18.93 17.47
N ARG E 440 3.02 -18.99 18.00
CA ARG E 440 3.29 -19.48 19.38
C ARG E 440 2.65 -20.85 19.62
N PRO E 441 3.01 -21.90 18.83
CA PRO E 441 2.46 -23.24 18.99
C PRO E 441 2.82 -23.80 20.35
N ASN E 442 2.05 -24.74 20.87
CA ASN E 442 2.40 -25.47 22.11
C ASN E 442 3.36 -26.61 21.72
N ALA E 443 4.54 -26.25 21.22
CA ALA E 443 5.58 -27.21 20.81
C ALA E 443 6.86 -26.46 20.45
N ASP E 444 8.00 -27.14 20.57
CA ASP E 444 9.26 -26.62 20.01
C ASP E 444 9.16 -26.68 18.49
N ILE E 445 9.89 -25.81 17.81
CA ILE E 445 9.88 -25.74 16.33
C ILE E 445 11.30 -26.08 15.86
N LEU E 446 11.48 -27.24 15.22
CA LEU E 446 12.79 -27.59 14.58
C LEU E 446 12.75 -27.07 13.15
N ALA E 447 13.63 -26.09 12.85
CA ALA E 447 13.78 -25.48 11.52
C ALA E 447 15.02 -26.08 10.82
N LEU E 448 14.77 -26.99 9.90
CA LEU E 448 15.77 -27.62 9.02
C LEU E 448 16.00 -26.68 7.83
N THR E 449 17.19 -26.07 7.77
CA THR E 449 17.58 -25.10 6.70
C THR E 449 18.91 -25.59 6.06
N PHE E 450 19.31 -24.97 4.96
CA PHE E 450 20.35 -25.53 4.06
C PHE E 450 21.58 -24.61 4.01
N ASP E 451 21.64 -23.58 4.84
CA ASP E 451 22.85 -22.73 4.90
C ASP E 451 22.98 -22.12 6.29
N GLU E 452 24.20 -21.75 6.66
CA GLU E 452 24.56 -21.30 8.02
C GLU E 452 24.02 -19.91 8.28
N LEU E 453 23.87 -19.09 7.25
CA LEU E 453 23.37 -17.70 7.45
C LEU E 453 21.88 -17.74 7.84
N THR E 454 21.06 -18.53 7.15
CA THR E 454 19.63 -18.68 7.51
C THR E 454 19.52 -19.34 8.89
N GLU E 455 20.34 -20.37 9.12
CA GLU E 455 20.37 -21.10 10.40
C GLU E 455 20.59 -20.08 11.54
N ARG E 456 21.66 -19.26 11.49
CA ARG E 456 21.92 -18.31 12.59
C ARG E 456 20.88 -17.19 12.61
N GLY E 457 20.28 -16.84 11.45
CA GLY E 457 19.30 -15.77 11.36
C GLY E 457 17.98 -16.09 12.09
N LEU E 458 17.76 -17.34 12.45
CA LEU E 458 16.53 -17.81 13.15
C LEU E 458 16.75 -17.92 14.66
N MET E 459 17.91 -17.51 15.19
CA MET E 459 18.25 -17.91 16.58
C MET E 459 17.56 -16.99 17.59
N LEU E 460 16.92 -15.91 17.16
CA LEU E 460 16.15 -15.10 18.13
C LEU E 460 14.64 -15.30 17.98
N ASN E 461 14.16 -16.14 17.05
CA ASN E 461 12.69 -16.40 16.92
C ASN E 461 12.24 -17.33 18.06
N TRP E 462 11.19 -16.94 18.76
CA TRP E 462 10.51 -17.79 19.78
C TRP E 462 10.37 -19.22 19.30
N GLY E 463 10.86 -20.15 20.11
CA GLY E 463 10.67 -21.60 20.05
C GLY E 463 11.42 -22.27 18.92
N VAL E 464 12.14 -21.51 18.10
CA VAL E 464 12.79 -22.10 16.90
C VAL E 464 14.16 -22.66 17.32
N ILE E 465 14.36 -23.92 16.97
CA ILE E 465 15.65 -24.65 17.07
C ILE E 465 16.17 -24.80 15.65
N PRO E 466 17.11 -23.94 15.20
CA PRO E 466 17.63 -24.03 13.82
C PRO E 466 18.64 -25.19 13.68
N MET E 467 18.59 -25.90 12.55
CA MET E 467 19.48 -27.06 12.33
C MET E 467 19.85 -27.16 10.84
N LEU E 468 21.16 -27.33 10.56
CA LEU E 468 21.72 -27.39 9.18
C LEU E 468 21.57 -28.82 8.67
N THR E 469 21.03 -28.98 7.47
CA THR E 469 20.98 -30.27 6.75
C THR E 469 21.20 -30.02 5.26
N ASP E 470 21.47 -31.09 4.52
CA ASP E 470 21.61 -31.10 3.03
C ASP E 470 20.25 -30.75 2.42
N ALA E 471 20.24 -29.83 1.47
CA ALA E 471 19.03 -29.47 0.71
C ALA E 471 18.49 -30.75 0.10
N PRO E 472 17.20 -31.09 0.32
CA PRO E 472 16.63 -32.29 -0.28
C PRO E 472 16.46 -32.16 -1.79
N SER E 473 16.75 -33.25 -2.49
CA SER E 473 16.49 -33.46 -3.94
C SER E 473 15.01 -33.79 -4.16
N SER E 474 14.57 -33.89 -5.40
CA SER E 474 13.19 -34.29 -5.76
C SER E 474 13.00 -35.80 -5.54
N THR E 475 14.05 -36.55 -5.21
CA THR E 475 13.98 -38.02 -5.06
C THR E 475 13.84 -38.34 -3.56
N ASP E 476 13.97 -37.34 -2.69
CA ASP E 476 14.09 -37.59 -1.22
C ASP E 476 12.70 -37.53 -0.57
N ASP E 477 12.56 -38.29 0.51
CA ASP E 477 11.38 -38.25 1.41
C ASP E 477 11.65 -37.23 2.53
N MET E 478 11.12 -36.02 2.35
CA MET E 478 11.37 -34.90 3.29
C MET E 478 10.75 -35.23 4.68
N PHE E 479 9.77 -36.14 4.78
CA PHE E 479 9.07 -36.49 6.05
C PHE E 479 9.97 -37.45 6.81
N GLU E 480 10.64 -38.35 6.09
CA GLU E 480 11.62 -39.30 6.68
C GLU E 480 12.82 -38.50 7.20
N ILE E 481 13.28 -37.49 6.45
CA ILE E 481 14.43 -36.61 6.83
C ILE E 481 14.08 -35.86 8.11
N ALA E 482 12.86 -35.30 8.20
CA ALA E 482 12.37 -34.58 9.39
C ALA E 482 12.48 -35.47 10.62
N GLU E 483 11.94 -36.69 10.55
CA GLU E 483 11.99 -37.66 11.67
C GLU E 483 13.46 -37.94 12.02
N ARG E 484 14.28 -38.22 11.02
CA ARG E 484 15.70 -38.60 11.24
C ARG E 484 16.44 -37.48 11.97
N LYS E 485 16.34 -36.25 11.46
CA LYS E 485 17.06 -35.09 12.04
C LYS E 485 16.54 -34.84 13.46
N ALA E 486 15.23 -34.98 13.70
CA ALA E 486 14.60 -34.79 15.03
C ALA E 486 15.16 -35.81 16.03
N VAL E 487 15.29 -37.07 15.60
CA VAL E 487 15.78 -38.19 16.47
C VAL E 487 17.27 -37.99 16.74
N GLU E 488 18.05 -37.64 15.71
CA GLU E 488 19.52 -37.35 15.82
C GLU E 488 19.74 -36.24 16.85
N ALA E 489 18.93 -35.18 16.86
CA ALA E 489 19.09 -34.04 17.79
C ALA E 489 18.58 -34.38 19.20
N GLY E 490 18.09 -35.59 19.43
CA GLY E 490 17.51 -36.04 20.72
C GLY E 490 16.26 -35.27 21.12
N LEU E 491 15.47 -34.76 20.16
CA LEU E 491 14.28 -33.90 20.44
C LEU E 491 13.02 -34.77 20.56
N VAL E 492 13.02 -35.97 19.99
CA VAL E 492 11.87 -36.91 20.02
C VAL E 492 12.40 -38.32 20.26
N GLU E 493 11.53 -39.20 20.75
CA GLU E 493 11.77 -40.66 20.84
C GLU E 493 10.60 -41.39 20.19
N SER E 494 10.75 -42.70 20.02
CA SER E 494 9.69 -43.65 19.57
C SER E 494 8.35 -43.30 20.23
N GLY E 495 7.29 -43.17 19.44
CA GLY E 495 5.94 -42.96 19.98
C GLY E 495 5.54 -41.50 20.08
N ASP E 496 6.48 -40.54 20.01
CA ASP E 496 6.12 -39.10 20.01
C ASP E 496 5.37 -38.75 18.70
N ASP E 497 4.47 -37.77 18.76
CA ASP E 497 3.73 -37.32 17.55
C ASP E 497 4.34 -35.99 17.12
N ILE E 498 4.67 -35.88 15.84
CA ILE E 498 5.28 -34.64 15.32
C ILE E 498 4.42 -34.15 14.17
N VAL E 499 4.44 -32.84 13.98
CA VAL E 499 3.87 -32.16 12.80
C VAL E 499 5.04 -31.73 11.92
N ILE E 500 4.96 -32.00 10.64
CA ILE E 500 6.01 -31.65 9.64
C ILE E 500 5.38 -30.89 8.49
N VAL E 501 5.94 -29.74 8.13
CA VAL E 501 5.50 -28.94 6.96
C VAL E 501 6.68 -28.81 5.99
N ALA E 502 6.36 -28.72 4.71
CA ALA E 502 7.35 -28.72 3.60
C ALA E 502 6.64 -28.29 2.33
N GLY E 503 7.41 -27.80 1.35
CA GLY E 503 6.90 -27.51 0.00
C GLY E 503 7.13 -28.72 -0.86
N VAL E 504 6.09 -29.49 -1.16
CA VAL E 504 6.18 -30.81 -1.86
C VAL E 504 5.56 -30.68 -3.23
N PRO E 505 6.19 -31.28 -4.29
CA PRO E 505 7.55 -31.81 -4.23
C PRO E 505 8.58 -30.71 -4.49
N VAL E 506 9.85 -30.93 -4.12
CA VAL E 506 10.97 -29.98 -4.46
C VAL E 506 10.96 -29.71 -5.96
N GLY E 507 10.88 -28.45 -6.37
CA GLY E 507 11.00 -28.02 -7.78
C GLY E 507 9.66 -27.85 -8.48
N GLU E 508 8.53 -28.08 -7.80
CA GLU E 508 7.17 -27.78 -8.31
C GLU E 508 6.48 -26.83 -7.32
N ALA E 509 6.47 -27.16 -6.02
CA ALA E 509 5.93 -26.30 -4.93
C ALA E 509 6.61 -24.94 -4.99
N VAL E 510 5.85 -23.86 -4.88
CA VAL E 510 6.40 -22.48 -4.83
C VAL E 510 6.42 -22.02 -3.37
N ARG E 511 6.02 -22.88 -2.42
CA ARG E 511 5.96 -22.53 -0.98
C ARG E 511 5.63 -23.78 -0.15
N THR E 512 5.83 -23.70 1.15
CA THR E 512 5.30 -24.70 2.12
C THR E 512 3.79 -24.90 1.83
N ASN E 513 3.42 -26.12 1.47
CA ASN E 513 2.04 -26.40 1.03
C ASN E 513 1.51 -27.68 1.68
N THR E 514 2.32 -28.39 2.47
CA THR E 514 1.96 -29.71 3.03
C THR E 514 2.18 -29.75 4.54
N MET E 515 1.22 -30.33 5.25
CA MET E 515 1.33 -30.64 6.70
C MET E 515 1.12 -32.14 6.88
N ARG E 516 2.01 -32.78 7.63
CA ARG E 516 1.95 -34.22 7.94
C ARG E 516 1.94 -34.36 9.45
N ILE E 517 1.03 -35.19 9.96
CA ILE E 517 1.09 -35.66 11.38
C ILE E 517 1.70 -37.05 11.33
N ARG E 518 2.82 -37.24 12.01
CA ARG E 518 3.64 -38.48 11.93
C ARG E 518 4.01 -38.96 13.34
N THR E 519 3.92 -40.26 13.59
CA THR E 519 4.40 -40.91 14.85
C THR E 519 5.83 -41.40 14.65
N VAL E 520 6.73 -41.01 15.55
CA VAL E 520 8.17 -41.38 15.45
C VAL E 520 8.29 -42.88 15.66
N ARG E 521 8.99 -43.60 14.77
CA ARG E 521 9.07 -45.10 14.84
C ARG E 521 9.80 -45.49 16.12
N MET F 21 -6.25 13.57 40.63
CA MET F 21 -6.52 12.13 40.30
C MET F 21 -6.12 11.23 41.47
N ASN F 22 -6.93 10.22 41.83
CA ASN F 22 -6.81 9.53 43.15
C ASN F 22 -6.07 8.20 43.00
N LYS F 23 -5.15 7.89 43.90
CA LYS F 23 -4.37 6.62 43.84
C LYS F 23 -5.18 5.46 44.48
N ARG F 24 -5.60 4.49 43.68
CA ARG F 24 -6.49 3.40 44.17
C ARG F 24 -5.66 2.32 44.86
N VAL F 25 -4.48 2.01 44.31
CA VAL F 25 -3.61 0.96 44.89
C VAL F 25 -2.97 1.58 46.14
N LYS F 26 -3.03 0.87 47.25
CA LYS F 26 -2.57 1.42 48.55
C LYS F 26 -1.09 1.13 48.72
N ILE F 27 -0.41 1.99 49.48
CA ILE F 27 1.05 1.84 49.72
C ILE F 27 1.26 1.64 51.22
N VAL F 28 1.98 0.59 51.55
CA VAL F 28 2.51 0.30 52.90
C VAL F 28 3.97 0.76 52.82
N ALA F 29 4.36 1.71 53.67
CA ALA F 29 5.78 2.14 53.78
C ALA F 29 6.32 1.72 55.14
N THR F 30 7.42 1.00 55.13
CA THR F 30 8.19 0.66 56.36
C THR F 30 8.94 1.92 56.81
N LEU F 31 8.82 2.19 58.11
CA LEU F 31 9.52 3.35 58.73
C LEU F 31 10.77 2.85 59.43
N GLY F 32 11.70 3.75 59.57
CA GLY F 32 13.00 3.44 60.18
C GLY F 32 13.75 4.75 60.32
N PRO F 33 15.07 4.67 60.52
CA PRO F 33 15.90 5.87 60.68
C PRO F 33 15.91 6.86 59.49
N ALA F 34 15.63 6.37 58.27
CA ALA F 34 15.80 7.12 57.01
C ALA F 34 15.12 8.48 57.15
N VAL F 35 13.96 8.51 57.77
CA VAL F 35 13.14 9.75 57.84
C VAL F 35 13.48 10.54 59.10
N GLU F 36 14.23 9.95 60.03
CA GLU F 36 14.33 10.50 61.41
C GLU F 36 15.57 11.42 61.50
N ILE F 37 15.35 12.64 62.00
CA ILE F 37 16.40 13.65 62.27
C ILE F 37 16.85 13.45 63.74
N ARG F 38 18.15 13.46 64.03
CA ARG F 38 18.64 13.50 65.43
C ARG F 38 19.64 14.66 65.54
N GLY F 39 19.36 15.58 66.49
CA GLY F 39 20.10 16.83 66.71
C GLY F 39 20.52 17.46 65.39
N GLY F 40 19.57 17.63 64.48
CA GLY F 40 19.79 18.25 63.15
C GLY F 40 20.50 17.34 62.16
N LYS F 41 20.96 16.14 62.55
CA LYS F 41 21.68 15.21 61.64
C LYS F 41 20.68 14.28 60.94
N LYS F 42 20.89 14.01 59.63
CA LYS F 42 20.26 12.94 58.79
C LYS F 42 20.93 11.59 59.06
N PHE F 43 20.23 10.48 58.80
CA PHE F 43 20.76 9.10 58.88
C PHE F 43 21.99 8.96 57.99
N GLY F 44 23.01 8.22 58.46
CA GLY F 44 24.28 7.98 57.73
C GLY F 44 25.31 9.10 57.89
N GLU F 45 25.08 10.06 58.81
CA GLU F 45 26.01 11.19 59.07
C GLU F 45 26.72 10.96 60.40
N ASP F 46 28.01 11.30 60.50
CA ASP F 46 28.86 11.06 61.69
C ASP F 46 28.11 11.53 62.94
N GLY F 47 28.10 10.70 63.99
CA GLY F 47 27.51 10.97 65.31
C GLY F 47 25.99 11.06 65.24
N TYR F 48 25.37 10.40 64.25
CA TYR F 48 23.89 10.31 64.09
C TYR F 48 23.29 9.75 65.38
N TRP F 49 23.70 8.55 65.78
CA TRP F 49 23.16 7.82 66.96
C TRP F 49 23.71 8.47 68.24
N GLY F 50 24.72 9.34 68.11
CA GLY F 50 25.18 10.24 69.19
C GLY F 50 24.05 11.13 69.67
N GLU F 51 23.37 11.80 68.75
CA GLU F 51 22.28 12.79 69.03
C GLU F 51 21.01 12.09 69.53
N LYS F 52 20.03 12.89 69.97
CA LYS F 52 18.69 12.43 70.43
C LYS F 52 17.66 12.72 69.32
N LEU F 53 16.52 12.02 69.34
CA LEU F 53 15.49 12.11 68.25
C LEU F 53 14.89 13.52 68.25
N ASP F 54 14.95 14.19 67.11
CA ASP F 54 14.14 15.42 66.88
C ASP F 54 12.75 14.98 66.41
N VAL F 55 11.81 14.86 67.33
CA VAL F 55 10.44 14.38 67.04
C VAL F 55 9.78 15.25 65.96
N GLU F 56 9.83 16.58 66.09
CA GLU F 56 9.01 17.49 65.22
C GLU F 56 9.57 17.46 63.79
N ALA F 57 10.89 17.56 63.63
CA ALA F 57 11.56 17.47 62.32
C ALA F 57 11.29 16.10 61.68
N SER F 58 11.29 15.02 62.45
CA SER F 58 11.04 13.64 61.98
C SER F 58 9.57 13.48 61.59
N ALA F 59 8.65 14.11 62.32
CA ALA F 59 7.20 14.09 62.03
C ALA F 59 6.93 14.88 60.75
N LYS F 60 7.68 15.94 60.48
CA LYS F 60 7.49 16.71 59.22
C LYS F 60 7.94 15.85 58.04
N ASN F 61 9.01 15.08 58.19
CA ASN F 61 9.48 14.14 57.12
C ASN F 61 8.37 13.08 56.86
N ILE F 62 7.83 12.48 57.91
CA ILE F 62 6.82 11.37 57.74
C ILE F 62 5.55 11.96 57.11
N ALA F 63 5.18 13.19 57.48
CA ALA F 63 4.02 13.87 56.88
C ALA F 63 4.23 14.00 55.37
N LYS F 64 5.45 14.23 54.90
CA LYS F 64 5.71 14.27 53.43
C LYS F 64 5.43 12.91 52.78
N LEU F 65 5.78 11.81 53.45
CA LEU F 65 5.46 10.46 52.90
C LEU F 65 3.94 10.25 52.87
N ILE F 66 3.23 10.67 53.91
CA ILE F 66 1.75 10.57 53.97
C ILE F 66 1.21 11.31 52.74
N GLU F 67 1.70 12.53 52.45
CA GLU F 67 1.15 13.40 51.39
C GLU F 67 1.51 12.79 50.03
N ALA F 68 2.63 12.09 49.93
CA ALA F 68 3.09 11.44 48.70
C ALA F 68 2.28 10.16 48.36
N GLY F 69 1.53 9.60 49.32
CA GLY F 69 0.61 8.47 49.06
C GLY F 69 0.85 7.26 49.94
N ALA F 70 1.65 7.35 51.02
CA ALA F 70 1.72 6.28 52.02
C ALA F 70 0.35 6.18 52.70
N ASN F 71 -0.22 4.97 52.74
CA ASN F 71 -1.59 4.78 53.32
C ASN F 71 -1.53 4.07 54.65
N THR F 72 -0.42 3.38 54.90
CA THR F 72 -0.18 2.64 56.14
C THR F 72 1.31 2.63 56.37
N PHE F 73 1.74 2.75 57.63
CA PHE F 73 3.18 2.59 57.96
C PHE F 73 3.35 1.26 58.66
N ARG F 74 4.42 0.56 58.29
CA ARG F 74 4.83 -0.75 58.78
C ARG F 74 5.91 -0.52 59.84
N PHE F 75 5.68 -1.06 61.03
CA PHE F 75 6.65 -1.08 62.15
C PHE F 75 7.13 -2.50 62.24
N ASN F 76 8.34 -2.74 61.71
CA ASN F 76 9.02 -4.04 61.62
C ASN F 76 9.71 -4.37 62.95
N PHE F 77 9.10 -5.23 63.78
CA PHE F 77 9.62 -5.58 65.12
C PHE F 77 10.76 -6.57 64.99
N SER F 78 11.24 -6.89 63.78
CA SER F 78 12.48 -7.68 63.57
C SER F 78 13.70 -6.82 63.94
N HIS F 79 13.57 -5.51 63.89
CA HIS F 79 14.70 -4.58 64.21
C HIS F 79 14.16 -3.50 65.14
N GLY F 80 14.81 -3.27 66.27
CA GLY F 80 14.51 -2.14 67.16
C GLY F 80 13.64 -2.56 68.32
N ASP F 81 13.95 -2.03 69.50
CA ASP F 81 13.36 -2.45 70.79
C ASP F 81 12.02 -1.72 70.93
N HIS F 82 11.25 -2.06 71.97
CA HIS F 82 9.95 -1.43 72.25
C HIS F 82 10.09 0.09 72.34
N GLN F 83 11.09 0.60 73.08
CA GLN F 83 11.20 2.07 73.22
C GLN F 83 11.21 2.68 71.83
N GLU F 84 12.03 2.15 70.93
CA GLU F 84 12.24 2.72 69.56
C GLU F 84 10.94 2.64 68.75
N GLN F 85 10.24 1.49 68.80
CA GLN F 85 8.96 1.29 68.06
C GLN F 85 7.92 2.25 68.62
N GLY F 86 7.77 2.30 69.95
CA GLY F 86 6.82 3.22 70.64
C GLY F 86 7.03 4.67 70.24
N GLU F 87 8.27 5.14 70.22
CA GLU F 87 8.60 6.54 69.85
C GLU F 87 8.24 6.78 68.36
N ARG F 88 8.57 5.83 67.51
CA ARG F 88 8.27 5.93 66.06
C ARG F 88 6.75 6.00 65.88
N MET F 89 5.98 5.21 66.62
CA MET F 89 4.51 5.27 66.48
C MET F 89 4.01 6.63 66.96
N ALA F 90 4.58 7.17 68.04
CA ALA F 90 4.20 8.52 68.50
C ALA F 90 4.54 9.58 67.43
N THR F 91 5.68 9.44 66.74
CA THR F 91 6.13 10.43 65.72
C THR F 91 5.11 10.43 64.58
N VAL F 92 4.62 9.27 64.20
CA VAL F 92 3.60 9.15 63.11
C VAL F 92 2.31 9.85 63.52
N LYS F 93 1.88 9.75 64.78
CA LYS F 93 0.63 10.41 65.20
C LYS F 93 0.78 11.92 65.10
N LEU F 94 1.96 12.48 65.36
CA LEU F 94 2.22 13.93 65.15
C LEU F 94 2.12 14.19 63.64
N ALA F 95 2.75 13.33 62.85
CA ALA F 95 2.80 13.44 61.38
C ALA F 95 1.39 13.45 60.80
N GLU F 96 0.45 12.66 61.35
CA GLU F 96 -0.94 12.70 60.84
C GLU F 96 -1.55 14.11 61.04
N LYS F 97 -1.29 14.74 62.19
CA LYS F 97 -1.93 16.05 62.51
C LYS F 97 -1.34 17.13 61.58
N ILE F 98 -0.03 17.04 61.29
CA ILE F 98 0.71 17.92 60.34
C ILE F 98 0.17 17.73 58.93
N ALA F 99 0.09 16.48 58.45
CA ALA F 99 -0.39 16.20 57.07
C ALA F 99 -1.89 16.48 56.99
N GLY F 100 -2.60 16.44 58.12
CA GLY F 100 -4.07 16.53 58.14
C GLY F 100 -4.73 15.30 57.48
N LYS F 101 -4.06 14.15 57.44
CA LYS F 101 -4.57 12.87 56.87
C LYS F 101 -4.19 11.74 57.84
N LYS F 102 -5.10 10.81 58.08
CA LYS F 102 -4.85 9.62 58.91
C LYS F 102 -4.22 8.53 58.03
N VAL F 103 -3.48 7.63 58.67
CA VAL F 103 -2.90 6.43 58.01
C VAL F 103 -3.08 5.24 58.93
N GLY F 104 -2.93 4.06 58.36
CA GLY F 104 -2.96 2.81 59.12
C GLY F 104 -1.65 2.57 59.85
N PHE F 105 -1.72 1.84 60.97
CA PHE F 105 -0.56 1.39 61.74
C PHE F 105 -0.50 -0.14 61.66
N LEU F 106 0.58 -0.68 61.07
CA LEU F 106 0.78 -2.14 60.87
C LEU F 106 2.02 -2.58 61.64
N LEU F 107 1.84 -3.54 62.51
CA LEU F 107 2.94 -4.24 63.21
C LEU F 107 3.30 -5.49 62.42
N ASP F 108 4.58 -5.65 62.13
CA ASP F 108 5.17 -6.80 61.43
C ASP F 108 6.02 -7.59 62.45
N THR F 109 5.69 -8.85 62.68
CA THR F 109 6.32 -9.66 63.76
C THR F 109 7.71 -10.12 63.32
N LYS F 110 8.56 -10.36 64.31
CA LYS F 110 9.85 -11.03 64.11
C LYS F 110 9.58 -12.42 63.57
N GLY F 111 8.80 -13.19 64.34
CA GLY F 111 8.53 -14.59 64.05
C GLY F 111 9.83 -15.38 64.16
N PRO F 112 9.88 -16.56 63.52
CA PRO F 112 10.95 -17.54 63.68
C PRO F 112 12.21 -17.28 62.86
N GLU F 113 12.84 -16.14 63.09
CA GLU F 113 14.07 -15.78 62.35
C GLU F 113 15.21 -16.66 62.87
N ILE F 114 16.08 -17.08 61.96
CA ILE F 114 17.43 -17.62 62.28
C ILE F 114 18.46 -16.64 61.76
N ARG F 115 19.37 -16.21 62.62
CA ARG F 115 20.44 -15.24 62.31
C ARG F 115 21.78 -15.92 62.61
N THR F 116 22.82 -15.53 61.90
CA THR F 116 24.20 -15.95 62.22
C THR F 116 24.58 -15.27 63.55
N GLU F 117 25.45 -15.91 64.34
CA GLU F 117 25.85 -15.32 65.66
C GLU F 117 26.91 -14.23 65.42
N LEU F 118 27.15 -13.42 66.46
CA LEU F 118 28.39 -12.64 66.61
C LEU F 118 29.57 -13.62 66.58
N PHE F 119 30.69 -13.20 66.00
CA PHE F 119 31.95 -13.99 65.90
C PHE F 119 32.83 -13.71 67.13
N GLU F 120 33.87 -14.53 67.31
CA GLU F 120 34.84 -14.37 68.44
C GLU F 120 35.77 -13.21 68.14
N GLY F 121 36.03 -12.39 69.17
CA GLY F 121 37.04 -11.30 69.16
C GLY F 121 36.84 -10.29 68.05
N GLU F 122 35.84 -9.41 68.19
CA GLU F 122 35.65 -8.17 67.37
C GLU F 122 35.37 -8.46 65.89
N ALA F 123 35.55 -9.69 65.40
CA ALA F 123 35.45 -10.03 63.96
C ALA F 123 33.99 -9.83 63.49
N LYS F 124 33.84 -9.33 62.27
CA LYS F 124 32.54 -8.92 61.67
C LYS F 124 32.03 -10.01 60.73
N GLU F 125 32.90 -10.58 59.88
CA GLU F 125 32.55 -11.41 58.69
C GLU F 125 33.79 -12.12 58.16
N TYR F 126 33.66 -13.28 57.52
CA TYR F 126 34.79 -13.97 56.83
C TYR F 126 34.33 -14.29 55.41
N SER F 127 35.25 -14.67 54.50
CA SER F 127 35.01 -15.10 53.09
C SER F 127 35.41 -16.57 52.89
N TYR F 128 34.73 -17.28 51.98
CA TYR F 128 34.80 -18.75 51.77
C TYR F 128 34.69 -19.06 50.26
N LYS F 129 35.09 -20.27 49.83
CA LYS F 129 35.11 -20.68 48.40
C LYS F 129 34.53 -22.09 48.21
N THR F 130 34.01 -22.35 47.00
CA THR F 130 33.24 -23.57 46.63
C THR F 130 34.02 -24.82 47.06
N GLY F 131 33.33 -25.82 47.63
CA GLY F 131 33.89 -27.16 47.94
C GLY F 131 34.44 -27.27 49.36
N GLU F 132 34.91 -26.15 49.97
CA GLU F 132 35.38 -25.97 51.38
C GLU F 132 34.38 -26.63 52.35
N LYS F 133 34.79 -27.61 53.17
CA LYS F 133 33.95 -28.19 54.26
C LYS F 133 34.15 -27.33 55.51
N ILE F 134 33.08 -26.81 56.10
CA ILE F 134 33.08 -26.22 57.47
C ILE F 134 31.89 -26.83 58.22
N ARG F 135 31.51 -26.21 59.34
CA ARG F 135 30.48 -26.74 60.26
C ARG F 135 29.54 -25.60 60.67
N VAL F 136 28.28 -25.95 60.88
CA VAL F 136 27.40 -24.99 61.58
C VAL F 136 26.93 -25.69 62.83
N ALA F 137 27.09 -24.99 63.94
CA ALA F 137 26.74 -25.48 65.28
C ALA F 137 25.25 -25.22 65.50
N THR F 138 24.61 -26.04 66.32
CA THR F 138 23.20 -25.85 66.71
C THR F 138 23.05 -25.36 68.15
N LYS F 139 24.09 -25.52 68.99
CA LYS F 139 24.07 -25.01 70.39
C LYS F 139 23.88 -23.48 70.38
N GLN F 140 23.05 -23.02 71.32
CA GLN F 140 22.63 -21.60 71.41
C GLN F 140 23.55 -20.87 72.41
N GLY F 141 23.61 -19.54 72.36
CA GLY F 141 24.37 -18.69 73.29
C GLY F 141 25.88 -18.69 73.07
N ILE F 142 26.38 -19.29 71.97
CA ILE F 142 27.86 -19.41 71.69
C ILE F 142 28.21 -18.56 70.46
N LYS F 143 29.46 -18.13 70.37
CA LYS F 143 29.94 -17.24 69.28
C LYS F 143 30.44 -18.13 68.14
N SER F 144 30.35 -17.60 66.92
CA SER F 144 30.89 -18.23 65.69
C SER F 144 32.42 -18.12 65.66
N THR F 145 33.09 -19.11 65.06
CA THR F 145 34.47 -18.99 64.50
C THR F 145 34.33 -19.07 62.98
N ARG F 146 35.42 -18.94 62.22
CA ARG F 146 35.29 -19.01 60.74
C ARG F 146 35.09 -20.49 60.36
N GLU F 147 35.52 -21.43 61.20
CA GLU F 147 35.42 -22.91 60.95
C GLU F 147 34.02 -23.44 61.30
N VAL F 148 33.39 -22.78 62.25
CA VAL F 148 32.18 -23.30 62.98
C VAL F 148 31.20 -22.15 63.17
N ILE F 149 30.25 -22.01 62.25
CA ILE F 149 29.26 -20.89 62.33
C ILE F 149 28.20 -21.29 63.37
N ALA F 150 27.94 -20.40 64.32
CA ALA F 150 26.84 -20.50 65.30
C ALA F 150 25.59 -19.75 64.78
N LEU F 151 24.46 -20.24 65.25
CA LEU F 151 23.13 -19.73 64.86
C LEU F 151 22.43 -19.15 66.10
N ASN F 152 21.78 -18.01 65.88
CA ASN F 152 20.85 -17.39 66.85
C ASN F 152 19.46 -17.78 66.35
N VAL F 153 18.95 -18.94 66.80
CA VAL F 153 17.60 -19.48 66.47
C VAL F 153 16.57 -18.79 67.36
N ALA F 154 15.44 -18.32 66.82
CA ALA F 154 14.37 -17.69 67.60
C ALA F 154 13.97 -18.62 68.77
N GLY F 155 13.79 -18.07 69.98
CA GLY F 155 13.46 -18.82 71.21
C GLY F 155 14.55 -19.83 71.58
N ALA F 156 15.80 -19.54 71.24
CA ALA F 156 16.97 -20.41 71.51
C ALA F 156 16.61 -21.89 71.32
N LEU F 157 15.85 -22.21 70.26
CA LEU F 157 15.42 -23.60 69.90
C LEU F 157 16.60 -24.41 69.39
N ASP F 158 16.63 -25.72 69.65
CA ASP F 158 17.69 -26.64 69.16
C ASP F 158 17.19 -27.32 67.90
N ILE F 159 17.83 -27.09 66.74
CA ILE F 159 17.28 -27.49 65.41
C ILE F 159 18.01 -28.72 64.89
N TYR F 160 18.96 -29.27 65.65
CA TYR F 160 19.88 -30.33 65.14
C TYR F 160 19.08 -31.51 64.57
N ASP F 161 18.06 -31.94 65.31
CA ASP F 161 17.25 -33.15 65.00
C ASP F 161 16.29 -32.88 63.84
N ASP F 162 16.07 -31.61 63.46
CA ASP F 162 14.97 -31.25 62.53
C ASP F 162 15.53 -30.97 61.13
N VAL F 163 16.85 -30.91 60.97
CA VAL F 163 17.53 -30.72 59.66
C VAL F 163 18.21 -32.04 59.27
N GLU F 164 17.88 -32.57 58.10
CA GLU F 164 18.41 -33.85 57.56
C GLU F 164 19.59 -33.55 56.63
N VAL F 165 20.54 -34.48 56.50
CA VAL F 165 21.54 -34.54 55.38
C VAL F 165 20.76 -34.32 54.07
N GLY F 166 21.36 -33.61 53.11
CA GLY F 166 20.70 -33.21 51.85
C GLY F 166 20.29 -31.74 51.84
N ARG F 167 19.72 -31.25 52.94
CA ARG F 167 19.22 -29.85 53.08
C ARG F 167 20.35 -28.84 52.79
N GLN F 168 19.96 -27.58 52.59
CA GLN F 168 20.85 -26.41 52.39
C GLN F 168 20.63 -25.39 53.49
N VAL F 169 21.72 -24.80 53.99
CA VAL F 169 21.68 -23.65 54.94
C VAL F 169 22.11 -22.42 54.14
N LEU F 170 21.24 -21.41 54.02
CA LEU F 170 21.50 -20.26 53.13
C LEU F 170 21.73 -19.01 53.98
N VAL F 171 22.79 -18.25 53.71
CA VAL F 171 23.11 -17.06 54.53
C VAL F 171 22.96 -15.79 53.69
N ASP F 172 22.31 -14.79 54.29
CA ASP F 172 22.25 -13.37 53.84
C ASP F 172 21.44 -13.34 52.54
N ASP F 173 20.12 -13.15 52.66
CA ASP F 173 19.20 -13.14 51.50
C ASP F 173 19.58 -14.28 50.53
N GLY F 174 19.90 -15.46 51.07
CA GLY F 174 20.16 -16.69 50.31
C GLY F 174 21.36 -16.61 49.39
N LYS F 175 22.27 -15.64 49.60
CA LYS F 175 23.44 -15.39 48.72
C LYS F 175 24.43 -16.55 48.82
N LEU F 176 24.74 -17.00 50.04
CA LEU F 176 25.75 -18.07 50.28
C LEU F 176 25.03 -19.38 50.67
N GLY F 177 25.25 -20.41 49.87
CA GLY F 177 24.75 -21.77 50.08
C GLY F 177 25.78 -22.61 50.81
N LEU F 178 25.30 -23.37 51.81
CA LEU F 178 25.98 -24.41 52.61
C LEU F 178 25.13 -25.70 52.49
N ARG F 179 25.64 -26.73 51.84
CA ARG F 179 24.97 -28.06 51.74
C ARG F 179 25.36 -28.91 52.95
N VAL F 180 24.38 -29.46 53.66
CA VAL F 180 24.60 -30.41 54.80
C VAL F 180 25.02 -31.76 54.22
N VAL F 181 26.33 -32.01 54.20
CA VAL F 181 26.92 -33.31 53.76
C VAL F 181 26.70 -34.32 54.89
N ALA F 182 26.96 -33.97 56.16
CA ALA F 182 26.86 -34.89 57.32
C ALA F 182 26.39 -34.18 58.60
N LYS F 183 26.08 -35.00 59.62
CA LYS F 183 25.70 -34.60 61.00
C LYS F 183 26.62 -35.30 62.03
N ASP F 184 27.42 -34.53 62.80
CA ASP F 184 28.31 -35.02 63.92
C ASP F 184 27.53 -34.98 65.26
N ASP F 185 27.09 -36.15 65.74
CA ASP F 185 26.24 -36.29 66.96
C ASP F 185 27.02 -35.85 68.20
N ALA F 186 28.34 -36.06 68.24
CA ALA F 186 29.19 -35.71 69.40
C ALA F 186 29.00 -34.22 69.72
N THR F 187 29.01 -33.35 68.70
CA THR F 187 28.99 -31.87 68.86
C THR F 187 27.64 -31.25 68.46
N ARG F 188 26.72 -32.03 67.86
CA ARG F 188 25.43 -31.54 67.31
C ARG F 188 25.75 -30.41 66.33
N GLU F 189 26.60 -30.73 65.33
CA GLU F 189 27.08 -29.81 64.28
C GLU F 189 26.79 -30.41 62.91
N PHE F 190 26.30 -29.59 61.98
CA PHE F 190 26.19 -29.96 60.53
C PHE F 190 27.57 -29.79 59.91
N GLU F 191 28.07 -30.88 59.34
CA GLU F 191 29.26 -30.90 58.46
C GLU F 191 28.70 -30.41 57.13
N VAL F 192 29.16 -29.26 56.64
CA VAL F 192 28.60 -28.59 55.42
C VAL F 192 29.74 -28.36 54.43
N GLU F 193 29.42 -28.41 53.14
CA GLU F 193 30.32 -27.96 52.06
C GLU F 193 29.72 -26.69 51.41
N VAL F 194 30.53 -25.64 51.35
CA VAL F 194 30.27 -24.37 50.62
C VAL F 194 29.88 -24.75 49.18
N GLU F 195 28.81 -24.15 48.63
CA GLU F 195 28.21 -24.53 47.31
C GLU F 195 28.61 -23.54 46.20
N ASN F 196 29.09 -22.35 46.60
CA ASN F 196 29.39 -21.14 45.79
C ASN F 196 30.25 -20.24 46.67
N ASP F 197 31.10 -19.38 46.09
CA ASP F 197 31.94 -18.40 46.84
C ASP F 197 31.02 -17.34 47.50
N GLY F 198 31.37 -16.84 48.68
CA GLY F 198 30.74 -15.66 49.32
C GLY F 198 31.08 -15.49 50.80
N ILE F 199 30.30 -14.64 51.50
CA ILE F 199 30.61 -14.00 52.82
C ILE F 199 29.61 -14.41 53.92
N ILE F 200 30.10 -14.71 55.13
CA ILE F 200 29.25 -14.88 56.33
C ILE F 200 29.48 -13.72 57.30
N ALA F 201 28.49 -12.85 57.45
CA ALA F 201 28.55 -11.72 58.40
C ALA F 201 27.69 -12.01 59.64
N LYS F 202 28.07 -11.40 60.76
CA LYS F 202 27.35 -11.47 62.06
C LYS F 202 25.90 -10.99 61.84
N GLN F 203 24.95 -11.66 62.49
CA GLN F 203 23.55 -11.21 62.68
C GLN F 203 22.83 -11.12 61.31
N LYS F 204 23.17 -12.00 60.38
CA LYS F 204 22.55 -12.06 59.01
C LYS F 204 21.50 -13.18 58.92
N GLY F 205 20.43 -12.93 58.17
CA GLY F 205 19.38 -13.93 57.87
C GLY F 205 19.90 -15.29 57.42
N VAL F 206 19.41 -16.34 58.05
CA VAL F 206 19.63 -17.75 57.64
C VAL F 206 18.28 -18.38 57.27
N ASN F 207 18.26 -19.12 56.17
CA ASN F 207 17.09 -19.91 55.71
C ASN F 207 17.55 -21.36 55.54
N ILE F 208 16.68 -22.30 55.90
CA ILE F 208 16.93 -23.75 55.68
C ILE F 208 15.68 -24.32 55.03
N PRO F 209 15.55 -24.23 53.68
CA PRO F 209 14.30 -24.53 52.99
C PRO F 209 13.79 -25.96 53.20
N ASN F 210 12.46 -26.11 53.29
CA ASN F 210 11.72 -27.41 53.26
C ASN F 210 12.03 -28.22 54.53
N THR F 211 11.95 -27.58 55.70
CA THR F 211 12.16 -28.21 57.02
C THR F 211 10.93 -27.88 57.85
N LYS F 212 10.65 -28.65 58.89
CA LYS F 212 9.53 -28.38 59.82
C LYS F 212 10.14 -28.18 61.20
N ILE F 213 11.03 -27.22 61.35
CA ILE F 213 11.54 -26.87 62.70
C ILE F 213 10.31 -26.52 63.54
N PRO F 214 10.07 -27.19 64.69
CA PRO F 214 8.83 -26.98 65.44
C PRO F 214 8.86 -25.66 66.21
N PHE F 215 9.00 -24.53 65.53
CA PHE F 215 8.78 -23.23 66.19
C PHE F 215 7.33 -23.30 66.70
N PRO F 216 7.04 -22.72 67.87
CA PRO F 216 5.68 -22.76 68.38
C PRO F 216 4.75 -21.91 67.48
N ALA F 217 3.45 -22.12 67.62
CA ALA F 217 2.44 -21.37 66.84
C ALA F 217 2.52 -19.90 67.23
N LEU F 218 2.81 -19.65 68.51
CA LEU F 218 3.07 -18.28 68.99
C LEU F 218 4.27 -18.28 69.94
N ALA F 219 5.43 -17.74 69.52
CA ALA F 219 6.62 -17.60 70.39
C ALA F 219 6.38 -16.50 71.42
N GLU F 220 7.02 -16.58 72.60
CA GLU F 220 6.87 -15.56 73.67
C GLU F 220 7.28 -14.18 73.14
N ARG F 221 8.37 -14.06 72.36
CA ARG F 221 8.81 -12.73 71.87
C ARG F 221 7.69 -12.09 71.02
N ASP F 222 7.05 -12.88 70.15
CA ASP F 222 5.95 -12.38 69.27
C ASP F 222 4.72 -11.98 70.10
N ASN F 223 4.42 -12.75 71.15
CA ASN F 223 3.29 -12.45 72.07
C ASN F 223 3.56 -11.10 72.74
N ASP F 224 4.79 -10.95 73.22
CA ASP F 224 5.26 -9.70 73.87
C ASP F 224 5.13 -8.51 72.93
N ASP F 225 5.70 -8.62 71.73
CA ASP F 225 5.67 -7.58 70.68
C ASP F 225 4.22 -7.23 70.28
N ILE F 226 3.37 -8.21 70.04
CA ILE F 226 1.96 -7.94 69.65
C ILE F 226 1.22 -7.17 70.78
N ARG F 227 1.32 -7.64 72.03
CA ARG F 227 0.64 -7.01 73.20
C ARG F 227 1.13 -5.57 73.35
N PHE F 228 2.43 -5.35 73.16
CA PHE F 228 3.00 -3.99 73.14
C PHE F 228 2.32 -3.19 72.02
N GLY F 229 2.29 -3.71 70.79
CA GLY F 229 1.71 -2.91 69.68
C GLY F 229 0.26 -2.58 69.95
N LEU F 230 -0.46 -3.55 70.51
CA LEU F 230 -1.91 -3.40 70.76
C LEU F 230 -2.14 -2.30 71.80
N GLU F 231 -1.28 -2.24 72.85
CA GLU F 231 -1.28 -1.11 73.82
C GLU F 231 -1.00 0.22 73.11
N GLN F 232 -0.11 0.29 72.12
CA GLN F 232 0.23 1.58 71.44
C GLN F 232 -0.92 2.04 70.54
N GLY F 233 -1.64 1.09 69.93
CA GLY F 233 -2.76 1.42 69.06
C GLY F 233 -2.36 1.07 67.64
N ILE F 234 -2.73 -0.12 67.19
CA ILE F 234 -2.40 -0.59 65.82
C ILE F 234 -3.70 -1.03 65.14
N ASN F 235 -3.68 -1.10 63.82
CA ASN F 235 -4.88 -1.45 63.01
C ASN F 235 -4.65 -2.81 62.36
N PHE F 236 -3.40 -3.18 62.14
CA PHE F 236 -3.02 -4.38 61.35
C PHE F 236 -1.83 -5.06 62.01
N ILE F 237 -1.83 -6.37 61.94
CA ILE F 237 -0.67 -7.22 62.29
C ILE F 237 -0.34 -8.08 61.09
N ALA F 238 0.90 -8.05 60.63
CA ALA F 238 1.44 -8.95 59.60
C ALA F 238 2.28 -10.01 60.29
N ILE F 239 1.81 -11.26 60.25
CA ILE F 239 2.35 -12.39 61.03
C ILE F 239 3.36 -13.11 60.12
N SER F 240 4.65 -13.03 60.48
CA SER F 240 5.75 -13.64 59.71
C SER F 240 5.69 -15.16 59.78
N PHE F 241 6.02 -15.77 58.66
CA PHE F 241 6.19 -17.23 58.43
C PHE F 241 4.93 -17.98 58.89
N VAL F 242 3.77 -17.53 58.43
CA VAL F 242 2.51 -18.29 58.74
C VAL F 242 2.54 -19.62 58.01
N ARG F 243 2.38 -20.73 58.73
CA ARG F 243 2.47 -22.10 58.17
C ARG F 243 1.05 -22.71 58.07
N THR F 244 0.16 -22.37 59.00
CA THR F 244 -1.19 -22.96 59.14
C THR F 244 -2.16 -21.92 59.67
N ALA F 245 -3.43 -22.27 59.65
CA ALA F 245 -4.48 -21.47 60.30
C ALA F 245 -4.15 -21.27 61.78
N LYS F 246 -3.53 -22.26 62.44
CA LYS F 246 -3.17 -22.19 63.90
C LYS F 246 -2.34 -20.94 64.19
N ASP F 247 -1.36 -20.65 63.33
CA ASP F 247 -0.46 -19.48 63.46
C ASP F 247 -1.27 -18.18 63.45
N VAL F 248 -2.35 -18.13 62.68
CA VAL F 248 -3.20 -16.91 62.65
C VAL F 248 -4.06 -16.89 63.92
N ASN F 249 -4.71 -17.99 64.24
CA ASN F 249 -5.71 -18.10 65.34
C ASN F 249 -5.10 -17.81 66.71
N GLU F 250 -3.86 -18.18 66.95
CA GLU F 250 -3.15 -17.82 68.21
C GLU F 250 -3.08 -16.31 68.36
N VAL F 251 -2.85 -15.55 67.26
CA VAL F 251 -2.84 -14.06 67.35
C VAL F 251 -4.27 -13.52 67.48
N ARG F 252 -5.24 -14.12 66.77
CA ARG F 252 -6.68 -13.74 66.88
C ARG F 252 -7.09 -13.77 68.39
N ALA F 253 -6.64 -14.79 69.09
CA ALA F 253 -6.97 -15.03 70.53
C ALA F 253 -6.41 -13.90 71.41
N ILE F 254 -5.22 -13.37 71.10
CA ILE F 254 -4.63 -12.22 71.83
C ILE F 254 -5.51 -11.00 71.56
N CYS F 255 -5.91 -10.79 70.32
CA CYS F 255 -6.72 -9.61 69.95
C CYS F 255 -8.09 -9.66 70.62
N GLU F 256 -8.69 -10.86 70.73
CA GLU F 256 -10.02 -11.05 71.37
C GLU F 256 -9.88 -10.82 72.88
N GLU F 257 -8.91 -11.46 73.50
CA GLU F 257 -8.63 -11.35 74.97
C GLU F 257 -8.49 -9.86 75.36
N THR F 258 -7.77 -9.05 74.59
CA THR F 258 -7.42 -7.67 74.98
C THR F 258 -8.48 -6.65 74.54
N GLY F 259 -9.60 -7.07 73.96
CA GLY F 259 -10.62 -6.14 73.43
C GLY F 259 -10.16 -5.43 72.14
N ASN F 260 -9.29 -6.06 71.36
CA ASN F 260 -8.80 -5.51 70.07
C ASN F 260 -9.31 -6.38 68.90
N GLY F 261 -10.56 -6.85 68.93
CA GLY F 261 -11.15 -7.70 67.88
C GLY F 261 -11.23 -7.00 66.53
N HIS F 262 -11.18 -5.67 66.52
CA HIS F 262 -11.14 -4.82 65.30
C HIS F 262 -9.81 -4.95 64.57
N VAL F 263 -8.74 -5.42 65.23
CA VAL F 263 -7.40 -5.47 64.59
C VAL F 263 -7.41 -6.54 63.50
N GLN F 264 -6.91 -6.20 62.32
CA GLN F 264 -6.90 -7.16 61.17
C GLN F 264 -5.56 -7.88 61.07
N LEU F 265 -5.63 -9.16 60.75
CA LEU F 265 -4.46 -10.04 60.68
C LEU F 265 -4.15 -10.35 59.22
N PHE F 266 -2.93 -10.02 58.78
CA PHE F 266 -2.41 -10.40 57.44
C PHE F 266 -1.41 -11.53 57.67
N ALA F 267 -1.65 -12.68 57.07
CA ALA F 267 -0.68 -13.78 57.10
C ALA F 267 0.41 -13.43 56.10
N LYS F 268 1.67 -13.49 56.53
CA LYS F 268 2.80 -13.44 55.58
C LYS F 268 3.03 -14.87 55.08
N ILE F 269 2.92 -15.07 53.77
CA ILE F 269 3.20 -16.36 53.11
C ILE F 269 4.63 -16.26 52.62
N GLU F 270 5.55 -17.09 53.14
CA GLU F 270 6.95 -16.94 52.75
C GLU F 270 7.66 -18.27 52.91
N ASN F 271 6.93 -19.37 52.91
CA ASN F 271 7.57 -20.70 52.81
C ASN F 271 6.59 -21.67 52.18
N GLN F 272 7.08 -22.86 51.86
CA GLN F 272 6.29 -23.92 51.15
C GLN F 272 5.05 -24.33 51.97
N GLN F 273 5.15 -24.41 53.28
CA GLN F 273 4.00 -24.83 54.13
C GLN F 273 2.88 -23.78 53.99
N GLY F 274 3.21 -22.50 54.11
CA GLY F 274 2.25 -21.40 53.91
C GLY F 274 1.55 -21.55 52.56
N ILE F 275 2.32 -21.85 51.53
CA ILE F 275 1.77 -21.98 50.17
C ILE F 275 0.84 -23.20 50.14
N ASP F 276 1.29 -24.32 50.72
CA ASP F 276 0.50 -25.59 50.75
C ASP F 276 -0.82 -25.36 51.51
N ASN F 277 -0.84 -24.53 52.57
CA ASN F 277 -2.03 -24.34 53.42
C ASN F 277 -2.73 -23.00 53.10
N LEU F 278 -2.49 -22.42 51.93
CA LEU F 278 -2.96 -21.04 51.63
C LEU F 278 -4.46 -20.91 51.88
N ASP F 279 -5.22 -21.92 51.44
CA ASP F 279 -6.70 -21.83 51.49
C ASP F 279 -7.16 -21.68 52.93
N GLU F 280 -6.66 -22.52 53.84
CA GLU F 280 -7.06 -22.45 55.26
C GLU F 280 -6.52 -21.14 55.87
N ILE F 281 -5.36 -20.64 55.41
CA ILE F 281 -4.78 -19.40 55.99
C ILE F 281 -5.63 -18.22 55.56
N ILE F 282 -6.04 -18.17 54.29
CA ILE F 282 -6.90 -17.07 53.77
C ILE F 282 -8.18 -17.10 54.60
N GLU F 283 -8.71 -18.29 54.88
CA GLU F 283 -10.00 -18.41 55.62
C GLU F 283 -9.84 -17.79 57.01
N ALA F 284 -8.73 -18.05 57.71
CA ALA F 284 -8.48 -17.59 59.10
C ALA F 284 -8.09 -16.11 59.16
N ALA F 285 -7.42 -15.58 58.13
CA ALA F 285 -6.83 -14.22 58.10
C ALA F 285 -7.80 -13.18 57.51
N ASP F 286 -7.48 -11.89 57.65
CA ASP F 286 -8.20 -10.76 57.03
C ASP F 286 -7.52 -10.42 55.71
N GLY F 287 -6.39 -11.02 55.44
CA GLY F 287 -5.62 -10.71 54.23
C GLY F 287 -4.29 -11.44 54.20
N ILE F 288 -3.52 -11.26 53.13
CA ILE F 288 -2.22 -11.94 52.90
C ILE F 288 -1.20 -10.90 52.50
N MET F 289 -0.01 -10.98 53.09
CA MET F 289 1.17 -10.23 52.60
C MET F 289 2.01 -11.25 51.87
N ILE F 290 2.24 -11.02 50.57
CA ILE F 290 3.09 -11.88 49.71
C ILE F 290 4.52 -11.48 50.02
N ALA F 291 5.11 -12.17 50.99
CA ALA F 291 6.45 -11.84 51.55
C ALA F 291 7.51 -12.43 50.63
N ARG F 292 7.72 -11.81 49.46
CA ARG F 292 8.49 -12.45 48.39
C ARG F 292 9.97 -12.62 48.76
N GLY F 293 10.47 -11.87 49.71
CA GLY F 293 11.89 -11.91 50.13
C GLY F 293 12.24 -13.30 50.60
N ASP F 294 11.66 -13.71 51.74
CA ASP F 294 11.83 -15.08 52.25
C ASP F 294 11.23 -16.09 51.25
N MET F 295 10.09 -15.79 50.63
CA MET F 295 9.47 -16.81 49.75
C MET F 295 10.48 -17.23 48.70
N GLY F 296 11.19 -16.29 48.07
CA GLY F 296 12.05 -16.63 46.90
C GLY F 296 13.36 -17.29 47.31
N ILE F 297 13.61 -17.39 48.60
CA ILE F 297 14.70 -18.25 49.17
C ILE F 297 14.10 -19.62 49.55
N GLU F 298 12.89 -19.66 50.12
CA GLU F 298 12.33 -20.91 50.71
C GLU F 298 11.77 -21.83 49.62
N VAL F 299 11.36 -21.26 48.48
CA VAL F 299 10.87 -22.03 47.31
C VAL F 299 11.69 -21.60 46.10
N PRO F 300 11.61 -22.31 44.97
CA PRO F 300 12.39 -21.90 43.79
C PRO F 300 12.04 -20.48 43.36
N PHE F 301 13.07 -19.66 43.16
CA PHE F 301 12.84 -18.21 42.97
C PHE F 301 11.94 -18.01 41.75
N GLU F 302 12.05 -18.87 40.75
CA GLU F 302 11.31 -18.71 39.46
C GLU F 302 9.81 -19.03 39.64
N MET F 303 9.44 -19.61 40.78
CA MET F 303 8.02 -19.93 41.09
C MET F 303 7.32 -18.73 41.72
N VAL F 304 8.07 -17.76 42.26
CA VAL F 304 7.43 -16.68 43.04
C VAL F 304 6.41 -15.92 42.18
N PRO F 305 6.69 -15.62 40.90
CA PRO F 305 5.70 -14.88 40.09
C PRO F 305 4.38 -15.68 39.93
N VAL F 306 4.51 -16.99 39.80
CA VAL F 306 3.35 -17.92 39.70
C VAL F 306 2.51 -17.77 40.96
N TYR F 307 3.15 -17.96 42.12
CA TYR F 307 2.47 -17.88 43.43
C TYR F 307 1.89 -16.49 43.65
N GLN F 308 2.56 -15.44 43.20
CA GLN F 308 2.08 -14.08 43.38
C GLN F 308 0.72 -13.93 42.66
N LYS F 309 0.64 -14.34 41.40
CA LYS F 309 -0.61 -14.15 40.61
C LYS F 309 -1.74 -14.97 41.24
N MET F 310 -1.44 -16.21 41.61
CA MET F 310 -2.40 -17.15 42.24
C MET F 310 -2.89 -16.60 43.58
N ILE F 311 -2.03 -16.05 44.45
CA ILE F 311 -2.44 -15.56 45.79
C ILE F 311 -3.34 -14.34 45.61
N ILE F 312 -2.96 -13.43 44.70
CA ILE F 312 -3.77 -12.21 44.52
C ILE F 312 -5.17 -12.63 44.08
N LYS F 313 -5.26 -13.55 43.14
CA LYS F 313 -6.61 -13.98 42.64
C LYS F 313 -7.45 -14.57 43.78
N LYS F 314 -6.87 -15.42 44.60
CA LYS F 314 -7.57 -16.13 45.69
C LYS F 314 -7.97 -15.19 46.79
N VAL F 315 -7.10 -14.26 47.16
CA VAL F 315 -7.44 -13.35 48.28
C VAL F 315 -8.55 -12.40 47.81
N ASN F 316 -8.44 -11.89 46.59
CA ASN F 316 -9.50 -11.03 46.01
C ASN F 316 -10.85 -11.79 45.99
N ALA F 317 -10.88 -13.05 45.53
CA ALA F 317 -12.10 -13.90 45.45
C ALA F 317 -12.72 -14.03 46.84
N ALA F 318 -11.91 -14.01 47.90
CA ALA F 318 -12.35 -14.09 49.32
C ALA F 318 -12.79 -12.74 49.88
N GLY F 319 -12.69 -11.65 49.13
CA GLY F 319 -13.08 -10.33 49.63
C GLY F 319 -12.10 -9.80 50.68
N LYS F 320 -10.82 -10.18 50.58
CA LYS F 320 -9.79 -9.88 51.59
C LYS F 320 -8.70 -9.02 50.93
N VAL F 321 -7.75 -8.58 51.73
CA VAL F 321 -6.73 -7.60 51.28
C VAL F 321 -5.46 -8.34 50.96
N VAL F 322 -4.84 -8.05 49.81
CA VAL F 322 -3.51 -8.59 49.49
C VAL F 322 -2.49 -7.46 49.32
N ILE F 323 -1.36 -7.64 49.96
CA ILE F 323 -0.16 -6.75 49.91
C ILE F 323 0.91 -7.50 49.15
N THR F 324 1.47 -6.89 48.08
CA THR F 324 2.66 -7.42 47.41
C THR F 324 3.89 -6.72 47.98
N ALA F 325 4.91 -7.46 48.41
CA ALA F 325 6.02 -6.96 49.24
C ALA F 325 7.39 -7.39 48.69
N THR F 326 8.35 -6.50 48.89
CA THR F 326 9.81 -6.79 48.96
C THR F 326 10.49 -6.56 47.61
N ASN F 327 11.49 -5.67 47.61
CA ASN F 327 12.40 -5.38 46.49
C ASN F 327 11.70 -4.60 45.36
N MET F 328 10.53 -4.03 45.60
CA MET F 328 9.70 -3.46 44.50
C MET F 328 10.48 -2.27 43.88
N LEU F 329 11.17 -1.43 44.67
CA LEU F 329 12.02 -0.34 44.12
C LEU F 329 13.41 -0.42 44.79
N GLU F 330 14.00 -1.61 44.81
CA GLU F 330 15.14 -1.94 45.71
C GLU F 330 16.27 -0.95 45.47
N THR F 331 16.59 -0.68 44.21
CA THR F 331 17.74 0.17 43.81
C THR F 331 17.62 1.55 44.49
N MET F 332 16.42 2.03 44.74
CA MET F 332 16.21 3.37 45.30
C MET F 332 16.68 3.41 46.76
N THR F 333 17.12 2.29 47.33
CA THR F 333 17.74 2.27 48.69
C THR F 333 19.02 3.13 48.58
N GLU F 334 19.73 3.02 47.45
CA GLU F 334 21.10 3.60 47.25
C GLU F 334 21.11 4.67 46.14
N LYS F 335 20.21 4.59 45.15
CA LYS F 335 20.24 5.45 43.93
C LYS F 335 18.91 6.20 43.81
N PRO F 336 18.91 7.43 43.25
CA PRO F 336 17.69 8.21 43.17
C PRO F 336 16.65 7.76 42.13
N ARG F 337 16.98 6.81 41.26
CA ARG F 337 16.03 6.34 40.21
C ARG F 337 15.95 4.82 40.23
N ALA F 338 14.74 4.29 40.04
CA ALA F 338 14.51 2.84 40.05
C ALA F 338 14.94 2.32 38.71
N THR F 339 15.26 1.04 38.64
CA THR F 339 15.64 0.33 37.40
C THR F 339 14.37 0.07 36.59
N ARG F 340 14.53 -0.36 35.35
CA ARG F 340 13.34 -0.63 34.47
C ARG F 340 12.58 -1.85 34.98
N SER F 341 13.30 -2.84 35.56
CA SER F 341 12.72 -4.09 36.13
C SER F 341 11.93 -3.78 37.40
N GLU F 342 12.36 -2.83 38.22
CA GLU F 342 11.59 -2.38 39.38
C GLU F 342 10.29 -1.70 38.95
N VAL F 343 10.35 -0.80 37.98
CA VAL F 343 9.11 -0.11 37.53
C VAL F 343 8.12 -1.17 37.00
N SER F 344 8.63 -2.14 36.25
CA SER F 344 7.84 -3.26 35.64
C SER F 344 7.16 -4.09 36.73
N ASP F 345 7.92 -4.43 37.75
CA ASP F 345 7.44 -5.20 38.91
C ASP F 345 6.28 -4.45 39.58
N VAL F 346 6.39 -3.17 39.87
CA VAL F 346 5.27 -2.44 40.54
C VAL F 346 4.05 -2.45 39.60
N PHE F 347 4.26 -2.05 38.36
CA PHE F 347 3.17 -1.92 37.34
C PHE F 347 2.40 -3.25 37.30
N ASN F 348 3.15 -4.34 37.17
CA ASN F 348 2.59 -5.71 37.00
C ASN F 348 1.89 -6.19 38.27
N ALA F 349 2.35 -5.82 39.47
CA ALA F 349 1.64 -6.17 40.71
C ALA F 349 0.24 -5.54 40.65
N VAL F 350 0.14 -4.27 40.23
CA VAL F 350 -1.18 -3.61 40.08
C VAL F 350 -2.01 -4.42 39.08
N ILE F 351 -1.46 -4.68 37.89
CA ILE F 351 -2.24 -5.38 36.82
C ILE F 351 -2.74 -6.76 37.31
N ASP F 352 -1.91 -7.48 38.07
CA ASP F 352 -2.27 -8.79 38.67
C ASP F 352 -3.50 -8.65 39.60
N GLY F 353 -3.71 -7.49 40.23
CA GLY F 353 -4.88 -7.14 41.05
C GLY F 353 -4.55 -6.89 42.52
N THR F 354 -3.29 -6.54 42.83
CA THR F 354 -2.91 -6.29 44.24
C THR F 354 -3.72 -5.12 44.82
N ASP F 355 -4.09 -5.21 46.10
CA ASP F 355 -4.76 -4.09 46.81
C ASP F 355 -3.71 -3.04 47.12
N ALA F 356 -2.52 -3.51 47.45
CA ALA F 356 -1.44 -2.66 48.00
C ALA F 356 -0.07 -3.13 47.51
N THR F 357 0.85 -2.16 47.47
CA THR F 357 2.28 -2.39 47.17
C THR F 357 3.05 -1.90 48.41
N MET F 358 4.25 -2.43 48.59
CA MET F 358 4.99 -2.18 49.85
C MET F 358 6.41 -1.72 49.54
N LEU F 359 6.93 -0.90 50.48
CA LEU F 359 8.36 -0.50 50.56
C LEU F 359 8.86 -0.97 51.94
N SER F 360 10.06 -1.54 51.94
CA SER F 360 10.79 -2.00 53.15
C SER F 360 12.02 -1.09 53.34
N GLY F 361 13.20 -1.52 52.96
CA GLY F 361 14.45 -0.73 53.12
C GLY F 361 14.38 0.58 52.37
N GLU F 362 13.65 0.65 51.26
CA GLU F 362 13.54 1.89 50.45
C GLU F 362 13.01 3.06 51.28
N SER F 363 12.03 2.83 52.14
CA SER F 363 11.43 3.89 52.96
C SER F 363 12.02 3.86 54.38
N ALA F 364 12.55 2.72 54.85
CA ALA F 364 12.95 2.58 56.28
C ALA F 364 14.42 3.01 56.51
N ASN F 365 15.31 2.59 55.62
CA ASN F 365 16.79 2.60 55.75
C ASN F 365 17.50 3.39 54.64
N GLY F 366 16.82 3.75 53.55
CA GLY F 366 17.51 4.17 52.31
C GLY F 366 17.83 5.65 52.31
N LYS F 367 18.53 6.08 51.27
CA LYS F 367 18.90 7.50 51.05
C LYS F 367 17.75 8.32 50.46
N TYR F 368 16.71 7.68 49.92
CA TYR F 368 15.64 8.39 49.18
C TYR F 368 14.23 7.92 49.55
N PRO F 369 13.84 7.95 50.84
CA PRO F 369 12.52 7.48 51.27
C PRO F 369 11.37 8.24 50.60
N LEU F 370 11.44 9.57 50.49
CA LEU F 370 10.32 10.34 49.91
C LEU F 370 10.19 10.02 48.42
N GLU F 371 11.31 9.98 47.72
CA GLU F 371 11.35 9.71 46.27
C GLU F 371 10.78 8.31 46.04
N SER F 372 11.10 7.36 46.91
CA SER F 372 10.61 5.95 46.81
C SER F 372 9.08 5.90 46.86
N VAL F 373 8.44 6.52 47.84
CA VAL F 373 6.94 6.58 47.97
C VAL F 373 6.37 7.32 46.74
N THR F 374 6.95 8.47 46.36
CA THR F 374 6.48 9.28 45.21
C THR F 374 6.54 8.41 43.93
N THR F 375 7.65 7.74 43.70
CA THR F 375 7.86 6.91 42.49
C THR F 375 6.82 5.78 42.50
N MET F 376 6.61 5.14 43.63
CA MET F 376 5.70 3.97 43.70
C MET F 376 4.29 4.47 43.38
N ALA F 377 3.94 5.64 43.91
CA ALA F 377 2.60 6.25 43.75
C ALA F 377 2.39 6.60 42.28
N THR F 378 3.40 7.17 41.61
CA THR F 378 3.32 7.51 40.18
C THR F 378 3.02 6.25 39.36
N ILE F 379 3.76 5.18 39.60
CA ILE F 379 3.59 3.92 38.82
C ILE F 379 2.19 3.36 39.13
N ASP F 380 1.85 3.26 40.41
CA ASP F 380 0.53 2.72 40.86
C ASP F 380 -0.63 3.47 40.18
N LYS F 381 -0.56 4.79 40.12
CA LYS F 381 -1.65 5.63 39.53
C LYS F 381 -1.70 5.40 38.02
N ASN F 382 -0.57 5.21 37.34
CA ASN F 382 -0.61 4.94 35.88
C ASN F 382 -1.17 3.53 35.63
N ALA F 383 -0.73 2.54 36.41
CA ALA F 383 -1.17 1.14 36.19
C ALA F 383 -2.67 1.03 36.42
N GLN F 384 -3.28 1.79 37.34
CA GLN F 384 -4.74 1.64 37.63
C GLN F 384 -5.54 1.98 36.34
N ALA F 385 -4.96 2.78 35.44
CA ALA F 385 -5.65 3.28 34.24
C ALA F 385 -5.68 2.19 33.18
N LEU F 386 -4.91 1.14 33.35
CA LEU F 386 -4.81 0.03 32.38
C LEU F 386 -5.47 -1.25 32.89
N LEU F 387 -6.16 -1.20 34.03
CA LEU F 387 -6.85 -2.39 34.62
C LEU F 387 -8.03 -2.81 33.71
N ASN F 388 -8.76 -1.88 33.13
CA ASN F 388 -9.85 -2.21 32.15
C ASN F 388 -9.25 -3.06 31.05
N GLU F 389 -8.17 -2.59 30.42
CA GLU F 389 -7.55 -3.27 29.25
C GLU F 389 -6.84 -4.58 29.63
N TYR F 390 -5.98 -4.63 30.66
CA TYR F 390 -4.98 -5.73 30.89
C TYR F 390 -5.21 -6.43 32.26
N GLY F 391 -6.09 -5.94 33.12
CA GLY F 391 -6.24 -6.40 34.51
C GLY F 391 -6.53 -7.90 34.56
N ARG F 392 -5.87 -8.67 35.43
CA ARG F 392 -6.06 -10.13 35.53
C ARG F 392 -7.33 -10.51 36.30
N LEU F 393 -7.79 -9.70 37.25
CA LEU F 393 -8.92 -10.15 38.12
C LEU F 393 -10.19 -10.16 37.25
N ASP F 394 -11.09 -11.10 37.51
CA ASP F 394 -12.32 -11.28 36.69
C ASP F 394 -13.52 -11.30 37.64
N SER F 395 -14.14 -10.14 37.92
CA SER F 395 -15.28 -10.07 38.88
C SER F 395 -16.51 -10.76 38.29
N ASP F 396 -16.59 -10.86 36.96
CA ASP F 396 -17.74 -11.55 36.26
C ASP F 396 -17.86 -13.02 36.71
N SER F 397 -16.79 -13.65 37.17
CA SER F 397 -16.84 -15.10 37.55
C SER F 397 -17.17 -15.34 39.03
N PHE F 398 -17.26 -14.33 39.89
CA PHE F 398 -17.58 -14.58 41.33
C PHE F 398 -19.02 -15.02 41.51
N GLU F 399 -19.25 -15.90 42.47
CA GLU F 399 -20.60 -16.11 43.03
C GLU F 399 -20.89 -14.92 43.94
N ARG F 400 -22.03 -14.28 43.75
CA ARG F 400 -22.50 -13.19 44.64
C ARG F 400 -23.15 -13.88 45.84
N ASN F 401 -22.52 -13.87 46.99
CA ASN F 401 -22.88 -14.83 48.07
C ASN F 401 -23.77 -14.16 49.10
N SER F 402 -24.11 -12.88 48.93
CA SER F 402 -25.03 -12.18 49.84
C SER F 402 -25.64 -10.98 49.13
N LYS F 403 -26.68 -10.42 49.73
CA LYS F 403 -27.40 -9.26 49.15
C LYS F 403 -26.49 -8.03 49.13
N THR F 404 -25.61 -7.83 50.12
CA THR F 404 -24.65 -6.70 50.02
C THR F 404 -23.73 -6.91 48.80
N GLU F 405 -23.32 -8.16 48.54
CA GLU F 405 -22.43 -8.47 47.38
C GLU F 405 -23.16 -8.30 46.06
N VAL F 406 -24.46 -8.64 46.01
CA VAL F 406 -25.25 -8.37 44.77
C VAL F 406 -25.23 -6.85 44.56
N MET F 407 -25.39 -6.06 45.61
CA MET F 407 -25.39 -4.60 45.45
C MET F 407 -24.01 -4.14 44.98
N ALA F 408 -22.93 -4.73 45.46
CA ALA F 408 -21.57 -4.38 45.00
C ALA F 408 -21.37 -4.67 43.50
N SER F 409 -21.89 -5.80 43.02
CA SER F 409 -21.90 -6.13 41.58
C SER F 409 -22.68 -5.09 40.78
N ALA F 410 -23.85 -4.66 41.23
CA ALA F 410 -24.68 -3.64 40.53
C ALA F 410 -23.95 -2.28 40.54
N VAL F 411 -23.24 -1.94 41.61
CA VAL F 411 -22.41 -0.69 41.63
C VAL F 411 -21.39 -0.83 40.49
N LYS F 412 -20.67 -1.95 40.45
CA LYS F 412 -19.65 -2.15 39.41
C LYS F 412 -20.32 -1.98 38.03
N ASP F 413 -21.47 -2.59 37.84
CA ASP F 413 -22.21 -2.48 36.56
C ASP F 413 -22.50 -1.01 36.20
N ALA F 414 -22.95 -0.21 37.16
CA ALA F 414 -23.25 1.23 36.93
C ALA F 414 -21.97 1.94 36.49
N THR F 415 -20.84 1.66 37.14
CA THR F 415 -19.52 2.27 36.79
C THR F 415 -18.98 1.82 35.43
N SER F 416 -19.40 0.67 34.91
CA SER F 416 -19.09 0.21 33.54
C SER F 416 -20.06 0.84 32.53
N SER F 417 -21.31 1.12 32.91
CA SER F 417 -22.34 1.64 31.99
C SER F 417 -22.13 3.11 31.68
N MET F 418 -21.64 3.90 32.64
CA MET F 418 -21.47 5.36 32.42
C MET F 418 -20.24 5.84 33.22
N ASP F 419 -19.86 7.11 33.07
CA ASP F 419 -18.70 7.68 33.76
C ASP F 419 -19.18 8.10 35.16
N ILE F 420 -18.73 7.35 36.15
CA ILE F 420 -19.05 7.58 37.57
C ILE F 420 -17.77 8.11 38.22
N LYS F 421 -17.83 9.31 38.82
CA LYS F 421 -16.63 9.95 39.43
C LYS F 421 -16.35 9.30 40.78
N LEU F 422 -17.38 8.87 41.48
CA LEU F 422 -17.22 8.37 42.85
C LEU F 422 -18.35 7.45 43.20
N VAL F 423 -18.02 6.41 43.94
CA VAL F 423 -19.01 5.58 44.63
C VAL F 423 -18.94 5.96 46.11
N VAL F 424 -20.07 6.28 46.73
CA VAL F 424 -20.08 6.56 48.18
C VAL F 424 -20.87 5.48 48.88
N THR F 425 -20.30 4.95 49.96
CA THR F 425 -20.98 3.97 50.84
C THR F 425 -21.01 4.52 52.26
N LEU F 426 -22.19 4.50 52.89
CA LEU F 426 -22.36 4.79 54.33
C LEU F 426 -22.31 3.44 55.03
N THR F 427 -21.20 3.19 55.72
CA THR F 427 -20.83 1.84 56.19
C THR F 427 -20.40 1.92 57.67
N LYS F 428 -21.11 1.20 58.55
CA LYS F 428 -20.86 1.19 60.01
C LYS F 428 -19.62 0.35 60.29
N THR F 429 -19.48 -0.80 59.63
CA THR F 429 -18.35 -1.75 59.90
C THR F 429 -17.34 -1.78 58.75
N GLY F 430 -17.63 -1.17 57.60
CA GLY F 430 -16.74 -1.27 56.44
C GLY F 430 -17.11 -2.42 55.51
N HIS F 431 -18.04 -3.30 55.88
CA HIS F 431 -18.36 -4.50 55.09
C HIS F 431 -18.71 -4.08 53.65
N THR F 432 -19.60 -3.10 53.51
CA THR F 432 -20.11 -2.70 52.18
C THR F 432 -18.94 -2.18 51.35
N ALA F 433 -18.04 -1.40 51.97
CA ALA F 433 -16.87 -0.86 51.27
C ALA F 433 -15.95 -1.99 50.81
N ARG F 434 -15.74 -3.00 51.64
CA ARG F 434 -14.86 -4.13 51.32
C ARG F 434 -15.43 -4.89 50.10
N LEU F 435 -16.75 -5.13 50.09
CA LEU F 435 -17.39 -5.81 48.93
C LEU F 435 -17.34 -4.94 47.67
N ILE F 436 -17.54 -3.62 47.76
CA ILE F 436 -17.44 -2.75 46.55
C ILE F 436 -16.01 -2.82 46.04
N SER F 437 -15.04 -2.68 46.94
CA SER F 437 -13.59 -2.78 46.67
C SER F 437 -13.24 -4.10 45.97
N LYS F 438 -13.79 -5.22 46.44
CA LYS F 438 -13.52 -6.57 45.85
C LYS F 438 -13.84 -6.55 44.35
N TYR F 439 -14.92 -5.86 43.96
CA TYR F 439 -15.40 -5.82 42.56
C TYR F 439 -14.55 -4.88 41.68
N ARG F 440 -13.66 -4.04 42.24
CA ARG F 440 -12.73 -3.20 41.43
C ARG F 440 -13.51 -2.32 40.47
N PRO F 441 -14.43 -1.48 40.97
CA PRO F 441 -15.21 -0.57 40.12
C PRO F 441 -14.29 0.44 39.42
N ASN F 442 -14.78 0.99 38.32
CA ASN F 442 -14.11 2.06 37.54
C ASN F 442 -14.43 3.42 38.17
N ALA F 443 -14.04 3.59 39.44
CA ALA F 443 -14.38 4.76 40.26
C ALA F 443 -13.63 4.67 41.60
N ASP F 444 -13.33 5.81 42.19
CA ASP F 444 -12.87 5.84 43.60
C ASP F 444 -14.05 5.50 44.51
N ILE F 445 -13.76 4.95 45.69
CA ILE F 445 -14.79 4.58 46.70
C ILE F 445 -14.61 5.45 47.94
N LEU F 446 -15.58 6.29 48.25
CA LEU F 446 -15.62 7.06 49.53
C LEU F 446 -16.42 6.27 50.55
N ALA F 447 -15.74 5.78 51.59
CA ALA F 447 -16.35 4.99 52.67
C ALA F 447 -16.55 5.93 53.86
N LEU F 448 -17.80 6.34 54.06
CA LEU F 448 -18.27 7.18 55.18
C LEU F 448 -18.58 6.23 56.32
N THR F 449 -17.78 6.31 57.38
CA THR F 449 -17.97 5.43 58.56
C THR F 449 -17.94 6.27 59.84
N PHE F 450 -18.25 5.66 60.98
CA PHE F 450 -18.71 6.42 62.16
C PHE F 450 -17.77 6.22 63.36
N ASP F 451 -16.60 5.63 63.18
CA ASP F 451 -15.59 5.54 64.26
C ASP F 451 -14.23 5.45 63.59
N GLU F 452 -13.17 5.92 64.26
CA GLU F 452 -11.81 5.96 63.68
C GLU F 452 -11.22 4.57 63.50
N LEU F 453 -11.64 3.58 64.29
CA LEU F 453 -11.04 2.23 64.21
C LEU F 453 -11.52 1.59 62.90
N THR F 454 -12.80 1.73 62.59
CA THR F 454 -13.32 1.31 61.25
C THR F 454 -12.65 2.10 60.13
N GLU F 455 -12.52 3.41 60.26
CA GLU F 455 -11.88 4.27 59.24
C GLU F 455 -10.46 3.77 58.93
N ARG F 456 -9.58 3.64 59.93
CA ARG F 456 -8.17 3.24 59.67
C ARG F 456 -8.11 1.79 59.13
N GLY F 457 -9.05 0.97 59.56
CA GLY F 457 -9.10 -0.44 59.11
C GLY F 457 -9.38 -0.59 57.63
N LEU F 458 -9.87 0.44 56.96
CA LEU F 458 -10.17 0.38 55.50
C LEU F 458 -9.01 0.89 54.66
N MET F 459 -7.90 1.31 55.28
CA MET F 459 -6.87 2.11 54.55
C MET F 459 -6.03 1.25 53.60
N LEU F 460 -6.13 -0.07 53.65
CA LEU F 460 -5.39 -0.90 52.68
C LEU F 460 -6.31 -1.62 51.68
N ASN F 461 -7.62 -1.36 51.67
CA ASN F 461 -8.51 -1.93 50.62
C ASN F 461 -8.40 -1.09 49.35
N TRP F 462 -8.21 -1.75 48.22
CA TRP F 462 -8.12 -1.09 46.90
C TRP F 462 -9.21 -0.03 46.75
N GLY F 463 -8.82 1.18 46.35
CA GLY F 463 -9.77 2.22 45.91
C GLY F 463 -10.50 2.92 47.02
N VAL F 464 -10.38 2.49 48.28
CA VAL F 464 -11.24 3.01 49.37
C VAL F 464 -10.56 4.22 50.01
N ILE F 465 -11.33 5.30 50.07
CA ILE F 465 -10.99 6.58 50.75
C ILE F 465 -11.86 6.65 51.98
N PRO F 466 -11.35 6.30 53.17
CA PRO F 466 -12.20 6.29 54.35
C PRO F 466 -12.37 7.71 54.92
N MET F 467 -13.53 8.00 55.51
CA MET F 467 -13.81 9.36 56.01
C MET F 467 -14.75 9.24 57.20
N LEU F 468 -14.37 9.86 58.31
CA LEU F 468 -15.15 9.81 59.55
C LEU F 468 -16.30 10.80 59.42
N THR F 469 -17.51 10.39 59.78
CA THR F 469 -18.71 11.25 59.82
C THR F 469 -19.58 10.83 60.99
N ASP F 470 -20.57 11.63 61.38
CA ASP F 470 -21.54 11.26 62.43
C ASP F 470 -22.41 10.10 61.93
N ALA F 471 -22.76 9.15 62.80
CA ALA F 471 -23.80 8.13 62.48
C ALA F 471 -25.08 8.83 62.05
N PRO F 472 -25.65 8.50 60.87
CA PRO F 472 -26.92 9.10 60.46
C PRO F 472 -28.08 8.67 61.36
N SER F 473 -28.96 9.62 61.66
CA SER F 473 -30.27 9.40 62.35
C SER F 473 -31.34 9.03 61.31
N SER F 474 -32.51 8.64 61.81
CA SER F 474 -33.70 8.24 61.01
C SER F 474 -34.20 9.40 60.14
N THR F 475 -33.91 10.66 60.47
CA THR F 475 -34.42 11.84 59.72
C THR F 475 -33.32 12.52 58.91
N ASP F 476 -32.10 11.96 58.89
CA ASP F 476 -31.00 12.46 58.02
C ASP F 476 -31.32 12.02 56.57
N ASP F 477 -30.88 12.82 55.61
CA ASP F 477 -30.92 12.50 54.17
C ASP F 477 -29.51 12.00 53.86
N MET F 478 -29.35 10.69 53.85
CA MET F 478 -27.99 10.09 53.69
C MET F 478 -27.45 10.41 52.31
N PHE F 479 -28.28 10.67 51.32
CA PHE F 479 -27.76 10.95 49.96
C PHE F 479 -27.22 12.38 49.89
N GLU F 480 -27.90 13.32 50.56
CA GLU F 480 -27.42 14.72 50.74
C GLU F 480 -26.13 14.70 51.55
N ILE F 481 -26.06 13.89 52.62
CA ILE F 481 -24.81 13.74 53.43
C ILE F 481 -23.69 13.26 52.52
N ALA F 482 -23.92 12.21 51.73
CA ALA F 482 -22.87 11.64 50.87
C ALA F 482 -22.35 12.70 49.89
N GLU F 483 -23.24 13.43 49.24
CA GLU F 483 -22.82 14.47 48.28
C GLU F 483 -22.00 15.54 49.02
N ARG F 484 -22.43 15.94 50.21
CA ARG F 484 -21.79 17.04 51.00
C ARG F 484 -20.37 16.61 51.37
N LYS F 485 -20.21 15.37 51.83
CA LYS F 485 -18.89 14.87 52.30
C LYS F 485 -17.98 14.73 51.10
N ALA F 486 -18.50 14.39 49.93
CA ALA F 486 -17.65 14.24 48.72
C ALA F 486 -17.20 15.62 48.22
N VAL F 487 -18.08 16.61 48.22
CA VAL F 487 -17.70 17.99 47.76
C VAL F 487 -16.66 18.54 48.76
N GLU F 488 -16.95 18.42 50.07
CA GLU F 488 -16.04 18.87 51.15
C GLU F 488 -14.70 18.14 51.01
N ALA F 489 -14.63 16.88 50.62
CA ALA F 489 -13.31 16.21 50.41
C ALA F 489 -12.63 16.66 49.12
N GLY F 490 -13.26 17.46 48.26
CA GLY F 490 -12.70 17.87 46.97
C GLY F 490 -12.66 16.74 45.95
N LEU F 491 -13.45 15.68 46.13
CA LEU F 491 -13.45 14.49 45.22
C LEU F 491 -14.37 14.68 44.00
N VAL F 492 -15.34 15.59 44.06
CA VAL F 492 -16.35 15.76 42.99
C VAL F 492 -16.67 17.25 42.92
N GLU F 493 -17.27 17.65 41.82
CA GLU F 493 -17.67 19.05 41.55
C GLU F 493 -19.00 18.98 40.83
N SER F 494 -19.71 20.11 40.79
CA SER F 494 -21.02 20.29 40.11
C SER F 494 -21.03 19.56 38.77
N GLY F 495 -22.06 18.76 38.55
CA GLY F 495 -22.28 18.05 37.28
C GLY F 495 -21.65 16.66 37.23
N ASP F 496 -20.89 16.27 38.28
CA ASP F 496 -20.29 14.91 38.33
C ASP F 496 -21.41 13.92 38.72
N ASP F 497 -21.36 12.71 38.16
CA ASP F 497 -22.32 11.61 38.47
C ASP F 497 -21.69 10.73 39.54
N ILE F 498 -22.42 10.46 40.60
CA ILE F 498 -21.92 9.59 41.68
C ILE F 498 -22.92 8.46 41.90
N VAL F 499 -22.40 7.36 42.43
CA VAL F 499 -23.25 6.25 42.91
C VAL F 499 -23.15 6.22 44.43
N ILE F 500 -24.28 6.22 45.09
CA ILE F 500 -24.37 6.19 46.57
C ILE F 500 -25.13 4.94 47.02
N VAL F 501 -24.58 4.20 47.98
CA VAL F 501 -25.34 3.08 48.57
C VAL F 501 -25.41 3.27 50.07
N ALA F 502 -26.46 2.74 50.66
CA ALA F 502 -26.73 2.87 52.09
C ALA F 502 -27.83 1.88 52.49
N GLY F 503 -27.94 1.60 53.78
CA GLY F 503 -29.11 0.90 54.35
C GLY F 503 -30.23 1.89 54.66
N VAL F 504 -31.32 1.87 53.90
CA VAL F 504 -32.41 2.90 53.99
C VAL F 504 -33.71 2.21 54.30
N PRO F 505 -34.50 2.73 55.27
CA PRO F 505 -34.09 3.82 56.16
C PRO F 505 -33.32 3.32 57.39
N VAL F 506 -32.54 4.20 58.05
CA VAL F 506 -31.78 3.73 59.25
C VAL F 506 -32.82 3.33 60.30
N GLY F 507 -32.57 2.23 60.98
CA GLY F 507 -33.50 1.66 61.98
C GLY F 507 -34.34 0.54 61.38
N GLU F 508 -34.64 0.56 60.08
CA GLU F 508 -35.45 -0.50 59.41
C GLU F 508 -34.52 -1.35 58.54
N ALA F 509 -33.65 -0.73 57.73
CA ALA F 509 -32.73 -1.49 56.85
C ALA F 509 -31.86 -2.41 57.72
N VAL F 510 -31.55 -3.60 57.25
CA VAL F 510 -30.67 -4.54 58.02
C VAL F 510 -29.35 -4.75 57.28
N ARG F 511 -29.16 -4.04 56.18
CA ARG F 511 -27.93 -4.10 55.37
C ARG F 511 -28.01 -2.97 54.35
N THR F 512 -26.95 -2.76 53.62
CA THR F 512 -26.96 -1.88 52.43
C THR F 512 -27.98 -2.47 51.45
N ASN F 513 -29.02 -1.72 51.14
CA ASN F 513 -30.17 -2.22 50.37
C ASN F 513 -30.54 -1.25 49.26
N THR F 514 -29.81 -0.15 49.11
CA THR F 514 -30.24 0.95 48.22
C THR F 514 -29.06 1.45 47.43
N MET F 515 -29.26 1.65 46.14
CA MET F 515 -28.32 2.33 45.23
C MET F 515 -29.04 3.51 44.55
N ARG F 516 -28.40 4.67 44.58
CA ARG F 516 -28.93 5.96 44.00
C ARG F 516 -27.84 6.46 43.07
N ILE F 517 -28.21 6.89 41.87
CA ILE F 517 -27.32 7.63 40.96
C ILE F 517 -27.76 9.08 41.10
N ARG F 518 -26.82 9.94 41.41
CA ARG F 518 -27.09 11.36 41.80
C ARG F 518 -26.09 12.24 41.04
N THR F 519 -26.56 13.36 40.52
CA THR F 519 -25.69 14.38 39.90
C THR F 519 -25.39 15.47 40.95
N VAL F 520 -24.13 15.76 41.15
CA VAL F 520 -23.67 16.76 42.16
C VAL F 520 -24.15 18.14 41.68
N ARG F 521 -24.81 18.91 42.55
CA ARG F 521 -25.50 20.18 42.19
C ARG F 521 -24.43 21.28 42.00
N MET G 21 -24.04 -22.47 -6.51
CA MET G 21 -23.64 -22.91 -5.12
C MET G 21 -24.21 -24.31 -4.84
N ASN G 22 -23.47 -25.12 -4.10
CA ASN G 22 -23.90 -26.49 -3.73
C ASN G 22 -24.70 -26.43 -2.44
N LYS G 23 -25.72 -27.25 -2.36
CA LYS G 23 -26.58 -27.35 -1.16
C LYS G 23 -25.90 -28.28 -0.17
N ARG G 24 -25.42 -27.78 0.95
CA ARG G 24 -24.70 -28.62 1.93
C ARG G 24 -25.70 -29.43 2.77
N VAL G 25 -26.84 -28.87 3.10
CA VAL G 25 -27.82 -29.63 3.92
C VAL G 25 -28.55 -30.63 3.00
N LYS G 26 -28.64 -31.86 3.45
CA LYS G 26 -29.16 -32.98 2.64
C LYS G 26 -30.67 -33.06 2.78
N ILE G 27 -31.32 -33.53 1.72
CA ILE G 27 -32.79 -33.71 1.70
C ILE G 27 -33.13 -35.20 1.61
N VAL G 28 -33.95 -35.67 2.53
CA VAL G 28 -34.58 -37.01 2.43
C VAL G 28 -36.00 -36.78 1.92
N ALA G 29 -36.40 -37.35 0.79
CA ALA G 29 -37.78 -37.22 0.26
C ALA G 29 -38.46 -38.59 0.25
N THR G 30 -39.63 -38.67 0.89
CA THR G 30 -40.43 -39.90 0.98
C THR G 30 -41.11 -40.06 -0.38
N LEU G 31 -41.07 -41.27 -0.95
CA LEU G 31 -41.70 -41.48 -2.25
C LEU G 31 -43.02 -42.18 -2.04
N GLY G 32 -43.87 -42.02 -3.02
CA GLY G 32 -45.18 -42.68 -3.00
C GLY G 32 -45.85 -42.42 -4.34
N PRO G 33 -47.18 -42.48 -4.35
CA PRO G 33 -47.90 -42.39 -5.61
C PRO G 33 -47.85 -40.99 -6.23
N ALA G 34 -47.45 -39.94 -5.51
CA ALA G 34 -47.57 -38.55 -6.05
C ALA G 34 -46.78 -38.42 -7.35
N VAL G 35 -45.63 -39.10 -7.46
CA VAL G 35 -44.72 -38.94 -8.64
C VAL G 35 -45.01 -40.03 -9.68
N GLU G 36 -45.91 -40.98 -9.39
CA GLU G 36 -46.07 -42.23 -10.18
C GLU G 36 -47.27 -42.07 -11.11
N ILE G 37 -47.05 -42.41 -12.37
CA ILE G 37 -48.08 -42.37 -13.45
C ILE G 37 -48.52 -43.80 -13.69
N ARG G 38 -49.84 -44.03 -13.74
CA ARG G 38 -50.45 -45.36 -13.99
C ARG G 38 -51.29 -45.23 -15.25
N GLY G 39 -50.82 -45.85 -16.35
CA GLY G 39 -51.44 -45.75 -17.69
C GLY G 39 -51.86 -44.34 -18.01
N GLY G 40 -50.94 -43.38 -17.91
CA GLY G 40 -51.15 -41.97 -18.26
C GLY G 40 -51.91 -41.17 -17.21
N LYS G 41 -52.42 -41.80 -16.13
CA LYS G 41 -53.20 -41.07 -15.08
C LYS G 41 -52.25 -40.65 -13.93
N LYS G 42 -52.40 -39.43 -13.40
CA LYS G 42 -51.72 -38.91 -12.17
C LYS G 42 -52.51 -39.34 -10.94
N PHE G 43 -51.92 -39.19 -9.75
CA PHE G 43 -52.49 -39.69 -8.47
C PHE G 43 -53.78 -38.92 -8.18
N GLY G 44 -54.85 -39.59 -7.75
CA GLY G 44 -56.15 -38.94 -7.45
C GLY G 44 -57.18 -39.10 -8.56
N GLU G 45 -56.80 -38.91 -9.84
CA GLU G 45 -57.69 -39.01 -11.04
C GLU G 45 -58.37 -40.38 -11.06
N ASP G 46 -59.64 -40.44 -11.51
CA ASP G 46 -60.49 -41.67 -11.50
C ASP G 46 -59.78 -42.79 -12.23
N GLY G 47 -59.81 -44.01 -11.67
CA GLY G 47 -59.30 -45.27 -12.27
C GLY G 47 -57.80 -45.46 -12.08
N TYR G 48 -57.12 -44.55 -11.37
CA TYR G 48 -55.65 -44.54 -11.19
C TYR G 48 -55.20 -45.95 -10.80
N TRP G 49 -55.75 -46.46 -9.70
CA TRP G 49 -55.33 -47.77 -9.09
C TRP G 49 -55.72 -48.93 -10.00
N GLY G 50 -56.63 -48.71 -10.96
CA GLY G 50 -56.91 -49.64 -12.09
C GLY G 50 -55.69 -49.85 -12.98
N GLU G 51 -55.13 -48.77 -13.54
CA GLU G 51 -54.07 -48.80 -14.59
C GLU G 51 -52.79 -49.48 -14.06
N LYS G 52 -51.88 -49.88 -14.96
CA LYS G 52 -50.57 -50.46 -14.55
C LYS G 52 -49.59 -49.31 -14.37
N LEU G 53 -48.61 -49.48 -13.48
CA LEU G 53 -47.55 -48.47 -13.22
C LEU G 53 -46.82 -48.22 -14.53
N ASP G 54 -46.82 -46.98 -15.01
CA ASP G 54 -45.96 -46.50 -16.12
C ASP G 54 -44.55 -46.16 -15.59
N VAL G 55 -43.60 -47.08 -15.74
CA VAL G 55 -42.29 -47.09 -15.03
C VAL G 55 -41.40 -45.94 -15.55
N GLU G 56 -41.32 -45.75 -16.86
CA GLU G 56 -40.37 -44.77 -17.44
C GLU G 56 -40.87 -43.35 -17.10
N ALA G 57 -42.18 -43.15 -17.16
CA ALA G 57 -42.76 -41.83 -16.91
C ALA G 57 -42.61 -41.52 -15.40
N SER G 58 -42.77 -42.52 -14.53
CA SER G 58 -42.61 -42.37 -13.06
C SER G 58 -41.13 -42.10 -12.76
N ALA G 59 -40.21 -42.76 -13.47
CA ALA G 59 -38.75 -42.58 -13.32
C ALA G 59 -38.33 -41.17 -13.76
N LYS G 60 -38.96 -40.58 -14.77
CA LYS G 60 -38.57 -39.23 -15.21
C LYS G 60 -39.02 -38.21 -14.14
N ASN G 61 -40.16 -38.44 -13.51
CA ASN G 61 -40.68 -37.57 -12.41
C ASN G 61 -39.69 -37.63 -11.25
N ILE G 62 -39.30 -38.83 -10.84
CA ILE G 62 -38.33 -39.01 -9.75
C ILE G 62 -37.00 -38.33 -10.11
N ALA G 63 -36.50 -38.42 -11.34
CA ALA G 63 -35.26 -37.75 -11.77
C ALA G 63 -35.33 -36.24 -11.51
N LYS G 64 -36.50 -35.61 -11.70
CA LYS G 64 -36.62 -34.16 -11.49
C LYS G 64 -36.43 -33.86 -9.98
N LEU G 65 -36.85 -34.76 -9.10
CA LEU G 65 -36.70 -34.59 -7.62
C LEU G 65 -35.21 -34.71 -7.30
N ILE G 66 -34.50 -35.69 -7.90
CA ILE G 66 -33.02 -35.79 -7.75
C ILE G 66 -32.37 -34.50 -8.20
N GLU G 67 -32.68 -34.02 -9.41
CA GLU G 67 -32.09 -32.75 -9.93
C GLU G 67 -32.40 -31.59 -8.95
N ALA G 68 -33.58 -31.55 -8.35
CA ALA G 68 -33.98 -30.41 -7.51
C ALA G 68 -33.25 -30.45 -6.15
N GLY G 69 -32.61 -31.58 -5.78
CA GLY G 69 -31.77 -31.69 -4.57
C GLY G 69 -32.19 -32.76 -3.58
N ALA G 70 -33.13 -33.66 -3.87
CA ALA G 70 -33.30 -34.90 -3.06
C ALA G 70 -31.98 -35.69 -3.09
N ASN G 71 -31.45 -36.02 -1.93
CA ASN G 71 -30.19 -36.75 -1.78
C ASN G 71 -30.43 -38.19 -1.37
N THR G 72 -31.62 -38.51 -0.88
CA THR G 72 -31.94 -39.88 -0.42
C THR G 72 -33.44 -40.02 -0.53
N PHE G 73 -33.93 -41.15 -0.99
CA PHE G 73 -35.37 -41.43 -0.97
C PHE G 73 -35.68 -42.38 0.17
N ARG G 74 -36.80 -42.05 0.85
CA ARG G 74 -37.38 -42.83 1.96
C ARG G 74 -38.49 -43.69 1.40
N PHE G 75 -38.42 -44.98 1.70
CA PHE G 75 -39.46 -45.98 1.39
C PHE G 75 -40.08 -46.34 2.71
N ASN G 76 -41.31 -45.87 2.96
CA ASN G 76 -41.97 -46.02 4.28
C ASN G 76 -42.77 -47.33 4.26
N PHE G 77 -42.31 -48.33 5.01
CA PHE G 77 -42.91 -49.69 5.02
C PHE G 77 -44.13 -49.68 5.94
N SER G 78 -44.49 -48.54 6.55
CA SER G 78 -45.81 -48.40 7.23
C SER G 78 -46.93 -48.52 6.18
N HIS G 79 -46.66 -48.16 4.92
CA HIS G 79 -47.68 -48.07 3.84
C HIS G 79 -47.15 -48.74 2.58
N GLY G 80 -47.88 -49.74 2.09
CA GLY G 80 -47.61 -50.40 0.81
C GLY G 80 -46.95 -51.74 1.09
N ASP G 81 -47.28 -52.75 0.30
CA ASP G 81 -46.76 -54.13 0.49
C ASP G 81 -45.36 -54.25 -0.12
N HIS G 82 -44.71 -55.40 0.08
CA HIS G 82 -43.37 -55.63 -0.51
C HIS G 82 -43.37 -55.38 -2.01
N GLN G 83 -44.39 -55.84 -2.73
CA GLN G 83 -44.31 -55.72 -4.19
C GLN G 83 -44.23 -54.24 -4.61
N GLU G 84 -45.05 -53.36 -4.02
CA GLU G 84 -45.11 -51.90 -4.32
C GLU G 84 -43.76 -51.25 -3.94
N GLN G 85 -43.17 -51.65 -2.82
CA GLN G 85 -41.89 -51.08 -2.31
C GLN G 85 -40.77 -51.50 -3.29
N GLY G 86 -40.72 -52.78 -3.65
CA GLY G 86 -39.71 -53.30 -4.59
C GLY G 86 -39.79 -52.62 -5.94
N GLU G 87 -41.00 -52.44 -6.47
CA GLU G 87 -41.19 -51.77 -7.77
C GLU G 87 -40.76 -50.32 -7.68
N ARG G 88 -41.09 -49.67 -6.55
CA ARG G 88 -40.75 -48.24 -6.36
C ARG G 88 -39.22 -48.13 -6.28
N MET G 89 -38.54 -49.07 -5.62
CA MET G 89 -37.07 -49.07 -5.52
C MET G 89 -36.49 -49.24 -6.92
N ALA G 90 -37.04 -50.14 -7.75
CA ALA G 90 -36.53 -50.30 -9.13
C ALA G 90 -36.78 -49.01 -9.92
N THR G 91 -37.91 -48.35 -9.79
CA THR G 91 -38.17 -47.10 -10.55
C THR G 91 -37.09 -46.04 -10.22
N VAL G 92 -36.65 -45.95 -8.96
CA VAL G 92 -35.61 -44.96 -8.52
C VAL G 92 -34.28 -45.26 -9.24
N LYS G 93 -33.95 -46.55 -9.33
CA LYS G 93 -32.73 -47.05 -10.03
C LYS G 93 -32.71 -46.58 -11.49
N LEU G 94 -33.85 -46.62 -12.19
CA LEU G 94 -33.93 -46.02 -13.55
C LEU G 94 -33.84 -44.50 -13.43
N ALA G 95 -34.47 -43.91 -12.42
CA ALA G 95 -34.41 -42.44 -12.24
C ALA G 95 -32.97 -41.97 -12.10
N GLU G 96 -32.13 -42.70 -11.34
CA GLU G 96 -30.71 -42.32 -11.19
C GLU G 96 -30.04 -42.26 -12.57
N LYS G 97 -30.35 -43.21 -13.45
CA LYS G 97 -29.74 -43.26 -14.80
C LYS G 97 -30.16 -42.03 -15.61
N ILE G 98 -31.42 -41.62 -15.57
CA ILE G 98 -31.93 -40.42 -16.29
C ILE G 98 -31.28 -39.15 -15.75
N ALA G 99 -31.21 -39.01 -14.42
CA ALA G 99 -30.65 -37.80 -13.78
C ALA G 99 -29.14 -37.74 -13.96
N GLY G 100 -28.49 -38.89 -14.23
CA GLY G 100 -27.03 -39.07 -14.16
C GLY G 100 -26.49 -38.75 -12.78
N LYS G 101 -27.26 -39.05 -11.72
CA LYS G 101 -26.85 -38.76 -10.32
C LYS G 101 -27.37 -39.89 -9.45
N LYS G 102 -26.56 -40.37 -8.52
CA LYS G 102 -26.99 -41.42 -7.59
C LYS G 102 -27.62 -40.75 -6.35
N VAL G 103 -28.48 -41.51 -5.68
CA VAL G 103 -29.15 -41.16 -4.40
C VAL G 103 -29.05 -42.33 -3.45
N GLY G 104 -29.20 -42.01 -2.17
CA GLY G 104 -29.35 -43.01 -1.13
C GLY G 104 -30.75 -43.60 -1.16
N PHE G 105 -30.84 -44.80 -0.62
CA PHE G 105 -32.06 -45.60 -0.43
C PHE G 105 -32.24 -45.85 1.06
N LEU G 106 -33.35 -45.35 1.62
CA LEU G 106 -33.62 -45.42 3.06
C LEU G 106 -34.93 -46.18 3.26
N LEU G 107 -34.88 -47.23 4.09
CA LEU G 107 -36.04 -48.02 4.52
C LEU G 107 -36.47 -47.52 5.89
N ASP G 108 -37.73 -47.16 6.03
CA ASP G 108 -38.33 -46.69 7.31
C ASP G 108 -39.30 -47.77 7.78
N THR G 109 -39.05 -48.35 8.94
CA THR G 109 -39.81 -49.51 9.47
C THR G 109 -41.22 -49.10 9.92
N LYS G 110 -42.16 -50.04 9.88
CA LYS G 110 -43.48 -49.88 10.51
C LYS G 110 -43.32 -49.70 12.01
N GLY G 111 -42.70 -50.68 12.69
CA GLY G 111 -42.44 -50.63 14.12
C GLY G 111 -43.72 -50.80 14.95
N PRO G 112 -43.69 -50.54 16.27
CA PRO G 112 -44.82 -50.84 17.15
C PRO G 112 -46.04 -49.90 17.05
N GLU G 113 -46.62 -49.79 15.87
CA GLU G 113 -47.85 -48.99 15.64
C GLU G 113 -49.07 -49.67 16.31
N ILE G 114 -49.95 -48.83 16.85
CA ILE G 114 -51.32 -49.17 17.31
C ILE G 114 -52.22 -48.32 16.39
N ARG G 115 -53.20 -48.93 15.74
CA ARG G 115 -54.16 -48.20 14.90
C ARG G 115 -55.56 -48.55 15.44
N THR G 116 -56.54 -47.70 15.20
CA THR G 116 -57.96 -48.06 15.53
C THR G 116 -58.40 -49.18 14.55
N GLU G 117 -59.25 -50.07 15.01
CA GLU G 117 -59.74 -51.19 14.18
C GLU G 117 -60.78 -50.67 13.17
N LEU G 118 -61.20 -51.53 12.24
CA LEU G 118 -62.43 -51.33 11.43
C LEU G 118 -63.67 -51.35 12.35
N PHE G 119 -64.73 -50.67 11.92
CA PHE G 119 -65.99 -50.56 12.69
C PHE G 119 -66.94 -51.68 12.24
N GLU G 120 -67.90 -52.02 13.12
CA GLU G 120 -69.12 -52.83 12.82
C GLU G 120 -69.79 -52.23 11.58
N GLY G 121 -69.94 -53.03 10.52
CA GLY G 121 -70.82 -52.72 9.37
C GLY G 121 -70.13 -51.93 8.28
N GLU G 122 -70.72 -50.80 7.90
CA GLU G 122 -70.21 -49.86 6.86
C GLU G 122 -69.49 -48.68 7.55
N ALA G 123 -69.77 -48.41 8.83
CA ALA G 123 -69.28 -47.24 9.61
C ALA G 123 -67.77 -47.04 9.40
N LYS G 124 -67.38 -45.89 8.85
CA LYS G 124 -65.97 -45.42 8.73
C LYS G 124 -65.62 -44.59 9.96
N GLU G 125 -66.49 -43.62 10.32
CA GLU G 125 -66.26 -42.62 11.38
C GLU G 125 -67.39 -42.63 12.41
N TYR G 126 -67.11 -42.13 13.61
CA TYR G 126 -68.10 -41.66 14.61
C TYR G 126 -67.56 -40.40 15.28
N SER G 127 -68.35 -39.32 15.30
CA SER G 127 -68.12 -38.11 16.14
C SER G 127 -68.39 -38.46 17.62
N TYR G 128 -67.71 -37.79 18.55
CA TYR G 128 -67.93 -37.87 20.01
C TYR G 128 -67.97 -36.44 20.57
N LYS G 129 -68.33 -36.30 21.85
CA LYS G 129 -68.38 -35.00 22.57
C LYS G 129 -67.73 -35.20 23.93
N THR G 130 -67.12 -34.13 24.43
CA THR G 130 -66.40 -34.08 25.74
C THR G 130 -67.25 -34.78 26.81
N GLY G 131 -66.64 -35.23 27.92
CA GLY G 131 -67.34 -35.84 29.06
C GLY G 131 -67.83 -37.28 28.85
N GLU G 132 -68.30 -37.65 27.64
CA GLU G 132 -68.86 -39.00 27.32
C GLU G 132 -67.99 -40.12 27.89
N LYS G 133 -68.61 -41.24 28.22
CA LYS G 133 -67.95 -42.46 28.71
C LYS G 133 -68.15 -43.55 27.65
N ILE G 134 -67.05 -44.18 27.24
CA ILE G 134 -67.03 -45.34 26.30
C ILE G 134 -65.95 -46.31 26.81
N ARG G 135 -65.68 -47.37 26.04
CA ARG G 135 -64.72 -48.42 26.45
C ARG G 135 -63.70 -48.60 25.30
N VAL G 136 -62.48 -49.01 25.61
CA VAL G 136 -61.53 -49.42 24.53
C VAL G 136 -61.10 -50.85 24.81
N ALA G 137 -61.33 -51.74 23.82
CA ALA G 137 -61.10 -53.20 23.88
C ALA G 137 -59.61 -53.51 23.65
N THR G 138 -59.08 -54.46 24.41
CA THR G 138 -57.68 -54.96 24.31
C THR G 138 -57.64 -56.23 23.44
N LYS G 139 -58.71 -57.04 23.41
CA LYS G 139 -58.72 -58.28 22.59
C LYS G 139 -58.55 -57.91 21.10
N GLN G 140 -57.72 -58.67 20.38
CA GLN G 140 -57.30 -58.38 18.97
C GLN G 140 -58.18 -59.13 17.97
N GLY G 141 -58.19 -58.69 16.72
CA GLY G 141 -58.90 -59.34 15.59
C GLY G 141 -60.42 -59.18 15.66
N ILE G 142 -60.93 -58.16 16.36
CA ILE G 142 -62.38 -57.81 16.39
C ILE G 142 -62.53 -56.41 15.79
N LYS G 143 -63.74 -56.05 15.36
CA LYS G 143 -64.07 -54.70 14.82
C LYS G 143 -64.55 -53.82 15.99
N SER G 144 -64.47 -52.49 15.84
CA SER G 144 -64.93 -51.48 16.82
C SER G 144 -66.44 -51.27 16.68
N THR G 145 -67.11 -50.88 17.77
CA THR G 145 -68.47 -50.26 17.76
C THR G 145 -68.32 -48.81 18.21
N ARG G 146 -69.34 -47.97 18.01
CA ARG G 146 -69.33 -46.57 18.50
C ARG G 146 -68.95 -46.55 19.98
N GLU G 147 -69.41 -47.54 20.77
CA GLU G 147 -69.31 -47.54 22.25
C GLU G 147 -68.10 -48.35 22.74
N VAL G 148 -67.59 -49.30 21.94
CA VAL G 148 -66.43 -50.18 22.30
C VAL G 148 -65.39 -50.10 21.17
N ILE G 149 -64.33 -49.31 21.40
CA ILE G 149 -63.24 -49.03 20.42
C ILE G 149 -62.22 -50.16 20.52
N ALA G 150 -61.91 -50.82 19.40
CA ALA G 150 -60.91 -51.92 19.37
C ALA G 150 -59.65 -51.42 18.68
N LEU G 151 -58.54 -52.05 19.05
CA LEU G 151 -57.18 -51.62 18.62
C LEU G 151 -56.54 -52.76 17.84
N ASN G 152 -55.94 -52.39 16.70
CA ASN G 152 -54.97 -53.19 15.92
C ASN G 152 -53.57 -52.87 16.49
N VAL G 153 -53.13 -53.66 17.47
CA VAL G 153 -51.80 -53.55 18.15
C VAL G 153 -50.81 -54.38 17.35
N ALA G 154 -49.66 -53.81 16.97
CA ALA G 154 -48.59 -54.52 16.25
C ALA G 154 -48.35 -55.88 16.93
N GLY G 155 -48.28 -56.97 16.14
CA GLY G 155 -47.95 -58.31 16.68
C GLY G 155 -49.09 -58.90 17.50
N ALA G 156 -50.27 -58.27 17.45
CA ALA G 156 -51.48 -58.64 18.21
C ALA G 156 -51.20 -58.77 19.72
N LEU G 157 -50.36 -57.90 20.31
CA LEU G 157 -50.07 -57.96 21.77
C LEU G 157 -51.32 -57.62 22.58
N ASP G 158 -51.45 -58.19 23.79
CA ASP G 158 -52.50 -57.82 24.76
C ASP G 158 -51.95 -56.72 25.64
N ILE G 159 -52.51 -55.51 25.58
CA ILE G 159 -51.93 -54.33 26.29
C ILE G 159 -52.63 -54.08 27.63
N TYR G 160 -53.65 -54.88 28.00
CA TYR G 160 -54.50 -54.64 29.19
C TYR G 160 -53.61 -54.39 30.42
N ASP G 161 -52.64 -55.25 30.72
CA ASP G 161 -51.86 -55.18 31.99
C ASP G 161 -50.82 -54.05 31.93
N ASP G 162 -50.73 -53.26 30.84
CA ASP G 162 -49.59 -52.34 30.59
C ASP G 162 -50.03 -50.87 30.62
N VAL G 163 -51.33 -50.59 30.65
CA VAL G 163 -51.79 -49.18 30.76
C VAL G 163 -52.64 -49.06 32.02
N GLU G 164 -52.20 -48.19 32.94
CA GLU G 164 -52.81 -47.98 34.27
C GLU G 164 -53.99 -47.01 34.11
N VAL G 165 -54.94 -47.05 35.03
CA VAL G 165 -55.88 -45.92 35.25
C VAL G 165 -55.05 -44.64 35.30
N GLY G 166 -55.52 -43.56 34.66
CA GLY G 166 -54.82 -42.25 34.63
C GLY G 166 -53.91 -42.07 33.42
N ARG G 167 -53.65 -43.13 32.64
CA ARG G 167 -52.98 -43.00 31.31
C ARG G 167 -54.01 -42.47 30.31
N GLN G 168 -53.50 -42.00 29.18
CA GLN G 168 -54.30 -41.34 28.12
C GLN G 168 -54.17 -42.18 26.85
N VAL G 169 -55.28 -42.40 26.14
CA VAL G 169 -55.31 -43.00 24.77
C VAL G 169 -55.63 -41.88 23.81
N LEU G 170 -54.68 -41.53 22.96
CA LEU G 170 -54.82 -40.42 21.98
C LEU G 170 -55.05 -41.01 20.61
N VAL G 171 -56.03 -40.49 19.88
CA VAL G 171 -56.44 -41.02 18.56
C VAL G 171 -56.30 -39.96 17.48
N ASP G 172 -55.62 -40.35 16.39
CA ASP G 172 -55.40 -39.60 15.12
C ASP G 172 -54.54 -38.35 15.35
N ASP G 173 -53.23 -38.48 15.14
CA ASP G 173 -52.27 -37.34 15.31
C ASP G 173 -52.58 -36.61 16.63
N GLY G 174 -52.97 -37.33 17.68
CA GLY G 174 -53.11 -36.75 19.03
C GLY G 174 -54.36 -35.89 19.18
N LYS G 175 -55.24 -35.89 18.18
CA LYS G 175 -56.40 -34.98 18.04
C LYS G 175 -57.49 -35.29 19.08
N LEU G 176 -57.80 -36.56 19.36
CA LEU G 176 -58.83 -36.91 20.36
C LEU G 176 -58.20 -37.63 21.55
N GLY G 177 -58.47 -37.14 22.75
CA GLY G 177 -57.96 -37.70 24.01
C GLY G 177 -59.00 -38.56 24.71
N LEU G 178 -58.59 -39.73 25.19
CA LEU G 178 -59.43 -40.65 26.00
C LEU G 178 -58.72 -40.90 27.34
N ARG G 179 -59.37 -40.50 28.42
CA ARG G 179 -58.80 -40.65 29.78
C ARG G 179 -59.21 -42.01 30.33
N VAL G 180 -58.24 -42.86 30.67
CA VAL G 180 -58.51 -44.13 31.39
C VAL G 180 -58.83 -43.78 32.83
N VAL G 181 -60.10 -43.95 33.20
CA VAL G 181 -60.61 -43.75 34.58
C VAL G 181 -60.80 -45.13 35.25
N ALA G 182 -61.28 -46.13 34.51
CA ALA G 182 -61.56 -47.47 35.05
C ALA G 182 -61.15 -48.59 34.08
N LYS G 183 -60.72 -49.72 34.65
CA LYS G 183 -60.43 -51.02 33.99
C LYS G 183 -61.44 -52.08 34.47
N ASP G 184 -62.07 -52.79 33.53
CA ASP G 184 -63.08 -53.86 33.76
C ASP G 184 -62.47 -55.21 33.34
N ASP G 185 -61.97 -56.00 34.30
CA ASP G 185 -61.15 -57.25 34.09
C ASP G 185 -61.95 -58.34 33.36
N ALA G 186 -63.29 -58.26 33.38
CA ALA G 186 -64.22 -59.26 32.81
C ALA G 186 -64.06 -59.31 31.29
N THR G 187 -64.00 -58.15 30.64
CA THR G 187 -63.94 -58.01 29.16
C THR G 187 -62.53 -57.58 28.72
N ARG G 188 -61.61 -57.41 29.68
CA ARG G 188 -60.23 -56.86 29.46
C ARG G 188 -60.36 -55.52 28.71
N GLU G 189 -61.30 -54.67 29.13
CA GLU G 189 -61.68 -53.40 28.48
C GLU G 189 -61.28 -52.23 29.40
N PHE G 190 -60.89 -51.11 28.77
CA PHE G 190 -60.61 -49.80 29.42
C PHE G 190 -61.89 -48.97 29.38
N GLU G 191 -62.31 -48.45 30.54
CA GLU G 191 -63.39 -47.42 30.61
C GLU G 191 -62.70 -46.05 30.52
N VAL G 192 -63.12 -45.23 29.56
CA VAL G 192 -62.42 -43.96 29.24
C VAL G 192 -63.46 -42.85 29.11
N GLU G 193 -63.10 -41.67 29.61
CA GLU G 193 -63.84 -40.41 29.34
C GLU G 193 -63.18 -39.71 28.14
N VAL G 194 -64.00 -39.34 27.16
CA VAL G 194 -63.67 -38.44 26.02
C VAL G 194 -63.32 -37.05 26.57
N GLU G 195 -62.15 -36.55 26.19
CA GLU G 195 -61.52 -35.36 26.81
C GLU G 195 -61.88 -34.10 26.00
N ASN G 196 -62.28 -34.25 24.73
CA ASN G 196 -62.51 -33.10 23.82
C ASN G 196 -63.34 -33.58 22.63
N ASP G 197 -64.08 -32.69 21.98
CA ASP G 197 -64.91 -33.05 20.80
C ASP G 197 -63.99 -33.62 19.72
N GLY G 198 -64.31 -34.78 19.13
CA GLY G 198 -63.50 -35.34 18.03
C GLY G 198 -64.02 -36.63 17.42
N ILE G 199 -63.46 -36.98 16.26
CA ILE G 199 -63.76 -38.15 15.39
C ILE G 199 -62.88 -39.33 15.85
N ILE G 200 -63.41 -40.56 15.77
CA ILE G 200 -62.61 -41.81 15.73
C ILE G 200 -62.94 -42.49 14.41
N ALA G 201 -62.08 -42.28 13.40
CA ALA G 201 -62.13 -43.02 12.12
C ALA G 201 -61.36 -44.32 12.27
N LYS G 202 -61.49 -45.20 11.27
CA LYS G 202 -60.85 -46.53 11.21
C LYS G 202 -59.38 -46.37 10.84
N GLN G 203 -58.50 -47.27 11.29
CA GLN G 203 -57.12 -47.32 10.72
C GLN G 203 -56.42 -45.98 10.98
N LYS G 204 -56.69 -45.36 12.12
CA LYS G 204 -55.97 -44.12 12.52
C LYS G 204 -54.98 -44.47 13.62
N GLY G 205 -53.92 -43.67 13.72
CA GLY G 205 -52.85 -43.90 14.70
C GLY G 205 -53.33 -43.66 16.11
N VAL G 206 -52.87 -44.52 17.01
CA VAL G 206 -53.14 -44.39 18.46
C VAL G 206 -51.78 -44.29 19.15
N ASN G 207 -51.72 -43.39 20.12
CA ASN G 207 -50.56 -43.26 21.01
C ASN G 207 -51.08 -43.41 22.43
N ILE G 208 -50.33 -44.07 23.29
CA ILE G 208 -50.56 -44.21 24.74
C ILE G 208 -49.29 -43.76 25.45
N PRO G 209 -49.10 -42.43 25.60
CA PRO G 209 -47.86 -41.87 26.15
C PRO G 209 -47.42 -42.39 27.53
N ASN G 210 -46.11 -42.47 27.72
CA ASN G 210 -45.43 -42.83 29.01
C ASN G 210 -45.86 -44.22 29.49
N THR G 211 -46.16 -45.14 28.57
CA THR G 211 -46.38 -46.58 28.90
C THR G 211 -45.16 -47.34 28.40
N LYS G 212 -44.92 -48.54 28.92
CA LYS G 212 -43.83 -49.40 28.45
C LYS G 212 -44.47 -50.71 28.00
N ILE G 213 -45.39 -50.65 27.03
CA ILE G 213 -46.01 -51.86 26.40
C ILE G 213 -44.84 -52.72 25.91
N PRO G 214 -44.75 -54.02 26.28
CA PRO G 214 -43.57 -54.84 25.98
C PRO G 214 -43.50 -55.30 24.52
N PHE G 215 -43.54 -54.38 23.57
CA PHE G 215 -43.18 -54.66 22.16
C PHE G 215 -41.79 -55.26 22.16
N PRO G 216 -41.53 -56.26 21.30
CA PRO G 216 -40.21 -56.89 21.28
C PRO G 216 -39.18 -55.90 20.70
N ALA G 217 -37.93 -56.07 21.09
CA ALA G 217 -36.77 -55.34 20.53
C ALA G 217 -36.87 -55.30 19.00
N LEU G 218 -37.21 -56.42 18.38
CA LEU G 218 -37.47 -56.48 16.94
C LEU G 218 -38.61 -57.45 16.66
N ALA G 219 -39.74 -56.92 16.19
CA ALA G 219 -40.94 -57.71 15.81
C ALA G 219 -40.67 -58.45 14.50
N GLU G 220 -41.34 -59.59 14.30
CA GLU G 220 -41.11 -60.45 13.09
C GLU G 220 -41.46 -59.66 11.83
N ARG G 221 -42.47 -58.79 11.86
CA ARG G 221 -42.88 -58.02 10.66
C ARG G 221 -41.74 -57.06 10.26
N ASP G 222 -41.13 -56.37 11.23
CA ASP G 222 -39.98 -55.46 10.96
C ASP G 222 -38.80 -56.33 10.50
N ASN G 223 -38.59 -57.48 11.14
CA ASN G 223 -37.48 -58.38 10.75
C ASN G 223 -37.67 -58.68 9.27
N ASP G 224 -38.89 -59.07 8.88
CA ASP G 224 -39.19 -59.50 7.49
C ASP G 224 -39.10 -58.32 6.52
N ASP G 225 -39.59 -57.15 6.92
CA ASP G 225 -39.51 -55.93 6.07
C ASP G 225 -38.04 -55.59 5.83
N ILE G 226 -37.25 -55.57 6.89
CA ILE G 226 -35.81 -55.19 6.79
C ILE G 226 -35.11 -56.20 5.84
N ARG G 227 -35.30 -57.49 6.04
CA ARG G 227 -34.58 -58.49 5.19
C ARG G 227 -34.98 -58.30 3.73
N PHE G 228 -36.26 -57.98 3.47
CA PHE G 228 -36.73 -57.69 2.10
C PHE G 228 -35.99 -56.49 1.52
N GLY G 229 -35.91 -55.38 2.28
CA GLY G 229 -35.18 -54.22 1.78
C GLY G 229 -33.72 -54.53 1.55
N LEU G 230 -33.11 -55.27 2.46
CA LEU G 230 -31.67 -55.59 2.33
C LEU G 230 -31.43 -56.37 1.04
N GLU G 231 -32.40 -57.19 0.61
CA GLU G 231 -32.31 -57.97 -0.65
C GLU G 231 -32.42 -57.04 -1.84
N GLN G 232 -33.26 -56.01 -1.76
CA GLN G 232 -33.44 -55.08 -2.91
C GLN G 232 -32.20 -54.23 -3.09
N GLY G 233 -31.55 -53.85 -1.99
CA GLY G 233 -30.38 -52.96 -2.01
C GLY G 233 -30.73 -51.62 -1.39
N ILE G 234 -30.45 -51.47 -0.10
CA ILE G 234 -30.65 -50.19 0.61
C ILE G 234 -29.35 -49.72 1.27
N ASN G 235 -29.32 -48.44 1.64
CA ASN G 235 -28.10 -47.82 2.23
C ASN G 235 -28.35 -47.43 3.69
N PHE G 236 -29.60 -47.20 4.06
CA PHE G 236 -30.00 -46.67 5.38
C PHE G 236 -31.28 -47.37 5.83
N ILE G 237 -31.35 -47.68 7.13
CA ILE G 237 -32.62 -48.03 7.78
C ILE G 237 -32.90 -46.97 8.86
N ALA G 238 -34.13 -46.48 8.84
CA ALA G 238 -34.67 -45.63 9.95
C ALA G 238 -35.63 -46.50 10.76
N ILE G 239 -35.24 -46.80 12.01
CA ILE G 239 -35.93 -47.73 12.94
C ILE G 239 -36.96 -46.95 13.77
N SER G 240 -38.23 -47.19 13.52
CA SER G 240 -39.33 -46.50 14.20
C SER G 240 -39.37 -46.88 15.69
N PHE G 241 -39.66 -45.87 16.53
CA PHE G 241 -39.90 -46.03 17.98
C PHE G 241 -38.72 -46.69 18.69
N VAL G 242 -37.49 -46.27 18.42
CA VAL G 242 -36.34 -46.82 19.18
C VAL G 242 -36.46 -46.39 20.65
N ARG G 243 -36.42 -47.35 21.56
CA ARG G 243 -36.55 -47.10 23.01
C ARG G 243 -35.21 -47.26 23.71
N THR G 244 -34.38 -48.18 23.23
CA THR G 244 -33.12 -48.59 23.89
C THR G 244 -32.11 -48.95 22.81
N ALA G 245 -30.87 -49.09 23.22
CA ALA G 245 -29.77 -49.51 22.32
C ALA G 245 -30.09 -50.90 21.77
N LYS G 246 -30.79 -51.74 22.54
CA LYS G 246 -31.13 -53.12 22.11
C LYS G 246 -31.97 -53.06 20.82
N ASP G 247 -32.89 -52.09 20.69
CA ASP G 247 -33.73 -51.98 19.47
C ASP G 247 -32.84 -51.65 18.27
N VAL G 248 -31.72 -50.94 18.46
CA VAL G 248 -30.77 -50.68 17.33
C VAL G 248 -29.96 -51.95 17.03
N ASN G 249 -29.46 -52.62 18.08
CA ASN G 249 -28.43 -53.70 17.97
C ASN G 249 -29.10 -54.93 17.33
N GLU G 250 -30.40 -55.14 17.52
CA GLU G 250 -31.12 -56.25 16.84
C GLU G 250 -31.16 -56.01 15.34
N VAL G 251 -31.30 -54.77 14.88
CA VAL G 251 -31.28 -54.49 13.42
C VAL G 251 -29.85 -54.62 12.92
N ARG G 252 -28.89 -54.10 13.69
CA ARG G 252 -27.45 -54.18 13.36
C ARG G 252 -27.08 -55.65 13.08
N ALA G 253 -27.53 -56.57 13.93
CA ALA G 253 -27.22 -58.02 13.80
C ALA G 253 -27.71 -58.53 12.44
N ILE G 254 -28.91 -58.12 11.97
CA ILE G 254 -29.44 -58.57 10.66
C ILE G 254 -28.56 -58.04 9.54
N CYS G 255 -28.23 -56.75 9.59
CA CYS G 255 -27.38 -56.11 8.57
C CYS G 255 -26.04 -56.86 8.49
N GLU G 256 -25.42 -57.16 9.62
CA GLU G 256 -24.09 -57.78 9.62
C GLU G 256 -24.20 -59.23 9.10
N GLU G 257 -25.14 -59.99 9.65
CA GLU G 257 -25.25 -61.46 9.38
C GLU G 257 -25.69 -61.73 7.94
N THR G 258 -26.27 -60.75 7.22
CA THR G 258 -26.75 -60.94 5.84
C THR G 258 -25.71 -60.46 4.85
N GLY G 259 -24.55 -60.04 5.32
CA GLY G 259 -23.53 -59.45 4.45
C GLY G 259 -23.81 -57.98 4.13
N ASN G 260 -24.65 -57.28 4.90
CA ASN G 260 -24.97 -55.84 4.62
C ASN G 260 -24.43 -54.94 5.75
N GLY G 261 -23.22 -55.20 6.26
CA GLY G 261 -22.61 -54.46 7.37
C GLY G 261 -22.41 -52.98 7.06
N HIS G 262 -22.40 -52.61 5.78
CA HIS G 262 -22.28 -51.23 5.23
C HIS G 262 -23.52 -50.37 5.55
N VAL G 263 -24.68 -50.99 5.80
CA VAL G 263 -25.96 -50.27 5.93
C VAL G 263 -25.89 -49.44 7.22
N GLN G 264 -26.34 -48.19 7.16
CA GLN G 264 -26.35 -47.31 8.36
C GLN G 264 -27.75 -47.22 8.94
N LEU G 265 -27.81 -47.25 10.29
CA LEU G 265 -29.02 -47.26 11.10
C LEU G 265 -29.22 -45.86 11.72
N PHE G 266 -30.38 -45.29 11.45
CA PHE G 266 -30.86 -44.06 12.08
C PHE G 266 -31.94 -44.47 13.08
N ALA G 267 -31.72 -44.23 14.36
CA ALA G 267 -32.75 -44.50 15.35
C ALA G 267 -33.76 -43.37 15.25
N LYS G 268 -35.02 -43.69 15.12
CA LYS G 268 -36.09 -42.66 15.23
C LYS G 268 -36.43 -42.46 16.70
N ILE G 269 -36.26 -41.23 17.16
CA ILE G 269 -36.57 -40.82 18.56
C ILE G 269 -37.95 -40.20 18.49
N GLU G 270 -38.95 -40.89 19.04
CA GLU G 270 -40.35 -40.40 18.99
C GLU G 270 -41.13 -40.82 20.24
N ASN G 271 -40.47 -41.09 21.38
CA ASN G 271 -41.23 -41.27 22.64
C ASN G 271 -40.28 -41.00 23.82
N GLN G 272 -40.83 -40.97 25.03
CA GLN G 272 -40.08 -40.55 26.26
C GLN G 272 -38.93 -41.54 26.51
N GLN G 273 -39.15 -42.82 26.25
CA GLN G 273 -38.07 -43.83 26.46
C GLN G 273 -36.86 -43.50 25.58
N GLY G 274 -37.06 -43.20 24.29
CA GLY G 274 -35.97 -42.84 23.37
C GLY G 274 -35.26 -41.56 23.80
N ILE G 275 -36.00 -40.56 24.27
CA ILE G 275 -35.38 -39.35 24.86
C ILE G 275 -34.56 -39.77 26.10
N ASP G 276 -35.13 -40.56 27.03
CA ASP G 276 -34.43 -40.92 28.30
C ASP G 276 -33.15 -41.67 27.95
N ASN G 277 -33.18 -42.53 26.92
CA ASN G 277 -32.03 -43.42 26.59
C ASN G 277 -31.18 -42.89 25.43
N LEU G 278 -31.31 -41.60 25.07
CA LEU G 278 -30.69 -41.02 23.87
C LEU G 278 -29.19 -41.32 23.79
N ASP G 279 -28.42 -41.09 24.85
CA ASP G 279 -26.95 -41.28 24.83
C ASP G 279 -26.63 -42.71 24.37
N GLU G 280 -27.26 -43.73 24.92
CA GLU G 280 -26.90 -45.14 24.55
C GLU G 280 -27.40 -45.43 23.12
N ILE G 281 -28.49 -44.79 22.70
CA ILE G 281 -29.04 -45.01 21.33
C ILE G 281 -28.09 -44.37 20.33
N ILE G 282 -27.65 -43.15 20.61
CA ILE G 282 -26.63 -42.47 19.72
C ILE G 282 -25.40 -43.38 19.59
N GLU G 283 -24.92 -43.96 20.70
CA GLU G 283 -23.66 -44.79 20.73
C GLU G 283 -23.86 -46.02 19.83
N ALA G 284 -25.06 -46.61 19.85
CA ALA G 284 -25.40 -47.82 19.07
C ALA G 284 -25.60 -47.49 17.60
N ALA G 285 -26.18 -46.33 17.25
CA ALA G 285 -26.69 -46.01 15.90
C ALA G 285 -25.64 -45.27 15.09
N ASP G 286 -25.88 -45.06 13.79
CA ASP G 286 -25.04 -44.22 12.91
C ASP G 286 -25.60 -42.80 12.85
N GLY G 287 -26.79 -42.59 13.41
CA GLY G 287 -27.43 -41.28 13.40
C GLY G 287 -28.82 -41.37 13.98
N ILE G 288 -29.49 -40.22 14.03
CA ILE G 288 -30.84 -40.07 14.65
C ILE G 288 -31.75 -39.40 13.63
N MET G 289 -32.97 -39.94 13.46
CA MET G 289 -34.09 -39.24 12.83
C MET G 289 -34.98 -38.67 13.94
N ILE G 290 -35.02 -37.34 14.00
CA ILE G 290 -35.87 -36.59 14.97
C ILE G 290 -37.28 -36.70 14.41
N ALA G 291 -38.02 -37.72 14.85
CA ALA G 291 -39.37 -38.07 14.34
C ALA G 291 -40.41 -37.23 15.09
N ARG G 292 -40.55 -35.96 14.70
CA ARG G 292 -41.29 -34.93 15.48
C ARG G 292 -42.79 -35.25 15.49
N GLY G 293 -43.26 -35.99 14.48
CA GLY G 293 -44.69 -36.37 14.38
C GLY G 293 -45.19 -37.09 15.59
N ASP G 294 -44.69 -38.31 15.84
CA ASP G 294 -45.00 -39.07 17.07
C ASP G 294 -44.42 -38.37 18.29
N MET G 295 -43.22 -37.81 18.22
CA MET G 295 -42.62 -37.23 19.42
C MET G 295 -43.59 -36.21 20.05
N GLY G 296 -44.22 -35.38 19.24
CA GLY G 296 -45.08 -34.26 19.63
C GLY G 296 -46.40 -34.76 20.20
N ILE G 297 -46.68 -36.05 20.06
CA ILE G 297 -47.87 -36.70 20.69
C ILE G 297 -47.44 -37.38 21.97
N GLU G 298 -46.26 -37.99 21.96
CA GLU G 298 -45.74 -38.85 23.05
C GLU G 298 -45.21 -38.01 24.21
N VAL G 299 -44.70 -36.82 23.94
CA VAL G 299 -44.15 -35.90 24.95
C VAL G 299 -44.85 -34.54 24.75
N PRO G 300 -44.78 -33.61 25.73
CA PRO G 300 -45.48 -32.33 25.57
C PRO G 300 -45.03 -31.68 24.27
N PHE G 301 -45.98 -31.25 23.45
CA PHE G 301 -45.65 -30.68 22.12
C PHE G 301 -44.68 -29.51 22.23
N GLU G 302 -44.79 -28.68 23.27
CA GLU G 302 -43.94 -27.47 23.42
C GLU G 302 -42.49 -27.85 23.76
N MET G 303 -42.21 -29.11 24.10
CA MET G 303 -40.83 -29.59 24.44
C MET G 303 -40.11 -30.02 23.17
N VAL G 304 -40.81 -30.26 22.10
CA VAL G 304 -40.19 -30.81 20.86
C VAL G 304 -39.06 -29.91 20.37
N PRO G 305 -39.21 -28.58 20.31
CA PRO G 305 -38.11 -27.71 19.92
C PRO G 305 -36.89 -27.83 20.83
N VAL G 306 -37.13 -28.01 22.13
CA VAL G 306 -36.04 -28.18 23.12
C VAL G 306 -35.26 -29.43 22.73
N TYR G 307 -35.96 -30.56 22.61
CA TYR G 307 -35.34 -31.86 22.27
C TYR G 307 -34.64 -31.78 20.91
N GLN G 308 -35.23 -31.13 19.90
CA GLN G 308 -34.62 -31.03 18.56
C GLN G 308 -33.23 -30.39 18.67
N LYS G 309 -33.13 -29.24 19.35
CA LYS G 309 -31.83 -28.53 19.40
C LYS G 309 -30.82 -29.41 20.13
N MET G 310 -31.24 -30.05 21.21
CA MET G 310 -30.34 -30.86 22.07
C MET G 310 -29.87 -32.09 21.29
N ILE G 311 -30.78 -32.74 20.56
CA ILE G 311 -30.44 -33.97 19.78
C ILE G 311 -29.44 -33.59 18.68
N ILE G 312 -29.71 -32.54 17.92
CA ILE G 312 -28.79 -32.11 16.84
C ILE G 312 -27.39 -31.90 17.44
N LYS G 313 -27.29 -31.19 18.56
CA LYS G 313 -25.95 -30.91 19.14
C LYS G 313 -25.26 -32.22 19.52
N LYS G 314 -25.93 -33.13 20.19
CA LYS G 314 -25.32 -34.38 20.72
C LYS G 314 -24.91 -35.28 19.56
N VAL G 315 -25.72 -35.34 18.52
CA VAL G 315 -25.46 -36.23 17.35
C VAL G 315 -24.23 -35.69 16.64
N ASN G 316 -24.18 -34.40 16.42
CA ASN G 316 -23.03 -33.73 15.76
C ASN G 316 -21.77 -33.94 16.63
N ALA G 317 -21.87 -33.82 17.94
CA ALA G 317 -20.72 -34.01 18.85
C ALA G 317 -20.19 -35.45 18.76
N ALA G 318 -21.04 -36.41 18.41
CA ALA G 318 -20.70 -37.85 18.29
C ALA G 318 -20.17 -38.18 16.88
N GLY G 319 -20.17 -37.20 15.99
CA GLY G 319 -19.76 -37.32 14.58
C GLY G 319 -20.71 -38.16 13.74
N LYS G 320 -22.00 -38.12 14.06
CA LYS G 320 -23.04 -38.91 13.37
C LYS G 320 -23.98 -37.97 12.64
N VAL G 321 -24.98 -38.52 11.98
CA VAL G 321 -25.88 -37.79 11.05
C VAL G 321 -27.22 -37.55 11.75
N VAL G 322 -27.75 -36.36 11.62
CA VAL G 322 -29.09 -36.10 12.20
C VAL G 322 -30.02 -35.61 11.10
N ILE G 323 -31.20 -36.22 11.05
CA ILE G 323 -32.29 -35.87 10.13
C ILE G 323 -33.40 -35.22 10.96
N THR G 324 -33.80 -34.01 10.59
CA THR G 324 -35.00 -33.37 11.18
C THR G 324 -36.21 -33.71 10.28
N ALA G 325 -37.29 -34.22 10.87
CA ALA G 325 -38.44 -34.73 10.08
C ALA G 325 -39.79 -34.16 10.52
N THR G 326 -40.69 -34.11 9.54
CA THR G 326 -42.17 -34.16 9.67
C THR G 326 -42.77 -32.75 9.75
N ASN G 327 -43.73 -32.49 8.87
CA ASN G 327 -44.52 -31.24 8.78
C ASN G 327 -43.68 -30.06 8.32
N MET G 328 -42.47 -30.27 7.81
CA MET G 328 -41.55 -29.16 7.50
C MET G 328 -42.16 -28.23 6.48
N LEU G 329 -42.80 -28.77 5.45
CA LEU G 329 -43.54 -27.92 4.47
C LEU G 329 -44.96 -28.47 4.31
N GLU G 330 -45.60 -28.85 5.40
CA GLU G 330 -46.87 -29.60 5.41
C GLU G 330 -47.91 -29.01 4.45
N THR G 331 -48.08 -27.69 4.48
CA THR G 331 -49.13 -26.99 3.68
C THR G 331 -48.92 -27.26 2.18
N MET G 332 -47.69 -27.55 1.72
CA MET G 332 -47.42 -27.79 0.27
C MET G 332 -47.95 -29.19 -0.16
N THR G 333 -48.50 -29.98 0.75
CA THR G 333 -49.23 -31.24 0.44
C THR G 333 -50.44 -30.89 -0.42
N GLU G 334 -51.10 -29.76 -0.13
CA GLU G 334 -52.37 -29.37 -0.82
C GLU G 334 -52.23 -28.04 -1.54
N LYS G 335 -51.25 -27.19 -1.22
CA LYS G 335 -51.23 -25.80 -1.75
C LYS G 335 -49.86 -25.51 -2.32
N PRO G 336 -49.77 -24.62 -3.32
CA PRO G 336 -48.50 -24.40 -4.03
C PRO G 336 -47.46 -23.60 -3.24
N ARG G 337 -47.84 -22.99 -2.11
CA ARG G 337 -46.87 -22.19 -1.32
C ARG G 337 -46.89 -22.61 0.15
N ALA G 338 -45.70 -22.62 0.73
CA ALA G 338 -45.47 -22.95 2.14
C ALA G 338 -45.93 -21.76 3.00
N THR G 339 -46.38 -22.03 4.19
CA THR G 339 -46.65 -20.96 5.17
C THR G 339 -45.34 -20.33 5.66
N ARG G 340 -45.44 -19.18 6.32
CA ARG G 340 -44.27 -18.50 6.90
C ARG G 340 -43.71 -19.37 8.03
N SER G 341 -44.55 -20.12 8.76
CA SER G 341 -44.07 -20.98 9.87
C SER G 341 -43.26 -22.17 9.33
N GLU G 342 -43.68 -22.73 8.21
CA GLU G 342 -42.95 -23.82 7.53
C GLU G 342 -41.58 -23.33 7.05
N VAL G 343 -41.50 -22.19 6.38
CA VAL G 343 -40.21 -21.65 5.93
C VAL G 343 -39.31 -21.42 7.14
N SER G 344 -39.85 -20.82 8.22
CA SER G 344 -39.12 -20.56 9.49
C SER G 344 -38.54 -21.89 10.02
N ASP G 345 -39.37 -22.93 10.04
CA ASP G 345 -39.01 -24.27 10.59
C ASP G 345 -37.84 -24.88 9.83
N VAL G 346 -37.88 -24.86 8.50
CA VAL G 346 -36.78 -25.44 7.70
C VAL G 346 -35.50 -24.62 7.99
N PHE G 347 -35.60 -23.30 7.85
CA PHE G 347 -34.46 -22.39 8.05
C PHE G 347 -33.84 -22.68 9.43
N ASN G 348 -34.67 -22.73 10.47
CA ASN G 348 -34.13 -22.86 11.85
C ASN G 348 -33.54 -24.28 12.04
N ALA G 349 -34.07 -25.30 11.36
CA ALA G 349 -33.48 -26.67 11.47
C ALA G 349 -32.03 -26.62 10.99
N VAL G 350 -31.78 -25.91 9.88
CA VAL G 350 -30.41 -25.75 9.38
C VAL G 350 -29.53 -25.02 10.41
N ILE G 351 -30.02 -23.91 10.94
CA ILE G 351 -29.25 -23.07 11.88
C ILE G 351 -28.93 -23.90 13.12
N ASP G 352 -29.87 -24.71 13.57
CA ASP G 352 -29.70 -25.63 14.74
C ASP G 352 -28.55 -26.62 14.48
N GLY G 353 -28.17 -26.88 13.23
CA GLY G 353 -27.05 -27.78 12.88
C GLY G 353 -27.45 -29.07 12.18
N THR G 354 -28.69 -29.18 11.70
CA THR G 354 -29.13 -30.47 11.09
C THR G 354 -28.23 -30.81 9.89
N ASP G 355 -27.96 -32.11 9.71
CA ASP G 355 -27.29 -32.64 8.48
C ASP G 355 -28.30 -32.59 7.36
N ALA G 356 -29.55 -32.92 7.71
CA ALA G 356 -30.57 -33.25 6.71
C ALA G 356 -31.96 -32.81 7.20
N THR G 357 -32.80 -32.46 6.24
CA THR G 357 -34.22 -32.12 6.37
C THR G 357 -35.02 -33.12 5.53
N MET G 358 -36.26 -33.35 5.92
CA MET G 358 -37.06 -34.46 5.37
C MET G 358 -38.43 -33.94 4.92
N LEU G 359 -38.91 -34.54 3.84
CA LEU G 359 -40.32 -34.44 3.41
C LEU G 359 -40.96 -35.82 3.57
N SER G 360 -42.22 -35.87 4.02
CA SER G 360 -43.03 -37.09 4.16
C SER G 360 -44.16 -36.99 3.12
N GLY G 361 -45.38 -36.69 3.54
CA GLY G 361 -46.54 -36.55 2.64
C GLY G 361 -46.31 -35.52 1.55
N GLU G 362 -45.51 -34.46 1.80
CA GLU G 362 -45.28 -33.40 0.79
C GLU G 362 -44.71 -33.98 -0.49
N SER G 363 -43.78 -34.95 -0.40
CA SER G 363 -43.16 -35.58 -1.59
C SER G 363 -43.90 -36.88 -1.96
N ALA G 364 -44.45 -37.60 -0.98
CA ALA G 364 -44.97 -38.99 -1.24
C ALA G 364 -46.40 -38.96 -1.79
N ASN G 365 -47.24 -38.02 -1.33
CA ASN G 365 -48.71 -38.09 -1.55
C ASN G 365 -49.32 -36.78 -1.99
N GLY G 366 -48.56 -35.69 -2.05
CA GLY G 366 -49.15 -34.36 -2.28
C GLY G 366 -49.33 -34.02 -3.75
N LYS G 367 -49.84 -32.82 -4.02
CA LYS G 367 -50.07 -32.24 -5.37
C LYS G 367 -48.81 -31.56 -5.89
N TYR G 368 -47.79 -31.31 -5.04
CA TYR G 368 -46.62 -30.47 -5.42
C TYR G 368 -45.31 -31.13 -4.97
N PRO G 369 -45.07 -32.42 -5.29
CA PRO G 369 -43.83 -33.07 -4.91
C PRO G 369 -42.56 -32.36 -5.38
N LEU G 370 -42.47 -31.94 -6.67
CA LEU G 370 -41.26 -31.28 -7.20
C LEU G 370 -41.08 -29.91 -6.51
N GLU G 371 -42.15 -29.11 -6.41
CA GLU G 371 -42.11 -27.76 -5.84
C GLU G 371 -41.67 -27.86 -4.36
N SER G 372 -42.12 -28.91 -3.67
CA SER G 372 -41.79 -29.19 -2.24
C SER G 372 -40.28 -29.38 -2.10
N VAL G 373 -39.69 -30.24 -2.93
CA VAL G 373 -38.22 -30.46 -2.90
C VAL G 373 -37.51 -29.15 -3.23
N THR G 374 -37.92 -28.45 -4.30
CA THR G 374 -37.30 -27.20 -4.75
C THR G 374 -37.38 -26.13 -3.64
N THR G 375 -38.54 -25.96 -3.04
CA THR G 375 -38.76 -24.98 -1.95
C THR G 375 -37.82 -25.35 -0.78
N MET G 376 -37.73 -26.62 -0.44
CA MET G 376 -36.89 -27.04 0.71
C MET G 376 -35.43 -26.81 0.37
N ALA G 377 -35.02 -27.04 -0.88
CA ALA G 377 -33.64 -26.80 -1.35
C ALA G 377 -33.30 -25.30 -1.32
N THR G 378 -34.21 -24.42 -1.76
CA THR G 378 -34.05 -22.95 -1.71
C THR G 378 -33.80 -22.48 -0.27
N ILE G 379 -34.58 -22.98 0.67
CA ILE G 379 -34.49 -22.50 2.09
C ILE G 379 -33.17 -22.99 2.67
N ASP G 380 -32.88 -24.26 2.43
CA ASP G 380 -31.69 -24.94 2.96
C ASP G 380 -30.45 -24.19 2.49
N LYS G 381 -30.40 -23.83 1.22
CA LYS G 381 -29.25 -23.14 0.60
C LYS G 381 -29.12 -21.72 1.18
N ASN G 382 -30.23 -21.03 1.39
CA ASN G 382 -30.16 -19.68 2.02
C ASN G 382 -29.66 -19.80 3.46
N ALA G 383 -30.19 -20.72 4.26
CA ALA G 383 -29.84 -20.89 5.69
C ALA G 383 -28.36 -21.25 5.83
N GLN G 384 -27.79 -22.02 4.92
CA GLN G 384 -26.37 -22.43 5.05
C GLN G 384 -25.47 -21.20 4.99
N ALA G 385 -25.86 -20.16 4.27
CA ALA G 385 -25.09 -18.91 4.14
C ALA G 385 -25.08 -18.12 5.46
N LEU G 386 -25.91 -18.48 6.45
CA LEU G 386 -25.97 -17.76 7.74
C LEU G 386 -25.42 -18.60 8.89
N LEU G 387 -24.84 -19.76 8.59
CA LEU G 387 -24.30 -20.60 9.67
C LEU G 387 -23.12 -19.89 10.33
N ASN G 388 -22.31 -19.20 9.53
CA ASN G 388 -21.20 -18.39 10.10
C ASN G 388 -21.72 -17.45 11.17
N GLU G 389 -22.83 -16.75 10.92
CA GLU G 389 -23.38 -15.73 11.82
C GLU G 389 -24.19 -16.34 12.98
N TYR G 390 -25.13 -17.26 12.73
CA TYR G 390 -26.23 -17.67 13.65
C TYR G 390 -26.08 -19.15 14.07
N GLY G 391 -25.21 -19.94 13.43
CA GLY G 391 -25.16 -21.41 13.63
C GLY G 391 -25.02 -21.77 15.10
N ARG G 392 -25.76 -22.77 15.57
CA ARG G 392 -25.71 -23.21 16.99
C ARG G 392 -24.47 -24.07 17.25
N LEU G 393 -24.05 -24.87 16.28
CA LEU G 393 -23.00 -25.88 16.54
C LEU G 393 -21.68 -25.18 16.80
N ASP G 394 -20.84 -25.75 17.65
CA ASP G 394 -19.57 -25.09 18.05
C ASP G 394 -18.42 -26.11 18.03
N SER G 395 -17.70 -26.21 16.92
CA SER G 395 -16.65 -27.24 16.77
C SER G 395 -15.45 -26.94 17.68
N ASP G 396 -15.28 -25.69 18.09
CA ASP G 396 -14.18 -25.29 19.01
C ASP G 396 -14.29 -26.05 20.32
N SER G 397 -15.48 -26.48 20.71
CA SER G 397 -15.76 -27.14 22.00
C SER G 397 -15.31 -28.60 21.97
N PHE G 398 -15.18 -29.22 20.80
CA PHE G 398 -14.96 -30.69 20.70
C PHE G 398 -13.61 -31.10 21.22
N GLU G 399 -13.60 -32.22 21.92
CA GLU G 399 -12.36 -32.98 22.18
C GLU G 399 -11.98 -33.63 20.84
N ARG G 400 -10.75 -33.43 20.36
CA ARG G 400 -10.27 -34.12 19.13
C ARG G 400 -9.74 -35.50 19.55
N ASN G 401 -10.49 -36.56 19.24
CA ASN G 401 -10.32 -37.86 19.93
C ASN G 401 -9.45 -38.82 19.13
N SER G 402 -9.00 -38.42 17.95
CA SER G 402 -8.06 -39.24 17.14
C SER G 402 -7.33 -38.36 16.15
N LYS G 403 -6.26 -38.89 15.56
CA LYS G 403 -5.39 -38.16 14.62
C LYS G 403 -6.19 -37.77 13.37
N THR G 404 -7.13 -38.59 12.89
CA THR G 404 -7.95 -38.18 11.72
C THR G 404 -8.77 -36.95 12.14
N GLU G 405 -9.29 -36.95 13.37
CA GLU G 405 -10.13 -35.83 13.85
C GLU G 405 -9.25 -34.58 14.00
N VAL G 406 -7.99 -34.73 14.42
CA VAL G 406 -7.04 -33.60 14.54
C VAL G 406 -6.89 -33.00 13.15
N MET G 407 -6.81 -33.86 12.13
CA MET G 407 -6.70 -33.38 10.73
C MET G 407 -7.99 -32.66 10.29
N ALA G 408 -9.16 -33.18 10.65
CA ALA G 408 -10.45 -32.50 10.35
C ALA G 408 -10.53 -31.12 10.99
N SER G 409 -10.09 -30.96 12.24
CA SER G 409 -9.92 -29.67 12.92
C SER G 409 -9.01 -28.74 12.08
N ALA G 410 -7.91 -29.24 11.57
CA ALA G 410 -6.96 -28.40 10.80
C ALA G 410 -7.60 -27.99 9.48
N VAL G 411 -8.41 -28.88 8.89
CA VAL G 411 -9.13 -28.56 7.64
C VAL G 411 -10.09 -27.39 7.94
N LYS G 412 -10.84 -27.46 9.04
CA LYS G 412 -11.78 -26.38 9.43
C LYS G 412 -10.98 -25.09 9.58
N ASP G 413 -9.85 -25.17 10.30
CA ASP G 413 -8.96 -24.01 10.52
C ASP G 413 -8.54 -23.38 9.17
N ALA G 414 -8.11 -24.15 8.19
CA ALA G 414 -7.71 -23.64 6.85
C ALA G 414 -8.89 -22.94 6.17
N THR G 415 -10.10 -23.51 6.21
CA THR G 415 -11.28 -22.90 5.59
C THR G 415 -11.74 -21.65 6.35
N SER G 416 -11.41 -21.49 7.64
CA SER G 416 -11.67 -20.23 8.38
C SER G 416 -10.61 -19.16 8.07
N SER G 417 -9.38 -19.56 7.78
CA SER G 417 -8.23 -18.64 7.58
C SER G 417 -8.25 -17.98 6.20
N MET G 418 -8.80 -18.67 5.21
CA MET G 418 -8.83 -18.17 3.83
C MET G 418 -10.02 -18.76 3.08
N ASP G 419 -10.27 -18.19 1.90
CA ASP G 419 -11.35 -18.60 0.97
C ASP G 419 -10.96 -19.92 0.27
N ILE G 420 -11.46 -21.04 0.79
CA ILE G 420 -11.32 -22.41 0.20
C ILE G 420 -12.59 -22.76 -0.54
N LYS G 421 -12.45 -22.97 -1.84
CA LYS G 421 -13.60 -23.35 -2.70
C LYS G 421 -14.09 -24.76 -2.33
N LEU G 422 -13.18 -25.67 -1.99
CA LEU G 422 -13.49 -27.12 -1.90
C LEU G 422 -12.46 -27.83 -1.04
N VAL G 423 -12.93 -28.70 -0.14
CA VAL G 423 -12.12 -29.69 0.63
C VAL G 423 -12.28 -30.99 -0.15
N VAL G 424 -11.18 -31.68 -0.43
CA VAL G 424 -11.20 -33.03 -1.04
C VAL G 424 -10.57 -34.02 -0.09
N THR G 425 -11.26 -35.13 0.14
CA THR G 425 -10.72 -36.29 0.89
C THR G 425 -10.78 -37.52 -0.02
N LEU G 426 -9.65 -38.24 -0.12
CA LEU G 426 -9.52 -39.64 -0.61
C LEU G 426 -9.75 -40.55 0.57
N THR G 427 -10.91 -41.19 0.58
CA THR G 427 -11.48 -41.89 1.75
C THR G 427 -11.94 -43.27 1.31
N LYS G 428 -11.38 -44.34 1.88
CA LYS G 428 -11.79 -45.71 1.53
C LYS G 428 -13.15 -46.04 2.15
N THR G 429 -13.38 -45.68 3.41
CA THR G 429 -14.60 -46.04 4.19
C THR G 429 -15.48 -44.81 4.43
N GLY G 430 -15.00 -43.61 4.18
CA GLY G 430 -15.78 -42.39 4.43
C GLY G 430 -15.47 -41.81 5.79
N HIS G 431 -14.67 -42.47 6.62
CA HIS G 431 -14.35 -41.99 7.99
C HIS G 431 -13.84 -40.53 7.95
N THR G 432 -12.90 -40.20 7.05
CA THR G 432 -12.30 -38.85 6.99
C THR G 432 -13.36 -37.84 6.58
N ALA G 433 -14.20 -38.16 5.58
CA ALA G 433 -15.29 -37.29 5.12
C ALA G 433 -16.28 -37.04 6.28
N ARG G 434 -16.57 -38.05 7.09
CA ARG G 434 -17.55 -37.92 8.21
C ARG G 434 -16.96 -36.93 9.23
N LEU G 435 -15.70 -37.07 9.56
CA LEU G 435 -15.06 -36.18 10.56
C LEU G 435 -14.91 -34.76 10.02
N ILE G 436 -14.57 -34.57 8.74
CA ILE G 436 -14.53 -33.20 8.17
C ILE G 436 -15.94 -32.61 8.24
N SER G 437 -16.96 -33.39 7.86
CA SER G 437 -18.37 -32.93 7.91
C SER G 437 -18.76 -32.49 9.32
N LYS G 438 -18.41 -33.29 10.31
CA LYS G 438 -18.66 -33.02 11.74
C LYS G 438 -18.22 -31.58 12.05
N TYR G 439 -17.07 -31.15 11.55
CA TYR G 439 -16.49 -29.82 11.87
C TYR G 439 -17.19 -28.70 11.12
N ARG G 440 -18.07 -28.99 10.18
CA ARG G 440 -18.89 -27.98 9.45
C ARG G 440 -17.97 -26.91 8.85
N PRO G 441 -17.03 -27.28 7.96
CA PRO G 441 -16.16 -26.32 7.29
C PRO G 441 -16.92 -25.34 6.41
N ASN G 442 -16.30 -24.20 6.18
CA ASN G 442 -16.81 -23.14 5.26
C ASN G 442 -16.44 -23.50 3.81
N ALA G 443 -16.83 -24.70 3.38
CA ALA G 443 -16.51 -25.26 2.04
C ALA G 443 -17.32 -26.54 1.83
N ASP G 444 -17.67 -26.79 0.60
CA ASP G 444 -18.15 -28.11 0.12
C ASP G 444 -17.04 -29.13 0.33
N ILE G 445 -17.44 -30.38 0.52
CA ILE G 445 -16.52 -31.53 0.78
C ILE G 445 -16.69 -32.54 -0.35
N LEU G 446 -15.70 -32.67 -1.23
CA LEU G 446 -15.67 -33.78 -2.22
C LEU G 446 -15.02 -35.00 -1.60
N ALA G 447 -15.79 -36.07 -1.43
CA ALA G 447 -15.32 -37.32 -0.82
C ALA G 447 -15.07 -38.30 -1.97
N LEU G 448 -13.80 -38.49 -2.34
CA LEU G 448 -13.40 -39.48 -3.38
C LEU G 448 -13.24 -40.84 -2.71
N THR G 449 -14.15 -41.75 -3.08
CA THR G 449 -14.18 -43.11 -2.51
C THR G 449 -14.16 -44.14 -3.65
N PHE G 450 -13.96 -45.41 -3.31
CA PHE G 450 -13.54 -46.43 -4.32
C PHE G 450 -14.59 -47.54 -4.46
N ASP G 451 -15.76 -47.44 -3.79
CA ASP G 451 -16.87 -48.39 -4.04
C ASP G 451 -18.20 -47.64 -3.93
N GLU G 452 -19.22 -48.14 -4.63
CA GLU G 452 -20.56 -47.51 -4.69
C GLU G 452 -21.27 -47.55 -3.32
N LEU G 453 -20.99 -48.53 -2.47
CA LEU G 453 -21.68 -48.65 -1.16
C LEU G 453 -21.21 -47.52 -0.24
N THR G 454 -19.91 -47.24 -0.26
CA THR G 454 -19.32 -46.17 0.58
C THR G 454 -19.80 -44.83 0.04
N GLU G 455 -19.86 -44.70 -1.28
CA GLU G 455 -20.36 -43.50 -1.98
C GLU G 455 -21.79 -43.14 -1.52
N ARG G 456 -22.74 -44.06 -1.64
CA ARG G 456 -24.17 -43.79 -1.31
C ARG G 456 -24.33 -43.57 0.20
N GLY G 457 -23.54 -44.30 0.99
CA GLY G 457 -23.47 -44.25 2.45
C GLY G 457 -23.13 -42.83 2.97
N LEU G 458 -22.54 -41.96 2.14
CA LEU G 458 -22.12 -40.59 2.55
C LEU G 458 -23.15 -39.55 2.18
N MET G 459 -24.25 -39.96 1.57
CA MET G 459 -25.14 -39.00 0.90
C MET G 459 -25.96 -38.18 1.92
N LEU G 460 -26.00 -38.56 3.19
CA LEU G 460 -26.74 -37.69 4.15
C LEU G 460 -25.82 -36.94 5.11
N ASN G 461 -24.51 -37.02 4.97
CA ASN G 461 -23.57 -36.15 5.73
C ASN G 461 -23.57 -34.73 5.15
N TRP G 462 -23.71 -33.76 6.06
CA TRP G 462 -23.69 -32.32 5.74
C TRP G 462 -22.48 -32.02 4.88
N GLY G 463 -22.72 -31.37 3.76
CA GLY G 463 -21.67 -30.78 2.93
C GLY G 463 -20.97 -31.79 2.03
N VAL G 464 -21.26 -33.09 2.15
CA VAL G 464 -20.43 -34.11 1.46
C VAL G 464 -20.98 -34.38 0.06
N ILE G 465 -20.13 -34.22 -0.95
CA ILE G 465 -20.41 -34.61 -2.37
C ILE G 465 -19.60 -35.89 -2.65
N PRO G 466 -20.20 -37.09 -2.50
CA PRO G 466 -19.47 -38.34 -2.75
C PRO G 466 -19.29 -38.53 -4.26
N MET G 467 -18.17 -39.12 -4.63
CA MET G 467 -17.77 -39.34 -6.04
C MET G 467 -16.92 -40.60 -6.09
N LEU G 468 -17.29 -41.53 -6.98
CA LEU G 468 -16.60 -42.84 -7.17
C LEU G 468 -15.31 -42.59 -7.98
N THR G 469 -14.19 -43.17 -7.61
CA THR G 469 -12.94 -43.09 -8.42
C THR G 469 -12.16 -44.38 -8.21
N ASP G 470 -11.17 -44.65 -9.06
CA ASP G 470 -10.31 -45.87 -8.90
C ASP G 470 -9.49 -45.73 -7.63
N ALA G 471 -9.31 -46.81 -6.89
CA ALA G 471 -8.40 -46.82 -5.73
C ALA G 471 -7.02 -46.36 -6.20
N PRO G 472 -6.41 -45.34 -5.60
CA PRO G 472 -5.03 -44.97 -5.96
C PRO G 472 -3.98 -46.05 -5.68
N SER G 473 -3.02 -46.22 -6.59
CA SER G 473 -1.80 -47.05 -6.40
C SER G 473 -0.70 -46.23 -5.72
N SER G 474 0.34 -46.89 -5.20
CA SER G 474 1.53 -46.24 -4.56
C SER G 474 2.28 -45.34 -5.55
N THR G 475 2.05 -45.45 -6.87
CA THR G 475 2.73 -44.64 -7.90
C THR G 475 1.87 -43.44 -8.33
N ASP G 476 0.61 -43.34 -7.86
CA ASP G 476 -0.28 -42.23 -8.31
C ASP G 476 -0.02 -41.00 -7.43
N ASP G 477 -0.20 -39.82 -7.99
CA ASP G 477 -0.21 -38.51 -7.27
C ASP G 477 -1.68 -38.23 -6.88
N MET G 478 -2.03 -38.47 -5.63
CA MET G 478 -3.43 -38.33 -5.15
C MET G 478 -3.85 -36.85 -5.17
N PHE G 479 -2.91 -35.92 -5.05
CA PHE G 479 -3.18 -34.46 -5.08
C PHE G 479 -3.56 -34.06 -6.49
N GLU G 480 -2.90 -34.65 -7.50
CA GLU G 480 -3.28 -34.43 -8.92
C GLU G 480 -4.63 -35.10 -9.15
N ILE G 481 -4.84 -36.32 -8.66
CA ILE G 481 -6.16 -37.00 -8.84
C ILE G 481 -7.24 -36.07 -8.25
N ALA G 482 -7.06 -35.56 -7.03
CA ALA G 482 -8.11 -34.73 -6.38
C ALA G 482 -8.40 -33.52 -7.25
N GLU G 483 -7.38 -32.80 -7.71
CA GLU G 483 -7.60 -31.64 -8.61
C GLU G 483 -8.39 -32.07 -9.83
N ARG G 484 -7.98 -33.18 -10.49
CA ARG G 484 -8.60 -33.62 -11.76
C ARG G 484 -10.07 -33.93 -11.52
N LYS G 485 -10.38 -34.67 -10.47
CA LYS G 485 -11.78 -35.08 -10.20
C LYS G 485 -12.63 -33.83 -9.89
N ALA G 486 -12.09 -32.86 -9.14
CA ALA G 486 -12.83 -31.64 -8.79
C ALA G 486 -13.15 -30.85 -10.05
N VAL G 487 -12.21 -30.80 -11.00
CA VAL G 487 -12.40 -30.09 -12.30
C VAL G 487 -13.47 -30.81 -13.14
N GLU G 488 -13.37 -32.14 -13.27
CA GLU G 488 -14.38 -32.98 -14.01
C GLU G 488 -15.79 -32.77 -13.43
N ALA G 489 -15.92 -32.69 -12.10
CA ALA G 489 -17.21 -32.52 -11.41
C ALA G 489 -17.73 -31.08 -11.62
N GLY G 490 -16.95 -30.16 -12.20
CA GLY G 490 -17.32 -28.75 -12.41
C GLY G 490 -17.37 -27.97 -11.08
N LEU G 491 -16.58 -28.38 -10.08
CA LEU G 491 -16.70 -27.86 -8.69
C LEU G 491 -15.72 -26.71 -8.50
N VAL G 492 -14.63 -26.68 -9.27
CA VAL G 492 -13.55 -25.66 -9.17
C VAL G 492 -13.11 -25.33 -10.60
N GLU G 493 -12.41 -24.23 -10.73
CA GLU G 493 -11.78 -23.79 -11.99
C GLU G 493 -10.44 -23.13 -11.65
N SER G 494 -9.66 -22.87 -12.69
CA SER G 494 -8.34 -22.21 -12.62
C SER G 494 -8.36 -21.08 -11.58
N GLY G 495 -7.42 -21.12 -10.63
CA GLY G 495 -7.21 -20.07 -9.62
C GLY G 495 -7.91 -20.36 -8.30
N ASP G 496 -8.81 -21.34 -8.25
CA ASP G 496 -9.50 -21.67 -6.97
C ASP G 496 -8.50 -22.36 -6.04
N ASP G 497 -8.64 -22.14 -4.73
CA ASP G 497 -7.76 -22.76 -3.73
C ASP G 497 -8.52 -23.92 -3.08
N ILE G 498 -7.90 -25.09 -3.01
CA ILE G 498 -8.54 -26.30 -2.43
C ILE G 498 -7.66 -26.86 -1.35
N VAL G 499 -8.31 -27.49 -0.38
CA VAL G 499 -7.62 -28.26 0.69
C VAL G 499 -7.87 -29.73 0.36
N ILE G 500 -6.82 -30.51 0.29
CA ILE G 500 -6.85 -31.97 0.00
C ILE G 500 -6.24 -32.71 1.18
N VAL G 501 -6.87 -33.76 1.63
CA VAL G 501 -6.30 -34.63 2.67
C VAL G 501 -6.27 -36.06 2.10
N ALA G 502 -5.36 -36.86 2.59
CA ALA G 502 -5.12 -38.26 2.15
C ALA G 502 -4.16 -38.90 3.11
N GLY G 503 -4.16 -40.23 3.12
CA GLY G 503 -3.17 -41.04 3.82
C GLY G 503 -2.04 -41.31 2.84
N VAL G 504 -0.85 -40.71 3.02
CA VAL G 504 0.25 -40.88 2.05
C VAL G 504 1.50 -41.41 2.74
N PRO G 505 2.24 -42.35 2.10
CA PRO G 505 1.86 -42.97 0.84
C PRO G 505 0.85 -44.12 0.99
N VAL G 506 0.13 -44.44 -0.09
CA VAL G 506 -0.74 -45.64 -0.20
C VAL G 506 0.16 -46.85 0.10
N GLY G 507 -0.24 -47.71 1.05
CA GLY G 507 0.48 -48.94 1.42
C GLY G 507 1.39 -48.76 2.63
N GLU G 508 1.57 -47.53 3.12
CA GLU G 508 2.35 -47.26 4.36
C GLU G 508 1.47 -46.52 5.38
N ALA G 509 0.76 -45.47 4.95
CA ALA G 509 -0.13 -44.64 5.81
C ALA G 509 -1.21 -45.52 6.42
N VAL G 510 -1.46 -45.40 7.71
CA VAL G 510 -2.52 -46.20 8.38
C VAL G 510 -3.80 -45.34 8.54
N ARG G 511 -3.78 -44.05 8.16
CA ARG G 511 -4.92 -43.10 8.25
C ARG G 511 -4.63 -41.87 7.41
N THR G 512 -5.63 -41.01 7.25
CA THR G 512 -5.40 -39.68 6.67
C THR G 512 -4.36 -38.96 7.53
N ASN G 513 -3.24 -38.55 6.92
CA ASN G 513 -2.08 -38.01 7.69
C ASN G 513 -1.51 -36.76 7.00
N THR G 514 -2.09 -36.34 5.90
CA THR G 514 -1.58 -35.23 5.08
C THR G 514 -2.69 -34.22 4.71
N MET G 515 -2.35 -32.96 4.79
CA MET G 515 -3.18 -31.88 4.22
C MET G 515 -2.28 -31.05 3.30
N ARG G 516 -2.82 -30.79 2.13
CA ARG G 516 -2.18 -29.99 1.07
C ARG G 516 -3.13 -28.82 0.76
N ILE G 517 -2.57 -27.62 0.64
CA ILE G 517 -3.31 -26.49 0.05
C ILE G 517 -2.81 -26.31 -1.38
N ARG G 518 -3.73 -26.34 -2.35
CA ARG G 518 -3.38 -26.43 -3.78
C ARG G 518 -4.16 -25.38 -4.56
N THR G 519 -3.50 -24.68 -5.46
CA THR G 519 -4.18 -23.78 -6.42
C THR G 519 -4.45 -24.57 -7.71
N VAL G 520 -5.70 -24.60 -8.13
CA VAL G 520 -6.11 -25.30 -9.37
C VAL G 520 -5.46 -24.59 -10.58
N ARG G 521 -4.88 -25.37 -11.49
CA ARG G 521 -4.21 -24.91 -12.75
C ARG G 521 -5.28 -24.30 -13.65
N MET H 21 -45.96 -19.55 37.06
CA MET H 21 -45.16 -19.11 35.86
C MET H 21 -45.92 -18.03 35.07
N ASN H 22 -45.37 -16.81 34.97
CA ASN H 22 -45.99 -15.72 34.21
C ASN H 22 -45.49 -15.79 32.77
N LYS H 23 -46.37 -15.59 31.79
CA LYS H 23 -45.97 -15.56 30.36
C LYS H 23 -45.34 -14.21 30.02
N ARG H 24 -44.04 -14.18 29.76
CA ARG H 24 -43.37 -12.90 29.47
C ARG H 24 -43.62 -12.45 28.02
N VAL H 25 -43.72 -13.36 27.07
CA VAL H 25 -43.95 -12.97 25.65
C VAL H 25 -45.44 -12.68 25.49
N LYS H 26 -45.76 -11.59 24.83
CA LYS H 26 -47.13 -11.08 24.81
C LYS H 26 -47.80 -11.66 23.56
N ILE H 27 -49.09 -11.83 23.65
CA ILE H 27 -49.94 -12.36 22.57
C ILE H 27 -50.88 -11.28 22.08
N VAL H 28 -50.81 -11.05 20.79
CA VAL H 28 -51.81 -10.22 20.08
C VAL H 28 -52.76 -11.21 19.44
N ALA H 29 -54.06 -11.12 19.74
CA ALA H 29 -55.09 -11.97 19.11
C ALA H 29 -55.99 -11.12 18.24
N THR H 30 -56.15 -11.46 16.96
CA THR H 30 -57.08 -10.77 16.04
C THR H 30 -58.48 -11.23 16.41
N LEU H 31 -59.46 -10.34 16.53
CA LEU H 31 -60.85 -10.73 16.80
C LEU H 31 -61.66 -10.73 15.51
N GLY H 32 -62.71 -11.53 15.52
CA GLY H 32 -63.54 -11.79 14.34
C GLY H 32 -64.79 -12.53 14.79
N PRO H 33 -65.56 -13.05 13.82
CA PRO H 33 -66.78 -13.76 14.16
C PRO H 33 -66.58 -15.09 14.88
N ALA H 34 -65.36 -15.63 14.92
CA ALA H 34 -65.14 -16.97 15.51
C ALA H 34 -65.60 -17.00 16.98
N VAL H 35 -65.41 -15.92 17.74
CA VAL H 35 -65.80 -15.93 19.17
C VAL H 35 -67.23 -15.39 19.37
N GLU H 36 -67.87 -14.91 18.31
CA GLU H 36 -69.13 -14.13 18.39
C GLU H 36 -70.30 -15.09 18.18
N ILE H 37 -71.22 -15.11 19.13
CA ILE H 37 -72.50 -15.85 19.08
C ILE H 37 -73.56 -14.88 18.55
N ARG H 38 -74.38 -15.32 17.58
CA ARG H 38 -75.52 -14.54 17.02
C ARG H 38 -76.80 -15.37 17.19
N GLY H 39 -77.70 -14.92 18.07
CA GLY H 39 -78.94 -15.62 18.44
C GLY H 39 -78.74 -17.11 18.64
N GLY H 40 -77.81 -17.49 19.54
CA GLY H 40 -77.53 -18.89 19.90
C GLY H 40 -76.69 -19.65 18.88
N LYS H 41 -76.38 -19.04 17.72
CA LYS H 41 -75.68 -19.72 16.61
C LYS H 41 -74.17 -19.41 16.70
N LYS H 42 -73.33 -20.39 16.37
CA LYS H 42 -71.85 -20.25 16.27
C LYS H 42 -71.48 -19.93 14.82
N PHE H 43 -70.32 -19.32 14.63
CA PHE H 43 -69.83 -18.95 13.28
C PHE H 43 -69.74 -20.25 12.48
N GLY H 44 -70.22 -20.24 11.24
CA GLY H 44 -70.30 -21.41 10.35
C GLY H 44 -71.63 -22.16 10.39
N GLU H 45 -72.54 -21.86 11.33
CA GLU H 45 -73.88 -22.52 11.38
C GLU H 45 -74.83 -21.83 10.40
N ASP H 46 -75.80 -22.57 9.87
CA ASP H 46 -76.82 -22.04 8.91
C ASP H 46 -77.57 -20.90 9.58
N GLY H 47 -77.74 -19.77 8.88
CA GLY H 47 -78.50 -18.59 9.33
C GLY H 47 -77.81 -17.78 10.41
N TYR H 48 -76.50 -18.00 10.64
CA TYR H 48 -75.67 -17.26 11.62
C TYR H 48 -75.85 -15.75 11.42
N TRP H 49 -75.63 -15.28 10.19
CA TRP H 49 -75.54 -13.82 9.89
C TRP H 49 -76.92 -13.16 9.85
N GLY H 50 -78.00 -13.95 9.80
CA GLY H 50 -79.41 -13.50 9.94
C GLY H 50 -79.85 -13.36 11.39
N GLU H 51 -79.08 -13.86 12.39
CA GLU H 51 -79.31 -13.59 13.83
C GLU H 51 -78.56 -12.34 14.27
N LYS H 52 -79.02 -11.66 15.34
CA LYS H 52 -78.34 -10.42 15.84
C LYS H 52 -77.27 -10.83 16.86
N LEU H 53 -76.26 -9.98 17.03
CA LEU H 53 -75.09 -10.29 17.88
C LEU H 53 -75.57 -10.50 19.32
N ASP H 54 -75.23 -11.63 19.95
CA ASP H 54 -75.42 -11.80 21.42
C ASP H 54 -74.20 -11.21 22.13
N VAL H 55 -74.31 -10.02 22.71
CA VAL H 55 -73.10 -9.32 23.22
C VAL H 55 -72.56 -10.09 24.44
N GLU H 56 -73.42 -10.54 25.34
CA GLU H 56 -72.97 -11.17 26.59
C GLU H 56 -72.29 -12.51 26.27
N ALA H 57 -72.88 -13.35 25.42
CA ALA H 57 -72.33 -14.66 25.04
C ALA H 57 -70.97 -14.45 24.35
N SER H 58 -70.87 -13.48 23.46
CA SER H 58 -69.62 -13.12 22.77
C SER H 58 -68.58 -12.67 23.80
N ALA H 59 -68.93 -11.79 24.73
CA ALA H 59 -67.97 -11.21 25.71
C ALA H 59 -67.44 -12.32 26.62
N LYS H 60 -68.28 -13.30 26.96
CA LYS H 60 -67.85 -14.49 27.75
C LYS H 60 -66.74 -15.23 27.01
N ASN H 61 -66.89 -15.45 25.70
CA ASN H 61 -65.87 -16.15 24.87
C ASN H 61 -64.60 -15.33 24.89
N ILE H 62 -64.70 -14.02 24.69
CA ILE H 62 -63.50 -13.16 24.57
C ILE H 62 -62.82 -13.12 25.93
N ALA H 63 -63.59 -13.12 27.02
CA ALA H 63 -63.01 -13.19 28.36
C ALA H 63 -62.13 -14.44 28.49
N LYS H 64 -62.54 -15.59 27.93
CA LYS H 64 -61.74 -16.83 28.00
C LYS H 64 -60.41 -16.63 27.23
N LEU H 65 -60.39 -15.85 26.14
CA LEU H 65 -59.12 -15.59 25.42
C LEU H 65 -58.23 -14.75 26.33
N ILE H 66 -58.81 -13.74 26.99
CA ILE H 66 -58.02 -12.89 27.92
C ILE H 66 -57.40 -13.82 28.97
N GLU H 67 -58.20 -14.72 29.53
CA GLU H 67 -57.73 -15.56 30.68
C GLU H 67 -56.66 -16.51 30.17
N ALA H 68 -56.72 -16.87 28.90
CA ALA H 68 -55.75 -17.83 28.31
C ALA H 68 -54.43 -17.14 27.91
N GLY H 69 -54.37 -15.83 27.94
CA GLY H 69 -53.10 -15.09 27.79
C GLY H 69 -53.08 -14.12 26.62
N ALA H 70 -54.21 -13.83 25.98
CA ALA H 70 -54.25 -12.71 25.01
C ALA H 70 -54.02 -11.38 25.77
N ASN H 71 -53.03 -10.60 25.34
CA ASN H 71 -52.62 -9.34 26.02
C ASN H 71 -53.15 -8.11 25.29
N THR H 72 -53.53 -8.27 24.03
CA THR H 72 -53.99 -7.16 23.17
C THR H 72 -54.87 -7.80 22.12
N PHE H 73 -55.99 -7.17 21.81
CA PHE H 73 -56.79 -7.60 20.64
C PHE H 73 -56.55 -6.66 19.48
N ARG H 74 -56.49 -7.28 18.31
CA ARG H 74 -56.27 -6.60 17.02
C ARG H 74 -57.61 -6.52 16.31
N PHE H 75 -57.96 -5.27 15.94
CA PHE H 75 -59.19 -4.96 15.17
C PHE H 75 -58.72 -4.60 13.77
N ASN H 76 -58.86 -5.54 12.85
CA ASN H 76 -58.35 -5.44 11.48
C ASN H 76 -59.40 -4.69 10.64
N PHE H 77 -59.11 -3.42 10.32
CA PHE H 77 -60.03 -2.56 9.54
C PHE H 77 -59.97 -2.87 8.05
N SER H 78 -59.24 -3.90 7.63
CA SER H 78 -59.31 -4.47 6.26
C SER H 78 -60.69 -5.13 6.04
N HIS H 79 -61.36 -5.57 7.11
CA HIS H 79 -62.62 -6.37 7.05
C HIS H 79 -63.57 -5.85 8.12
N GLY H 80 -64.81 -5.56 7.72
CA GLY H 80 -65.86 -5.05 8.62
C GLY H 80 -65.87 -3.54 8.68
N ASP H 81 -67.06 -2.93 8.59
CA ASP H 81 -67.28 -1.46 8.55
C ASP H 81 -67.16 -0.91 9.97
N HIS H 82 -67.27 0.41 10.12
CA HIS H 82 -67.09 1.11 11.42
C HIS H 82 -68.07 0.52 12.43
N GLN H 83 -69.33 0.30 12.04
CA GLN H 83 -70.32 -0.23 12.99
C GLN H 83 -69.85 -1.59 13.56
N GLU H 84 -69.40 -2.54 12.73
CA GLU H 84 -68.98 -3.89 13.19
C GLU H 84 -67.79 -3.67 14.14
N GLN H 85 -66.84 -2.79 13.78
CA GLN H 85 -65.60 -2.56 14.58
C GLN H 85 -65.97 -1.98 15.94
N GLY H 86 -66.79 -0.92 15.97
CA GLY H 86 -67.18 -0.23 17.22
C GLY H 86 -67.93 -1.18 18.15
N GLU H 87 -68.82 -1.98 17.58
CA GLU H 87 -69.62 -2.98 18.33
C GLU H 87 -68.66 -4.05 18.94
N ARG H 88 -67.64 -4.48 18.19
CA ARG H 88 -66.68 -5.50 18.68
C ARG H 88 -65.81 -4.89 19.79
N MET H 89 -65.37 -3.66 19.65
CA MET H 89 -64.63 -2.96 20.74
C MET H 89 -65.50 -2.88 22.00
N ALA H 90 -66.80 -2.58 21.88
CA ALA H 90 -67.73 -2.55 23.04
C ALA H 90 -67.78 -3.93 23.68
N THR H 91 -67.81 -5.00 22.89
CA THR H 91 -67.89 -6.40 23.40
C THR H 91 -66.62 -6.71 24.20
N VAL H 92 -65.47 -6.25 23.72
CA VAL H 92 -64.17 -6.45 24.43
C VAL H 92 -64.21 -5.74 25.77
N LYS H 93 -64.82 -4.54 25.83
CA LYS H 93 -64.91 -3.78 27.09
C LYS H 93 -65.74 -4.56 28.12
N LEU H 94 -66.81 -5.25 27.70
CA LEU H 94 -67.59 -6.14 28.60
C LEU H 94 -66.72 -7.33 29.02
N ALA H 95 -66.00 -7.95 28.07
CA ALA H 95 -65.13 -9.12 28.32
C ALA H 95 -64.12 -8.78 29.41
N GLU H 96 -63.55 -7.58 29.39
CA GLU H 96 -62.56 -7.18 30.42
C GLU H 96 -63.23 -7.26 31.80
N LYS H 97 -64.50 -6.86 31.87
CA LYS H 97 -65.26 -6.85 33.15
C LYS H 97 -65.45 -8.28 33.61
N ILE H 98 -65.75 -9.19 32.67
CA ILE H 98 -65.99 -10.62 33.01
C ILE H 98 -64.67 -11.22 33.50
N ALA H 99 -63.56 -10.92 32.82
CA ALA H 99 -62.25 -11.53 33.09
C ALA H 99 -61.66 -10.94 34.37
N GLY H 100 -62.03 -9.70 34.70
CA GLY H 100 -61.35 -8.92 35.77
C GLY H 100 -59.94 -8.55 35.36
N LYS H 101 -59.66 -8.47 34.06
CA LYS H 101 -58.32 -8.14 33.54
C LYS H 101 -58.49 -7.22 32.35
N LYS H 102 -57.58 -6.28 32.20
CA LYS H 102 -57.60 -5.35 31.05
C LYS H 102 -56.71 -5.87 29.93
N VAL H 103 -57.00 -5.46 28.69
CA VAL H 103 -56.19 -5.79 27.49
C VAL H 103 -55.99 -4.52 26.66
N GLY H 104 -54.99 -4.57 25.80
CA GLY H 104 -54.68 -3.54 24.80
C GLY H 104 -55.63 -3.62 23.63
N PHE H 105 -55.93 -2.47 23.06
CA PHE H 105 -56.78 -2.36 21.86
C PHE H 105 -55.88 -1.88 20.74
N LEU H 106 -55.74 -2.65 19.68
CA LEU H 106 -54.84 -2.34 18.56
C LEU H 106 -55.69 -2.25 17.29
N LEU H 107 -55.58 -1.14 16.58
CA LEU H 107 -56.25 -0.94 15.27
C LEU H 107 -55.21 -1.24 14.20
N ASP H 108 -55.58 -2.06 13.25
CA ASP H 108 -54.71 -2.42 12.12
C ASP H 108 -55.32 -1.83 10.85
N THR H 109 -54.56 -1.00 10.13
CA THR H 109 -55.12 -0.22 8.99
C THR H 109 -55.34 -1.10 7.75
N LYS H 110 -56.28 -0.70 6.90
CA LYS H 110 -56.49 -1.36 5.60
C LYS H 110 -55.23 -1.14 4.77
N GLY H 111 -54.83 0.11 4.65
CA GLY H 111 -53.65 0.51 3.89
C GLY H 111 -53.83 0.33 2.39
N PRO H 112 -52.73 0.51 1.64
CA PRO H 112 -52.77 0.42 0.19
C PRO H 112 -53.06 -1.03 -0.16
N GLU H 113 -54.03 -1.21 -1.03
CA GLU H 113 -54.54 -2.55 -1.39
C GLU H 113 -54.71 -2.52 -2.89
N ILE H 114 -54.27 -3.57 -3.55
CA ILE H 114 -54.67 -3.87 -4.94
C ILE H 114 -55.45 -5.18 -4.88
N ARG H 115 -56.63 -5.23 -5.52
CA ARG H 115 -57.48 -6.45 -5.58
C ARG H 115 -57.90 -6.66 -7.04
N THR H 116 -58.13 -7.91 -7.44
CA THR H 116 -58.64 -8.23 -8.80
C THR H 116 -60.08 -7.73 -8.94
N GLU H 117 -60.44 -7.23 -10.13
CA GLU H 117 -61.77 -6.64 -10.39
C GLU H 117 -62.82 -7.75 -10.53
N LEU H 118 -64.09 -7.35 -10.51
CA LEU H 118 -65.21 -8.27 -10.86
C LEU H 118 -65.07 -8.64 -12.33
N PHE H 119 -65.34 -9.92 -12.64
CA PHE H 119 -65.55 -10.41 -14.03
C PHE H 119 -67.01 -10.11 -14.45
N GLU H 120 -67.18 -9.56 -15.65
CA GLU H 120 -68.52 -9.31 -16.28
C GLU H 120 -69.10 -10.64 -16.76
N GLY H 121 -70.44 -10.76 -16.74
CA GLY H 121 -71.17 -12.02 -16.86
C GLY H 121 -71.13 -12.80 -15.55
N GLU H 122 -70.92 -12.10 -14.43
CA GLU H 122 -70.96 -12.67 -13.06
C GLU H 122 -70.21 -14.01 -13.00
N ALA H 123 -69.20 -14.20 -13.87
CA ALA H 123 -68.21 -15.30 -13.78
C ALA H 123 -67.44 -15.09 -12.47
N LYS H 124 -67.20 -16.14 -11.69
CA LYS H 124 -66.56 -16.01 -10.35
C LYS H 124 -65.03 -15.89 -10.49
N GLU H 125 -64.45 -16.62 -11.46
CA GLU H 125 -63.00 -16.95 -11.56
C GLU H 125 -62.74 -17.69 -12.89
N TYR H 126 -61.52 -17.62 -13.42
CA TYR H 126 -61.04 -18.56 -14.46
C TYR H 126 -59.77 -19.26 -13.93
N SER H 127 -59.46 -20.40 -14.51
CA SER H 127 -58.24 -21.20 -14.23
C SER H 127 -57.27 -21.04 -15.41
N TYR H 128 -55.97 -21.06 -15.12
CA TYR H 128 -54.90 -20.79 -16.12
C TYR H 128 -53.83 -21.84 -15.95
N LYS H 129 -53.15 -22.12 -17.05
CA LYS H 129 -52.02 -23.08 -17.15
C LYS H 129 -50.70 -22.32 -17.32
N THR H 130 -49.65 -22.84 -16.67
CA THR H 130 -48.24 -22.42 -16.81
C THR H 130 -47.94 -22.22 -18.30
N GLY H 131 -47.66 -20.97 -18.70
CA GLY H 131 -47.19 -20.64 -20.05
C GLY H 131 -48.21 -19.84 -20.82
N GLU H 132 -49.47 -19.89 -20.43
CA GLU H 132 -50.52 -19.06 -21.05
C GLU H 132 -50.09 -17.60 -20.98
N LYS H 133 -50.49 -16.87 -22.01
CA LYS H 133 -50.19 -15.45 -22.22
C LYS H 133 -51.50 -14.69 -22.16
N ILE H 134 -51.65 -13.80 -21.18
CA ILE H 134 -52.82 -12.90 -21.00
C ILE H 134 -52.29 -11.51 -20.72
N ARG H 135 -53.20 -10.58 -20.46
CA ARG H 135 -52.95 -9.14 -20.24
C ARG H 135 -53.51 -8.71 -18.88
N VAL H 136 -52.96 -7.64 -18.30
CA VAL H 136 -53.52 -6.99 -17.08
C VAL H 136 -53.74 -5.50 -17.39
N ALA H 137 -54.81 -4.92 -16.86
CA ALA H 137 -55.36 -3.60 -17.25
C ALA H 137 -55.23 -2.57 -16.12
N THR H 138 -54.32 -1.61 -16.32
CA THR H 138 -54.12 -0.42 -15.44
C THR H 138 -55.43 0.38 -15.40
N LYS H 139 -56.06 0.60 -16.55
CA LYS H 139 -57.33 1.40 -16.63
C LYS H 139 -58.27 0.96 -15.50
N GLN H 140 -58.83 1.92 -14.76
CA GLN H 140 -59.62 1.74 -13.51
C GLN H 140 -61.13 1.83 -13.78
N GLY H 141 -61.99 1.35 -12.86
CA GLY H 141 -63.46 1.29 -12.98
C GLY H 141 -63.97 0.03 -13.70
N ILE H 142 -63.40 -0.24 -14.89
CA ILE H 142 -63.78 -1.29 -15.90
C ILE H 142 -63.57 -2.70 -15.32
N LYS H 143 -64.29 -3.72 -15.82
CA LYS H 143 -64.32 -5.09 -15.24
C LYS H 143 -63.34 -6.02 -15.95
N SER H 144 -63.12 -7.21 -15.37
CA SER H 144 -62.17 -8.26 -15.84
C SER H 144 -62.84 -9.14 -16.91
N THR H 145 -62.10 -9.50 -17.96
CA THR H 145 -62.32 -10.66 -18.87
C THR H 145 -61.31 -11.76 -18.54
N ARG H 146 -61.63 -13.01 -18.81
CA ARG H 146 -60.64 -14.12 -18.71
C ARG H 146 -59.28 -13.67 -19.25
N GLU H 147 -59.27 -12.88 -20.34
CA GLU H 147 -58.04 -12.61 -21.15
C GLU H 147 -57.35 -11.32 -20.67
N VAL H 148 -58.09 -10.41 -20.04
CA VAL H 148 -57.59 -9.06 -19.64
C VAL H 148 -58.10 -8.77 -18.23
N ILE H 149 -57.26 -9.06 -17.22
CA ILE H 149 -57.60 -8.89 -15.78
C ILE H 149 -57.48 -7.40 -15.47
N ALA H 150 -58.52 -6.83 -14.84
CA ALA H 150 -58.52 -5.46 -14.29
C ALA H 150 -58.28 -5.46 -12.77
N LEU H 151 -57.74 -4.36 -12.26
CA LEU H 151 -57.35 -4.21 -10.83
C LEU H 151 -58.13 -3.06 -10.19
N ASN H 152 -58.64 -3.34 -8.99
CA ASN H 152 -59.13 -2.37 -7.98
C ASN H 152 -57.95 -1.89 -7.11
N VAL H 153 -57.26 -0.84 -7.57
CA VAL H 153 -56.17 -0.10 -6.87
C VAL H 153 -56.80 0.94 -5.93
N ALA H 154 -56.25 1.09 -4.73
CA ALA H 154 -56.64 2.11 -3.73
C ALA H 154 -56.44 3.53 -4.30
N GLY H 155 -57.46 4.39 -4.15
CA GLY H 155 -57.50 5.77 -4.69
C GLY H 155 -57.59 5.82 -6.21
N ALA H 156 -57.94 4.71 -6.85
CA ALA H 156 -58.10 4.59 -8.33
C ALA H 156 -56.81 5.01 -9.04
N LEU H 157 -55.64 4.75 -8.47
CA LEU H 157 -54.35 5.14 -9.09
C LEU H 157 -54.16 4.31 -10.36
N ASP H 158 -53.25 4.78 -11.22
CA ASP H 158 -52.96 4.27 -12.58
C ASP H 158 -51.50 3.87 -12.59
N ILE H 159 -51.22 2.58 -12.67
CA ILE H 159 -49.94 2.04 -12.17
C ILE H 159 -49.04 1.74 -13.36
N TYR H 160 -49.47 2.02 -14.59
CA TYR H 160 -48.73 1.60 -15.82
C TYR H 160 -47.26 1.99 -15.71
N ASP H 161 -46.99 3.24 -15.30
CA ASP H 161 -45.62 3.83 -15.26
C ASP H 161 -44.77 3.11 -14.21
N ASP H 162 -45.42 2.56 -13.17
CA ASP H 162 -44.75 2.14 -11.91
C ASP H 162 -44.22 0.71 -12.03
N VAL H 163 -44.69 -0.04 -13.02
CA VAL H 163 -44.32 -1.48 -13.10
C VAL H 163 -43.61 -1.77 -14.43
N GLU H 164 -42.42 -2.39 -14.31
CA GLU H 164 -41.42 -2.69 -15.37
C GLU H 164 -41.52 -4.16 -15.80
N VAL H 165 -40.87 -4.48 -16.91
CA VAL H 165 -40.78 -5.85 -17.49
C VAL H 165 -39.87 -6.63 -16.56
N GLY H 166 -40.30 -7.84 -16.17
CA GLY H 166 -39.54 -8.76 -15.30
C GLY H 166 -40.13 -8.75 -13.91
N ARG H 167 -40.97 -7.76 -13.62
CA ARG H 167 -41.84 -7.66 -12.42
C ARG H 167 -42.93 -8.73 -12.51
N GLN H 168 -43.49 -9.06 -11.37
CA GLN H 168 -44.50 -10.13 -11.20
C GLN H 168 -45.74 -9.44 -10.69
N VAL H 169 -46.90 -9.83 -11.21
CA VAL H 169 -48.20 -9.54 -10.57
C VAL H 169 -48.62 -10.86 -9.93
N LEU H 170 -48.76 -10.87 -8.61
CA LEU H 170 -49.04 -12.10 -7.84
C LEU H 170 -50.45 -11.99 -7.26
N VAL H 171 -51.24 -13.03 -7.49
CA VAL H 171 -52.69 -13.01 -7.21
C VAL H 171 -52.98 -14.07 -6.12
N ASP H 172 -53.72 -13.66 -5.10
CA ASP H 172 -54.29 -14.53 -4.02
C ASP H 172 -53.19 -15.14 -3.11
N ASP H 173 -52.68 -14.37 -2.14
CA ASP H 173 -51.59 -14.81 -1.23
C ASP H 173 -50.44 -15.39 -2.05
N GLY H 174 -50.14 -14.77 -3.19
CA GLY H 174 -48.94 -15.13 -3.97
C GLY H 174 -49.03 -16.50 -4.61
N LYS H 175 -50.23 -17.09 -4.69
CA LYS H 175 -50.42 -18.50 -5.17
C LYS H 175 -50.21 -18.54 -6.69
N LEU H 176 -50.66 -17.51 -7.41
CA LEU H 176 -50.53 -17.48 -8.88
C LEU H 176 -49.69 -16.29 -9.31
N GLY H 177 -48.59 -16.56 -9.99
CA GLY H 177 -47.67 -15.54 -10.48
C GLY H 177 -47.90 -15.30 -11.94
N LEU H 178 -48.00 -14.03 -12.30
CA LEU H 178 -47.95 -13.56 -13.68
C LEU H 178 -46.62 -12.83 -13.83
N ARG H 179 -45.77 -13.24 -14.77
CA ARG H 179 -44.50 -12.54 -15.11
C ARG H 179 -44.78 -11.53 -16.21
N VAL H 180 -44.62 -10.24 -15.97
CA VAL H 180 -44.60 -9.21 -17.05
C VAL H 180 -43.42 -9.57 -17.97
N VAL H 181 -43.70 -10.06 -19.18
CA VAL H 181 -42.67 -10.43 -20.22
C VAL H 181 -42.50 -9.28 -21.21
N ALA H 182 -43.49 -8.39 -21.31
CA ALA H 182 -43.58 -7.33 -22.33
C ALA H 182 -44.63 -6.34 -21.85
N LYS H 183 -44.59 -5.08 -22.30
CA LYS H 183 -45.66 -4.08 -21.98
C LYS H 183 -46.08 -3.37 -23.26
N ASP H 184 -47.32 -2.90 -23.27
CA ASP H 184 -47.99 -2.38 -24.48
C ASP H 184 -48.44 -0.94 -24.20
N ASP H 185 -47.65 0.03 -24.66
CA ASP H 185 -47.85 1.50 -24.44
C ASP H 185 -49.18 1.90 -25.05
N ALA H 186 -49.46 1.40 -26.25
CA ALA H 186 -50.75 1.51 -26.98
C ALA H 186 -51.95 1.37 -26.03
N THR H 187 -52.08 0.22 -25.34
CA THR H 187 -53.29 -0.18 -24.57
C THR H 187 -53.15 0.18 -23.08
N ARG H 188 -51.92 0.40 -22.59
CA ARG H 188 -51.54 0.46 -21.14
C ARG H 188 -51.87 -0.90 -20.50
N GLU H 189 -51.26 -1.96 -21.03
CA GLU H 189 -51.58 -3.34 -20.58
C GLU H 189 -50.26 -4.10 -20.43
N PHE H 190 -50.13 -4.80 -19.31
CA PHE H 190 -48.98 -5.70 -19.07
C PHE H 190 -49.25 -6.93 -19.92
N GLU H 191 -48.23 -7.45 -20.59
CA GLU H 191 -48.26 -8.79 -21.23
C GLU H 191 -47.62 -9.72 -20.21
N VAL H 192 -48.38 -10.71 -19.75
CA VAL H 192 -47.94 -11.60 -18.66
C VAL H 192 -47.98 -13.03 -19.16
N GLU H 193 -47.02 -13.78 -18.66
CA GLU H 193 -46.93 -15.23 -18.84
C GLU H 193 -47.33 -15.79 -17.47
N VAL H 194 -48.25 -16.74 -17.46
CA VAL H 194 -48.69 -17.46 -16.24
C VAL H 194 -47.53 -18.38 -15.86
N GLU H 195 -47.06 -18.30 -14.62
CA GLU H 195 -45.81 -18.99 -14.21
C GLU H 195 -46.17 -20.34 -13.61
N ASN H 196 -47.43 -20.54 -13.21
CA ASN H 196 -47.85 -21.79 -12.55
C ASN H 196 -49.36 -21.95 -12.75
N ASP H 197 -49.81 -23.21 -12.84
CA ASP H 197 -51.25 -23.58 -12.87
C ASP H 197 -51.89 -22.94 -11.63
N GLY H 198 -52.98 -22.20 -11.80
CA GLY H 198 -53.75 -21.65 -10.68
C GLY H 198 -54.99 -20.90 -11.14
N ILE H 199 -55.67 -20.26 -10.20
CA ILE H 199 -56.96 -19.55 -10.42
C ILE H 199 -56.79 -18.04 -10.23
N ILE H 200 -57.47 -17.23 -11.06
CA ILE H 200 -57.73 -15.79 -10.81
C ILE H 200 -59.22 -15.65 -10.51
N ALA H 201 -59.57 -15.42 -9.24
CA ALA H 201 -60.94 -15.21 -8.75
C ALA H 201 -61.15 -13.71 -8.54
N LYS H 202 -62.39 -13.29 -8.38
CA LYS H 202 -62.78 -11.86 -8.22
C LYS H 202 -62.34 -11.42 -6.81
N GLN H 203 -62.01 -10.14 -6.68
CA GLN H 203 -61.73 -9.44 -5.39
C GLN H 203 -60.65 -10.20 -4.59
N LYS H 204 -59.57 -10.67 -5.23
CA LYS H 204 -58.44 -11.30 -4.48
C LYS H 204 -57.28 -10.30 -4.38
N GLY H 205 -56.47 -10.45 -3.33
CA GLY H 205 -55.27 -9.66 -3.04
C GLY H 205 -54.24 -9.76 -4.15
N VAL H 206 -53.66 -8.63 -4.52
CA VAL H 206 -52.66 -8.58 -5.60
C VAL H 206 -51.43 -7.91 -4.99
N ASN H 207 -50.27 -8.51 -5.21
CA ASN H 207 -48.97 -7.92 -4.82
C ASN H 207 -48.19 -7.71 -6.11
N ILE H 208 -47.49 -6.58 -6.21
CA ILE H 208 -46.55 -6.34 -7.32
C ILE H 208 -45.21 -6.01 -6.70
N PRO H 209 -44.39 -7.03 -6.38
CA PRO H 209 -43.20 -6.80 -5.55
C PRO H 209 -42.23 -5.80 -6.18
N ASN H 210 -41.47 -5.10 -5.31
CA ASN H 210 -40.31 -4.26 -5.72
C ASN H 210 -40.73 -3.15 -6.68
N THR H 211 -41.91 -2.57 -6.52
CA THR H 211 -42.38 -1.37 -7.27
C THR H 211 -42.70 -0.30 -6.25
N LYS H 212 -42.72 0.96 -6.68
CA LYS H 212 -43.00 2.11 -5.80
C LYS H 212 -44.23 2.84 -6.34
N ILE H 213 -45.37 2.16 -6.33
CA ILE H 213 -46.67 2.79 -6.70
C ILE H 213 -46.90 3.96 -5.73
N PRO H 214 -47.13 5.19 -6.24
CA PRO H 214 -47.20 6.36 -5.38
C PRO H 214 -48.48 6.46 -4.53
N PHE H 215 -48.81 5.41 -3.76
CA PHE H 215 -49.88 5.53 -2.75
C PHE H 215 -49.50 6.67 -1.81
N PRO H 216 -50.47 7.46 -1.31
CA PRO H 216 -50.11 8.56 -0.43
C PRO H 216 -49.59 8.06 0.93
N ALA H 217 -48.80 8.90 1.60
CA ALA H 217 -48.23 8.63 2.94
C ALA H 217 -49.35 8.15 3.86
N LEU H 218 -50.51 8.83 3.79
CA LEU H 218 -51.73 8.46 4.55
C LEU H 218 -52.96 8.72 3.67
N ALA H 219 -53.60 7.67 3.16
CA ALA H 219 -54.82 7.75 2.34
C ALA H 219 -56.00 8.25 3.20
N GLU H 220 -56.96 8.91 2.58
CA GLU H 220 -58.16 9.45 3.29
C GLU H 220 -58.87 8.32 4.07
N ARG H 221 -59.13 7.17 3.44
CA ARG H 221 -59.78 6.01 4.11
C ARG H 221 -59.10 5.65 5.44
N ASP H 222 -57.77 5.57 5.43
CA ASP H 222 -56.99 5.20 6.63
C ASP H 222 -57.05 6.34 7.66
N ASN H 223 -56.99 7.58 7.21
CA ASN H 223 -57.16 8.78 8.06
C ASN H 223 -58.51 8.62 8.77
N ASP H 224 -59.57 8.35 8.02
CA ASP H 224 -60.93 8.25 8.58
C ASP H 224 -60.98 7.07 9.58
N ASP H 225 -60.46 5.93 9.17
CA ASP H 225 -60.49 4.68 10.00
C ASP H 225 -59.80 4.94 11.34
N ILE H 226 -58.67 5.60 11.30
CA ILE H 226 -57.86 5.93 12.50
C ILE H 226 -58.60 6.89 13.39
N ARG H 227 -59.17 7.95 12.81
CA ARG H 227 -59.98 8.93 13.59
C ARG H 227 -61.15 8.21 14.26
N PHE H 228 -61.83 7.30 13.59
CA PHE H 228 -62.91 6.50 14.21
C PHE H 228 -62.33 5.70 15.40
N GLY H 229 -61.20 5.03 15.18
CA GLY H 229 -60.60 4.18 16.21
C GLY H 229 -60.23 5.00 17.43
N LEU H 230 -59.59 6.14 17.21
CA LEU H 230 -59.18 7.07 18.27
C LEU H 230 -60.39 7.53 19.08
N GLU H 231 -61.51 7.74 18.40
CA GLU H 231 -62.73 8.23 19.08
C GLU H 231 -63.29 7.09 19.96
N GLN H 232 -63.21 5.85 19.52
CA GLN H 232 -63.66 4.66 20.32
C GLN H 232 -62.77 4.43 21.55
N GLY H 233 -61.47 4.66 21.46
CA GLY H 233 -60.50 4.41 22.55
C GLY H 233 -59.62 3.24 22.14
N ILE H 234 -58.42 3.52 21.66
CA ILE H 234 -57.42 2.47 21.26
C ILE H 234 -56.09 2.84 21.88
N ASN H 235 -55.21 1.84 21.98
CA ASN H 235 -53.88 2.01 22.62
C ASN H 235 -52.79 1.96 21.56
N PHE H 236 -53.04 1.24 20.46
CA PHE H 236 -52.03 0.99 19.42
C PHE H 236 -52.66 1.13 18.04
N ILE H 237 -51.86 1.54 17.10
CA ILE H 237 -52.20 1.44 15.66
C ILE H 237 -51.07 0.69 14.98
N ALA H 238 -51.42 -0.35 14.23
CA ALA H 238 -50.48 -1.04 13.34
C ALA H 238 -50.77 -0.52 11.93
N ILE H 239 -49.76 0.13 11.36
CA ILE H 239 -49.84 0.84 10.06
C ILE H 239 -49.40 -0.11 8.94
N SER H 240 -50.33 -0.54 8.10
CA SER H 240 -50.07 -1.48 6.98
C SER H 240 -49.16 -0.84 5.95
N PHE H 241 -48.23 -1.65 5.41
CA PHE H 241 -47.32 -1.31 4.29
C PHE H 241 -46.56 -0.01 4.56
N VAL H 242 -45.89 0.10 5.71
CA VAL H 242 -45.06 1.31 5.95
C VAL H 242 -43.85 1.20 5.03
N ARG H 243 -43.59 2.28 4.28
CA ARG H 243 -42.49 2.38 3.31
C ARG H 243 -41.39 3.31 3.81
N THR H 244 -41.75 4.38 4.53
CA THR H 244 -40.80 5.42 4.96
C THR H 244 -41.26 5.96 6.28
N ALA H 245 -40.44 6.78 6.93
CA ALA H 245 -40.79 7.44 8.21
C ALA H 245 -42.05 8.29 8.03
N LYS H 246 -42.29 8.80 6.81
CA LYS H 246 -43.43 9.72 6.55
C LYS H 246 -44.73 8.98 6.77
N ASP H 247 -44.82 7.70 6.41
CA ASP H 247 -46.06 6.92 6.62
C ASP H 247 -46.37 6.88 8.12
N VAL H 248 -45.33 6.89 8.97
CA VAL H 248 -45.54 6.84 10.45
C VAL H 248 -45.91 8.26 10.93
N ASN H 249 -45.14 9.25 10.52
CA ASN H 249 -45.26 10.65 11.00
C ASN H 249 -46.63 11.22 10.65
N GLU H 250 -47.27 10.80 9.54
CA GLU H 250 -48.58 11.39 9.20
C GLU H 250 -49.62 10.87 10.17
N VAL H 251 -49.47 9.64 10.67
CA VAL H 251 -50.41 9.06 11.67
C VAL H 251 -50.13 9.70 13.02
N ARG H 252 -48.87 9.90 13.34
CA ARG H 252 -48.44 10.54 14.60
C ARG H 252 -49.11 11.91 14.73
N ALA H 253 -49.18 12.67 13.63
CA ALA H 253 -49.69 14.05 13.60
C ALA H 253 -51.17 14.01 13.99
N ILE H 254 -51.93 13.02 13.49
CA ILE H 254 -53.37 12.83 13.83
C ILE H 254 -53.52 12.47 15.31
N CYS H 255 -52.69 11.58 15.84
CA CYS H 255 -52.77 11.19 17.26
C CYS H 255 -52.55 12.45 18.13
N GLU H 256 -51.60 13.29 17.73
CA GLU H 256 -51.18 14.46 18.56
C GLU H 256 -52.29 15.52 18.42
N GLU H 257 -52.78 15.73 17.22
CA GLU H 257 -53.84 16.73 16.93
C GLU H 257 -55.08 16.43 17.77
N THR H 258 -55.47 15.16 17.92
CA THR H 258 -56.78 14.81 18.52
C THR H 258 -56.65 14.64 20.04
N GLY H 259 -55.49 14.95 20.63
CA GLY H 259 -55.23 14.77 22.08
C GLY H 259 -55.01 13.30 22.47
N ASN H 260 -54.52 12.47 21.54
CA ASN H 260 -54.24 11.03 21.76
C ASN H 260 -52.73 10.74 21.59
N GLY H 261 -51.87 11.59 22.16
CA GLY H 261 -50.40 11.45 22.05
C GLY H 261 -49.89 10.17 22.72
N HIS H 262 -50.69 9.52 23.55
CA HIS H 262 -50.34 8.27 24.30
C HIS H 262 -50.39 7.05 23.36
N VAL H 263 -51.08 7.17 22.21
CA VAL H 263 -51.32 6.02 21.30
C VAL H 263 -49.97 5.66 20.69
N GLN H 264 -49.66 4.37 20.62
CA GLN H 264 -48.34 3.90 20.13
C GLN H 264 -48.48 3.36 18.72
N LEU H 265 -47.51 3.63 17.85
CA LEU H 265 -47.59 3.26 16.44
C LEU H 265 -46.60 2.11 16.18
N PHE H 266 -47.12 1.05 15.58
CA PHE H 266 -46.32 -0.09 15.07
C PHE H 266 -46.34 0.03 13.56
N ALA H 267 -45.18 0.20 12.95
CA ALA H 267 -45.02 0.10 11.48
C ALA H 267 -45.04 -1.38 11.09
N LYS H 268 -45.94 -1.73 10.18
CA LYS H 268 -45.93 -3.06 9.54
C LYS H 268 -44.95 -3.05 8.38
N ILE H 269 -43.88 -3.82 8.55
CA ILE H 269 -42.79 -4.02 7.54
C ILE H 269 -43.20 -5.22 6.72
N GLU H 270 -43.56 -4.94 5.48
CA GLU H 270 -44.07 -6.04 4.61
C GLU H 270 -43.74 -5.83 3.14
N ASN H 271 -42.75 -4.99 2.81
CA ASN H 271 -42.25 -4.97 1.42
C ASN H 271 -40.82 -4.49 1.43
N GLN H 272 -40.18 -4.52 0.27
CA GLN H 272 -38.73 -4.23 0.15
C GLN H 272 -38.42 -2.79 0.61
N GLN H 273 -39.24 -1.80 0.24
CA GLN H 273 -39.01 -0.40 0.67
C GLN H 273 -38.98 -0.28 2.22
N GLY H 274 -39.98 -0.84 2.92
CA GLY H 274 -40.01 -0.89 4.39
C GLY H 274 -38.73 -1.47 4.94
N ILE H 275 -38.26 -2.55 4.34
CA ILE H 275 -36.98 -3.21 4.76
C ILE H 275 -35.83 -2.24 4.50
N ASP H 276 -35.76 -1.64 3.31
CA ASP H 276 -34.62 -0.73 2.95
C ASP H 276 -34.59 0.44 3.94
N ASN H 277 -35.74 0.99 4.35
CA ASN H 277 -35.87 2.18 5.21
C ASN H 277 -36.10 1.80 6.69
N LEU H 278 -35.76 0.58 7.10
CA LEU H 278 -36.10 0.07 8.46
C LEU H 278 -35.54 1.01 9.54
N ASP H 279 -34.33 1.52 9.41
CA ASP H 279 -33.71 2.29 10.52
C ASP H 279 -34.51 3.57 10.77
N GLU H 280 -34.91 4.28 9.70
CA GLU H 280 -35.66 5.54 9.86
C GLU H 280 -37.09 5.19 10.32
N ILE H 281 -37.61 4.05 9.92
CA ILE H 281 -38.99 3.70 10.33
C ILE H 281 -39.00 3.37 11.86
N ILE H 282 -38.05 2.58 12.32
CA ILE H 282 -37.93 2.27 13.77
C ILE H 282 -37.81 3.59 14.55
N GLU H 283 -36.99 4.53 14.07
CA GLU H 283 -36.76 5.84 14.74
C GLU H 283 -38.10 6.56 14.92
N ALA H 284 -38.97 6.56 13.91
CA ALA H 284 -40.29 7.24 13.86
C ALA H 284 -41.35 6.51 14.69
N ALA H 285 -41.30 5.19 14.74
CA ALA H 285 -42.36 4.38 15.37
C ALA H 285 -42.04 4.02 16.84
N ASP H 286 -43.01 3.43 17.50
CA ASP H 286 -42.93 2.88 18.87
C ASP H 286 -42.55 1.40 18.80
N GLY H 287 -42.64 0.81 17.61
CA GLY H 287 -42.34 -0.61 17.43
C GLY H 287 -42.59 -1.06 16.00
N ILE H 288 -42.43 -2.34 15.75
CA ILE H 288 -42.51 -2.96 14.40
C ILE H 288 -43.38 -4.19 14.51
N MET H 289 -44.31 -4.34 13.58
CA MET H 289 -44.98 -5.62 13.36
C MET H 289 -44.32 -6.25 12.13
N ILE H 290 -43.75 -7.43 12.34
CA ILE H 290 -43.09 -8.16 11.24
C ILE H 290 -44.19 -8.90 10.52
N ALA H 291 -44.68 -8.30 9.45
CA ALA H 291 -45.90 -8.73 8.76
C ALA H 291 -45.50 -9.79 7.72
N ARG H 292 -45.22 -11.02 8.17
CA ARG H 292 -44.51 -12.04 7.34
C ARG H 292 -45.40 -12.46 6.17
N GLY H 293 -46.73 -12.30 6.28
CA GLY H 293 -47.67 -12.74 5.23
C GLY H 293 -47.32 -12.04 3.92
N ASP H 294 -47.45 -10.72 3.90
CA ASP H 294 -47.11 -9.89 2.71
C ASP H 294 -45.62 -9.92 2.50
N MET H 295 -44.83 -9.92 3.57
CA MET H 295 -43.38 -9.82 3.38
C MET H 295 -42.88 -11.02 2.55
N GLY H 296 -43.39 -12.22 2.82
CA GLY H 296 -42.94 -13.44 2.10
C GLY H 296 -43.41 -13.49 0.66
N ILE H 297 -44.32 -12.59 0.26
CA ILE H 297 -44.73 -12.43 -1.18
C ILE H 297 -43.90 -11.33 -1.83
N GLU H 298 -43.68 -10.25 -1.09
CA GLU H 298 -43.01 -9.00 -1.56
C GLU H 298 -41.49 -9.19 -1.61
N VAL H 299 -40.91 -10.13 -0.85
CA VAL H 299 -39.45 -10.43 -0.89
C VAL H 299 -39.31 -11.93 -1.09
N PRO H 300 -38.14 -12.45 -1.48
CA PRO H 300 -37.93 -13.90 -1.57
C PRO H 300 -38.30 -14.57 -0.25
N PHE H 301 -39.16 -15.57 -0.31
CA PHE H 301 -39.77 -16.17 0.91
C PHE H 301 -38.64 -16.68 1.83
N GLU H 302 -37.54 -17.16 1.26
CA GLU H 302 -36.43 -17.76 2.05
C GLU H 302 -35.61 -16.69 2.77
N MET H 303 -35.83 -15.42 2.49
CA MET H 303 -35.18 -14.27 3.19
C MET H 303 -35.99 -13.87 4.41
N VAL H 304 -37.24 -14.27 4.55
CA VAL H 304 -38.09 -13.79 5.68
C VAL H 304 -37.41 -14.14 7.02
N PRO H 305 -36.88 -15.37 7.24
CA PRO H 305 -36.26 -15.70 8.52
C PRO H 305 -35.04 -14.82 8.82
N VAL H 306 -34.31 -14.42 7.79
CA VAL H 306 -33.11 -13.54 7.94
C VAL H 306 -33.61 -12.19 8.44
N TYR H 307 -34.60 -11.60 7.77
CA TYR H 307 -35.14 -10.27 8.12
C TYR H 307 -35.80 -10.32 9.49
N GLN H 308 -36.47 -11.40 9.81
CA GLN H 308 -37.15 -11.57 11.13
C GLN H 308 -36.13 -11.45 12.26
N LYS H 309 -35.03 -12.18 12.18
CA LYS H 309 -34.00 -12.15 13.25
C LYS H 309 -33.35 -10.77 13.33
N MET H 310 -33.05 -10.16 12.18
CA MET H 310 -32.41 -8.84 12.11
C MET H 310 -33.34 -7.76 12.68
N ILE H 311 -34.62 -7.78 12.33
CA ILE H 311 -35.59 -6.76 12.81
C ILE H 311 -35.74 -6.87 14.34
N ILE H 312 -35.85 -8.09 14.84
CA ILE H 312 -36.07 -8.29 16.30
C ILE H 312 -34.86 -7.68 16.99
N LYS H 313 -33.67 -7.97 16.47
CA LYS H 313 -32.42 -7.48 17.11
C LYS H 313 -32.44 -5.94 17.11
N LYS H 314 -32.71 -5.32 15.97
CA LYS H 314 -32.66 -3.84 15.81
C LYS H 314 -33.73 -3.12 16.64
N VAL H 315 -34.93 -3.64 16.70
CA VAL H 315 -36.03 -3.03 17.46
C VAL H 315 -35.76 -3.15 18.96
N ASN H 316 -35.20 -4.28 19.37
CA ASN H 316 -34.81 -4.45 20.79
C ASN H 316 -33.69 -3.45 21.12
N ALA H 317 -32.70 -3.26 20.25
CA ALA H 317 -31.57 -2.36 20.52
C ALA H 317 -32.09 -0.93 20.63
N ALA H 318 -33.22 -0.62 20.00
CA ALA H 318 -33.81 0.73 20.02
C ALA H 318 -34.72 0.91 21.24
N GLY H 319 -34.94 -0.11 22.06
CA GLY H 319 -35.84 -0.06 23.22
C GLY H 319 -37.32 -0.06 22.86
N LYS H 320 -37.69 -0.65 21.72
CA LYS H 320 -39.04 -0.59 21.16
C LYS H 320 -39.60 -2.03 21.08
N VAL H 321 -40.84 -2.16 20.63
CA VAL H 321 -41.62 -3.43 20.75
C VAL H 321 -41.65 -4.07 19.36
N VAL H 322 -41.35 -5.36 19.31
CA VAL H 322 -41.53 -6.12 18.04
C VAL H 322 -42.54 -7.24 18.22
N ILE H 323 -43.47 -7.27 17.26
CA ILE H 323 -44.51 -8.31 17.12
C ILE H 323 -44.16 -9.16 15.91
N THR H 324 -44.00 -10.46 16.13
CA THR H 324 -43.88 -11.46 15.05
C THR H 324 -45.27 -11.97 14.68
N ALA H 325 -45.66 -11.87 13.40
CA ALA H 325 -47.02 -12.14 12.95
C ALA H 325 -47.08 -13.14 11.78
N THR H 326 -48.23 -13.80 11.69
CA THR H 326 -48.87 -14.45 10.50
C THR H 326 -48.44 -15.92 10.37
N ASN H 327 -49.43 -16.81 10.28
CA ASN H 327 -49.33 -18.29 10.06
C ASN H 327 -48.65 -18.99 11.25
N MET H 328 -48.55 -18.33 12.40
CA MET H 328 -47.77 -18.92 13.52
C MET H 328 -48.40 -20.25 13.94
N LEU H 329 -49.73 -20.37 14.02
CA LEU H 329 -50.42 -21.66 14.31
C LEU H 329 -51.51 -21.92 13.24
N GLU H 330 -51.17 -21.70 11.98
CA GLU H 330 -52.09 -21.63 10.82
C GLU H 330 -53.05 -22.83 10.76
N THR H 331 -52.53 -24.04 10.99
CA THR H 331 -53.31 -25.29 10.87
C THR H 331 -54.45 -25.28 11.88
N MET H 332 -54.32 -24.56 13.00
CA MET H 332 -55.34 -24.53 14.07
C MET H 332 -56.55 -23.66 13.66
N THR H 333 -56.51 -23.02 12.52
CA THR H 333 -57.71 -22.45 11.86
C THR H 333 -58.75 -23.56 11.61
N GLU H 334 -58.29 -24.74 11.22
CA GLU H 334 -59.15 -25.85 10.73
C GLU H 334 -59.06 -27.09 11.62
N LYS H 335 -57.96 -27.30 12.34
CA LYS H 335 -57.75 -28.54 13.14
C LYS H 335 -57.37 -28.20 14.56
N PRO H 336 -57.65 -29.09 15.53
CA PRO H 336 -57.43 -28.74 16.92
C PRO H 336 -55.97 -28.81 17.40
N ARG H 337 -55.04 -29.23 16.56
CA ARG H 337 -53.63 -29.26 17.00
C ARG H 337 -52.77 -28.63 15.92
N ALA H 338 -51.70 -28.01 16.37
CA ALA H 338 -50.74 -27.31 15.50
C ALA H 338 -49.76 -28.35 14.94
N THR H 339 -49.19 -28.05 13.79
CA THR H 339 -48.12 -28.90 13.18
C THR H 339 -46.81 -28.71 13.95
N ARG H 340 -45.86 -29.62 13.75
CA ARG H 340 -44.53 -29.49 14.37
C ARG H 340 -43.82 -28.20 13.89
N SER H 341 -43.98 -27.82 12.64
CA SER H 341 -43.36 -26.59 12.08
C SER H 341 -43.96 -25.35 12.75
N GLU H 342 -45.25 -25.34 13.05
CA GLU H 342 -45.90 -24.19 13.74
C GLU H 342 -45.36 -24.05 15.16
N VAL H 343 -45.21 -25.15 15.86
CA VAL H 343 -44.71 -25.11 17.25
C VAL H 343 -43.29 -24.58 17.23
N SER H 344 -42.51 -25.09 16.30
CA SER H 344 -41.12 -24.65 16.03
C SER H 344 -41.04 -23.14 15.74
N ASP H 345 -41.93 -22.64 14.90
CA ASP H 345 -41.96 -21.22 14.50
C ASP H 345 -42.20 -20.34 15.73
N VAL H 346 -43.19 -20.69 16.57
CA VAL H 346 -43.54 -19.88 17.77
C VAL H 346 -42.34 -19.91 18.71
N PHE H 347 -41.82 -21.11 18.97
CA PHE H 347 -40.68 -21.29 19.89
C PHE H 347 -39.51 -20.42 19.45
N ASN H 348 -39.13 -20.51 18.18
CA ASN H 348 -37.96 -19.80 17.64
C ASN H 348 -38.19 -18.28 17.61
N ALA H 349 -39.44 -17.83 17.46
CA ALA H 349 -39.70 -16.37 17.52
C ALA H 349 -39.33 -15.85 18.91
N VAL H 350 -39.69 -16.60 19.93
CA VAL H 350 -39.33 -16.24 21.33
C VAL H 350 -37.82 -16.22 21.47
N ILE H 351 -37.14 -17.29 21.04
CA ILE H 351 -35.66 -17.35 21.18
C ILE H 351 -35.00 -16.21 20.40
N ASP H 352 -35.53 -15.84 19.26
CA ASP H 352 -35.02 -14.72 18.43
C ASP H 352 -35.09 -13.40 19.25
N GLY H 353 -36.04 -13.27 20.17
CA GLY H 353 -36.16 -12.12 21.07
C GLY H 353 -37.44 -11.35 20.92
N THR H 354 -38.46 -11.93 20.29
CA THR H 354 -39.70 -11.16 20.04
C THR H 354 -40.34 -10.74 21.37
N ASP H 355 -40.95 -9.56 21.40
CA ASP H 355 -41.74 -9.12 22.59
C ASP H 355 -43.08 -9.84 22.56
N ALA H 356 -43.61 -10.06 21.36
CA ALA H 356 -45.00 -10.51 21.16
C ALA H 356 -45.07 -11.42 19.94
N THR H 357 -46.00 -12.36 20.00
CA THR H 357 -46.43 -13.26 18.92
C THR H 357 -47.88 -12.96 18.59
N MET H 358 -48.25 -13.19 17.36
CA MET H 358 -49.61 -12.80 16.88
C MET H 358 -50.39 -14.00 16.31
N LEU H 359 -51.70 -13.99 16.50
CA LEU H 359 -52.69 -14.84 15.79
C LEU H 359 -53.57 -13.94 14.93
N SER H 360 -53.86 -14.42 13.73
CA SER H 360 -54.72 -13.70 12.75
C SER H 360 -55.98 -14.55 12.58
N GLY H 361 -56.11 -15.35 11.51
CA GLY H 361 -57.31 -16.16 11.28
C GLY H 361 -57.55 -17.16 12.39
N GLU H 362 -56.48 -17.65 13.02
CA GLU H 362 -56.58 -18.69 14.08
C GLU H 362 -57.50 -18.22 15.21
N SER H 363 -57.42 -16.95 15.62
CA SER H 363 -58.29 -16.35 16.66
C SER H 363 -59.51 -15.64 16.04
N ALA H 364 -59.44 -15.14 14.80
CA ALA H 364 -60.53 -14.29 14.28
C ALA H 364 -61.63 -15.11 13.60
N ASN H 365 -61.23 -16.14 12.85
CA ASN H 365 -62.11 -16.81 11.84
C ASN H 365 -62.07 -18.32 11.96
N GLY H 366 -61.23 -18.87 12.83
CA GLY H 366 -61.03 -20.33 12.86
C GLY H 366 -62.02 -21.05 13.74
N LYS H 367 -61.93 -22.35 13.73
CA LYS H 367 -62.74 -23.31 14.52
C LYS H 367 -62.30 -23.40 15.98
N TYR H 368 -61.07 -22.97 16.33
CA TYR H 368 -60.46 -23.25 17.64
C TYR H 368 -59.78 -22.00 18.19
N PRO H 369 -60.49 -20.84 18.27
CA PRO H 369 -59.85 -19.61 18.74
C PRO H 369 -59.26 -19.72 20.14
N LEU H 370 -60.04 -20.30 21.07
CA LEU H 370 -59.56 -20.43 22.48
C LEU H 370 -58.34 -21.38 22.52
N GLU H 371 -58.41 -22.51 21.81
CA GLU H 371 -57.31 -23.50 21.81
C GLU H 371 -56.07 -22.85 21.16
N SER H 372 -56.22 -22.03 20.13
CA SER H 372 -55.11 -21.31 19.46
C SER H 372 -54.36 -20.43 20.47
N VAL H 373 -55.07 -19.61 21.25
CA VAL H 373 -54.42 -18.72 22.24
C VAL H 373 -53.76 -19.56 23.34
N THR H 374 -54.41 -20.63 23.79
CA THR H 374 -53.85 -21.50 24.87
C THR H 374 -52.52 -22.12 24.39
N THR H 375 -52.52 -22.65 23.16
CA THR H 375 -51.38 -23.37 22.56
C THR H 375 -50.22 -22.40 22.42
N MET H 376 -50.51 -21.21 21.88
CA MET H 376 -49.47 -20.17 21.75
C MET H 376 -48.92 -19.81 23.12
N ALA H 377 -49.78 -19.67 24.13
CA ALA H 377 -49.33 -19.32 25.49
C ALA H 377 -48.43 -20.44 26.04
N THR H 378 -48.85 -21.71 25.87
CA THR H 378 -48.05 -22.87 26.33
C THR H 378 -46.65 -22.82 25.71
N ILE H 379 -46.54 -22.61 24.40
CA ILE H 379 -45.23 -22.63 23.69
C ILE H 379 -44.42 -21.41 24.18
N ASP H 380 -45.04 -20.23 24.24
CA ASP H 380 -44.33 -19.00 24.65
C ASP H 380 -43.74 -19.19 26.05
N LYS H 381 -44.51 -19.74 26.98
CA LYS H 381 -44.06 -19.94 28.39
C LYS H 381 -42.91 -20.95 28.46
N ASN H 382 -42.96 -22.03 27.70
CA ASN H 382 -41.84 -23.00 27.67
C ASN H 382 -40.62 -22.35 27.06
N ALA H 383 -40.76 -21.62 25.95
CA ALA H 383 -39.58 -21.03 25.29
C ALA H 383 -38.89 -20.01 26.21
N GLN H 384 -39.61 -19.22 27.00
CA GLN H 384 -38.98 -18.15 27.83
C GLN H 384 -37.95 -18.79 28.78
N ALA H 385 -38.19 -20.05 29.17
CA ALA H 385 -37.31 -20.80 30.09
C ALA H 385 -36.01 -21.19 29.40
N LEU H 386 -35.93 -21.11 28.06
CA LEU H 386 -34.67 -21.41 27.35
C LEU H 386 -33.93 -20.14 26.88
N LEU H 387 -34.39 -18.95 27.26
CA LEU H 387 -33.72 -17.72 26.77
C LEU H 387 -32.30 -17.62 27.33
N ASN H 388 -32.03 -18.07 28.56
CA ASN H 388 -30.65 -18.02 29.13
C ASN H 388 -29.70 -18.91 28.29
N GLU H 389 -30.17 -20.07 27.86
CA GLU H 389 -29.35 -21.03 27.06
C GLU H 389 -29.21 -20.56 25.60
N TYR H 390 -30.30 -20.20 24.94
CA TYR H 390 -30.35 -20.07 23.47
C TYR H 390 -30.70 -18.63 23.05
N GLY H 391 -31.15 -17.73 23.94
CA GLY H 391 -31.64 -16.41 23.51
C GLY H 391 -30.64 -15.71 22.60
N ARG H 392 -31.11 -15.12 21.51
CA ARG H 392 -30.24 -14.43 20.52
C ARG H 392 -29.91 -13.01 20.99
N LEU H 393 -30.76 -12.36 21.76
CA LEU H 393 -30.50 -10.96 22.13
C LEU H 393 -29.30 -10.92 23.08
N ASP H 394 -28.51 -9.86 23.00
CA ASP H 394 -27.26 -9.68 23.79
C ASP H 394 -27.26 -8.27 24.44
N SER H 395 -27.78 -8.12 25.64
CA SER H 395 -27.89 -6.79 26.32
C SER H 395 -26.51 -6.23 26.71
N ASP H 396 -25.52 -7.10 26.88
CA ASP H 396 -24.14 -6.71 27.23
C ASP H 396 -23.56 -5.79 26.13
N SER H 397 -24.04 -5.90 24.91
CA SER H 397 -23.53 -5.10 23.77
C SER H 397 -24.10 -3.67 23.76
N PHE H 398 -25.18 -3.35 24.46
CA PHE H 398 -25.85 -2.04 24.31
C PHE H 398 -24.99 -0.92 24.88
N GLU H 399 -25.01 0.23 24.21
CA GLU H 399 -24.59 1.50 24.84
C GLU H 399 -25.71 1.88 25.80
N ARG H 400 -25.38 2.16 27.07
CA ARG H 400 -26.35 2.68 28.08
C ARG H 400 -26.43 4.19 27.78
N ASN H 401 -27.55 4.67 27.24
CA ASN H 401 -27.57 6.03 26.61
C ASN H 401 -28.23 7.07 27.52
N SER H 402 -28.70 6.68 28.70
CA SER H 402 -29.28 7.61 29.67
C SER H 402 -29.13 7.02 31.06
N LYS H 403 -29.35 7.84 32.08
CA LYS H 403 -29.28 7.36 33.48
C LYS H 403 -30.40 6.33 33.77
N THR H 404 -31.60 6.47 33.22
CA THR H 404 -32.64 5.44 33.41
C THR H 404 -32.07 4.12 32.84
N GLU H 405 -31.44 4.18 31.68
CA GLU H 405 -30.92 2.95 31.02
C GLU H 405 -29.80 2.37 31.88
N VAL H 406 -28.99 3.20 32.50
CA VAL H 406 -27.96 2.70 33.43
C VAL H 406 -28.63 1.93 34.57
N MET H 407 -29.69 2.47 35.15
CA MET H 407 -30.44 1.74 36.21
C MET H 407 -31.00 0.42 35.64
N ALA H 408 -31.60 0.41 34.44
CA ALA H 408 -32.10 -0.85 33.82
C ALA H 408 -30.99 -1.92 33.75
N SER H 409 -29.78 -1.54 33.36
CA SER H 409 -28.64 -2.46 33.25
C SER H 409 -28.33 -3.02 34.64
N ALA H 410 -28.38 -2.19 35.67
CA ALA H 410 -28.04 -2.59 37.07
C ALA H 410 -29.12 -3.53 37.55
N VAL H 411 -30.35 -3.30 37.14
CA VAL H 411 -31.47 -4.20 37.48
C VAL H 411 -31.16 -5.59 36.88
N LYS H 412 -30.83 -5.64 35.60
CA LYS H 412 -30.47 -6.91 34.93
C LYS H 412 -29.32 -7.60 35.69
N ASP H 413 -28.27 -6.87 35.99
CA ASP H 413 -27.15 -7.38 36.79
C ASP H 413 -27.65 -8.06 38.08
N ALA H 414 -28.54 -7.40 38.83
CA ALA H 414 -29.03 -7.96 40.10
C ALA H 414 -29.75 -9.29 39.82
N THR H 415 -30.55 -9.39 38.74
CA THR H 415 -31.32 -10.61 38.39
C THR H 415 -30.37 -11.70 37.89
N SER H 416 -29.16 -11.38 37.46
CA SER H 416 -28.10 -12.34 37.06
C SER H 416 -27.29 -12.80 38.28
N SER H 417 -27.21 -11.99 39.32
CA SER H 417 -26.37 -12.26 40.51
C SER H 417 -27.11 -13.20 41.46
N MET H 418 -28.42 -13.11 41.53
CA MET H 418 -29.19 -13.82 42.58
C MET H 418 -30.58 -14.10 42.02
N ASP H 419 -31.31 -14.95 42.72
CA ASP H 419 -32.69 -15.35 42.32
C ASP H 419 -33.65 -14.21 42.72
N ILE H 420 -34.08 -13.43 41.74
CA ILE H 420 -35.04 -12.32 41.90
C ILE H 420 -36.36 -12.79 41.32
N LYS H 421 -37.37 -12.89 42.17
CA LYS H 421 -38.71 -13.33 41.74
C LYS H 421 -39.34 -12.28 40.84
N LEU H 422 -39.09 -10.99 41.11
CA LEU H 422 -39.90 -9.91 40.52
C LEU H 422 -39.10 -8.59 40.55
N VAL H 423 -39.13 -7.88 39.42
CA VAL H 423 -38.64 -6.49 39.31
C VAL H 423 -39.89 -5.61 39.36
N VAL H 424 -39.91 -4.62 40.25
CA VAL H 424 -41.03 -3.67 40.36
C VAL H 424 -40.52 -2.29 40.00
N THR H 425 -41.20 -1.61 39.08
CA THR H 425 -40.88 -0.21 38.70
C THR H 425 -42.13 0.64 38.99
N LEU H 426 -41.96 1.75 39.69
CA LEU H 426 -43.00 2.81 39.83
C LEU H 426 -42.75 3.82 38.73
N THR H 427 -43.61 3.79 37.72
CA THR H 427 -43.34 4.44 36.41
C THR H 427 -44.52 5.30 36.01
N LYS H 428 -44.26 6.58 35.78
CA LYS H 428 -45.33 7.53 35.44
C LYS H 428 -45.80 7.33 34.00
N THR H 429 -44.88 7.22 33.06
CA THR H 429 -45.17 7.17 31.59
C THR H 429 -44.82 5.78 31.02
N GLY H 430 -44.25 4.87 31.83
CA GLY H 430 -43.83 3.54 31.34
C GLY H 430 -42.38 3.49 30.84
N HIS H 431 -41.64 4.60 30.79
CA HIS H 431 -40.28 4.69 30.21
C HIS H 431 -39.33 3.70 30.93
N THR H 432 -39.39 3.68 32.26
CA THR H 432 -38.50 2.84 33.08
C THR H 432 -38.82 1.36 32.78
N ALA H 433 -40.09 1.02 32.69
CA ALA H 433 -40.55 -0.37 32.44
C ALA H 433 -40.11 -0.78 31.03
N ARG H 434 -40.19 0.13 30.04
CA ARG H 434 -39.69 -0.12 28.65
C ARG H 434 -38.18 -0.41 28.67
N LEU H 435 -37.39 0.36 29.40
CA LEU H 435 -35.93 0.13 29.42
C LEU H 435 -35.57 -1.15 30.20
N ILE H 436 -36.26 -1.44 31.29
CA ILE H 436 -35.99 -2.72 32.01
C ILE H 436 -36.35 -3.89 31.07
N SER H 437 -37.47 -3.81 30.37
CA SER H 437 -37.91 -4.87 29.43
C SER H 437 -36.88 -5.07 28.31
N LYS H 438 -36.38 -3.96 27.75
CA LYS H 438 -35.34 -3.96 26.70
C LYS H 438 -34.21 -4.89 27.14
N TYR H 439 -33.82 -4.84 28.41
CA TYR H 439 -32.66 -5.62 28.92
C TYR H 439 -33.02 -7.11 29.18
N ARG H 440 -34.30 -7.51 29.10
CA ARG H 440 -34.71 -8.95 29.24
C ARG H 440 -34.15 -9.54 30.52
N PRO H 441 -34.51 -8.99 31.71
CA PRO H 441 -34.08 -9.55 32.98
C PRO H 441 -34.65 -10.97 33.16
N ASN H 442 -33.96 -11.77 33.97
CA ASN H 442 -34.45 -13.11 34.36
C ASN H 442 -35.45 -12.91 35.51
N ALA H 443 -36.57 -12.23 35.21
CA ALA H 443 -37.58 -11.94 36.24
C ALA H 443 -38.76 -11.30 35.54
N ASP H 444 -39.93 -11.45 36.09
CA ASP H 444 -41.11 -10.70 35.58
C ASP H 444 -40.96 -9.23 36.00
N ILE H 445 -41.65 -8.33 35.33
CA ILE H 445 -41.54 -6.87 35.59
C ILE H 445 -42.93 -6.33 35.94
N LEU H 446 -43.16 -5.97 37.19
CA LEU H 446 -44.44 -5.38 37.62
C LEU H 446 -44.29 -3.87 37.41
N ALA H 447 -45.06 -3.31 36.49
CA ALA H 447 -45.04 -1.85 36.22
C ALA H 447 -46.22 -1.19 36.94
N LEU H 448 -45.92 -0.51 38.04
CA LEU H 448 -46.94 0.20 38.83
C LEU H 448 -47.06 1.58 38.21
N THR H 449 -48.20 1.85 37.61
CA THR H 449 -48.45 3.14 36.94
C THR H 449 -49.79 3.73 37.40
N PHE H 450 -50.03 5.00 37.07
CA PHE H 450 -51.03 5.79 37.82
C PHE H 450 -52.17 6.25 36.92
N ASP H 451 -52.19 5.84 35.65
CA ASP H 451 -53.34 6.04 34.77
C ASP H 451 -53.51 4.83 33.85
N GLU H 452 -54.74 4.57 33.46
CA GLU H 452 -55.13 3.41 32.63
C GLU H 452 -54.51 3.48 31.23
N LEU H 453 -54.30 4.66 30.67
CA LEU H 453 -53.74 4.72 29.28
C LEU H 453 -52.30 4.20 29.30
N THR H 454 -51.50 4.61 30.27
CA THR H 454 -50.09 4.15 30.42
C THR H 454 -50.09 2.64 30.68
N GLU H 455 -51.01 2.20 31.53
CA GLU H 455 -51.19 0.78 31.88
C GLU H 455 -51.39 -0.07 30.61
N ARG H 456 -52.37 0.26 29.80
CA ARG H 456 -52.69 -0.49 28.57
C ARG H 456 -51.58 -0.36 27.55
N GLY H 457 -50.92 0.80 27.52
CA GLY H 457 -49.79 1.05 26.60
C GLY H 457 -48.58 0.16 26.84
N LEU H 458 -48.46 -0.47 28.02
CA LEU H 458 -47.30 -1.37 28.37
C LEU H 458 -47.61 -2.86 28.09
N MET H 459 -48.79 -3.19 27.58
CA MET H 459 -49.27 -4.59 27.56
C MET H 459 -48.56 -5.43 26.49
N LEU H 460 -47.79 -4.83 25.60
CA LEU H 460 -47.07 -5.62 24.54
C LEU H 460 -45.57 -5.63 24.81
N ASN H 461 -45.10 -5.01 25.88
CA ASN H 461 -43.65 -5.09 26.16
C ASN H 461 -43.35 -6.42 26.86
N TRP H 462 -42.28 -7.06 26.43
CA TRP H 462 -41.81 -8.35 26.98
C TRP H 462 -41.71 -8.28 28.50
N GLY H 463 -42.35 -9.22 29.18
CA GLY H 463 -42.21 -9.44 30.62
C GLY H 463 -42.93 -8.43 31.49
N VAL H 464 -43.58 -7.43 30.91
CA VAL H 464 -44.19 -6.33 31.71
C VAL H 464 -45.60 -6.69 32.14
N ILE H 465 -45.85 -6.68 33.45
CA ILE H 465 -47.22 -6.83 34.00
C ILE H 465 -47.64 -5.44 34.44
N PRO H 466 -48.48 -4.72 33.68
CA PRO H 466 -48.91 -3.39 34.11
C PRO H 466 -49.97 -3.50 35.21
N MET H 467 -49.97 -2.55 36.16
CA MET H 467 -50.92 -2.57 37.28
C MET H 467 -51.22 -1.13 37.69
N LEU H 468 -52.49 -0.78 37.67
CA LEU H 468 -52.95 0.60 38.01
C LEU H 468 -52.86 0.76 39.53
N THR H 469 -52.15 1.77 39.98
CA THR H 469 -51.87 2.09 41.40
C THR H 469 -52.32 3.55 41.67
N ASP H 470 -52.70 3.86 42.90
CA ASP H 470 -52.80 5.29 43.34
C ASP H 470 -51.41 5.93 43.26
N ALA H 471 -51.34 7.17 42.80
CA ALA H 471 -50.10 7.95 42.76
C ALA H 471 -49.59 8.04 44.20
N PRO H 472 -48.31 7.74 44.48
CA PRO H 472 -47.84 7.81 45.85
C PRO H 472 -47.71 9.27 46.32
N SER H 473 -48.07 9.52 47.56
CA SER H 473 -47.92 10.86 48.19
C SER H 473 -46.48 11.06 48.69
N SER H 474 -46.16 12.29 49.09
CA SER H 474 -44.81 12.64 49.61
C SER H 474 -44.49 11.89 50.91
N THR H 475 -45.47 11.41 51.65
CA THR H 475 -45.22 10.67 52.91
C THR H 475 -45.30 9.15 52.69
N ASP H 476 -45.77 8.67 51.54
CA ASP H 476 -45.86 7.20 51.29
C ASP H 476 -44.44 6.58 51.18
N ASP H 477 -44.32 5.32 51.61
CA ASP H 477 -43.13 4.46 51.41
C ASP H 477 -43.34 3.70 50.10
N MET H 478 -42.71 4.14 49.01
CA MET H 478 -42.95 3.55 47.67
C MET H 478 -42.45 2.08 47.65
N PHE H 479 -41.51 1.70 48.53
CA PHE H 479 -40.89 0.36 48.51
C PHE H 479 -41.84 -0.61 49.21
N GLU H 480 -42.54 -0.09 50.21
CA GLU H 480 -43.63 -0.80 50.91
C GLU H 480 -44.79 -1.01 49.93
N ILE H 481 -45.18 0.04 49.22
CA ILE H 481 -46.27 -0.03 48.20
C ILE H 481 -45.89 -1.10 47.16
N ALA H 482 -44.67 -1.07 46.64
CA ALA H 482 -44.23 -2.08 45.65
C ALA H 482 -44.47 -3.48 46.20
N GLU H 483 -44.03 -3.76 47.43
CA GLU H 483 -44.18 -5.12 48.01
C GLU H 483 -45.67 -5.49 48.07
N ARG H 484 -46.49 -4.59 48.60
CA ARG H 484 -47.92 -4.82 48.84
C ARG H 484 -48.63 -5.04 47.50
N LYS H 485 -48.32 -4.27 46.46
CA LYS H 485 -48.95 -4.44 45.12
C LYS H 485 -48.53 -5.82 44.57
N ALA H 486 -47.28 -6.22 44.75
CA ALA H 486 -46.77 -7.51 44.24
C ALA H 486 -47.53 -8.65 44.91
N VAL H 487 -47.76 -8.54 46.22
CA VAL H 487 -48.54 -9.58 46.94
C VAL H 487 -49.98 -9.56 46.48
N GLU H 488 -50.58 -8.38 46.37
CA GLU H 488 -52.00 -8.21 45.90
C GLU H 488 -52.16 -8.91 44.54
N ALA H 489 -51.20 -8.76 43.64
CA ALA H 489 -51.20 -9.34 42.28
C ALA H 489 -50.90 -10.85 42.31
N GLY H 490 -50.56 -11.43 43.47
CA GLY H 490 -50.19 -12.86 43.61
C GLY H 490 -48.87 -13.22 42.92
N LEU H 491 -47.91 -12.30 42.82
CA LEU H 491 -46.67 -12.54 42.07
C LEU H 491 -45.54 -13.00 42.99
N VAL H 492 -45.67 -12.77 44.29
CA VAL H 492 -44.57 -13.09 45.24
C VAL H 492 -45.15 -13.79 46.43
N GLU H 493 -44.30 -14.49 47.17
CA GLU H 493 -44.68 -14.94 48.54
C GLU H 493 -43.56 -14.68 49.52
N SER H 494 -43.91 -14.85 50.78
CA SER H 494 -42.99 -14.69 51.91
C SER H 494 -41.62 -15.32 51.59
N GLY H 495 -40.56 -14.54 51.74
CA GLY H 495 -39.18 -15.04 51.53
C GLY H 495 -38.61 -14.72 50.17
N ASP H 496 -39.44 -14.40 49.16
CA ASP H 496 -38.96 -14.01 47.82
C ASP H 496 -38.13 -12.72 47.91
N ASP H 497 -37.15 -12.57 47.04
CA ASP H 497 -36.39 -11.31 46.91
C ASP H 497 -36.86 -10.57 45.65
N ILE H 498 -37.07 -9.25 45.77
CA ILE H 498 -37.52 -8.38 44.66
C ILE H 498 -36.54 -7.22 44.52
N VAL H 499 -36.46 -6.72 43.30
CA VAL H 499 -35.74 -5.47 42.94
C VAL H 499 -36.82 -4.45 42.63
N ILE H 500 -36.66 -3.26 43.21
CA ILE H 500 -37.67 -2.17 43.10
C ILE H 500 -36.90 -0.94 42.68
N VAL H 501 -37.40 -0.26 41.66
CA VAL H 501 -36.81 1.03 41.23
C VAL H 501 -37.91 2.08 41.28
N ALA H 502 -37.51 3.33 41.46
CA ALA H 502 -38.41 4.49 41.59
C ALA H 502 -37.59 5.77 41.45
N GLY H 503 -38.29 6.86 41.11
CA GLY H 503 -37.77 8.24 41.23
C GLY H 503 -38.02 8.73 42.65
N VAL H 504 -36.95 8.90 43.44
CA VAL H 504 -37.09 9.26 44.88
C VAL H 504 -36.44 10.61 45.12
N PRO H 505 -37.08 11.56 45.83
CA PRO H 505 -38.45 11.45 46.33
C PRO H 505 -39.48 11.59 45.20
N VAL H 506 -40.71 11.12 45.40
CA VAL H 506 -41.75 11.16 44.34
C VAL H 506 -41.93 12.63 43.91
N GLY H 507 -42.02 12.86 42.60
CA GLY H 507 -42.35 14.17 42.02
C GLY H 507 -41.14 15.07 41.91
N GLU H 508 -40.21 15.00 42.84
CA GLU H 508 -39.04 15.88 42.90
C GLU H 508 -37.91 15.23 42.09
N ALA H 509 -37.80 13.90 42.06
CA ALA H 509 -36.73 13.24 41.27
C ALA H 509 -36.97 13.57 39.80
N VAL H 510 -35.94 13.76 39.00
CA VAL H 510 -36.12 14.03 37.55
C VAL H 510 -36.43 12.69 36.87
N ARG H 511 -36.02 11.58 37.46
CA ARG H 511 -36.08 10.26 36.76
C ARG H 511 -35.95 9.14 37.79
N THR H 512 -36.20 7.92 37.36
CA THR H 512 -35.88 6.74 38.17
C THR H 512 -34.44 6.90 38.55
N ASN H 513 -34.14 6.84 39.85
CA ASN H 513 -32.77 7.14 40.33
C ASN H 513 -32.39 6.20 41.46
N THR H 514 -33.29 5.31 41.87
CA THR H 514 -33.08 4.47 43.07
C THR H 514 -33.36 3.01 42.72
N MET H 515 -32.53 2.10 43.22
CA MET H 515 -32.82 0.63 43.17
C MET H 515 -32.67 0.07 44.57
N ARG H 516 -33.64 -0.72 44.99
CA ARG H 516 -33.62 -1.41 46.31
C ARG H 516 -33.76 -2.90 46.06
N ILE H 517 -33.07 -3.66 46.85
CA ILE H 517 -33.33 -5.13 46.93
C ILE H 517 -34.06 -5.33 48.25
N ARG H 518 -35.21 -6.02 48.21
CA ARG H 518 -36.09 -6.16 49.39
C ARG H 518 -36.58 -7.62 49.47
N THR H 519 -36.60 -8.17 50.68
CA THR H 519 -37.17 -9.50 50.96
C THR H 519 -38.64 -9.30 51.35
N VAL H 520 -39.52 -10.00 50.67
CA VAL H 520 -40.98 -9.99 50.90
C VAL H 520 -41.26 -10.75 52.21
N ARG H 521 -42.05 -10.19 53.11
CA ARG H 521 -42.43 -10.91 54.35
C ARG H 521 -43.73 -11.67 54.06
#